data_7UOW
#
_entry.id   7UOW
#
_cell.length_a   1.00
_cell.length_b   1.00
_cell.length_c   1.00
_cell.angle_alpha   90.00
_cell.angle_beta   90.00
_cell.angle_gamma   90.00
#
_symmetry.space_group_name_H-M   'P 1'
#
loop_
_entity.id
_entity.type
_entity.pdbx_description
1 polymer 'Spike glycoprotein'
2 polymer 'Monoclonal antibody 034_32 heavy chain'
3 polymer 'Monoclonal antibody 034_32 light chain'
4 branched 2-acetamido-2-deoxy-beta-D-glucopyranose-(1-4)-2-acetamido-2-deoxy-beta-D-glucopyranose
5 non-polymer 2-acetamido-2-deoxy-beta-D-glucopyranose
#
loop_
_entity_poly.entity_id
_entity_poly.type
_entity_poly.pdbx_seq_one_letter_code
_entity_poly.pdbx_strand_id
1 'polypeptide(L)'
;MFVFLVLLPLVSSQCVNLTTRTQLPPAYTNSFTRGVYYPDKVFRSSVLHSTQDLFLPFFSNVTWFHAIHVSGTNGTKRFD
NPVLPFNDGVYFASTEKSNIIRGWIFGTTLDSKTQSLLIVNNATNVVIKVCEFQFCNDPFLGVYYHKNNKSWMESEFRVY
SSANNCTFEYVSQPFLMDLEGKQGNFKNLREFVFKNIDGYFKIYSKHTPINLVRDLPQGFSALEPLVDLPIGINITRFQT
LLALHRSYLTPGDSSSGWTAGAAAYYVGYLQPRTFLLKYNENGTITDAVDCALDPLSETKCTLKSFTVEKGIYQTSNFRV
QPTESIVRFPNITNLCPFGEVFNATRFASVYAWNRKRISNCVADYSVLYNSASFSTFKCYGVSPTKLNDLCFTNVYADSF
VIRGDEVRQIAPGQTGKIADYNYKLPDDFTGCVIAWNSNNLDSKVGGNYNYLYRLFRKSNLKPFERDISTEIYQAGSTPC
NGVEGFNCYFPLQSYGFQPTNGVGYQPYRVVVLSFELLHAPATVCGPKKSTNLVKNKCVNFNFNGLTGTGVLTESNKKFL
PFQQFGRDIADTTDAVRDPQTLEILDITPCSFGGVSVITPGTNTSNQVAVLYQDVNCTEVPVAIHADQLTPTWRVYSTGS
NVFQTRAGCLIGAEHVNNSYECDIPIGAGICASYQTQTNSPGSASSVASQSIIAYTMSLGAENSVAYSNNSIAIPTNFTI
SVTTEILPVSMTKTSVDCTMYICGDSTECSNLLLQYGSFCTQLNRALTGIAVEQDKNTQEVFAQVKQIYKTPPIKDFGGF
NFSQILPDPSKPSKRSPIEDLLFNKVTLADAGFIKQYGDCLGDIAARDLICAQKFNGLTVLPPLLTDEMIAQYTSALLAG
TITSGWTFGAGPALQIPFPMQMAYRFNGIGVTQNVLYENQKLIANQFNSAIGKIQDSLSSTPSALGKLQDVVNQNAQALN
TLVKQLSSNFGAISSVLNDILSRLDPPEAEVQIDRLITGRLQSLQTYVTQQLIRAAEIRASANLAATKMSECVLGQSKRV
DFCGKGYHLMSFPQSAPHGVVFLHVTYVPAQEKNFTTAPAICHDGKAHFPREGVFVSNGTHWFVTQRNFYEPQIITTDNT
FVSGNCDVVIGIVNNTVYDPLQPELDSFKEELDKYFKNHTSPDVDLGDISGINASVVNIQKEIDRLNEVAKNLNESLIDL
QELGKYEQ
;
A,B,C
2 'polypeptide(L)'
;EVQLVESGGGLIQPGGSLRLSCAASGITVSSNYMSWVRQAPGKGLEWVSVIYAGGSTFYADSVKGRFTISRDNSKNTLYL
QMSSLRVEDTAVYYCARDLDYYGMDVWGRGTTVTVSSASTKGPSVFPLAPSSKSTSGGTAALGCLVKDYFPEPVTVSWNS
GALTSGVHTFPAVLQSSGLYSLSSVVTVPSSSLGTQTYICNVNHKPSNTKVDKRVEPKSCDKTHTCPPCPAPELLGGPSV
FLFPPKPKDTLMISRTPEVTCVVVDVSHEDPEVKFNWYVDGVEVHNAKTKPREEQYNSTYRVVSVLTVLHQDWLNGKEYK
CKVSNKALPAPIEKTISKAKGQPREPQVYTLPPSREEMTKNQVSLTCLVKGFYPSDIAVEWESNGQPENNYKTTPPVLDS
DGSFFLYSKLTVDKSRWQQGNVFSCSVMHEALHNHYTQKSLSLSPGK
;
H,J
3 'polypeptide(L)'
;AIQLTQSPSSLSASVGDRVTITCRASQGISTYLAWYQQKPGKAPKLLIYGASTLQSGVPSRFSGSGSGTDFTLTISSLQP
EDFAAYYCQQVNSYPPITFGPGTKVDIKRTVAAPSVFIFPPSDEQLKSGTASVVCLLNNFYPREAKVQWKVDNALQSGNS
QESVTEQDSKDSTYSLSSTLTLSKADYEKHKVYACEVTHQGLSSPVTKSFNRGEC
;
I,L
#
loop_
_chem_comp.id
_chem_comp.type
_chem_comp.name
_chem_comp.formula
NAG D-saccharide, beta linking 2-acetamido-2-deoxy-beta-D-glucopyranose 'C8 H15 N O6'
#
# COMPACT_ATOMS: atom_id res chain seq x y z
N GLN A 14 -49.11 -29.67 -23.61
CA GLN A 14 -49.38 -30.66 -22.58
C GLN A 14 -48.10 -31.42 -22.21
N CYS A 15 -48.22 -32.35 -21.27
CA CYS A 15 -47.09 -33.13 -20.80
C CYS A 15 -47.49 -34.59 -20.70
N VAL A 16 -46.50 -35.47 -20.80
CA VAL A 16 -46.69 -36.92 -20.68
C VAL A 16 -46.03 -37.38 -19.40
N ASN A 17 -46.80 -38.08 -18.57
CA ASN A 17 -46.31 -38.59 -17.29
C ASN A 17 -45.92 -40.06 -17.46
N LEU A 18 -44.61 -40.33 -17.45
CA LEU A 18 -44.08 -41.69 -17.56
C LEU A 18 -43.01 -41.85 -16.49
N THR A 19 -43.32 -42.59 -15.44
CA THR A 19 -42.41 -42.78 -14.32
C THR A 19 -42.34 -44.25 -13.95
N THR A 20 -41.25 -44.62 -13.29
CA THR A 20 -41.06 -45.96 -12.74
C THR A 20 -41.08 -45.88 -11.23
N ARG A 21 -41.94 -46.69 -10.60
CA ARG A 21 -42.08 -46.64 -9.15
C ARG A 21 -40.79 -47.05 -8.45
N THR A 22 -40.14 -48.09 -8.94
CA THR A 22 -38.92 -48.59 -8.31
C THR A 22 -37.74 -47.68 -8.65
N GLN A 23 -36.97 -47.32 -7.64
CA GLN A 23 -35.77 -46.50 -7.80
C GLN A 23 -34.55 -47.41 -7.76
N LEU A 24 -33.69 -47.29 -8.77
CA LEU A 24 -32.56 -48.20 -8.87
C LEU A 24 -31.29 -47.54 -8.33
N PRO A 25 -30.42 -48.30 -7.67
CA PRO A 25 -29.19 -47.72 -7.15
C PRO A 25 -28.26 -47.34 -8.29
N PRO A 26 -27.45 -46.29 -8.11
CA PRO A 26 -26.49 -45.91 -9.15
C PRO A 26 -25.41 -46.97 -9.32
N ALA A 27 -24.93 -47.11 -10.55
CA ALA A 27 -23.86 -48.04 -10.88
C ALA A 27 -22.58 -47.28 -11.14
N TYR A 28 -21.46 -47.83 -10.66
CA TYR A 28 -20.18 -47.13 -10.67
C TYR A 28 -19.21 -47.80 -11.63
N THR A 29 -18.51 -46.99 -12.41
CA THR A 29 -17.42 -47.45 -13.25
C THR A 29 -16.33 -46.39 -13.22
N ASN A 30 -15.07 -46.84 -13.24
CA ASN A 30 -13.93 -45.96 -13.04
C ASN A 30 -13.40 -45.47 -14.37
N SER A 31 -13.22 -44.17 -14.50
CA SER A 31 -12.58 -43.59 -15.67
C SER A 31 -11.08 -43.93 -15.66
N PHE A 32 -10.48 -43.87 -16.85
CA PHE A 32 -9.07 -44.24 -17.00
C PHE A 32 -8.19 -43.05 -17.36
N THR A 33 -8.43 -42.41 -18.51
CA THR A 33 -7.68 -41.21 -18.86
C THR A 33 -8.52 -40.13 -19.52
N ARG A 34 -9.80 -40.38 -19.80
CA ARG A 34 -10.58 -39.47 -20.62
C ARG A 34 -10.95 -38.20 -19.84
N GLY A 35 -11.40 -37.20 -20.58
CA GLY A 35 -11.86 -35.96 -19.99
C GLY A 35 -10.80 -34.88 -19.86
N VAL A 36 -10.13 -34.55 -20.96
CA VAL A 36 -9.15 -33.47 -20.97
C VAL A 36 -9.46 -32.57 -22.17
N TYR A 37 -9.34 -31.26 -21.95
CA TYR A 37 -9.62 -30.28 -22.98
C TYR A 37 -8.46 -29.29 -23.06
N TYR A 38 -8.34 -28.63 -24.21
CA TYR A 38 -7.30 -27.61 -24.37
C TYR A 38 -7.57 -26.49 -23.37
N PRO A 39 -6.63 -26.22 -22.46
CA PRO A 39 -6.88 -25.19 -21.43
C PRO A 39 -7.14 -23.81 -22.02
N ASP A 40 -6.51 -23.48 -23.13
CA ASP A 40 -6.70 -22.21 -23.80
C ASP A 40 -6.82 -22.45 -25.29
N LYS A 41 -7.16 -21.39 -26.03
CA LYS A 41 -7.21 -21.43 -27.49
C LYS A 41 -5.87 -21.02 -28.10
N VAL A 42 -4.78 -21.21 -27.36
CA VAL A 42 -3.45 -20.79 -27.78
C VAL A 42 -2.67 -22.02 -28.22
N PHE A 43 -1.60 -21.80 -28.99
CA PHE A 43 -0.78 -22.86 -29.54
C PHE A 43 0.65 -22.74 -29.01
N ARG A 44 1.29 -23.89 -28.80
CA ARG A 44 2.71 -23.96 -28.51
C ARG A 44 3.34 -25.03 -29.40
N SER A 45 4.62 -24.84 -29.72
CA SER A 45 5.27 -25.59 -30.79
C SER A 45 6.04 -26.77 -30.20
N SER A 46 5.33 -27.87 -29.99
CA SER A 46 5.91 -29.16 -29.59
C SER A 46 6.82 -29.02 -28.37
N VAL A 47 6.28 -28.36 -27.35
CA VAL A 47 7.01 -28.14 -26.09
C VAL A 47 6.12 -28.56 -24.93
N LEU A 48 6.72 -29.27 -23.98
CA LEU A 48 6.02 -29.62 -22.75
C LEU A 48 5.69 -28.36 -21.96
N HIS A 49 4.47 -28.27 -21.46
CA HIS A 49 4.02 -27.10 -20.72
C HIS A 49 3.04 -27.53 -19.64
N SER A 50 3.04 -26.79 -18.52
CA SER A 50 2.18 -27.08 -17.39
C SER A 50 1.16 -25.97 -17.20
N THR A 51 0.04 -26.33 -16.58
CA THR A 51 -1.04 -25.38 -16.32
C THR A 51 -1.85 -25.88 -15.12
N GLN A 52 -2.72 -25.02 -14.61
CA GLN A 52 -3.55 -25.31 -13.44
C GLN A 52 -4.96 -24.82 -13.73
N ASP A 53 -5.83 -25.72 -14.17
CA ASP A 53 -7.21 -25.39 -14.51
C ASP A 53 -8.13 -26.46 -13.93
N LEU A 54 -9.41 -26.39 -14.28
CA LEU A 54 -10.44 -27.29 -13.76
C LEU A 54 -10.60 -28.46 -14.73
N PHE A 55 -10.09 -29.62 -14.33
CA PHE A 55 -10.00 -30.77 -15.23
C PHE A 55 -10.65 -32.02 -14.63
N LEU A 56 -10.49 -33.15 -15.31
CA LEU A 56 -11.02 -34.44 -14.85
C LEU A 56 -9.86 -35.34 -14.46
N PRO A 57 -9.78 -35.77 -13.20
CA PRO A 57 -8.69 -36.68 -12.80
C PRO A 57 -8.74 -37.98 -13.58
N PHE A 58 -7.56 -38.54 -13.84
CA PHE A 58 -7.47 -39.77 -14.62
C PHE A 58 -8.29 -40.90 -14.01
N PHE A 59 -8.10 -41.14 -12.72
CA PHE A 59 -8.74 -42.28 -12.05
C PHE A 59 -9.84 -41.72 -11.15
N SER A 60 -11.00 -41.49 -11.76
CA SER A 60 -12.16 -40.92 -11.09
C SER A 60 -13.31 -41.91 -11.19
N ASN A 61 -13.92 -42.23 -10.06
CA ASN A 61 -15.06 -43.15 -10.04
C ASN A 61 -16.32 -42.44 -10.56
N VAL A 62 -16.47 -42.38 -11.87
CA VAL A 62 -17.61 -41.69 -12.49
C VAL A 62 -18.83 -42.59 -12.42
N THR A 63 -20.00 -42.01 -12.69
CA THR A 63 -21.27 -42.73 -12.59
C THR A 63 -21.69 -43.28 -13.95
N TRP A 64 -22.43 -44.39 -13.90
CA TRP A 64 -22.91 -45.07 -15.10
C TRP A 64 -24.42 -45.13 -15.08
N PHE A 65 -25.04 -44.68 -16.16
CA PHE A 65 -26.49 -44.76 -16.35
C PHE A 65 -26.79 -45.57 -17.59
N HIS A 66 -27.86 -46.36 -17.54
CA HIS A 66 -28.23 -47.26 -18.63
C HIS A 66 -29.75 -47.27 -18.75
N ALA A 67 -30.27 -46.81 -19.89
CA ALA A 67 -31.68 -46.90 -20.17
C ALA A 67 -31.97 -48.20 -20.91
N ILE A 68 -32.88 -49.00 -20.36
CA ILE A 68 -33.20 -50.32 -20.88
C ILE A 68 -34.60 -50.28 -21.48
N HIS A 69 -34.75 -50.86 -22.67
CA HIS A 69 -36.05 -51.01 -23.31
C HIS A 69 -36.16 -52.41 -23.89
N VAL A 70 -37.39 -52.93 -23.89
CA VAL A 70 -37.64 -54.28 -24.40
C VAL A 70 -37.46 -54.31 -25.92
N THR A 76 -36.64 -55.89 -17.58
CA THR A 76 -37.20 -55.77 -18.92
C THR A 76 -36.90 -54.40 -19.51
N LYS A 77 -37.17 -53.36 -18.75
CA LYS A 77 -36.96 -51.99 -19.22
C LYS A 77 -36.56 -51.11 -18.04
N ARG A 78 -35.90 -49.99 -18.37
CA ARG A 78 -35.48 -49.01 -17.38
C ARG A 78 -35.76 -47.62 -17.93
N PHE A 79 -36.54 -46.84 -17.18
CA PHE A 79 -36.91 -45.48 -17.58
C PHE A 79 -36.79 -44.56 -16.37
N ASP A 80 -35.65 -43.87 -16.26
CA ASP A 80 -35.41 -42.93 -15.18
C ASP A 80 -34.31 -41.99 -15.60
N ASN A 81 -34.56 -40.68 -15.46
CA ASN A 81 -33.62 -39.64 -15.88
C ASN A 81 -33.46 -38.65 -14.73
N PRO A 82 -32.74 -39.03 -13.67
CA PRO A 82 -32.68 -38.20 -12.47
C PRO A 82 -31.90 -36.92 -12.68
N VAL A 83 -32.12 -35.98 -11.76
CA VAL A 83 -31.42 -34.70 -11.78
C VAL A 83 -30.07 -34.85 -11.09
N LEU A 84 -29.02 -34.38 -11.74
CA LEU A 84 -27.67 -34.44 -11.22
C LEU A 84 -27.07 -33.05 -11.11
N PRO A 85 -26.23 -32.80 -10.11
CA PRO A 85 -25.65 -31.47 -9.95
C PRO A 85 -24.60 -31.18 -11.01
N PHE A 86 -24.30 -29.89 -11.16
CA PHE A 86 -23.32 -29.43 -12.14
C PHE A 86 -21.90 -29.43 -11.55
N ASN A 87 -21.73 -28.79 -10.40
CA ASN A 87 -20.46 -28.76 -9.68
C ASN A 87 -19.34 -28.17 -10.54
N ASP A 88 -19.52 -26.92 -10.92
CA ASP A 88 -18.49 -26.11 -11.58
C ASP A 88 -18.08 -26.66 -12.94
N GLY A 89 -18.75 -27.69 -13.42
CA GLY A 89 -18.44 -28.27 -14.71
C GLY A 89 -18.81 -29.75 -14.74
N VAL A 90 -19.13 -30.22 -15.95
CA VAL A 90 -19.65 -31.56 -16.15
C VAL A 90 -18.92 -32.21 -17.32
N TYR A 91 -18.56 -33.48 -17.16
CA TYR A 91 -18.05 -34.31 -18.25
C TYR A 91 -19.14 -35.27 -18.69
N PHE A 92 -19.43 -35.30 -19.99
CA PHE A 92 -20.51 -36.10 -20.54
C PHE A 92 -20.02 -36.87 -21.75
N ALA A 93 -20.47 -38.12 -21.88
CA ALA A 93 -20.12 -38.95 -23.01
C ALA A 93 -21.17 -40.04 -23.16
N SER A 94 -21.30 -40.56 -24.38
CA SER A 94 -22.28 -41.59 -24.67
C SER A 94 -21.97 -42.21 -26.03
N THR A 95 -22.55 -43.38 -26.27
CA THR A 95 -22.46 -44.08 -27.55
C THR A 95 -23.89 -44.47 -27.96
N GLU A 96 -24.57 -43.55 -28.63
CA GLU A 96 -25.94 -43.77 -29.07
C GLU A 96 -25.96 -44.13 -30.55
N LYS A 97 -26.91 -44.98 -30.93
CA LYS A 97 -27.05 -45.46 -32.30
C LYS A 97 -28.31 -44.98 -33.00
N SER A 98 -29.35 -44.59 -32.25
CA SER A 98 -30.61 -44.18 -32.83
C SER A 98 -30.86 -42.68 -32.66
N ASN A 99 -29.82 -41.91 -32.32
CA ASN A 99 -29.93 -40.46 -32.12
C ASN A 99 -30.97 -40.10 -31.07
N ILE A 100 -31.07 -40.92 -30.01
CA ILE A 100 -32.07 -40.67 -28.98
C ILE A 100 -31.69 -39.45 -28.15
N ILE A 101 -30.42 -39.32 -27.79
CA ILE A 101 -29.97 -38.14 -27.05
C ILE A 101 -29.94 -36.95 -27.98
N ARG A 102 -30.54 -35.84 -27.56
CA ARG A 102 -30.71 -34.68 -28.42
C ARG A 102 -30.24 -33.35 -27.84
N GLY A 103 -29.93 -33.29 -26.55
CA GLY A 103 -29.48 -32.03 -25.97
C GLY A 103 -29.38 -32.10 -24.46
N TRP A 104 -29.26 -30.92 -23.86
CA TRP A 104 -29.13 -30.79 -22.41
C TRP A 104 -29.89 -29.55 -21.96
N ILE A 105 -30.37 -29.58 -20.72
CA ILE A 105 -31.11 -28.48 -20.12
C ILE A 105 -30.45 -28.09 -18.81
N PHE A 106 -30.21 -26.80 -18.62
CA PHE A 106 -29.47 -26.27 -17.48
C PHE A 106 -30.30 -25.20 -16.79
N GLY A 107 -29.98 -24.98 -15.51
CA GLY A 107 -30.65 -23.94 -14.76
C GLY A 107 -30.38 -24.10 -13.27
N THR A 108 -31.08 -23.26 -12.49
CA THR A 108 -31.02 -23.32 -11.03
C THR A 108 -32.29 -23.87 -10.42
N THR A 109 -33.45 -23.35 -10.82
CA THR A 109 -34.73 -23.83 -10.34
C THR A 109 -35.48 -24.69 -11.35
N LEU A 110 -35.10 -24.63 -12.63
CA LEU A 110 -35.69 -25.47 -13.68
C LEU A 110 -37.21 -25.29 -13.76
N ASP A 111 -37.67 -24.06 -13.62
CA ASP A 111 -39.09 -23.75 -13.71
C ASP A 111 -39.26 -22.31 -14.17
N SER A 112 -40.49 -21.81 -14.09
CA SER A 112 -40.77 -20.44 -14.51
C SER A 112 -40.37 -19.41 -13.47
N LYS A 113 -39.98 -19.84 -12.26
CA LYS A 113 -39.58 -18.89 -11.23
C LYS A 113 -38.35 -18.10 -11.64
N THR A 114 -37.34 -18.80 -12.18
CA THR A 114 -36.08 -18.19 -12.57
C THR A 114 -35.77 -18.53 -14.02
N GLN A 115 -34.55 -18.21 -14.44
CA GLN A 115 -34.12 -18.42 -15.82
C GLN A 115 -33.32 -19.70 -15.94
N SER A 116 -33.54 -20.43 -17.04
CA SER A 116 -32.87 -21.69 -17.30
C SER A 116 -32.36 -21.72 -18.73
N LEU A 117 -31.32 -22.53 -18.96
CA LEU A 117 -30.67 -22.63 -20.26
C LEU A 117 -31.09 -23.93 -20.95
N LEU A 118 -31.45 -23.82 -22.22
CA LEU A 118 -31.93 -24.95 -23.01
C LEU A 118 -31.01 -25.18 -24.20
N ILE A 119 -30.60 -26.43 -24.39
CA ILE A 119 -29.79 -26.84 -25.53
C ILE A 119 -30.39 -28.11 -26.12
N VAL A 120 -30.58 -28.13 -27.44
CA VAL A 120 -31.23 -29.26 -28.10
C VAL A 120 -30.77 -29.28 -29.55
N ASN A 121 -30.86 -30.46 -30.16
CA ASN A 121 -30.50 -30.65 -31.57
C ASN A 121 -31.70 -31.17 -32.34
N ASN A 122 -31.72 -30.88 -33.64
CA ASN A 122 -32.68 -31.46 -34.57
C ASN A 122 -31.94 -31.95 -35.80
N ALA A 123 -32.69 -32.54 -36.73
CA ALA A 123 -32.09 -33.08 -37.95
C ALA A 123 -31.52 -31.99 -38.85
N THR A 124 -31.84 -30.72 -38.60
CA THR A 124 -31.43 -29.64 -39.50
C THR A 124 -30.33 -28.76 -38.92
N ASN A 125 -30.34 -28.49 -37.62
CA ASN A 125 -29.44 -27.49 -37.05
C ASN A 125 -29.23 -27.79 -35.57
N VAL A 126 -28.68 -26.81 -34.85
CA VAL A 126 -28.49 -26.90 -33.40
C VAL A 126 -29.20 -25.72 -32.77
N VAL A 127 -30.06 -26.00 -31.78
CA VAL A 127 -30.90 -24.99 -31.16
C VAL A 127 -30.49 -24.84 -29.70
N ILE A 128 -30.09 -23.63 -29.32
CA ILE A 128 -29.79 -23.29 -27.93
C ILE A 128 -30.61 -22.04 -27.58
N LYS A 129 -31.38 -22.13 -26.50
CA LYS A 129 -32.29 -21.06 -26.11
C LYS A 129 -32.10 -20.74 -24.64
N VAL A 130 -32.28 -19.45 -24.32
CA VAL A 130 -32.10 -18.93 -22.97
C VAL A 130 -33.37 -18.16 -22.62
N CYS A 131 -34.29 -18.82 -21.93
CA CYS A 131 -35.55 -18.20 -21.51
C CYS A 131 -35.90 -18.72 -20.12
N GLU A 132 -37.05 -18.29 -19.61
CA GLU A 132 -37.57 -18.79 -18.34
C GLU A 132 -38.44 -20.03 -18.58
N PHE A 133 -37.77 -21.08 -19.08
CA PHE A 133 -38.46 -22.30 -19.46
C PHE A 133 -39.03 -23.00 -18.23
N GLN A 134 -40.19 -23.62 -18.41
CA GLN A 134 -40.84 -24.41 -17.36
C GLN A 134 -40.64 -25.89 -17.70
N PHE A 135 -39.76 -26.55 -16.94
CA PHE A 135 -39.43 -27.93 -17.20
C PHE A 135 -40.45 -28.87 -16.54
N CYS A 136 -40.63 -30.03 -17.16
CA CYS A 136 -41.54 -31.04 -16.65
C CYS A 136 -40.80 -31.99 -15.69
N ASN A 137 -41.57 -32.79 -14.96
CA ASN A 137 -40.97 -33.79 -14.08
C ASN A 137 -40.19 -34.83 -14.87
N ASP A 138 -40.74 -35.27 -15.99
CA ASP A 138 -40.09 -36.24 -16.88
C ASP A 138 -40.10 -35.70 -18.30
N PRO A 139 -39.33 -34.65 -18.56
CA PRO A 139 -39.37 -34.03 -19.89
C PRO A 139 -38.70 -34.89 -20.94
N PHE A 140 -39.17 -34.74 -22.18
CA PHE A 140 -38.58 -35.41 -23.33
C PHE A 140 -39.08 -34.72 -24.59
N LEU A 141 -38.42 -35.01 -25.70
CA LEU A 141 -38.79 -34.48 -27.01
C LEU A 141 -39.59 -35.53 -27.77
N GLY A 142 -40.79 -35.16 -28.22
CA GLY A 142 -41.66 -36.08 -28.91
C GLY A 142 -41.47 -35.99 -30.41
N VAL A 143 -41.33 -37.16 -31.05
CA VAL A 143 -41.19 -37.25 -32.50
C VAL A 143 -42.24 -38.22 -33.02
N TYR A 144 -42.61 -38.07 -34.28
CA TYR A 144 -43.59 -38.93 -34.90
C TYR A 144 -43.39 -38.93 -36.40
N TYR A 145 -44.00 -39.90 -37.08
CA TYR A 145 -43.83 -40.12 -38.50
C TYR A 145 -45.13 -39.81 -39.24
N HIS A 146 -45.00 -39.14 -40.38
CA HIS A 146 -46.14 -38.82 -41.24
C HIS A 146 -46.05 -39.67 -42.50
N LYS A 147 -47.12 -40.44 -42.76
CA LYS A 147 -47.15 -41.27 -43.96
C LYS A 147 -47.18 -40.42 -45.22
N ASN A 148 -47.93 -39.32 -45.20
CA ASN A 148 -48.00 -38.45 -46.37
C ASN A 148 -46.68 -37.74 -46.62
N ASN A 149 -46.05 -37.22 -45.56
CA ASN A 149 -44.79 -36.52 -45.71
C ASN A 149 -43.60 -37.46 -45.86
N LYS A 150 -43.76 -38.73 -45.45
CA LYS A 150 -42.69 -39.74 -45.54
C LYS A 150 -41.42 -39.26 -44.85
N SER A 151 -41.58 -38.63 -43.68
CA SER A 151 -40.44 -38.12 -42.93
C SER A 151 -40.82 -38.02 -41.46
N TRP A 152 -39.80 -37.90 -40.61
CA TRP A 152 -39.97 -37.73 -39.18
C TRP A 152 -39.79 -36.26 -38.82
N MET A 153 -40.74 -35.73 -38.06
CA MET A 153 -40.68 -34.35 -37.61
C MET A 153 -40.87 -34.29 -36.10
N GLU A 154 -40.41 -33.17 -35.52
CA GLU A 154 -40.37 -33.02 -34.06
C GLU A 154 -41.14 -31.77 -33.65
N SER A 155 -42.37 -31.61 -34.17
CA SER A 155 -43.12 -30.38 -33.96
C SER A 155 -43.44 -30.15 -32.49
N GLU A 156 -43.85 -31.20 -31.79
CA GLU A 156 -44.27 -31.05 -30.39
C GLU A 156 -43.04 -30.87 -29.49
N PHE A 157 -43.03 -29.77 -28.72
CA PHE A 157 -41.98 -29.51 -27.75
C PHE A 157 -42.44 -29.99 -26.37
N ARG A 158 -42.46 -31.31 -26.22
CA ARG A 158 -42.94 -31.92 -24.99
C ARG A 158 -41.98 -31.70 -23.83
N VAL A 159 -40.78 -31.17 -24.08
CA VAL A 159 -39.81 -30.95 -23.01
C VAL A 159 -40.34 -29.93 -22.01
N TYR A 160 -40.93 -28.84 -22.50
CA TYR A 160 -41.39 -27.76 -21.65
C TYR A 160 -42.83 -27.41 -22.00
N SER A 161 -43.49 -26.74 -21.06
CA SER A 161 -44.87 -26.32 -21.25
C SER A 161 -44.97 -24.96 -21.93
N SER A 162 -44.13 -24.01 -21.51
CA SER A 162 -44.18 -22.66 -22.05
C SER A 162 -42.81 -22.01 -21.92
N ALA A 163 -42.63 -20.92 -22.66
CA ALA A 163 -41.41 -20.13 -22.63
C ALA A 163 -41.74 -18.67 -22.40
N ASN A 164 -40.92 -18.01 -21.58
CA ASN A 164 -41.14 -16.60 -21.27
C ASN A 164 -39.80 -15.94 -20.96
N ASN A 165 -39.78 -14.62 -21.09
CA ASN A 165 -38.61 -13.80 -20.80
C ASN A 165 -37.40 -14.26 -21.61
N CYS A 166 -37.58 -14.33 -22.93
CA CYS A 166 -36.52 -14.74 -23.84
C CYS A 166 -35.45 -13.66 -23.88
N THR A 167 -34.30 -13.93 -23.25
CA THR A 167 -33.21 -12.97 -23.17
C THR A 167 -32.04 -13.29 -24.07
N PHE A 168 -31.89 -14.55 -24.51
CA PHE A 168 -30.79 -14.91 -25.38
C PHE A 168 -31.18 -16.12 -26.22
N GLU A 169 -30.69 -16.16 -27.46
CA GLU A 169 -30.89 -17.28 -28.36
C GLU A 169 -29.62 -17.45 -29.20
N TYR A 170 -29.22 -18.69 -29.42
CA TYR A 170 -28.05 -18.98 -30.22
C TYR A 170 -28.31 -20.20 -31.09
N VAL A 171 -27.59 -20.26 -32.22
CA VAL A 171 -27.80 -21.32 -33.20
C VAL A 171 -26.51 -21.48 -33.99
N SER A 172 -26.18 -22.73 -34.33
CA SER A 172 -25.01 -23.03 -35.14
C SER A 172 -25.24 -24.34 -35.86
N GLN A 173 -24.41 -24.59 -36.88
CA GLN A 173 -24.58 -25.75 -37.74
C GLN A 173 -24.38 -27.04 -36.96
N PRO A 174 -24.95 -28.15 -37.42
CA PRO A 174 -24.79 -29.43 -36.70
C PRO A 174 -23.33 -29.82 -36.57
N PHE A 175 -22.99 -30.42 -35.44
CA PHE A 175 -21.59 -30.58 -35.04
C PHE A 175 -20.94 -31.84 -35.59
N LEU A 176 -21.61 -33.00 -35.53
CA LEU A 176 -20.93 -34.19 -36.03
C LEU A 176 -21.76 -35.04 -36.98
N MET A 177 -23.07 -35.19 -36.74
CA MET A 177 -23.85 -36.23 -37.38
C MET A 177 -25.18 -35.67 -37.90
N ASP A 178 -25.85 -36.47 -38.72
CA ASP A 178 -27.17 -36.14 -39.24
C ASP A 178 -28.19 -37.02 -38.53
N LEU A 179 -29.26 -36.41 -38.05
CA LEU A 179 -30.25 -37.13 -37.25
C LEU A 179 -31.31 -37.75 -38.15
N GLU A 180 -31.42 -39.08 -38.08
CA GLU A 180 -32.43 -39.82 -38.84
C GLU A 180 -32.85 -41.03 -38.02
N GLY A 181 -33.80 -41.79 -38.56
CA GLY A 181 -34.22 -43.03 -37.93
C GLY A 181 -33.39 -44.20 -38.41
N LYS A 182 -32.56 -44.75 -37.52
CA LYS A 182 -31.59 -45.77 -37.90
C LYS A 182 -31.64 -46.94 -36.92
N GLN A 183 -31.27 -48.11 -37.43
CA GLN A 183 -31.00 -49.29 -36.60
C GLN A 183 -29.54 -49.65 -36.85
N GLY A 184 -28.65 -48.99 -36.10
CA GLY A 184 -27.23 -49.09 -36.31
C GLY A 184 -26.49 -49.86 -35.23
N ASN A 185 -25.16 -49.88 -35.39
CA ASN A 185 -24.27 -50.58 -34.47
C ASN A 185 -23.35 -49.58 -33.79
N PHE A 186 -22.74 -50.02 -32.69
CA PHE A 186 -21.85 -49.16 -31.91
C PHE A 186 -20.47 -49.17 -32.54
N LYS A 187 -20.08 -48.03 -33.12
CA LYS A 187 -18.76 -47.90 -33.74
C LYS A 187 -18.04 -46.61 -33.37
N ASN A 188 -18.69 -45.66 -32.70
CA ASN A 188 -18.08 -44.38 -32.38
C ASN A 188 -18.55 -43.92 -31.02
N LEU A 189 -17.75 -43.05 -30.40
CA LEU A 189 -18.03 -42.52 -29.07
C LEU A 189 -17.93 -41.00 -29.10
N ARG A 190 -18.95 -40.34 -28.56
CA ARG A 190 -18.98 -38.88 -28.44
C ARG A 190 -18.73 -38.50 -26.99
N GLU A 191 -17.79 -37.58 -26.77
CA GLU A 191 -17.42 -37.15 -25.43
C GLU A 191 -17.42 -35.63 -25.36
N PHE A 192 -18.11 -35.08 -24.37
CA PHE A 192 -18.29 -33.64 -24.25
C PHE A 192 -17.89 -33.18 -22.86
N VAL A 193 -17.39 -31.95 -22.78
CA VAL A 193 -17.02 -31.31 -21.52
C VAL A 193 -17.73 -29.96 -21.45
N PHE A 194 -18.41 -29.71 -20.34
CA PHE A 194 -19.23 -28.52 -20.18
C PHE A 194 -18.69 -27.67 -19.04
N LYS A 195 -18.59 -26.36 -19.27
CA LYS A 195 -18.06 -25.44 -18.28
C LYS A 195 -18.77 -24.10 -18.38
N ASN A 196 -18.77 -23.38 -17.26
CA ASN A 196 -19.27 -22.00 -17.22
C ASN A 196 -18.42 -21.19 -16.25
N ILE A 197 -17.81 -20.13 -16.75
CA ILE A 197 -16.93 -19.28 -15.95
C ILE A 197 -17.10 -17.83 -16.38
N ASP A 198 -17.10 -16.92 -15.40
CA ASP A 198 -17.08 -15.48 -15.64
C ASP A 198 -18.20 -15.05 -16.58
N GLY A 199 -19.38 -15.65 -16.41
CA GLY A 199 -20.50 -15.33 -17.28
C GLY A 199 -20.40 -15.89 -18.68
N TYR A 200 -19.45 -16.79 -18.92
CA TYR A 200 -19.27 -17.42 -20.22
C TYR A 200 -19.55 -18.91 -20.09
N PHE A 201 -20.18 -19.48 -21.12
CA PHE A 201 -20.41 -20.91 -21.20
C PHE A 201 -19.64 -21.47 -22.38
N LYS A 202 -18.91 -22.55 -22.15
CA LYS A 202 -18.02 -23.12 -23.16
C LYS A 202 -18.37 -24.58 -23.40
N ILE A 203 -18.18 -25.03 -24.64
CA ILE A 203 -18.53 -26.37 -25.06
C ILE A 203 -17.30 -27.03 -25.68
N TYR A 204 -16.99 -28.25 -25.25
CA TYR A 204 -15.87 -29.01 -25.76
C TYR A 204 -16.35 -30.37 -26.23
N SER A 205 -15.81 -30.84 -27.35
CA SER A 205 -16.28 -32.08 -27.95
C SER A 205 -15.13 -32.75 -28.69
N LYS A 206 -15.33 -34.04 -29.00
CA LYS A 206 -14.36 -34.80 -29.78
C LYS A 206 -15.04 -36.08 -30.25
N HIS A 207 -14.94 -36.39 -31.54
CA HIS A 207 -15.54 -37.59 -32.10
C HIS A 207 -14.46 -38.63 -32.34
N THR A 208 -14.64 -39.81 -31.76
CA THR A 208 -13.65 -40.87 -31.91
C THR A 208 -14.33 -42.20 -32.22
N PRO A 209 -14.07 -42.79 -33.39
CA PRO A 209 -14.68 -44.07 -33.75
C PRO A 209 -13.98 -45.22 -33.05
N ILE A 210 -14.67 -45.84 -32.10
CA ILE A 210 -14.18 -47.02 -31.40
C ILE A 210 -15.27 -48.08 -31.40
N ASN A 211 -14.91 -49.30 -31.78
CA ASN A 211 -15.86 -50.41 -31.83
C ASN A 211 -15.55 -51.48 -30.78
N LEU A 212 -14.62 -51.23 -29.87
CA LEU A 212 -14.26 -52.22 -28.88
C LEU A 212 -15.36 -52.38 -27.84
N VAL A 213 -15.38 -53.57 -27.21
CA VAL A 213 -16.37 -53.86 -26.18
C VAL A 213 -16.16 -52.98 -24.96
N ARG A 214 -14.94 -52.49 -24.75
CA ARG A 214 -14.66 -51.67 -23.59
C ARG A 214 -15.45 -50.36 -23.62
N ASP A 215 -15.75 -49.85 -22.44
CA ASP A 215 -16.54 -48.63 -22.33
C ASP A 215 -15.73 -47.38 -22.67
N LEU A 216 -14.43 -47.37 -22.35
CA LEU A 216 -13.60 -46.21 -22.60
C LEU A 216 -12.33 -46.62 -23.31
N PRO A 217 -11.76 -45.73 -24.14
CA PRO A 217 -10.54 -46.06 -24.87
C PRO A 217 -9.28 -45.86 -24.03
N GLN A 218 -8.12 -46.00 -24.68
CA GLN A 218 -6.84 -45.87 -23.97
C GLN A 218 -6.66 -44.46 -23.41
N GLY A 219 -7.08 -43.44 -24.16
CA GLY A 219 -6.98 -42.07 -23.68
C GLY A 219 -6.06 -41.20 -24.53
N PHE A 220 -5.84 -41.61 -25.78
CA PHE A 220 -4.97 -40.85 -26.67
C PHE A 220 -5.55 -39.46 -26.98
N SER A 221 -6.83 -39.43 -27.35
CA SER A 221 -7.41 -38.21 -27.91
C SER A 221 -7.63 -37.14 -26.84
N ALA A 222 -7.81 -35.91 -27.31
CA ALA A 222 -8.16 -34.77 -26.47
C ALA A 222 -9.20 -33.94 -27.20
N LEU A 223 -10.08 -33.30 -26.43
CA LEU A 223 -11.19 -32.57 -27.03
C LEU A 223 -10.72 -31.24 -27.62
N GLU A 224 -11.63 -30.58 -28.31
CA GLU A 224 -11.39 -29.28 -28.91
C GLU A 224 -12.54 -28.33 -28.57
N PRO A 225 -12.27 -27.03 -28.50
CA PRO A 225 -13.36 -26.07 -28.31
C PRO A 225 -14.30 -26.07 -29.51
N LEU A 226 -15.59 -25.87 -29.23
CA LEU A 226 -16.62 -25.83 -30.26
C LEU A 226 -17.26 -24.45 -30.39
N VAL A 227 -17.76 -23.90 -29.29
CA VAL A 227 -18.40 -22.58 -29.32
C VAL A 227 -18.45 -22.04 -27.89
N ASP A 228 -18.25 -20.73 -27.76
CA ASP A 228 -18.25 -20.04 -26.48
C ASP A 228 -19.52 -19.20 -26.38
N LEU A 229 -20.30 -19.42 -25.32
CA LEU A 229 -21.56 -18.72 -25.13
C LEU A 229 -21.48 -17.80 -23.92
N PRO A 230 -21.31 -16.49 -24.10
CA PRO A 230 -21.34 -15.58 -22.96
C PRO A 230 -22.75 -15.29 -22.49
N ILE A 231 -23.15 -15.88 -21.37
CA ILE A 231 -24.46 -15.64 -20.75
C ILE A 231 -24.27 -15.57 -19.25
N GLY A 232 -24.76 -14.50 -18.63
CA GLY A 232 -24.58 -14.30 -17.20
C GLY A 232 -25.64 -14.96 -16.34
N ILE A 233 -25.60 -16.30 -16.23
CA ILE A 233 -26.57 -17.06 -15.45
C ILE A 233 -25.81 -18.05 -14.58
N ASN A 234 -26.40 -18.39 -13.43
CA ASN A 234 -25.84 -19.36 -12.51
C ASN A 234 -26.47 -20.72 -12.77
N ILE A 235 -25.64 -21.73 -12.94
CA ILE A 235 -26.08 -23.10 -13.17
C ILE A 235 -25.56 -23.96 -12.02
N THR A 236 -26.48 -24.63 -11.32
CA THR A 236 -26.13 -25.50 -10.22
C THR A 236 -26.38 -26.98 -10.48
N ARG A 237 -27.30 -27.30 -11.39
CA ARG A 237 -27.56 -28.69 -11.73
C ARG A 237 -28.04 -28.76 -13.17
N PHE A 238 -27.93 -29.96 -13.75
CA PHE A 238 -28.23 -30.16 -15.17
C PHE A 238 -29.10 -31.38 -15.33
N GLN A 239 -29.52 -31.63 -16.58
CA GLN A 239 -30.37 -32.76 -16.89
C GLN A 239 -30.17 -33.14 -18.36
N THR A 240 -30.18 -34.43 -18.64
CA THR A 240 -30.07 -34.92 -20.00
C THR A 240 -31.39 -34.78 -20.75
N LEU A 241 -31.32 -34.90 -22.07
CA LEU A 241 -32.50 -34.86 -22.93
C LEU A 241 -32.53 -36.09 -23.81
N LEU A 242 -33.69 -36.73 -23.88
CA LEU A 242 -33.88 -37.94 -24.67
C LEU A 242 -35.07 -37.75 -25.59
N ALA A 243 -35.05 -38.43 -26.73
CA ALA A 243 -36.10 -38.34 -27.73
C ALA A 243 -36.95 -39.60 -27.70
N LEU A 244 -38.26 -39.42 -27.57
CA LEU A 244 -39.21 -40.53 -27.52
C LEU A 244 -39.98 -40.59 -28.83
N HIS A 245 -40.07 -41.79 -29.41
CA HIS A 245 -40.69 -42.00 -30.71
C HIS A 245 -42.12 -42.48 -30.52
N ARG A 246 -43.06 -41.86 -31.24
CA ARG A 246 -44.43 -42.33 -31.22
C ARG A 246 -44.53 -43.71 -31.84
N SER A 247 -45.31 -44.58 -31.21
CA SER A 247 -45.37 -45.99 -31.60
C SER A 247 -46.52 -46.20 -32.60
N TYR A 248 -46.19 -46.69 -33.78
CA TYR A 248 -47.17 -47.14 -34.76
C TYR A 248 -47.28 -48.65 -34.63
N LEU A 249 -48.36 -49.11 -34.01
CA LEU A 249 -48.46 -50.51 -33.62
C LEU A 249 -48.74 -51.40 -34.82
N THR A 250 -47.92 -52.44 -34.97
CA THR A 250 -48.18 -53.51 -35.93
C THR A 250 -49.18 -54.48 -35.33
N PRO A 251 -49.71 -55.41 -36.13
CA PRO A 251 -50.63 -56.42 -35.56
C PRO A 251 -50.03 -57.24 -34.42
N GLY A 252 -48.71 -57.24 -34.25
CA GLY A 252 -48.09 -58.02 -33.20
C GLY A 252 -47.16 -57.25 -32.29
N ASP A 253 -47.49 -56.00 -31.99
CA ASP A 253 -46.67 -55.16 -31.13
C ASP A 253 -47.52 -54.53 -30.03
N SER A 254 -46.85 -54.17 -28.93
CA SER A 254 -47.46 -53.52 -27.80
C SER A 254 -46.61 -52.33 -27.38
N SER A 255 -47.27 -51.29 -26.87
CA SER A 255 -46.56 -50.09 -26.45
C SER A 255 -47.38 -49.36 -25.39
N SER A 256 -46.72 -48.44 -24.69
CA SER A 256 -47.36 -47.60 -23.68
C SER A 256 -47.60 -46.19 -24.19
N GLY A 257 -47.64 -46.00 -25.50
CA GLY A 257 -47.83 -44.71 -26.11
C GLY A 257 -46.55 -44.03 -26.56
N TRP A 258 -45.40 -44.48 -26.05
CA TRP A 258 -44.12 -43.89 -26.43
C TRP A 258 -43.06 -44.98 -26.41
N THR A 259 -42.20 -44.98 -27.43
CA THR A 259 -41.15 -45.97 -27.57
C THR A 259 -39.81 -45.28 -27.81
N ALA A 260 -38.76 -45.82 -27.19
CA ALA A 260 -37.42 -45.31 -27.37
C ALA A 260 -36.44 -46.46 -27.23
N GLY A 261 -35.30 -46.35 -27.93
CA GLY A 261 -34.29 -47.38 -27.88
C GLY A 261 -33.46 -47.34 -26.61
N ALA A 262 -32.66 -48.38 -26.43
CA ALA A 262 -31.77 -48.45 -25.28
C ALA A 262 -30.70 -47.37 -25.38
N ALA A 263 -30.39 -46.74 -24.24
CA ALA A 263 -29.44 -45.64 -24.21
C ALA A 263 -28.62 -45.72 -22.94
N ALA A 264 -27.44 -45.11 -23.00
CA ALA A 264 -26.54 -45.05 -21.86
C ALA A 264 -25.59 -43.87 -22.04
N TYR A 265 -24.99 -43.44 -20.95
CA TYR A 265 -24.06 -42.32 -20.98
C TYR A 265 -23.20 -42.37 -19.73
N TYR A 266 -22.38 -41.33 -19.54
CA TYR A 266 -21.48 -41.23 -18.40
C TYR A 266 -21.45 -39.78 -17.91
N VAL A 267 -21.18 -39.60 -16.63
CA VAL A 267 -21.15 -38.28 -16.00
C VAL A 267 -19.84 -38.12 -15.23
N GLY A 268 -19.14 -37.01 -15.48
CA GLY A 268 -17.91 -36.72 -14.78
C GLY A 268 -17.98 -35.35 -14.12
N TYR A 269 -17.14 -35.19 -13.11
CA TYR A 269 -17.12 -33.98 -12.28
C TYR A 269 -15.73 -33.37 -12.32
N LEU A 270 -15.66 -32.05 -12.52
CA LEU A 270 -14.38 -31.37 -12.52
C LEU A 270 -13.88 -31.17 -11.09
N GLN A 271 -12.59 -30.82 -10.97
CA GLN A 271 -11.96 -30.57 -9.68
C GLN A 271 -10.75 -29.68 -9.91
N PRO A 272 -10.40 -28.84 -8.94
CA PRO A 272 -9.23 -27.97 -9.11
C PRO A 272 -7.94 -28.78 -9.05
N ARG A 273 -7.24 -28.86 -10.17
CA ARG A 273 -5.99 -29.60 -10.26
C ARG A 273 -5.04 -28.82 -11.15
N THR A 274 -3.85 -29.40 -11.37
CA THR A 274 -2.88 -28.87 -12.30
C THR A 274 -2.31 -30.01 -13.12
N PHE A 275 -2.04 -29.73 -14.40
CA PHE A 275 -1.71 -30.76 -15.37
C PHE A 275 -0.39 -30.42 -16.04
N LEU A 276 0.22 -31.44 -16.65
CA LEU A 276 1.35 -31.26 -17.55
C LEU A 276 0.95 -31.78 -18.92
N LEU A 277 1.12 -30.95 -19.94
CA LEU A 277 0.61 -31.24 -21.27
C LEU A 277 1.77 -31.37 -22.27
N LYS A 278 1.60 -32.27 -23.23
CA LYS A 278 2.55 -32.44 -24.33
C LYS A 278 1.90 -31.95 -25.61
N TYR A 279 2.50 -30.95 -26.24
CA TYR A 279 2.06 -30.51 -27.55
C TYR A 279 2.97 -31.10 -28.61
N ASN A 280 2.48 -31.12 -29.85
CA ASN A 280 3.25 -31.60 -30.99
C ASN A 280 3.51 -30.44 -31.94
N GLU A 281 4.34 -30.72 -32.96
CA GLU A 281 4.65 -29.70 -33.96
C GLU A 281 3.42 -29.32 -34.76
N ASN A 282 2.46 -30.24 -34.92
CA ASN A 282 1.27 -29.94 -35.72
C ASN A 282 0.30 -29.06 -34.95
N GLY A 283 0.15 -29.29 -33.64
CA GLY A 283 -0.81 -28.55 -32.85
C GLY A 283 -1.84 -29.44 -32.19
N THR A 284 -1.46 -30.69 -31.90
CA THR A 284 -2.35 -31.66 -31.27
C THR A 284 -1.71 -32.15 -29.98
N ILE A 285 -2.50 -32.20 -28.90
CA ILE A 285 -2.04 -32.68 -27.61
C ILE A 285 -2.04 -34.21 -27.65
N THR A 286 -0.86 -34.81 -27.78
CA THR A 286 -0.79 -36.26 -27.91
C THR A 286 -0.95 -36.97 -26.56
N ASP A 287 -0.59 -36.31 -25.46
CA ASP A 287 -0.62 -36.96 -24.15
C ASP A 287 -0.50 -35.91 -23.06
N ALA A 288 -0.72 -36.34 -21.81
CA ALA A 288 -0.66 -35.43 -20.66
C ALA A 288 -0.52 -36.27 -19.39
N VAL A 289 -0.47 -35.60 -18.25
CA VAL A 289 -0.27 -36.27 -16.97
C VAL A 289 -0.68 -35.33 -15.85
N ASP A 290 -1.25 -35.90 -14.80
CA ASP A 290 -1.82 -35.17 -13.68
C ASP A 290 -0.79 -35.01 -12.55
N CYS A 291 -1.25 -34.57 -11.38
CA CYS A 291 -0.40 -34.32 -10.22
C CYS A 291 -0.86 -35.07 -8.98
N ALA A 292 -1.83 -35.97 -9.11
CA ALA A 292 -2.36 -36.67 -7.94
C ALA A 292 -2.54 -38.16 -8.13
N LEU A 293 -2.26 -38.71 -9.31
CA LEU A 293 -2.46 -40.13 -9.58
C LEU A 293 -1.54 -40.97 -8.69
N ASP A 294 -0.24 -40.83 -8.85
CA ASP A 294 0.79 -41.46 -8.05
C ASP A 294 1.89 -40.45 -7.74
N PRO A 295 2.72 -40.71 -6.74
CA PRO A 295 3.86 -39.81 -6.50
C PRO A 295 4.77 -39.66 -7.70
N LEU A 296 4.86 -40.68 -8.56
CA LEU A 296 5.65 -40.56 -9.78
C LEU A 296 5.11 -39.48 -10.70
N SER A 297 3.78 -39.32 -10.74
CA SER A 297 3.19 -38.22 -11.50
C SER A 297 3.62 -36.86 -10.92
N GLU A 298 3.66 -36.77 -9.59
CA GLU A 298 4.16 -35.56 -8.96
C GLU A 298 5.61 -35.31 -9.34
N THR A 299 6.41 -36.38 -9.39
CA THR A 299 7.80 -36.25 -9.79
C THR A 299 7.91 -35.72 -11.22
N LYS A 300 7.12 -36.27 -12.13
CA LYS A 300 7.16 -35.82 -13.52
C LYS A 300 6.73 -34.38 -13.64
N CYS A 301 5.75 -33.94 -12.83
CA CYS A 301 5.34 -32.55 -12.90
C CYS A 301 6.39 -31.61 -12.31
N THR A 302 7.06 -32.01 -11.23
CA THR A 302 8.14 -31.20 -10.70
C THR A 302 9.29 -31.10 -11.69
N LEU A 303 9.56 -32.17 -12.41
CA LEU A 303 10.42 -32.10 -13.59
C LEU A 303 9.59 -31.64 -14.79
N LYS A 304 10.15 -31.76 -15.98
CA LYS A 304 9.44 -31.37 -17.19
C LYS A 304 9.17 -32.54 -18.11
N SER A 305 10.18 -33.37 -18.40
CA SER A 305 10.00 -34.50 -19.30
C SER A 305 9.18 -35.60 -18.64
N PHE A 306 8.53 -36.42 -19.47
CA PHE A 306 7.88 -37.62 -18.97
C PHE A 306 8.88 -38.57 -18.33
N THR A 307 9.97 -38.83 -19.02
CA THR A 307 10.98 -39.76 -18.56
C THR A 307 11.78 -39.17 -17.41
N VAL A 308 12.19 -40.02 -16.48
CA VAL A 308 13.03 -39.61 -15.36
C VAL A 308 14.16 -40.62 -15.21
N GLU A 309 15.37 -40.12 -15.00
CA GLU A 309 16.53 -40.96 -14.80
C GLU A 309 16.67 -41.34 -13.33
N LYS A 310 17.48 -42.37 -13.08
CA LYS A 310 17.63 -42.88 -11.72
C LYS A 310 18.23 -41.82 -10.80
N GLY A 311 17.76 -41.82 -9.56
CA GLY A 311 18.20 -40.86 -8.57
C GLY A 311 17.10 -40.60 -7.57
N ILE A 312 17.32 -39.58 -6.75
CA ILE A 312 16.34 -39.13 -5.75
C ILE A 312 16.00 -37.68 -6.03
N TYR A 313 14.71 -37.39 -6.19
CA TYR A 313 14.23 -36.07 -6.52
C TYR A 313 13.19 -35.64 -5.48
N GLN A 314 13.27 -34.38 -5.06
CA GLN A 314 12.32 -33.82 -4.12
C GLN A 314 11.21 -33.09 -4.88
N THR A 315 9.98 -33.27 -4.41
CA THR A 315 8.81 -32.73 -5.09
C THR A 315 8.11 -31.64 -4.30
N SER A 316 7.72 -31.92 -3.07
CA SER A 316 6.98 -30.98 -2.24
C SER A 316 7.43 -31.18 -0.80
N ASN A 317 6.62 -30.69 0.15
CA ASN A 317 7.00 -30.64 1.55
C ASN A 317 5.92 -31.28 2.41
N PHE A 318 6.34 -32.03 3.42
CA PHE A 318 5.43 -32.71 4.33
C PHE A 318 5.28 -31.87 5.60
N ARG A 319 4.05 -31.45 5.88
CA ARG A 319 3.73 -30.74 7.11
C ARG A 319 2.46 -31.34 7.71
N VAL A 320 2.38 -31.30 9.04
CA VAL A 320 1.21 -31.79 9.75
C VAL A 320 0.37 -30.58 10.15
N GLN A 321 -0.93 -30.83 10.37
CA GLN A 321 -1.83 -29.74 10.66
C GLN A 321 -2.44 -29.89 12.05
N PRO A 322 -2.76 -28.79 12.72
CA PRO A 322 -3.37 -28.87 14.04
C PRO A 322 -4.75 -29.52 13.99
N THR A 323 -5.09 -30.20 15.08
CA THR A 323 -6.39 -30.85 15.20
C THR A 323 -7.39 -30.03 16.03
N GLU A 324 -6.91 -29.16 16.91
CA GLU A 324 -7.78 -28.32 17.73
C GLU A 324 -6.91 -27.28 18.43
N SER A 325 -7.50 -26.13 18.72
CA SER A 325 -6.82 -25.04 19.40
C SER A 325 -7.38 -24.91 20.81
N ILE A 326 -6.49 -24.94 21.80
CA ILE A 326 -6.87 -24.91 23.21
C ILE A 326 -6.19 -23.74 23.88
N VAL A 327 -6.90 -23.11 24.81
CA VAL A 327 -6.41 -21.95 25.55
C VAL A 327 -6.60 -22.21 27.03
N ARG A 328 -5.66 -21.71 27.84
CA ARG A 328 -5.71 -21.84 29.30
C ARG A 328 -5.40 -20.49 29.92
N PHE A 329 -5.92 -20.28 31.13
CA PHE A 329 -5.75 -19.02 31.83
C PHE A 329 -5.82 -19.28 33.33
N PRO A 330 -5.18 -18.45 34.14
CA PRO A 330 -5.17 -18.69 35.59
C PRO A 330 -6.55 -18.55 36.21
N ASN A 331 -6.71 -19.18 37.37
CA ASN A 331 -7.97 -19.16 38.09
C ASN A 331 -8.36 -17.74 38.48
N ILE A 332 -9.59 -17.59 38.98
CA ILE A 332 -10.07 -16.30 39.43
C ILE A 332 -9.29 -15.88 40.68
N THR A 333 -8.71 -14.68 40.63
CA THR A 333 -8.04 -14.15 41.82
C THR A 333 -9.06 -13.62 42.82
N ASN A 334 -9.88 -12.67 42.40
CA ASN A 334 -10.93 -12.13 43.25
C ASN A 334 -12.12 -11.74 42.37
N LEU A 335 -13.32 -11.92 42.91
CA LEU A 335 -14.54 -11.55 42.21
C LEU A 335 -14.85 -10.07 42.41
N CYS A 336 -15.67 -9.54 41.51
CA CYS A 336 -16.13 -8.16 41.66
C CYS A 336 -17.10 -8.06 42.84
N PRO A 337 -17.10 -6.93 43.54
CA PRO A 337 -18.02 -6.71 44.67
C PRO A 337 -19.43 -6.33 44.23
N PHE A 338 -19.96 -7.04 43.24
CA PHE A 338 -21.33 -6.79 42.80
C PHE A 338 -22.34 -7.35 43.79
N GLY A 339 -22.07 -8.53 44.35
CA GLY A 339 -23.00 -9.13 45.28
C GLY A 339 -23.18 -8.30 46.53
N GLU A 340 -22.08 -7.83 47.11
CA GLU A 340 -22.17 -6.97 48.30
C GLU A 340 -22.89 -5.67 48.01
N VAL A 341 -22.93 -5.23 46.75
CA VAL A 341 -23.70 -4.06 46.36
C VAL A 341 -25.15 -4.43 46.08
N PHE A 342 -25.36 -5.51 45.32
CA PHE A 342 -26.71 -5.88 44.91
C PHE A 342 -27.49 -6.57 46.01
N ASN A 343 -26.82 -7.34 46.87
CA ASN A 343 -27.44 -7.96 48.02
C ASN A 343 -27.30 -7.13 49.28
N ALA A 344 -26.99 -5.84 49.14
CA ALA A 344 -26.80 -4.98 50.31
C ALA A 344 -28.12 -4.78 51.05
N THR A 345 -28.03 -4.75 52.38
CA THR A 345 -29.23 -4.58 53.20
C THR A 345 -29.84 -3.20 53.01
N ARG A 346 -29.01 -2.16 53.08
CA ARG A 346 -29.46 -0.78 52.97
C ARG A 346 -28.68 -0.07 51.87
N PHE A 347 -29.34 0.88 51.23
CA PHE A 347 -28.77 1.64 50.12
C PHE A 347 -28.54 3.09 50.55
N ALA A 348 -28.00 3.87 49.63
CA ALA A 348 -27.71 5.28 49.86
C ALA A 348 -28.84 6.15 49.31
N SER A 349 -29.06 7.29 49.94
CA SER A 349 -30.08 8.22 49.50
C SER A 349 -29.68 8.85 48.17
N VAL A 350 -30.68 9.35 47.44
CA VAL A 350 -30.43 9.88 46.10
C VAL A 350 -29.56 11.14 46.16
N TYR A 351 -29.79 12.00 47.15
CA TYR A 351 -28.97 13.21 47.27
C TYR A 351 -27.55 12.89 47.72
N ALA A 352 -27.32 11.73 48.31
CA ALA A 352 -26.02 11.31 48.82
C ALA A 352 -25.65 9.94 48.26
N TRP A 353 -25.80 9.78 46.95
CA TRP A 353 -25.49 8.52 46.30
C TRP A 353 -24.02 8.15 46.50
N ASN A 354 -23.78 6.92 46.91
CA ASN A 354 -22.43 6.43 47.12
C ASN A 354 -21.84 5.92 45.81
N ARG A 355 -20.50 5.88 45.76
CA ARG A 355 -19.77 5.40 44.60
C ARG A 355 -18.74 4.37 45.04
N LYS A 356 -18.65 3.27 44.29
CA LYS A 356 -17.71 2.20 44.57
C LYS A 356 -16.76 2.05 43.38
N ARG A 357 -15.47 2.04 43.67
CA ARG A 357 -14.45 1.83 42.64
C ARG A 357 -14.22 0.33 42.47
N ILE A 358 -14.31 -0.15 41.24
CA ILE A 358 -14.17 -1.56 40.93
C ILE A 358 -12.93 -1.73 40.06
N SER A 359 -11.96 -2.47 40.56
CA SER A 359 -10.70 -2.67 39.84
C SER A 359 -10.02 -3.92 40.37
N ASN A 360 -9.15 -4.50 39.53
CA ASN A 360 -8.33 -5.65 39.90
C ASN A 360 -9.19 -6.81 40.39
N CYS A 361 -10.34 -7.02 39.75
CA CYS A 361 -11.22 -8.12 40.12
C CYS A 361 -12.04 -8.52 38.90
N VAL A 362 -12.26 -9.82 38.75
CA VAL A 362 -12.93 -10.34 37.55
C VAL A 362 -14.40 -9.98 37.59
N ALA A 363 -14.91 -9.46 36.49
CA ALA A 363 -16.32 -9.11 36.33
C ALA A 363 -17.00 -10.15 35.47
N ASP A 364 -18.10 -10.71 35.98
CA ASP A 364 -18.90 -11.71 35.26
C ASP A 364 -20.28 -11.06 35.07
N TYR A 365 -20.44 -10.36 33.95
CA TYR A 365 -21.69 -9.65 33.71
C TYR A 365 -22.82 -10.59 33.29
N SER A 366 -22.51 -11.82 32.89
CA SER A 366 -23.54 -12.74 32.42
C SER A 366 -24.52 -13.08 33.54
N VAL A 367 -24.04 -13.20 34.78
CA VAL A 367 -24.91 -13.51 35.91
C VAL A 367 -25.89 -12.37 36.17
N LEU A 368 -25.66 -11.20 35.57
CA LEU A 368 -26.47 -10.03 35.89
C LEU A 368 -27.78 -10.01 35.10
N TYR A 369 -27.70 -9.99 33.77
CA TYR A 369 -28.90 -9.90 32.95
C TYR A 369 -29.54 -11.25 32.66
N ASN A 370 -28.96 -12.35 33.12
CA ASN A 370 -29.60 -13.65 32.99
C ASN A 370 -30.50 -13.99 34.18
N SER A 371 -30.53 -13.14 35.19
CA SER A 371 -31.34 -13.35 36.38
C SER A 371 -32.59 -12.50 36.31
N ALA A 372 -33.75 -13.12 36.56
CA ALA A 372 -35.04 -12.42 36.50
C ALA A 372 -35.35 -11.72 37.82
N SER A 373 -34.43 -10.88 38.28
CA SER A 373 -34.61 -10.12 39.52
C SER A 373 -34.35 -8.63 39.31
N PHE A 374 -34.40 -8.16 38.07
CA PHE A 374 -34.15 -6.75 37.76
C PHE A 374 -35.31 -6.22 36.95
N SER A 375 -35.95 -5.16 37.44
CA SER A 375 -37.09 -4.58 36.74
C SER A 375 -36.66 -3.98 35.40
N THR A 376 -35.55 -3.25 35.39
CA THR A 376 -35.04 -2.63 34.18
C THR A 376 -33.56 -2.95 34.02
N PHE A 377 -33.12 -3.03 32.77
CA PHE A 377 -31.72 -3.27 32.45
C PHE A 377 -31.49 -2.66 31.08
N LYS A 378 -30.84 -1.50 31.06
CA LYS A 378 -30.58 -0.76 29.83
C LYS A 378 -29.09 -0.42 29.75
N CYS A 379 -28.53 -0.54 28.56
CA CYS A 379 -27.16 -0.14 28.29
C CYS A 379 -27.15 0.90 27.18
N TYR A 380 -26.55 2.06 27.46
CA TYR A 380 -26.53 3.17 26.52
C TYR A 380 -25.12 3.32 25.98
N GLY A 381 -24.99 3.28 24.65
CA GLY A 381 -23.69 3.34 24.02
C GLY A 381 -22.89 2.06 24.08
N VAL A 382 -23.51 0.95 24.51
CA VAL A 382 -22.80 -0.32 24.64
C VAL A 382 -23.86 -1.42 24.67
N SER A 383 -23.45 -2.64 24.34
CA SER A 383 -24.33 -3.79 24.34
C SER A 383 -23.91 -4.78 25.41
N PRO A 384 -24.85 -5.28 26.22
CA PRO A 384 -24.46 -6.17 27.33
C PRO A 384 -24.04 -7.55 26.88
N THR A 385 -24.56 -8.06 25.76
CA THR A 385 -24.20 -9.40 25.31
C THR A 385 -22.71 -9.49 24.98
N LYS A 386 -22.16 -8.45 24.37
CA LYS A 386 -20.75 -8.41 24.01
C LYS A 386 -19.84 -8.05 25.19
N LEU A 387 -20.41 -7.52 26.28
CA LEU A 387 -19.60 -7.05 27.41
C LEU A 387 -18.79 -8.15 28.07
N ASN A 388 -19.09 -9.42 27.82
CA ASN A 388 -18.39 -10.50 28.49
C ASN A 388 -16.90 -10.57 28.12
N ASP A 389 -16.49 -9.97 27.01
CA ASP A 389 -15.10 -10.02 26.58
C ASP A 389 -14.55 -8.63 26.27
N LEU A 390 -14.90 -7.65 27.10
CA LEU A 390 -14.36 -6.30 27.01
C LEU A 390 -13.62 -5.94 28.28
N CYS A 391 -12.56 -5.16 28.13
CA CYS A 391 -11.72 -4.73 29.25
C CYS A 391 -11.71 -3.21 29.33
N PHE A 392 -11.75 -2.70 30.55
CA PHE A 392 -11.74 -1.26 30.78
C PHE A 392 -10.74 -0.94 31.88
N THR A 393 -10.39 0.35 31.99
CA THR A 393 -9.46 0.77 33.03
C THR A 393 -10.05 0.53 34.41
N ASN A 394 -11.26 0.99 34.66
CA ASN A 394 -11.95 0.76 35.92
C ASN A 394 -13.44 0.99 35.72
N VAL A 395 -14.22 0.55 36.69
CA VAL A 395 -15.67 0.70 36.66
C VAL A 395 -16.11 1.38 37.96
N TYR A 396 -16.87 2.45 37.83
CA TYR A 396 -17.46 3.15 38.97
C TYR A 396 -18.93 2.82 39.05
N ALA A 397 -19.37 2.32 40.20
CA ALA A 397 -20.75 1.92 40.42
C ALA A 397 -21.41 2.93 41.36
N ASP A 398 -22.52 3.51 40.90
CA ASP A 398 -23.30 4.44 41.69
C ASP A 398 -24.63 3.78 42.05
N SER A 399 -24.92 3.67 43.34
CA SER A 399 -26.10 2.96 43.82
C SER A 399 -26.92 3.88 44.72
N PHE A 400 -28.22 3.85 44.55
CA PHE A 400 -29.16 4.64 45.34
C PHE A 400 -30.57 4.07 45.11
N VAL A 401 -31.57 4.74 45.68
CA VAL A 401 -32.96 4.34 45.56
C VAL A 401 -33.77 5.55 45.11
N ILE A 402 -34.59 5.36 44.07
CA ILE A 402 -35.52 6.37 43.61
C ILE A 402 -36.85 5.69 43.29
N ARG A 403 -37.90 6.49 43.20
CA ARG A 403 -39.20 5.97 42.79
C ARG A 403 -39.19 5.63 41.30
N GLY A 404 -40.04 4.68 40.93
CA GLY A 404 -40.06 4.22 39.55
C GLY A 404 -40.40 5.32 38.56
N ASP A 405 -41.13 6.35 39.01
CA ASP A 405 -41.50 7.44 38.12
C ASP A 405 -40.29 8.21 37.65
N GLU A 406 -39.35 8.51 38.55
CA GLU A 406 -38.18 9.30 38.20
C GLU A 406 -37.05 8.46 37.62
N VAL A 407 -37.30 7.19 37.30
CA VAL A 407 -36.31 6.41 36.58
C VAL A 407 -36.10 6.98 35.18
N ARG A 408 -37.17 7.53 34.59
CA ARG A 408 -37.05 8.22 33.31
C ARG A 408 -36.01 9.33 33.36
N GLN A 409 -35.81 9.93 34.54
CA GLN A 409 -34.82 11.00 34.68
C GLN A 409 -33.41 10.53 34.38
N ILE A 410 -33.13 9.24 34.55
CA ILE A 410 -31.79 8.70 34.33
C ILE A 410 -31.69 8.38 32.84
N ALA A 411 -31.30 9.38 32.05
CA ALA A 411 -31.10 9.20 30.62
C ALA A 411 -30.37 10.41 30.03
N PRO A 412 -29.34 10.19 29.22
CA PRO A 412 -28.76 11.30 28.46
C PRO A 412 -29.78 11.87 27.48
N GLY A 413 -29.72 13.18 27.28
CA GLY A 413 -30.73 13.86 26.50
C GLY A 413 -32.03 14.11 27.24
N GLN A 414 -32.06 13.89 28.54
CA GLN A 414 -33.23 14.11 29.37
C GLN A 414 -32.85 14.96 30.57
N THR A 415 -33.86 15.63 31.14
CA THR A 415 -33.66 16.49 32.30
C THR A 415 -34.71 16.15 33.35
N GLY A 416 -34.52 16.71 34.54
CA GLY A 416 -35.44 16.47 35.63
C GLY A 416 -34.92 17.08 36.91
N LYS A 417 -35.82 17.11 37.91
CA LYS A 417 -35.46 17.67 39.20
C LYS A 417 -34.27 16.94 39.82
N ILE A 418 -34.37 15.61 39.92
CA ILE A 418 -33.22 14.82 40.37
C ILE A 418 -32.06 14.98 39.43
N ALA A 419 -32.34 15.00 38.12
CA ALA A 419 -31.28 15.18 37.14
C ALA A 419 -30.58 16.52 37.32
N ASP A 420 -31.34 17.58 37.56
CA ASP A 420 -30.75 18.92 37.64
C ASP A 420 -30.01 19.13 38.95
N TYR A 421 -30.57 18.67 40.07
CA TYR A 421 -30.05 19.02 41.39
C TYR A 421 -29.61 17.83 42.23
N ASN A 422 -29.68 16.60 41.72
CA ASN A 422 -29.29 15.47 42.54
C ASN A 422 -28.35 14.50 41.82
N TYR A 423 -28.45 14.41 40.49
CA TYR A 423 -27.67 13.43 39.75
C TYR A 423 -27.59 13.88 38.30
N LYS A 424 -26.41 14.33 37.87
CA LYS A 424 -26.23 14.92 36.54
C LYS A 424 -25.48 13.95 35.64
N LEU A 425 -25.98 13.76 34.42
CA LEU A 425 -25.38 12.87 33.46
C LEU A 425 -24.74 13.67 32.34
N PRO A 426 -23.45 13.48 32.05
CA PRO A 426 -22.84 14.14 30.90
C PRO A 426 -23.46 13.65 29.60
N ASP A 427 -23.48 14.55 28.61
CA ASP A 427 -24.11 14.24 27.33
C ASP A 427 -23.40 13.09 26.62
N ASP A 428 -22.07 13.08 26.67
CA ASP A 428 -21.28 12.05 26.00
C ASP A 428 -21.05 10.81 26.86
N PHE A 429 -21.88 10.60 27.88
CA PHE A 429 -21.70 9.46 28.77
C PHE A 429 -22.09 8.16 28.10
N THR A 430 -21.38 7.09 28.46
CA THR A 430 -21.69 5.74 28.02
C THR A 430 -21.71 4.83 29.25
N GLY A 431 -22.77 4.05 29.39
CA GLY A 431 -22.88 3.18 30.55
C GLY A 431 -24.13 2.32 30.47
N CYS A 432 -24.38 1.61 31.57
CA CYS A 432 -25.50 0.69 31.68
C CYS A 432 -26.39 1.11 32.84
N VAL A 433 -27.70 1.05 32.62
CA VAL A 433 -28.70 1.41 33.62
C VAL A 433 -29.46 0.16 34.02
N ILE A 434 -29.34 -0.22 35.29
CA ILE A 434 -30.02 -1.40 35.83
C ILE A 434 -30.65 -1.00 37.17
N ALA A 435 -31.90 -1.40 37.38
CA ALA A 435 -32.58 -1.11 38.62
C ALA A 435 -33.70 -2.13 38.82
N TRP A 436 -34.18 -2.21 40.06
CA TRP A 436 -35.25 -3.16 40.39
C TRP A 436 -35.99 -2.64 41.62
N ASN A 437 -37.19 -3.17 41.80
CA ASN A 437 -38.08 -2.72 42.88
C ASN A 437 -37.60 -3.24 44.23
N SER A 438 -37.80 -2.42 45.27
CA SER A 438 -37.52 -2.81 46.64
C SER A 438 -38.71 -2.53 47.56
N ASN A 439 -39.92 -2.63 47.01
CA ASN A 439 -41.12 -2.40 47.81
C ASN A 439 -41.23 -3.41 48.94
N ASN A 440 -40.93 -4.68 48.66
CA ASN A 440 -40.98 -5.72 49.67
C ASN A 440 -39.88 -5.57 50.72
N LEU A 441 -38.89 -4.71 50.48
CA LEU A 441 -37.76 -4.56 51.39
C LEU A 441 -37.67 -3.17 52.00
N ASP A 442 -37.71 -2.12 51.18
CA ASP A 442 -37.44 -0.77 51.63
C ASP A 442 -38.70 0.05 51.87
N SER A 443 -39.86 -0.58 51.90
CA SER A 443 -41.12 0.09 52.22
C SER A 443 -41.62 -0.40 53.57
N LYS A 444 -41.94 0.53 54.46
CA LYS A 444 -42.37 0.21 55.82
C LYS A 444 -43.85 0.50 55.98
N VAL A 445 -44.51 -0.31 56.81
CA VAL A 445 -45.94 -0.11 57.07
C VAL A 445 -46.19 1.26 57.70
N GLY A 446 -45.28 1.70 58.57
CA GLY A 446 -45.39 3.02 59.16
C GLY A 446 -44.85 4.15 58.30
N GLY A 447 -44.24 3.84 57.17
CA GLY A 447 -43.65 4.85 56.32
C GLY A 447 -42.23 5.16 56.75
N ASN A 448 -41.27 4.98 55.85
CA ASN A 448 -39.86 5.15 56.19
C ASN A 448 -39.45 6.59 55.90
N TYR A 449 -38.90 7.26 56.93
CA TYR A 449 -38.54 8.66 56.84
C TYR A 449 -37.03 8.88 56.76
N ASN A 450 -36.24 7.81 56.90
CA ASN A 450 -34.78 7.97 56.93
C ASN A 450 -34.24 8.49 55.60
N TYR A 451 -34.74 7.97 54.48
CA TYR A 451 -34.29 8.46 53.18
C TYR A 451 -34.79 9.87 52.93
N LEU A 452 -33.89 10.73 52.49
CA LEU A 452 -34.19 12.14 52.24
C LEU A 452 -33.89 12.47 50.78
N TYR A 453 -34.21 13.70 50.39
CA TYR A 453 -33.92 14.17 49.03
C TYR A 453 -33.93 15.69 48.98
N ARG A 454 -32.97 16.26 48.25
CA ARG A 454 -32.96 17.69 47.99
C ARG A 454 -34.08 18.04 47.02
N LEU A 455 -34.68 19.21 47.23
CA LEU A 455 -35.78 19.66 46.38
C LEU A 455 -35.48 20.92 45.59
N PHE A 456 -34.59 21.80 46.06
CA PHE A 456 -34.37 23.06 45.37
C PHE A 456 -32.91 23.48 45.49
N ARG A 457 -32.46 24.20 44.47
CA ARG A 457 -31.13 24.80 44.41
C ARG A 457 -31.16 25.95 43.41
N LYS A 458 -30.13 26.79 43.46
CA LYS A 458 -30.09 27.94 42.58
C LYS A 458 -29.82 27.53 41.13
N SER A 459 -28.85 26.64 40.92
CA SER A 459 -28.46 26.25 39.57
C SER A 459 -28.07 24.78 39.55
N ASN A 460 -28.10 24.20 38.36
CA ASN A 460 -27.76 22.79 38.20
C ASN A 460 -26.30 22.55 38.55
N LEU A 461 -26.01 21.33 39.00
CA LEU A 461 -24.66 20.96 39.41
C LEU A 461 -23.92 20.26 38.28
N LYS A 462 -22.63 20.03 38.52
CA LYS A 462 -21.77 19.43 37.51
C LYS A 462 -22.12 17.96 37.31
N PRO A 463 -21.71 17.38 36.18
CA PRO A 463 -21.89 15.93 35.97
C PRO A 463 -21.37 15.11 37.14
N PHE A 464 -22.29 14.40 37.82
CA PHE A 464 -21.99 13.58 38.98
C PHE A 464 -21.44 14.39 40.15
N GLU A 465 -21.76 15.68 40.20
CA GLU A 465 -21.32 16.52 41.30
C GLU A 465 -21.99 16.10 42.61
N ARG A 466 -21.31 16.35 43.72
CA ARG A 466 -21.78 15.95 45.04
C ARG A 466 -22.22 17.19 45.81
N ASP A 467 -23.43 17.15 46.36
CA ASP A 467 -23.97 18.27 47.13
C ASP A 467 -24.87 17.71 48.23
N ILE A 468 -24.45 17.89 49.48
CA ILE A 468 -25.22 17.42 50.63
C ILE A 468 -25.41 18.57 51.61
N SER A 469 -25.35 19.80 51.11
CA SER A 469 -25.48 20.97 51.96
C SER A 469 -26.90 21.08 52.52
N THR A 470 -27.00 21.47 53.78
CA THR A 470 -28.27 21.65 54.47
C THR A 470 -28.63 23.11 54.65
N GLU A 471 -27.97 24.02 53.93
CA GLU A 471 -28.23 25.44 54.05
C GLU A 471 -29.65 25.77 53.60
N ILE A 472 -30.34 26.58 54.40
CA ILE A 472 -31.73 26.91 54.12
C ILE A 472 -31.83 27.69 52.82
N TYR A 473 -32.78 27.30 51.96
CA TYR A 473 -32.97 28.00 50.70
C TYR A 473 -33.72 29.31 50.92
N GLN A 474 -33.29 30.33 50.18
CA GLN A 474 -33.84 31.68 50.30
C GLN A 474 -34.74 31.97 49.10
N ALA A 475 -35.97 32.42 49.38
CA ALA A 475 -36.92 32.78 48.34
C ALA A 475 -37.20 34.29 48.34
N GLY A 476 -36.18 35.09 48.61
CA GLY A 476 -36.33 36.54 48.63
C GLY A 476 -35.01 37.26 48.85
N SER A 477 -35.08 38.48 49.35
CA SER A 477 -33.87 39.24 49.66
C SER A 477 -33.40 39.03 51.09
N THR A 478 -34.31 38.72 52.00
CA THR A 478 -33.93 38.51 53.39
C THR A 478 -33.25 37.15 53.55
N PRO A 479 -32.05 37.09 54.11
CA PRO A 479 -31.40 35.80 54.33
C PRO A 479 -32.15 34.98 55.37
N CYS A 480 -32.05 33.65 55.21
CA CYS A 480 -32.73 32.75 56.13
C CYS A 480 -32.16 32.83 57.54
N ASN A 481 -30.90 33.23 57.67
CA ASN A 481 -30.22 33.37 58.96
C ASN A 481 -30.18 32.03 59.71
N GLY A 482 -30.19 30.93 58.97
CA GLY A 482 -30.13 29.62 59.59
C GLY A 482 -31.41 29.15 60.24
N VAL A 483 -32.51 29.88 60.07
CA VAL A 483 -33.79 29.55 60.70
C VAL A 483 -34.84 29.41 59.61
N GLU A 484 -35.60 28.32 59.67
CA GLU A 484 -36.69 28.12 58.72
C GLU A 484 -37.79 29.16 58.94
N GLY A 485 -38.50 29.48 57.87
CA GLY A 485 -39.56 30.47 57.95
C GLY A 485 -40.07 30.83 56.57
N PHE A 486 -40.83 31.91 56.51
CA PHE A 486 -41.37 32.38 55.24
C PHE A 486 -40.23 32.72 54.29
N ASN A 487 -40.32 32.24 53.05
CA ASN A 487 -39.27 32.35 52.05
C ASN A 487 -37.94 31.75 52.52
N CYS A 488 -37.99 30.92 53.55
CA CYS A 488 -36.79 30.29 54.13
C CYS A 488 -37.15 28.82 54.40
N TYR A 489 -36.92 27.97 53.41
CA TYR A 489 -37.35 26.58 53.47
C TYR A 489 -36.17 25.65 53.27
N PHE A 490 -36.26 24.48 53.90
CA PHE A 490 -35.20 23.48 53.81
C PHE A 490 -35.14 22.92 52.40
N PRO A 491 -34.00 23.00 51.70
CA PRO A 491 -33.92 22.42 50.36
C PRO A 491 -34.12 20.91 50.35
N LEU A 492 -33.71 20.22 51.41
CA LEU A 492 -33.92 18.78 51.49
C LEU A 492 -35.35 18.47 51.96
N GLN A 493 -35.76 17.24 51.71
CA GLN A 493 -37.07 16.74 52.14
C GLN A 493 -36.99 15.23 52.17
N SER A 494 -38.01 14.60 52.75
CA SER A 494 -38.04 13.15 52.91
C SER A 494 -39.01 12.51 51.93
N TYR A 495 -38.77 11.23 51.64
CA TYR A 495 -39.65 10.40 50.84
C TYR A 495 -40.18 9.27 51.71
N GLY A 496 -41.48 9.26 51.96
CA GLY A 496 -42.13 8.21 52.73
C GLY A 496 -42.74 7.18 51.82
N PHE A 497 -42.66 5.92 52.24
CA PHE A 497 -43.12 4.81 51.41
C PHE A 497 -43.84 3.78 52.26
N GLN A 498 -44.94 3.25 51.74
CA GLN A 498 -45.80 2.29 52.43
C GLN A 498 -46.02 1.08 51.55
N PRO A 499 -46.26 -0.09 52.15
CA PRO A 499 -46.31 -1.33 51.35
C PRO A 499 -47.41 -1.34 50.30
N THR A 500 -48.56 -0.74 50.57
CA THR A 500 -49.72 -0.88 49.70
C THR A 500 -49.72 0.14 48.57
N ASN A 501 -48.78 1.07 48.55
CA ASN A 501 -48.76 2.12 47.55
C ASN A 501 -48.62 1.53 46.14
N GLY A 502 -48.98 2.35 45.15
CA GLY A 502 -49.09 1.87 43.79
C GLY A 502 -47.76 1.66 43.10
N VAL A 503 -47.85 1.12 41.88
CA VAL A 503 -46.65 0.79 41.11
C VAL A 503 -45.84 2.04 40.80
N GLY A 504 -46.51 3.12 40.39
CA GLY A 504 -45.81 4.38 40.18
C GLY A 504 -45.30 4.96 41.49
N TYR A 505 -46.06 4.77 42.57
CA TYR A 505 -45.68 5.35 43.86
C TYR A 505 -44.43 4.69 44.44
N GLN A 506 -44.30 3.37 44.30
CA GLN A 506 -43.28 2.59 44.97
C GLN A 506 -41.88 2.96 44.48
N PRO A 507 -40.88 2.91 45.36
CA PRO A 507 -39.50 3.21 44.97
C PRO A 507 -38.76 1.97 44.49
N TYR A 508 -37.66 2.21 43.80
CA TYR A 508 -36.87 1.15 43.18
C TYR A 508 -35.41 1.34 43.53
N ARG A 509 -34.71 0.22 43.76
CA ARG A 509 -33.28 0.27 44.03
C ARG A 509 -32.52 0.37 42.70
N VAL A 510 -31.59 1.32 42.63
CA VAL A 510 -30.96 1.72 41.38
C VAL A 510 -29.46 1.53 41.48
N VAL A 511 -28.85 1.00 40.43
CA VAL A 511 -27.40 0.88 40.31
C VAL A 511 -27.00 1.41 38.93
N VAL A 512 -25.97 2.27 38.91
CA VAL A 512 -25.49 2.88 37.69
C VAL A 512 -24.07 2.39 37.43
N LEU A 513 -23.80 1.95 36.20
CA LEU A 513 -22.51 1.41 35.81
C LEU A 513 -21.83 2.35 34.82
N SER A 514 -20.54 2.56 35.00
CA SER A 514 -19.76 3.45 34.15
C SER A 514 -18.46 2.76 33.77
N PHE A 515 -17.91 3.19 32.62
CA PHE A 515 -16.68 2.62 32.08
C PHE A 515 -15.72 3.74 31.72
N GLU A 516 -14.44 3.54 32.04
CA GLU A 516 -13.39 4.50 31.71
C GLU A 516 -12.39 3.85 30.77
N LEU A 517 -12.07 4.56 29.68
CA LEU A 517 -11.06 4.13 28.71
C LEU A 517 -10.11 5.30 28.50
N LEU A 518 -9.10 5.40 29.36
CA LEU A 518 -8.12 6.48 29.30
C LEU A 518 -6.72 5.88 29.28
N HIS A 519 -5.71 6.75 29.28
CA HIS A 519 -4.31 6.33 29.23
C HIS A 519 -3.88 5.88 30.62
N ALA A 520 -4.44 4.74 31.02
CA ALA A 520 -4.17 4.14 32.33
C ALA A 520 -4.28 2.63 32.19
N PRO A 521 -3.60 1.87 33.05
CA PRO A 521 -3.66 0.40 32.95
C PRO A 521 -5.08 -0.12 33.14
N ALA A 522 -5.43 -1.16 32.39
CA ALA A 522 -6.75 -1.76 32.46
C ALA A 522 -6.81 -2.74 33.63
N THR A 523 -7.83 -2.60 34.47
CA THR A 523 -7.97 -3.42 35.66
C THR A 523 -9.25 -4.24 35.67
N VAL A 524 -10.00 -4.28 34.59
CA VAL A 524 -11.26 -5.01 34.50
C VAL A 524 -11.13 -6.04 33.39
N CYS A 525 -11.42 -7.30 33.71
CA CYS A 525 -11.36 -8.38 32.74
C CYS A 525 -12.59 -9.27 32.90
N GLY A 526 -12.96 -9.93 31.81
CA GLY A 526 -14.13 -10.78 31.80
C GLY A 526 -13.85 -12.15 32.37
N PRO A 527 -14.83 -13.06 32.23
CA PRO A 527 -14.67 -14.41 32.79
C PRO A 527 -13.61 -15.20 32.02
N LYS A 528 -13.13 -16.25 32.69
CA LYS A 528 -12.08 -17.08 32.11
C LYS A 528 -12.62 -17.88 30.93
N LYS A 529 -11.90 -17.83 29.82
CA LYS A 529 -12.21 -18.62 28.63
C LYS A 529 -11.11 -19.66 28.46
N SER A 530 -11.42 -20.91 28.79
CA SER A 530 -10.43 -21.98 28.73
C SER A 530 -11.13 -23.31 28.52
N THR A 531 -10.35 -24.29 28.09
CA THR A 531 -10.84 -25.65 27.85
C THR A 531 -9.82 -26.64 28.41
N ASN A 532 -10.00 -27.92 28.09
CA ASN A 532 -9.09 -28.94 28.56
C ASN A 532 -7.73 -28.79 27.88
N LEU A 533 -6.69 -29.22 28.59
CA LEU A 533 -5.32 -29.15 28.09
C LEU A 533 -4.86 -30.55 27.69
N VAL A 534 -4.37 -30.67 26.45
CA VAL A 534 -4.02 -31.95 25.87
C VAL A 534 -2.55 -31.93 25.49
N LYS A 535 -1.95 -33.12 25.43
CA LYS A 535 -0.53 -33.28 25.20
C LYS A 535 -0.28 -34.17 23.99
N ASN A 536 0.98 -34.20 23.55
CA ASN A 536 1.50 -35.04 22.47
C ASN A 536 0.52 -35.14 21.30
N LYS A 537 0.19 -33.98 20.74
CA LYS A 537 -0.62 -33.91 19.53
C LYS A 537 -0.48 -32.50 18.96
N CYS A 538 -0.59 -32.41 17.64
CA CYS A 538 -0.40 -31.14 16.94
C CYS A 538 -1.59 -30.23 17.24
N VAL A 539 -1.37 -29.19 18.05
CA VAL A 539 -2.42 -28.27 18.48
C VAL A 539 -1.88 -26.85 18.44
N ASN A 540 -2.78 -25.89 18.67
CA ASN A 540 -2.44 -24.49 18.81
C ASN A 540 -2.73 -24.04 20.23
N PHE A 541 -1.83 -23.23 20.79
CA PHE A 541 -1.92 -22.83 22.19
C PHE A 541 -1.78 -21.32 22.30
N ASN A 542 -2.30 -20.79 23.41
CA ASN A 542 -2.15 -19.39 23.74
C ASN A 542 -1.71 -19.22 25.20
N ASN A 544 -2.44 -16.72 27.08
CA ASN A 544 -1.54 -16.17 28.09
C ASN A 544 -0.72 -15.03 27.53
N GLY A 545 -1.15 -14.49 26.39
CA GLY A 545 -0.46 -13.42 25.72
C GLY A 545 0.58 -13.85 24.72
N LEU A 546 0.88 -15.14 24.63
CA LEU A 546 1.83 -15.67 23.67
C LEU A 546 1.22 -16.92 23.02
N THR A 547 1.45 -17.07 21.72
CA THR A 547 0.87 -18.15 20.95
C THR A 547 1.95 -18.98 20.28
N GLY A 548 1.53 -20.02 19.58
CA GLY A 548 2.45 -20.88 18.86
C GLY A 548 1.76 -22.15 18.43
N THR A 549 2.47 -22.91 17.61
CA THR A 549 1.97 -24.17 17.07
C THR A 549 3.01 -25.25 17.30
N GLY A 550 2.54 -26.46 17.56
CA GLY A 550 3.42 -27.59 17.80
C GLY A 550 2.69 -28.64 18.62
N VAL A 551 3.47 -29.39 19.41
CA VAL A 551 2.94 -30.43 20.28
C VAL A 551 3.43 -30.16 21.70
N LEU A 552 2.51 -30.13 22.66
CA LEU A 552 2.86 -29.93 24.05
C LEU A 552 3.39 -31.24 24.62
N THR A 553 4.60 -31.20 25.17
CA THR A 553 5.24 -32.38 25.74
C THR A 553 5.70 -32.07 27.16
N GLU A 554 5.74 -33.11 27.99
CA GLU A 554 6.13 -32.95 29.38
C GLU A 554 7.60 -32.55 29.48
N SER A 555 7.88 -31.64 30.40
CA SER A 555 9.23 -31.13 30.58
C SER A 555 9.98 -31.91 31.65
N ASN A 556 11.28 -31.66 31.74
CA ASN A 556 12.11 -32.25 32.79
C ASN A 556 13.05 -31.23 33.41
N LYS A 557 12.80 -29.94 33.21
CA LYS A 557 13.60 -28.86 33.78
C LYS A 557 12.76 -28.07 34.77
N LYS A 558 13.33 -27.81 35.94
CA LYS A 558 12.63 -27.05 36.96
C LYS A 558 12.61 -25.56 36.63
N PHE A 559 11.56 -24.88 37.10
CA PHE A 559 11.37 -23.46 36.83
C PHE A 559 11.21 -22.70 38.14
N LEU A 560 11.71 -21.48 38.15
CA LEU A 560 11.56 -20.62 39.31
C LEU A 560 10.11 -20.20 39.49
N PRO A 561 9.68 -19.91 40.73
CA PRO A 561 8.27 -19.55 40.94
C PRO A 561 7.81 -18.33 40.14
N PHE A 562 8.68 -17.35 39.93
CA PHE A 562 8.27 -16.14 39.21
C PHE A 562 8.13 -16.37 37.72
N GLN A 563 8.76 -17.40 37.18
CA GLN A 563 8.75 -17.62 35.74
C GLN A 563 7.39 -18.11 35.27
N GLN A 564 7.06 -17.78 34.03
CA GLN A 564 5.80 -18.20 33.42
C GLN A 564 6.01 -19.11 32.22
N PHE A 565 6.84 -18.69 31.26
CA PHE A 565 7.17 -19.50 30.10
C PHE A 565 8.66 -19.41 29.83
N GLY A 566 9.21 -20.46 29.23
CA GLY A 566 10.64 -20.56 28.98
C GLY A 566 10.95 -20.29 27.51
N ARG A 567 11.90 -19.39 27.29
CA ARG A 567 12.39 -19.04 25.95
C ARG A 567 13.84 -19.47 25.84
N ASP A 568 14.14 -20.28 24.83
CA ASP A 568 15.47 -20.85 24.63
C ASP A 568 16.21 -20.05 23.56
N ILE A 569 17.34 -20.60 23.10
CA ILE A 569 18.23 -19.96 22.14
C ILE A 569 17.47 -19.50 20.91
N ALA A 570 18.00 -18.46 20.25
CA ALA A 570 17.40 -17.81 19.09
C ALA A 570 16.13 -17.05 19.44
N ASP A 571 15.93 -16.75 20.74
CA ASP A 571 14.77 -15.99 21.21
C ASP A 571 13.47 -16.62 20.73
N THR A 572 13.40 -17.94 20.76
CA THR A 572 12.26 -18.70 20.27
C THR A 572 11.57 -19.39 21.44
N THR A 573 10.24 -19.48 21.37
CA THR A 573 9.48 -20.13 22.42
C THR A 573 9.92 -21.58 22.59
N ASP A 574 10.13 -21.98 23.84
CA ASP A 574 10.62 -23.32 24.16
C ASP A 574 9.71 -24.08 25.11
N ALA A 575 9.10 -23.40 26.08
CA ALA A 575 8.29 -24.09 27.06
C ALA A 575 7.35 -23.09 27.73
N VAL A 576 6.24 -23.61 28.25
CA VAL A 576 5.28 -22.84 29.01
C VAL A 576 4.92 -23.63 30.26
N ARG A 577 4.42 -22.92 31.27
CA ARG A 577 3.90 -23.55 32.46
C ARG A 577 2.39 -23.35 32.52
N ASP A 578 1.68 -24.40 32.87
CA ASP A 578 0.23 -24.34 32.93
C ASP A 578 -0.20 -23.62 34.20
N PRO A 579 -1.02 -22.57 34.10
CA PRO A 579 -1.48 -21.90 35.32
C PRO A 579 -2.25 -22.81 36.27
N GLN A 580 -2.74 -23.95 35.80
CA GLN A 580 -3.37 -24.94 36.66
C GLN A 580 -2.31 -25.92 37.15
N THR A 581 -2.20 -26.05 38.48
CA THR A 581 -1.33 -27.04 39.13
C THR A 581 0.14 -26.70 38.93
N LEU A 582 0.41 -25.66 38.13
CA LEU A 582 1.72 -25.03 38.00
C LEU A 582 2.80 -25.98 37.50
N GLU A 583 2.46 -26.99 36.72
CA GLU A 583 3.50 -27.82 36.10
C GLU A 583 4.05 -27.11 34.86
N ILE A 584 5.06 -27.71 34.26
CA ILE A 584 5.80 -27.11 33.14
C ILE A 584 5.73 -28.04 31.95
N LEU A 585 5.36 -27.49 30.79
CA LEU A 585 5.26 -28.24 29.55
C LEU A 585 6.19 -27.65 28.51
N ASP A 586 6.94 -28.51 27.82
CA ASP A 586 7.83 -28.09 26.75
C ASP A 586 7.10 -28.07 25.41
N ILE A 587 7.56 -27.21 24.52
CA ILE A 587 7.03 -27.15 23.15
C ILE A 587 8.16 -27.39 22.17
N THR A 588 7.84 -28.14 21.11
CA THR A 588 8.69 -28.31 19.96
C THR A 588 7.83 -28.06 18.74
N PRO A 589 8.39 -27.47 17.68
CA PRO A 589 7.59 -27.23 16.46
C PRO A 589 7.09 -28.54 15.87
N CYS A 590 5.92 -28.46 15.25
CA CYS A 590 5.31 -29.64 14.65
C CYS A 590 6.24 -30.27 13.63
N SER A 591 6.35 -31.59 13.67
CA SER A 591 7.26 -32.31 12.78
C SER A 591 6.88 -32.05 11.33
N PHE A 592 7.91 -31.82 10.51
CA PHE A 592 7.71 -31.42 9.13
C PHE A 592 8.94 -31.80 8.33
N GLY A 593 8.93 -31.47 7.05
CA GLY A 593 10.04 -31.75 6.17
C GLY A 593 9.59 -31.81 4.73
N GLY A 594 10.54 -32.17 3.87
CA GLY A 594 10.24 -32.38 2.47
C GLY A 594 9.96 -33.82 2.14
N VAL A 595 9.41 -34.05 0.95
CA VAL A 595 9.10 -35.39 0.46
C VAL A 595 9.89 -35.63 -0.81
N SER A 596 10.45 -36.82 -0.94
CA SER A 596 11.27 -37.19 -2.09
C SER A 596 10.93 -38.61 -2.51
N VAL A 597 11.29 -38.94 -3.75
CA VAL A 597 11.00 -40.24 -4.34
C VAL A 597 12.29 -40.82 -4.91
N ILE A 598 12.27 -42.14 -5.12
CA ILE A 598 13.39 -42.86 -5.72
C ILE A 598 12.85 -43.73 -6.84
N THR A 599 13.45 -43.62 -8.02
CA THR A 599 13.07 -44.45 -9.16
C THR A 599 14.31 -44.94 -9.89
N PRO A 600 14.29 -46.19 -10.38
CA PRO A 600 15.41 -46.65 -11.22
C PRO A 600 15.38 -46.06 -12.61
N GLY A 601 14.25 -45.51 -13.05
CA GLY A 601 14.11 -44.97 -14.39
C GLY A 601 12.83 -45.40 -15.06
N THR A 602 12.22 -44.49 -15.82
CA THR A 602 10.99 -44.83 -16.55
C THR A 602 11.25 -45.93 -17.57
N ASN A 603 12.37 -45.85 -18.28
CA ASN A 603 12.65 -46.83 -19.33
C ASN A 603 12.86 -48.23 -18.76
N THR A 604 13.09 -48.36 -17.46
CA THR A 604 13.27 -49.65 -16.82
C THR A 604 11.99 -50.17 -16.16
N SER A 605 11.38 -49.37 -15.29
CA SER A 605 10.17 -49.79 -14.59
C SER A 605 9.27 -48.58 -14.39
N ASN A 606 8.16 -48.80 -13.67
CA ASN A 606 7.18 -47.74 -13.47
C ASN A 606 6.69 -47.75 -12.02
N GLN A 607 7.44 -48.33 -11.10
CA GLN A 607 7.10 -48.35 -9.69
C GLN A 607 8.18 -47.62 -8.91
N VAL A 608 7.76 -46.81 -7.92
CA VAL A 608 8.66 -45.90 -7.24
C VAL A 608 8.47 -46.04 -5.73
N ALA A 609 9.45 -45.50 -4.99
CA ALA A 609 9.41 -45.40 -3.54
C ALA A 609 9.36 -43.94 -3.14
N VAL A 610 9.15 -43.70 -1.85
CA VAL A 610 8.94 -42.35 -1.32
C VAL A 610 9.76 -42.15 -0.06
N LEU A 611 10.31 -40.94 0.09
CA LEU A 611 11.05 -40.53 1.28
C LEU A 611 10.28 -39.44 2.01
N TYR A 612 10.31 -39.49 3.35
CA TYR A 612 9.60 -38.51 4.17
C TYR A 612 10.52 -37.74 5.11
N GLN A 613 11.84 -37.90 4.99
CA GLN A 613 12.84 -37.11 5.72
C GLN A 613 12.64 -37.26 7.22
N ASP A 614 12.55 -36.17 7.99
CA ASP A 614 12.76 -36.24 9.43
C ASP A 614 11.63 -36.97 10.16
N VAL A 615 10.42 -36.96 9.60
CA VAL A 615 9.25 -37.39 10.36
C VAL A 615 9.36 -38.86 10.77
N ASN A 616 8.76 -39.18 11.91
CA ASN A 616 8.65 -40.55 12.37
C ASN A 616 7.64 -41.31 11.53
N CYS A 617 7.77 -42.65 11.54
CA CYS A 617 6.89 -43.48 10.73
C CYS A 617 5.44 -43.38 11.17
N THR A 618 5.20 -42.98 12.42
CA THR A 618 3.82 -42.92 12.92
C THR A 618 3.02 -41.82 12.23
N GLU A 619 3.65 -40.69 11.95
CA GLU A 619 2.94 -39.49 11.52
C GLU A 619 2.74 -39.41 10.01
N VAL A 620 3.10 -40.46 9.27
CA VAL A 620 2.99 -40.41 7.81
C VAL A 620 1.57 -40.21 7.29
N PRO A 621 0.55 -40.93 7.78
CA PRO A 621 -0.73 -40.93 7.06
C PRO A 621 -1.59 -39.70 7.31
N VAL A 622 -1.22 -38.81 8.23
CA VAL A 622 -2.06 -37.67 8.54
C VAL A 622 -2.20 -36.74 7.35
N ALA A 623 -1.10 -36.45 6.66
CA ALA A 623 -1.14 -35.58 5.50
C ALA A 623 -0.26 -36.11 4.37
N TRP A 633 -3.64 -38.94 -2.25
CA TRP A 633 -2.28 -39.15 -1.77
C TRP A 633 -2.26 -40.13 -0.61
N ARG A 634 -3.45 -40.49 -0.12
CA ARG A 634 -3.56 -41.42 0.99
C ARG A 634 -3.08 -42.82 0.63
N VAL A 635 -2.90 -43.11 -0.67
CA VAL A 635 -2.33 -44.38 -1.08
C VAL A 635 -0.87 -44.45 -0.63
N TYR A 636 -0.33 -45.67 -0.64
CA TYR A 636 1.04 -45.95 -0.17
C TYR A 636 1.19 -45.58 1.31
N SER A 637 0.40 -46.26 2.13
CA SER A 637 0.48 -46.09 3.58
C SER A 637 0.42 -47.43 4.31
N THR A 638 0.69 -48.54 3.63
CA THR A 638 0.64 -49.85 4.25
C THR A 638 1.79 -50.01 5.25
N GLY A 639 1.48 -50.59 6.40
CA GLY A 639 2.44 -50.78 7.47
C GLY A 639 3.15 -52.12 7.48
N SER A 640 2.93 -52.97 6.49
CA SER A 640 3.57 -54.28 6.44
C SER A 640 4.96 -54.26 5.82
N ASN A 641 5.36 -53.15 5.21
CA ASN A 641 6.66 -53.08 4.55
C ASN A 641 7.39 -51.77 4.81
N VAL A 642 6.93 -50.95 5.75
CA VAL A 642 7.60 -49.69 6.03
C VAL A 642 8.92 -49.96 6.74
N PHE A 643 9.91 -49.12 6.46
CA PHE A 643 11.22 -49.19 7.09
C PHE A 643 11.51 -47.90 7.83
N GLN A 644 12.56 -47.93 8.65
CA GLN A 644 12.99 -46.78 9.42
C GLN A 644 14.51 -46.64 9.31
N THR A 645 14.97 -45.43 9.02
CA THR A 645 16.39 -45.14 8.91
C THR A 645 16.71 -43.85 9.64
N ARG A 646 17.97 -43.72 10.06
CA ARG A 646 18.44 -42.46 10.61
C ARG A 646 18.26 -41.32 9.60
N ALA A 647 18.38 -41.64 8.30
CA ALA A 647 18.07 -40.65 7.28
C ALA A 647 16.60 -40.25 7.33
N GLY A 648 15.72 -41.22 7.53
CA GLY A 648 14.30 -40.91 7.64
C GLY A 648 13.45 -42.15 7.44
N CYS A 649 12.16 -41.91 7.24
CA CYS A 649 11.19 -42.96 7.02
C CYS A 649 11.07 -43.25 5.53
N LEU A 650 11.13 -44.52 5.17
CA LEU A 650 11.07 -44.96 3.79
C LEU A 650 9.92 -45.94 3.60
N ILE A 651 9.18 -45.77 2.51
CA ILE A 651 8.00 -46.57 2.22
C ILE A 651 8.11 -47.11 0.80
N GLY A 652 7.39 -48.20 0.53
CA GLY A 652 7.40 -48.82 -0.77
C GLY A 652 8.44 -49.91 -0.91
N ALA A 653 9.70 -49.56 -0.72
CA ALA A 653 10.79 -50.51 -0.88
C ALA A 653 10.78 -51.54 0.26
N GLU A 654 11.52 -52.63 0.03
CA GLU A 654 11.72 -53.66 1.04
C GLU A 654 13.19 -53.72 1.41
N HIS A 655 13.48 -53.67 2.71
CA HIS A 655 14.85 -53.69 3.18
C HIS A 655 15.48 -55.06 2.99
N VAL A 656 16.76 -55.06 2.63
CA VAL A 656 17.53 -56.29 2.41
C VAL A 656 18.80 -56.22 3.26
N ASN A 657 19.14 -57.34 3.90
CA ASN A 657 20.35 -57.40 4.70
C ASN A 657 21.60 -57.43 3.82
N ASN A 658 21.48 -57.96 2.60
CA ASN A 658 22.63 -58.07 1.72
C ASN A 658 23.12 -56.69 1.31
N SER A 659 24.43 -56.56 1.16
CA SER A 659 25.05 -55.31 0.75
C SER A 659 25.21 -55.27 -0.76
N TYR A 660 25.20 -54.05 -1.30
CA TYR A 660 25.32 -53.84 -2.74
C TYR A 660 26.01 -52.50 -3.00
N GLU A 661 26.60 -52.39 -4.18
CA GLU A 661 27.32 -51.18 -4.53
C GLU A 661 26.36 -50.00 -4.73
N CYS A 662 26.89 -48.79 -4.62
CA CYS A 662 26.08 -47.59 -4.55
C CYS A 662 25.58 -47.18 -5.94
N ASP A 663 24.26 -47.00 -6.04
CA ASP A 663 23.64 -46.51 -7.27
C ASP A 663 22.86 -45.22 -7.09
N ILE A 664 22.00 -45.14 -6.07
CA ILE A 664 21.29 -43.92 -5.73
C ILE A 664 21.43 -43.67 -4.23
N PRO A 665 22.06 -42.59 -3.81
CA PRO A 665 22.29 -42.36 -2.38
C PRO A 665 21.15 -41.65 -1.66
N ILE A 666 20.58 -42.32 -0.65
CA ILE A 666 19.81 -41.65 0.37
C ILE A 666 20.73 -41.46 1.56
N GLY A 667 20.47 -40.44 2.38
CA GLY A 667 21.34 -40.09 3.48
C GLY A 667 21.68 -41.21 4.44
N ALA A 668 22.70 -40.99 5.27
CA ALA A 668 23.12 -41.96 6.29
C ALA A 668 23.47 -43.31 5.70
N GLY A 669 24.04 -43.30 4.51
CA GLY A 669 24.52 -44.54 3.90
C GLY A 669 23.44 -45.57 3.62
N ILE A 670 22.29 -45.13 3.11
CA ILE A 670 21.22 -46.03 2.72
C ILE A 670 20.97 -45.80 1.23
N CYS A 671 21.13 -46.85 0.43
CA CYS A 671 21.00 -46.75 -1.01
C CYS A 671 19.84 -47.60 -1.49
N ALA A 672 19.17 -47.13 -2.54
CA ALA A 672 18.00 -47.79 -3.10
C ALA A 672 18.31 -48.27 -4.51
N SER A 673 17.95 -49.53 -4.79
CA SER A 673 18.22 -50.14 -6.08
C SER A 673 17.02 -50.98 -6.50
N TYR A 674 16.95 -51.27 -7.79
CA TYR A 674 15.91 -52.11 -8.35
C TYR A 674 16.50 -53.48 -8.67
N GLN A 675 15.92 -54.52 -8.08
CA GLN A 675 16.44 -55.88 -8.24
C GLN A 675 15.75 -56.59 -9.39
N GLN A 690 12.46 -56.63 -9.97
CA GLN A 690 11.02 -56.76 -9.84
C GLN A 690 10.45 -55.76 -8.84
N SER A 691 11.32 -55.19 -8.02
CA SER A 691 10.92 -54.21 -7.03
C SER A 691 12.14 -53.38 -6.62
N ILE A 692 11.88 -52.34 -5.85
CA ILE A 692 12.91 -51.44 -5.34
C ILE A 692 13.27 -51.90 -3.92
N ILE A 693 14.56 -51.91 -3.62
CA ILE A 693 15.04 -52.37 -2.32
C ILE A 693 15.89 -51.29 -1.68
N ALA A 694 15.95 -51.32 -0.35
CA ALA A 694 16.77 -50.41 0.44
C ALA A 694 17.73 -51.21 1.29
N TYR A 695 18.94 -50.69 1.47
CA TYR A 695 19.99 -51.45 2.14
C TYR A 695 21.08 -50.51 2.61
N THR A 696 21.82 -50.95 3.63
CA THR A 696 22.92 -50.16 4.16
C THR A 696 24.04 -50.06 3.13
N MET A 697 24.74 -48.93 3.14
CA MET A 697 25.81 -48.69 2.19
C MET A 697 26.87 -49.78 2.28
N SER A 698 27.29 -50.28 1.13
CA SER A 698 28.38 -51.24 1.05
C SER A 698 29.68 -50.50 0.81
N LEU A 699 30.66 -50.75 1.68
CA LEU A 699 31.91 -49.99 1.62
C LEU A 699 32.64 -50.25 0.31
N GLY A 700 32.49 -51.44 -0.24
CA GLY A 700 33.18 -51.84 -1.46
C GLY A 700 33.63 -53.29 -1.36
N ALA A 701 34.09 -53.87 -2.47
CA ALA A 701 34.52 -55.25 -2.44
C ALA A 701 35.77 -55.40 -1.57
N GLU A 702 35.83 -56.48 -0.81
CA GLU A 702 36.90 -56.71 0.15
C GLU A 702 37.99 -57.54 -0.50
N ASN A 703 39.20 -57.00 -0.55
CA ASN A 703 40.36 -57.68 -1.10
C ASN A 703 41.48 -57.56 -0.08
N SER A 704 41.96 -58.71 0.41
CA SER A 704 43.00 -58.75 1.44
C SER A 704 44.32 -59.13 0.79
N VAL A 705 45.34 -58.29 0.98
CA VAL A 705 46.68 -58.58 0.48
C VAL A 705 47.38 -59.49 1.47
N ALA A 706 48.49 -60.09 1.05
CA ALA A 706 49.30 -60.94 1.91
C ALA A 706 50.64 -60.26 2.15
N TYR A 707 51.03 -60.15 3.42
CA TYR A 707 52.23 -59.43 3.80
C TYR A 707 53.25 -60.36 4.44
N SER A 708 54.52 -60.01 4.27
CA SER A 708 55.63 -60.67 4.94
C SER A 708 56.80 -59.71 4.96
N ASN A 709 57.81 -60.05 5.75
CA ASN A 709 59.05 -59.29 5.77
C ASN A 709 60.08 -59.83 4.78
N ASN A 710 59.70 -60.83 3.97
CA ASN A 710 60.63 -61.45 3.04
C ASN A 710 60.00 -61.72 1.68
N SER A 711 58.88 -61.08 1.36
CA SER A 711 58.17 -61.32 0.11
C SER A 711 57.86 -60.01 -0.60
N ILE A 712 57.97 -60.02 -1.92
CA ILE A 712 57.66 -58.86 -2.74
C ILE A 712 56.83 -59.32 -3.94
N ALA A 713 55.98 -58.43 -4.42
CA ALA A 713 55.17 -58.70 -5.61
C ALA A 713 55.71 -57.90 -6.79
N ILE A 714 55.69 -58.51 -7.96
CA ILE A 714 56.13 -57.86 -9.19
C ILE A 714 55.18 -58.25 -10.32
N PRO A 715 54.76 -57.29 -11.14
CA PRO A 715 53.98 -57.66 -12.33
C PRO A 715 54.87 -58.22 -13.42
N THR A 716 54.37 -59.26 -14.07
CA THR A 716 55.05 -59.86 -15.22
C THR A 716 54.52 -59.34 -16.55
N ASN A 717 53.49 -58.52 -16.52
CA ASN A 717 52.84 -58.07 -17.74
C ASN A 717 52.10 -56.78 -17.45
N PHE A 718 51.68 -56.10 -18.51
CA PHE A 718 51.11 -54.77 -18.41
C PHE A 718 50.06 -54.59 -19.49
N THR A 719 49.11 -53.68 -19.22
CA THR A 719 48.08 -53.34 -20.20
C THR A 719 48.00 -51.82 -20.31
N ILE A 720 48.06 -51.32 -21.54
CA ILE A 720 47.90 -49.89 -21.79
C ILE A 720 46.42 -49.57 -21.96
N SER A 721 45.93 -48.60 -21.20
CA SER A 721 44.52 -48.26 -21.19
C SER A 721 44.34 -46.77 -21.43
N VAL A 722 43.12 -46.40 -21.81
CA VAL A 722 42.75 -45.01 -22.02
C VAL A 722 41.50 -44.71 -21.20
N THR A 723 41.50 -43.58 -20.51
CA THR A 723 40.35 -43.13 -19.74
C THR A 723 40.08 -41.67 -20.04
N THR A 724 38.81 -41.32 -20.13
CA THR A 724 38.45 -39.94 -20.43
C THR A 724 38.44 -39.09 -19.18
N GLU A 725 38.43 -37.78 -19.40
CA GLU A 725 38.26 -36.81 -18.33
C GLU A 725 37.75 -35.52 -18.96
N ILE A 726 36.83 -34.86 -18.27
CA ILE A 726 36.10 -33.73 -18.83
C ILE A 726 36.27 -32.53 -17.91
N LEU A 727 36.59 -31.39 -18.49
CA LEU A 727 36.73 -30.16 -17.73
C LEU A 727 36.03 -29.01 -18.46
N PRO A 728 35.06 -28.35 -17.83
CA PRO A 728 34.42 -27.21 -18.48
C PRO A 728 35.31 -25.97 -18.44
N VAL A 729 35.31 -25.23 -19.56
CA VAL A 729 36.19 -24.07 -19.66
C VAL A 729 35.45 -22.80 -20.09
N SER A 730 34.29 -22.89 -20.72
CA SER A 730 33.63 -21.72 -21.26
C SER A 730 32.12 -21.83 -21.10
N MET A 731 31.49 -20.73 -20.75
CA MET A 731 30.04 -20.63 -20.74
C MET A 731 29.61 -19.48 -21.65
N THR A 732 28.44 -19.64 -22.27
CA THR A 732 27.95 -18.61 -23.17
C THR A 732 27.73 -17.30 -22.41
N LYS A 733 28.59 -16.33 -22.68
CA LYS A 733 28.52 -15.07 -21.96
C LYS A 733 27.25 -14.32 -22.33
N THR A 734 26.69 -13.62 -21.34
CA THR A 734 25.41 -12.94 -21.51
C THR A 734 25.53 -11.48 -21.11
N SER A 735 24.83 -10.60 -21.83
CA SER A 735 24.68 -9.21 -21.46
C SER A 735 23.22 -8.82 -21.60
N VAL A 736 22.77 -7.91 -20.74
CA VAL A 736 21.36 -7.57 -20.65
C VAL A 736 21.19 -6.06 -20.75
N ASP A 737 20.27 -5.63 -21.60
CA ASP A 737 19.84 -4.24 -21.64
C ASP A 737 18.92 -3.99 -20.45
N CYS A 738 19.56 -3.74 -19.30
CA CYS A 738 18.84 -3.62 -18.03
C CYS A 738 17.78 -2.53 -18.07
N THR A 739 18.02 -1.44 -18.82
CA THR A 739 16.98 -0.43 -18.97
C THR A 739 15.74 -1.02 -19.61
N MET A 740 15.92 -1.77 -20.70
CA MET A 740 14.80 -2.44 -21.34
C MET A 740 14.17 -3.48 -20.44
N TYR A 741 14.99 -4.26 -19.73
CA TYR A 741 14.45 -5.33 -18.89
C TYR A 741 13.59 -4.78 -17.76
N ILE A 742 14.04 -3.71 -17.11
CA ILE A 742 13.30 -3.19 -15.97
C ILE A 742 12.18 -2.27 -16.42
N CYS A 743 12.53 -1.19 -17.14
CA CYS A 743 11.55 -0.16 -17.45
C CYS A 743 10.58 -0.56 -18.56
N GLY A 744 10.99 -1.44 -19.47
CA GLY A 744 10.12 -1.83 -20.57
C GLY A 744 9.80 -0.69 -21.52
N ASP A 745 10.86 -0.06 -22.04
CA ASP A 745 10.84 1.01 -23.04
C ASP A 745 9.72 2.04 -22.82
N SER A 746 9.44 2.35 -21.55
CA SER A 746 8.44 3.35 -21.19
C SER A 746 9.14 4.62 -20.75
N THR A 747 8.71 5.77 -21.28
CA THR A 747 9.41 7.02 -21.05
C THR A 747 9.42 7.41 -19.57
N GLU A 748 8.25 7.44 -18.94
CA GLU A 748 8.18 7.82 -17.54
C GLU A 748 8.85 6.78 -16.65
N CYS A 749 8.71 5.50 -17.00
CA CYS A 749 9.40 4.46 -16.24
C CYS A 749 10.92 4.60 -16.35
N SER A 750 11.42 4.89 -17.56
CA SER A 750 12.86 5.12 -17.72
C SER A 750 13.30 6.34 -16.93
N ASN A 751 12.48 7.39 -16.91
CA ASN A 751 12.83 8.59 -16.15
C ASN A 751 12.91 8.30 -14.66
N LEU A 752 11.97 7.50 -14.14
CA LEU A 752 11.93 7.24 -12.70
C LEU A 752 13.13 6.45 -12.23
N LEU A 753 13.54 5.43 -13.00
CA LEU A 753 14.63 4.56 -12.55
C LEU A 753 15.94 5.32 -12.40
N LEU A 754 16.11 6.43 -13.13
CA LEU A 754 17.31 7.23 -13.01
C LEU A 754 17.49 7.78 -11.59
N GLN A 755 16.42 7.84 -10.80
CA GLN A 755 16.50 8.28 -9.42
C GLN A 755 17.10 7.23 -8.49
N TYR A 756 17.25 5.98 -8.95
CA TYR A 756 17.87 4.94 -8.14
C TYR A 756 19.37 4.80 -8.36
N GLY A 757 20.01 5.79 -8.95
CA GLY A 757 21.47 5.87 -8.97
C GLY A 757 22.07 5.19 -10.18
N SER A 758 22.99 4.26 -9.94
CA SER A 758 23.83 3.70 -11.02
C SER A 758 23.90 2.19 -10.96
N PHE A 759 22.87 1.51 -10.47
CA PHE A 759 22.82 0.05 -10.59
C PHE A 759 22.80 -0.35 -12.06
N CYS A 760 22.10 0.44 -12.88
CA CYS A 760 22.06 0.25 -14.32
C CYS A 760 23.45 -0.03 -14.91
N THR A 761 24.37 0.92 -14.76
CA THR A 761 25.68 0.77 -15.36
C THR A 761 26.55 -0.24 -14.62
N GLN A 762 26.39 -0.37 -13.31
CA GLN A 762 27.22 -1.29 -12.54
C GLN A 762 26.97 -2.74 -12.97
N LEU A 763 25.70 -3.12 -13.12
CA LEU A 763 25.41 -4.49 -13.52
C LEU A 763 25.92 -4.76 -14.94
N ASN A 764 25.76 -3.78 -15.83
CA ASN A 764 26.23 -3.94 -17.21
C ASN A 764 27.74 -4.14 -17.25
N ARG A 765 28.49 -3.33 -16.48
CA ARG A 765 29.94 -3.48 -16.48
C ARG A 765 30.36 -4.78 -15.83
N ALA A 766 29.63 -5.24 -14.81
CA ALA A 766 29.94 -6.55 -14.24
C ALA A 766 29.78 -7.66 -15.28
N LEU A 767 28.68 -7.61 -16.04
CA LEU A 767 28.46 -8.63 -17.06
C LEU A 767 29.51 -8.59 -18.17
N THR A 768 29.88 -7.37 -18.61
CA THR A 768 30.90 -7.29 -19.65
C THR A 768 32.26 -7.75 -19.13
N GLY A 769 32.54 -7.52 -17.85
CA GLY A 769 33.74 -8.10 -17.26
C GLY A 769 33.69 -9.62 -17.27
N ILE A 770 32.52 -10.19 -16.95
CA ILE A 770 32.35 -11.64 -17.04
C ILE A 770 32.70 -12.13 -18.44
N ALA A 771 32.17 -11.47 -19.46
CA ALA A 771 32.36 -11.91 -20.84
C ALA A 771 33.84 -11.85 -21.24
N VAL A 772 34.49 -10.71 -20.97
CA VAL A 772 35.88 -10.56 -21.37
C VAL A 772 36.77 -11.53 -20.61
N GLU A 773 36.46 -11.76 -19.32
CA GLU A 773 37.23 -12.72 -18.55
C GLU A 773 37.07 -14.13 -19.10
N GLN A 774 35.86 -14.50 -19.50
CA GLN A 774 35.63 -15.84 -20.05
C GLN A 774 36.40 -16.04 -21.35
N ASP A 775 36.38 -15.02 -22.23
CA ASP A 775 37.13 -15.13 -23.48
C ASP A 775 38.63 -15.23 -23.21
N LYS A 776 39.15 -14.38 -22.32
CA LYS A 776 40.56 -14.49 -21.95
C LYS A 776 40.86 -15.85 -21.33
N ASN A 777 39.89 -16.44 -20.64
CA ASN A 777 40.09 -17.74 -20.01
C ASN A 777 40.26 -18.84 -21.05
N THR A 778 39.35 -18.89 -22.03
CA THR A 778 39.50 -19.92 -23.06
C THR A 778 40.78 -19.70 -23.86
N GLN A 779 41.16 -18.44 -24.09
CA GLN A 779 42.44 -18.17 -24.74
C GLN A 779 43.60 -18.68 -23.89
N GLU A 780 43.55 -18.46 -22.58
CA GLU A 780 44.62 -18.90 -21.70
C GLU A 780 44.71 -20.42 -21.69
N VAL A 781 43.60 -21.11 -21.86
CA VAL A 781 43.62 -22.56 -21.80
C VAL A 781 44.10 -23.19 -23.10
N PHE A 782 43.61 -22.72 -24.26
CA PHE A 782 43.93 -23.43 -25.50
C PHE A 782 44.98 -22.79 -26.37
N ALA A 783 45.49 -21.61 -26.00
CA ALA A 783 46.51 -20.93 -26.81
C ALA A 783 47.88 -21.03 -26.17
N GLN A 784 48.16 -22.17 -25.54
CA GLN A 784 49.46 -22.36 -24.90
C GLN A 784 50.59 -22.44 -25.93
N VAL A 785 50.36 -23.12 -27.04
CA VAL A 785 51.40 -23.26 -28.05
C VAL A 785 51.51 -21.96 -28.85
N LYS A 786 52.75 -21.59 -29.19
CA LYS A 786 52.96 -20.38 -29.96
C LYS A 786 52.80 -20.61 -31.45
N GLN A 787 53.06 -21.82 -31.93
CA GLN A 787 53.05 -22.14 -33.35
C GLN A 787 51.91 -23.12 -33.65
N ILE A 788 51.79 -23.47 -34.93
CA ILE A 788 50.75 -24.38 -35.41
C ILE A 788 51.45 -25.41 -36.29
N TYR A 789 51.78 -26.55 -35.71
CA TYR A 789 52.40 -27.61 -36.48
C TYR A 789 51.35 -28.39 -37.27
N LYS A 790 51.83 -29.16 -38.23
CA LYS A 790 50.97 -29.99 -39.06
C LYS A 790 51.53 -31.41 -39.09
N THR A 791 50.66 -32.39 -38.88
CA THR A 791 51.06 -33.78 -39.00
C THR A 791 51.51 -34.04 -40.44
N PRO A 792 52.53 -34.88 -40.65
CA PRO A 792 52.93 -35.19 -42.01
C PRO A 792 51.82 -35.94 -42.73
N PRO A 793 51.70 -35.76 -44.05
CA PRO A 793 50.60 -36.42 -44.78
C PRO A 793 50.64 -37.94 -44.66
N ILE A 794 51.83 -38.52 -44.60
CA ILE A 794 51.99 -39.96 -44.44
C ILE A 794 52.01 -40.29 -42.96
N LYS A 795 51.41 -41.42 -42.59
CA LYS A 795 51.18 -41.73 -41.18
C LYS A 795 51.70 -43.11 -40.78
N ASP A 796 52.93 -43.44 -41.14
CA ASP A 796 53.53 -44.71 -40.71
C ASP A 796 54.31 -44.46 -39.42
N PHE A 797 53.60 -44.57 -38.30
CA PHE A 797 54.22 -44.41 -36.98
C PHE A 797 54.53 -45.77 -36.37
N GLY A 798 55.38 -46.53 -37.06
CA GLY A 798 55.90 -47.77 -36.55
C GLY A 798 54.85 -48.80 -36.14
N GLY A 799 53.70 -48.78 -36.81
CA GLY A 799 52.60 -49.67 -36.49
C GLY A 799 51.50 -49.03 -35.66
N PHE A 800 51.73 -47.85 -35.12
CA PHE A 800 50.71 -47.15 -34.37
C PHE A 800 49.64 -46.60 -35.31
N ASN A 801 48.65 -45.92 -34.74
CA ASN A 801 47.56 -45.39 -35.54
C ASN A 801 46.82 -44.34 -34.72
N PHE A 802 46.61 -43.17 -35.31
CA PHE A 802 45.97 -42.04 -34.63
C PHE A 802 44.67 -41.63 -35.30
N SER A 803 44.07 -42.52 -36.10
CA SER A 803 42.97 -42.15 -36.98
C SER A 803 41.73 -41.68 -36.21
N GLN A 804 41.55 -42.10 -34.97
CA GLN A 804 40.37 -41.71 -34.20
C GLN A 804 40.51 -40.35 -33.54
N ILE A 805 41.71 -39.77 -33.53
CA ILE A 805 41.95 -38.50 -32.87
C ILE A 805 42.58 -37.46 -33.79
N LEU A 806 43.29 -37.85 -34.83
CA LEU A 806 43.90 -36.89 -35.73
C LEU A 806 42.81 -36.24 -36.59
N PRO A 807 42.92 -34.95 -36.90
CA PRO A 807 41.92 -34.32 -37.75
C PRO A 807 41.81 -35.01 -39.11
N ASP A 808 40.58 -35.13 -39.61
CA ASP A 808 40.30 -35.87 -40.82
C ASP A 808 40.15 -34.91 -41.99
N PRO A 809 41.04 -34.95 -42.97
CA PRO A 809 40.90 -34.05 -44.13
C PRO A 809 39.62 -34.29 -44.92
N SER A 810 39.13 -35.53 -44.98
CA SER A 810 37.97 -35.82 -45.82
C SER A 810 36.69 -35.23 -45.26
N LYS A 811 36.62 -35.05 -43.94
CA LYS A 811 35.41 -34.53 -43.32
C LYS A 811 35.15 -33.10 -43.79
N PRO A 812 33.88 -32.69 -43.90
CA PRO A 812 33.59 -31.30 -44.29
C PRO A 812 34.20 -30.28 -43.35
N SER A 813 34.27 -30.58 -42.07
CA SER A 813 34.97 -29.76 -41.10
C SER A 813 36.33 -30.38 -40.77
N LYS A 814 37.26 -29.53 -40.36
CA LYS A 814 38.61 -29.97 -40.02
C LYS A 814 38.70 -30.68 -38.68
N ARG A 815 37.57 -31.07 -38.10
CA ARG A 815 37.56 -31.72 -36.80
C ARG A 815 37.98 -33.18 -36.93
N SER A 816 37.86 -33.92 -35.82
CA SER A 816 38.17 -35.33 -35.75
C SER A 816 36.91 -36.14 -35.43
N PRO A 817 36.86 -37.41 -35.81
CA PRO A 817 35.63 -38.20 -35.60
C PRO A 817 35.16 -38.23 -34.15
N ILE A 818 36.09 -38.31 -33.20
CA ILE A 818 35.71 -38.28 -31.80
C ILE A 818 35.05 -36.94 -31.46
N GLU A 819 35.61 -35.84 -31.97
CA GLU A 819 34.97 -34.54 -31.79
C GLU A 819 33.63 -34.50 -32.49
N ASP A 820 33.52 -35.15 -33.66
CA ASP A 820 32.24 -35.16 -34.37
C ASP A 820 31.16 -35.83 -33.53
N LEU A 821 31.46 -37.01 -32.98
CA LEU A 821 30.49 -37.69 -32.12
C LEU A 821 30.19 -36.84 -30.88
N LEU A 822 31.21 -36.23 -30.29
CA LEU A 822 31.00 -35.50 -29.06
C LEU A 822 30.14 -34.26 -29.28
N PHE A 823 30.34 -33.56 -30.40
CA PHE A 823 29.46 -32.46 -30.75
C PHE A 823 28.05 -32.93 -31.06
N ASN A 824 27.92 -34.04 -31.80
CA ASN A 824 26.60 -34.56 -32.12
C ASN A 824 25.83 -34.97 -30.88
N LYS A 825 26.54 -35.41 -29.84
CA LYS A 825 25.89 -35.81 -28.60
C LYS A 825 25.38 -34.60 -27.82
N VAL A 826 26.17 -33.53 -27.76
CA VAL A 826 25.85 -32.39 -26.91
C VAL A 826 24.86 -31.48 -27.63
N THR A 827 23.72 -31.23 -26.98
CA THR A 827 22.68 -30.31 -27.44
C THR A 827 21.65 -30.21 -26.32
N LEU A 828 21.05 -29.02 -26.20
CA LEU A 828 19.98 -28.81 -25.22
C LEU A 828 18.75 -29.64 -25.58
N ALA A 852 19.22 -20.89 -27.16
CA ALA A 852 18.20 -19.85 -27.07
C ALA A 852 18.41 -18.78 -28.13
N GLN A 853 17.58 -17.74 -28.10
CA GLN A 853 17.67 -16.64 -29.04
C GLN A 853 17.49 -15.33 -28.28
N LYS A 854 17.47 -14.22 -29.02
CA LYS A 854 17.21 -12.94 -28.39
C LYS A 854 15.71 -12.72 -28.20
N PHE A 855 15.29 -12.45 -26.96
CA PHE A 855 13.91 -12.11 -26.66
C PHE A 855 13.90 -10.97 -25.65
N ASN A 856 13.36 -9.82 -26.06
CA ASN A 856 12.99 -8.73 -25.15
C ASN A 856 14.20 -8.25 -24.35
N GLY A 857 15.17 -7.68 -25.06
CA GLY A 857 16.32 -7.05 -24.44
C GLY A 857 17.47 -7.98 -24.15
N LEU A 858 17.20 -9.25 -23.85
CA LEU A 858 18.25 -10.21 -23.58
C LEU A 858 19.13 -10.40 -24.81
N THR A 859 20.44 -10.49 -24.60
CA THR A 859 21.41 -10.57 -25.69
C THR A 859 22.37 -11.73 -25.44
N VAL A 860 22.94 -12.22 -26.54
CA VAL A 860 24.00 -13.22 -26.51
C VAL A 860 25.10 -12.78 -27.47
N LEU A 861 26.34 -12.95 -27.03
CA LEU A 861 27.47 -12.46 -27.81
C LEU A 861 28.29 -13.61 -28.36
N PRO A 862 28.82 -13.48 -29.59
CA PRO A 862 29.55 -14.59 -30.18
C PRO A 862 30.84 -14.86 -29.43
N PRO A 863 31.30 -16.11 -29.43
CA PRO A 863 32.57 -16.42 -28.75
C PRO A 863 33.76 -15.82 -29.49
N LEU A 864 34.84 -15.60 -28.73
CA LEU A 864 36.04 -15.00 -29.30
C LEU A 864 36.66 -15.89 -30.37
N LEU A 865 36.71 -17.20 -30.12
CA LEU A 865 37.30 -18.15 -31.05
C LEU A 865 36.21 -19.13 -31.51
N THR A 866 36.15 -19.36 -32.80
CA THR A 866 35.10 -20.24 -33.32
C THR A 866 35.54 -21.69 -33.24
N ASP A 867 34.59 -22.57 -33.55
CA ASP A 867 34.86 -24.01 -33.44
C ASP A 867 35.94 -24.45 -34.42
N GLU A 868 35.98 -23.88 -35.62
CA GLU A 868 37.05 -24.21 -36.57
C GLU A 868 38.42 -23.78 -36.02
N MET A 869 38.51 -22.60 -35.42
CA MET A 869 39.76 -22.12 -34.85
C MET A 869 40.20 -22.95 -33.64
N ILE A 870 39.25 -23.33 -32.78
CA ILE A 870 39.60 -24.14 -31.63
C ILE A 870 40.01 -25.53 -32.08
N ALA A 871 39.37 -26.04 -33.14
CA ALA A 871 39.75 -27.33 -33.68
C ALA A 871 41.14 -27.28 -34.28
N GLN A 872 41.48 -26.18 -34.95
CA GLN A 872 42.83 -26.05 -35.50
C GLN A 872 43.87 -25.97 -34.39
N TYR A 873 43.57 -25.26 -33.30
CA TYR A 873 44.46 -25.27 -32.14
C TYR A 873 44.68 -26.68 -31.59
N THR A 874 43.59 -27.44 -31.44
CA THR A 874 43.72 -28.81 -30.96
C THR A 874 44.57 -29.65 -31.92
N SER A 875 44.35 -29.47 -33.22
CA SER A 875 45.13 -30.21 -34.22
C SER A 875 46.62 -29.86 -34.12
N ALA A 876 46.93 -28.58 -33.94
CA ALA A 876 48.32 -28.16 -33.80
C ALA A 876 48.96 -28.81 -32.58
N LEU A 877 48.25 -28.78 -31.44
CA LEU A 877 48.77 -29.39 -30.22
C LEU A 877 48.96 -30.90 -30.37
N LEU A 878 48.00 -31.56 -31.02
CA LEU A 878 48.10 -32.99 -31.28
C LEU A 878 49.31 -33.31 -32.15
N ALA A 879 49.45 -32.61 -33.28
CA ALA A 879 50.57 -32.85 -34.17
C ALA A 879 51.88 -32.58 -33.46
N GLY A 880 51.93 -31.54 -32.62
CA GLY A 880 53.14 -31.24 -31.88
C GLY A 880 53.52 -32.36 -30.94
N THR A 881 52.58 -32.78 -30.09
CA THR A 881 52.91 -33.86 -29.16
C THR A 881 53.15 -35.19 -29.87
N ILE A 882 52.73 -35.33 -31.13
CA ILE A 882 53.00 -36.56 -31.88
C ILE A 882 54.40 -36.53 -32.48
N THR A 883 54.68 -35.53 -33.30
CA THR A 883 55.91 -35.54 -34.09
C THR A 883 57.15 -35.21 -33.27
N SER A 884 57.02 -34.40 -32.21
CA SER A 884 58.19 -33.90 -31.50
C SER A 884 58.23 -34.31 -30.05
N GLY A 885 57.12 -34.19 -29.33
CA GLY A 885 57.12 -34.39 -27.90
C GLY A 885 57.23 -33.08 -27.14
N TRP A 886 57.52 -33.20 -25.85
CA TRP A 886 57.51 -32.08 -24.92
C TRP A 886 58.47 -30.98 -25.33
N THR A 887 59.35 -31.28 -26.31
CA THR A 887 60.35 -30.32 -26.75
C THR A 887 59.70 -29.01 -27.22
N PHE A 888 58.66 -29.12 -28.05
CA PHE A 888 58.06 -27.91 -28.61
C PHE A 888 57.38 -27.07 -27.54
N GLY A 889 56.88 -27.71 -26.48
CA GLY A 889 56.39 -26.94 -25.34
C GLY A 889 57.47 -26.09 -24.71
N ALA A 890 58.70 -26.59 -24.69
CA ALA A 890 59.82 -25.86 -24.13
C ALA A 890 60.29 -24.76 -25.06
N GLY A 891 60.73 -25.13 -26.26
CA GLY A 891 61.22 -24.17 -27.22
C GLY A 891 60.87 -24.55 -28.65
N PRO A 892 61.85 -24.45 -29.55
CA PRO A 892 61.62 -24.86 -30.94
C PRO A 892 61.34 -26.35 -31.04
N ALA A 893 60.67 -26.73 -32.12
CA ALA A 893 60.31 -28.13 -32.31
C ALA A 893 61.55 -28.99 -32.54
N LEU A 894 61.48 -30.22 -32.06
CA LEU A 894 62.56 -31.20 -32.21
C LEU A 894 61.94 -32.51 -32.64
N GLN A 895 62.11 -32.87 -33.92
CA GLN A 895 61.52 -34.09 -34.43
C GLN A 895 62.23 -35.31 -33.86
N ILE A 896 61.45 -36.35 -33.58
CA ILE A 896 61.98 -37.60 -33.04
C ILE A 896 60.96 -38.69 -33.38
N PRO A 897 61.37 -39.87 -33.81
CA PRO A 897 60.39 -40.91 -34.15
C PRO A 897 59.60 -41.32 -32.92
N PHE A 898 58.32 -41.60 -33.14
CA PHE A 898 57.42 -41.93 -32.03
C PHE A 898 57.91 -43.09 -31.17
N PRO A 899 58.50 -44.16 -31.72
CA PRO A 899 59.09 -45.18 -30.83
C PRO A 899 60.10 -44.62 -29.85
N MET A 900 60.97 -43.68 -30.27
CA MET A 900 61.86 -43.02 -29.33
C MET A 900 61.08 -42.30 -28.24
N GLN A 901 60.03 -41.60 -28.63
CA GLN A 901 59.26 -40.82 -27.68
C GLN A 901 58.65 -41.72 -26.62
N MET A 902 57.92 -42.75 -27.04
CA MET A 902 57.32 -43.68 -26.08
C MET A 902 58.38 -44.46 -25.32
N ALA A 903 59.56 -44.67 -25.91
CA ALA A 903 60.64 -45.31 -25.19
C ALA A 903 61.09 -44.47 -24.00
N TYR A 904 61.33 -43.18 -24.24
CA TYR A 904 61.70 -42.31 -23.13
C TYR A 904 60.53 -42.15 -22.16
N ARG A 905 59.29 -42.29 -22.65
CA ARG A 905 58.13 -42.24 -21.76
C ARG A 905 58.21 -43.34 -20.72
N PHE A 906 58.54 -44.56 -21.14
CA PHE A 906 58.71 -45.64 -20.19
C PHE A 906 59.87 -45.38 -19.24
N ASN A 907 60.89 -44.65 -19.68
CA ASN A 907 62.01 -44.29 -18.83
C ASN A 907 61.62 -43.31 -17.73
N GLY A 908 60.44 -42.70 -17.81
CA GLY A 908 60.00 -41.75 -16.80
C GLY A 908 59.29 -42.34 -15.61
N ILE A 909 58.86 -43.60 -15.70
CA ILE A 909 58.12 -44.23 -14.62
C ILE A 909 58.80 -45.53 -14.21
N GLY A 910 60.12 -45.59 -14.39
CA GLY A 910 60.90 -46.73 -13.96
C GLY A 910 60.69 -48.01 -14.74
N VAL A 911 60.74 -47.91 -16.07
CA VAL A 911 60.74 -49.07 -16.95
C VAL A 911 61.83 -48.87 -17.99
N THR A 912 62.75 -49.83 -18.07
CA THR A 912 63.89 -49.68 -18.97
C THR A 912 63.45 -49.77 -20.42
N GLN A 913 64.26 -49.17 -21.30
CA GLN A 913 63.86 -49.00 -22.69
C GLN A 913 63.64 -50.32 -23.41
N ASN A 914 64.33 -51.38 -22.97
CA ASN A 914 64.23 -52.66 -23.67
C ASN A 914 62.81 -53.25 -23.63
N VAL A 915 61.96 -52.79 -22.70
CA VAL A 915 60.62 -53.35 -22.60
C VAL A 915 59.76 -52.92 -23.79
N LEU A 916 59.85 -51.65 -24.18
CA LEU A 916 58.96 -51.13 -25.22
C LEU A 916 59.24 -51.79 -26.57
N TYR A 917 60.51 -51.81 -26.99
CA TYR A 917 60.85 -52.34 -28.30
C TYR A 917 60.48 -53.80 -28.43
N GLU A 918 60.75 -54.60 -27.39
CA GLU A 918 60.50 -56.03 -27.46
C GLU A 918 59.02 -56.38 -27.44
N ASN A 919 58.12 -55.40 -27.31
CA ASN A 919 56.69 -55.63 -27.38
C ASN A 919 56.00 -54.57 -28.22
N GLN A 920 56.72 -54.03 -29.22
CA GLN A 920 56.20 -52.89 -29.97
C GLN A 920 54.89 -53.22 -30.68
N LYS A 921 54.84 -54.39 -31.34
CA LYS A 921 53.62 -54.79 -32.02
C LYS A 921 52.44 -54.87 -31.04
N LEU A 922 52.69 -55.48 -29.88
CA LEU A 922 51.64 -55.55 -28.85
C LEU A 922 51.25 -54.16 -28.38
N ILE A 923 52.24 -53.28 -28.21
CA ILE A 923 51.95 -51.91 -27.77
C ILE A 923 51.02 -51.21 -28.76
N ALA A 924 51.36 -51.26 -30.04
CA ALA A 924 50.55 -50.57 -31.05
C ALA A 924 49.16 -51.18 -31.14
N ASN A 925 49.08 -52.52 -31.14
CA ASN A 925 47.77 -53.17 -31.25
C ASN A 925 46.89 -52.83 -30.07
N GLN A 926 47.45 -52.84 -28.86
CA GLN A 926 46.65 -52.51 -27.68
C GLN A 926 46.24 -51.04 -27.67
N PHE A 927 47.15 -50.16 -28.11
CA PHE A 927 46.79 -48.74 -28.20
C PHE A 927 45.62 -48.55 -29.15
N ASN A 928 45.68 -49.21 -30.31
CA ASN A 928 44.57 -49.13 -31.27
C ASN A 928 43.28 -49.68 -30.68
N SER A 929 43.36 -50.82 -30.00
CA SER A 929 42.16 -51.43 -29.43
C SER A 929 41.50 -50.52 -28.40
N ALA A 930 42.31 -49.96 -27.50
CA ALA A 930 41.75 -49.07 -26.46
C ALA A 930 41.19 -47.79 -27.07
N ILE A 931 41.90 -47.21 -28.04
CA ILE A 931 41.43 -45.97 -28.66
C ILE A 931 40.14 -46.22 -29.44
N GLY A 932 40.02 -47.38 -30.07
CA GLY A 932 38.77 -47.74 -30.71
C GLY A 932 37.65 -47.96 -29.71
N LYS A 933 37.96 -48.60 -28.57
CA LYS A 933 36.94 -48.88 -27.57
C LYS A 933 36.41 -47.60 -26.92
N ILE A 934 37.27 -46.58 -26.76
CA ILE A 934 36.80 -45.38 -26.07
C ILE A 934 35.75 -44.66 -26.90
N GLN A 935 35.83 -44.76 -28.23
CA GLN A 935 34.80 -44.18 -29.09
C GLN A 935 33.44 -44.81 -28.80
N ASP A 936 33.39 -46.14 -28.71
CA ASP A 936 32.14 -46.82 -28.39
C ASP A 936 31.69 -46.49 -26.97
N SER A 937 32.65 -46.32 -26.05
CA SER A 937 32.31 -45.96 -24.67
C SER A 937 31.61 -44.60 -24.62
N LEU A 938 32.13 -43.61 -25.34
CA LEU A 938 31.46 -42.32 -25.41
C LEU A 938 30.11 -42.43 -26.10
N SER A 939 30.04 -43.22 -27.18
CA SER A 939 28.79 -43.31 -27.94
C SER A 939 27.67 -43.93 -27.09
N SER A 940 27.96 -45.04 -26.40
CA SER A 940 26.91 -45.78 -25.71
C SER A 940 26.45 -45.05 -24.45
N THR A 941 27.39 -44.53 -23.67
CA THR A 941 27.04 -43.97 -22.37
C THR A 941 26.34 -42.62 -22.56
N PRO A 942 25.14 -42.43 -21.99
CA PRO A 942 24.45 -41.15 -22.14
C PRO A 942 24.88 -40.11 -21.12
N SER A 943 25.49 -40.55 -20.02
CA SER A 943 25.92 -39.66 -18.94
C SER A 943 27.42 -39.38 -18.98
N ALA A 944 28.10 -39.71 -20.07
CA ALA A 944 29.54 -39.50 -20.14
C ALA A 944 29.90 -38.01 -20.06
N LEU A 945 29.13 -37.17 -20.73
CA LEU A 945 29.39 -35.73 -20.79
C LEU A 945 28.54 -34.97 -19.79
N GLY A 946 28.34 -35.54 -18.60
CA GLY A 946 27.43 -34.96 -17.63
C GLY A 946 27.79 -33.55 -17.22
N LYS A 947 29.09 -33.23 -17.15
CA LYS A 947 29.50 -31.93 -16.65
C LYS A 947 29.16 -30.79 -17.62
N LEU A 948 29.50 -30.96 -18.91
CA LEU A 948 29.22 -29.91 -19.88
C LEU A 948 27.72 -29.73 -20.09
N GLN A 949 27.01 -30.85 -20.24
CA GLN A 949 25.55 -30.81 -20.28
C GLN A 949 25.00 -30.10 -19.07
N ASP A 950 25.53 -30.44 -17.89
CA ASP A 950 25.08 -29.78 -16.67
C ASP A 950 25.22 -28.28 -16.79
N VAL A 951 26.41 -27.82 -17.17
CA VAL A 951 26.71 -26.38 -17.19
C VAL A 951 25.76 -25.66 -18.12
N VAL A 952 25.60 -26.18 -19.34
CA VAL A 952 24.68 -25.52 -20.25
C VAL A 952 23.25 -25.56 -19.69
N ASN A 953 22.89 -26.62 -18.96
CA ASN A 953 21.56 -26.68 -18.40
C ASN A 953 21.33 -25.60 -17.33
N GLN A 954 22.25 -25.41 -16.39
CA GLN A 954 21.91 -24.38 -15.41
C GLN A 954 22.02 -22.99 -16.02
N ASN A 955 22.90 -22.80 -17.01
CA ASN A 955 22.90 -21.53 -17.72
C ASN A 955 21.53 -21.24 -18.32
N ALA A 956 20.99 -22.20 -19.08
CA ALA A 956 19.68 -22.02 -19.69
C ALA A 956 18.58 -21.86 -18.65
N GLN A 957 18.64 -22.64 -17.57
CA GLN A 957 17.61 -22.58 -16.54
C GLN A 957 17.60 -21.22 -15.86
N ALA A 958 18.77 -20.71 -15.50
CA ALA A 958 18.84 -19.39 -14.87
C ALA A 958 18.38 -18.30 -15.82
N LEU A 959 18.78 -18.38 -17.09
CA LEU A 959 18.36 -17.37 -18.05
C LEU A 959 16.84 -17.37 -18.23
N ASN A 960 16.26 -18.57 -18.37
CA ASN A 960 14.81 -18.66 -18.55
C ASN A 960 14.06 -18.24 -17.29
N THR A 961 14.59 -18.57 -16.11
CA THR A 961 13.99 -18.10 -14.86
C THR A 961 14.00 -16.59 -14.79
N LEU A 962 15.11 -15.96 -15.22
CA LEU A 962 15.15 -14.51 -15.30
C LEU A 962 14.10 -13.99 -16.28
N VAL A 963 13.98 -14.63 -17.44
CA VAL A 963 12.95 -14.23 -18.40
C VAL A 963 11.55 -14.47 -17.83
N LYS A 964 11.35 -15.63 -17.21
CA LYS A 964 10.05 -15.93 -16.62
C LYS A 964 9.72 -14.97 -15.48
N GLN A 965 10.75 -14.49 -14.77
CA GLN A 965 10.52 -13.56 -13.66
C GLN A 965 9.93 -12.24 -14.15
N LEU A 966 10.12 -11.93 -15.44
CA LEU A 966 9.59 -10.69 -16.01
C LEU A 966 8.07 -10.61 -15.89
N SER A 967 7.37 -11.73 -16.09
CA SER A 967 5.92 -11.76 -16.06
C SER A 967 5.35 -11.75 -14.65
N SER A 968 6.19 -11.60 -13.63
CA SER A 968 5.71 -11.59 -12.26
C SER A 968 4.98 -10.29 -11.95
N ASN A 969 4.37 -10.24 -10.77
CA ASN A 969 3.49 -9.14 -10.39
C ASN A 969 4.09 -8.25 -9.31
N PHE A 970 4.70 -8.85 -8.28
CA PHE A 970 5.27 -8.13 -7.15
C PHE A 970 4.22 -7.27 -6.44
N GLY A 971 3.01 -7.79 -6.34
CA GLY A 971 1.96 -7.13 -5.58
C GLY A 971 1.27 -5.98 -6.28
N ALA A 972 1.59 -5.71 -7.54
CA ALA A 972 0.86 -4.70 -8.28
C ALA A 972 -0.50 -5.25 -8.70
N ILE A 973 -1.35 -4.35 -9.22
CA ILE A 973 -2.65 -4.80 -9.72
C ILE A 973 -2.58 -5.33 -11.14
N SER A 974 -1.45 -5.17 -11.82
CA SER A 974 -1.26 -5.71 -13.16
C SER A 974 0.23 -5.79 -13.44
N SER A 975 0.68 -6.97 -13.90
CA SER A 975 2.10 -7.16 -14.18
C SER A 975 2.58 -6.27 -15.32
N VAL A 976 1.78 -6.17 -16.38
CA VAL A 976 2.17 -5.38 -17.54
C VAL A 976 2.13 -3.89 -17.18
N LEU A 977 3.21 -3.18 -17.54
CA LEU A 977 3.30 -1.77 -17.19
C LEU A 977 2.27 -0.93 -17.93
N ASN A 978 1.97 -1.29 -19.18
CA ASN A 978 1.04 -0.50 -19.98
C ASN A 978 -0.33 -0.42 -19.31
N ASP A 979 -0.76 -1.50 -18.66
CA ASP A 979 -2.02 -1.48 -17.93
C ASP A 979 -1.98 -0.49 -16.78
N ILE A 980 -0.85 -0.45 -16.05
CA ILE A 980 -0.76 0.40 -14.86
C ILE A 980 -0.89 1.87 -15.24
N LEU A 981 -0.16 2.31 -16.26
CA LEU A 981 -0.22 3.71 -16.66
C LEU A 981 -1.59 4.07 -17.24
N SER A 982 -2.32 3.10 -17.77
CA SER A 982 -3.59 3.34 -18.43
C SER A 982 -4.78 3.25 -17.49
N ARG A 983 -4.57 3.01 -16.20
CA ARG A 983 -5.69 2.85 -15.28
C ARG A 983 -5.60 3.79 -14.08
N LEU A 984 -4.38 4.00 -13.57
CA LEU A 984 -4.19 4.81 -12.37
C LEU A 984 -3.53 6.17 -12.66
N ASP A 985 -3.28 6.49 -13.94
CA ASP A 985 -2.69 7.77 -14.35
C ASP A 985 -1.31 7.94 -13.72
N PRO A 986 -0.63 9.07 -13.90
CA PRO A 986 0.65 9.27 -13.19
C PRO A 986 0.51 9.39 -11.68
N PRO A 987 -0.44 10.21 -11.15
CA PRO A 987 -0.34 10.54 -9.71
C PRO A 987 -0.72 9.41 -8.76
N GLU A 988 -1.39 8.38 -9.26
CA GLU A 988 -1.82 7.27 -8.40
C GLU A 988 -1.21 5.93 -8.84
N ALA A 989 -0.23 5.96 -9.74
CA ALA A 989 0.44 4.74 -10.16
C ALA A 989 1.94 4.71 -9.86
N GLU A 990 2.56 5.85 -9.56
CA GLU A 990 4.02 5.87 -9.39
C GLU A 990 4.47 4.91 -8.30
N VAL A 991 3.59 4.58 -7.35
CA VAL A 991 3.90 3.53 -6.39
C VAL A 991 3.94 2.17 -7.08
N GLN A 992 3.05 1.94 -8.04
CA GLN A 992 3.06 0.67 -8.78
C GLN A 992 4.32 0.54 -9.62
N ILE A 993 4.68 1.60 -10.34
CA ILE A 993 5.95 1.60 -11.06
C ILE A 993 7.12 1.45 -10.09
N ASP A 994 7.01 2.08 -8.92
CA ASP A 994 8.06 1.94 -7.90
C ASP A 994 8.27 0.48 -7.54
N ARG A 995 7.18 -0.22 -7.22
CA ARG A 995 7.28 -1.63 -6.84
C ARG A 995 7.79 -2.48 -7.99
N LEU A 996 7.31 -2.22 -9.20
CA LEU A 996 7.77 -2.98 -10.36
C LEU A 996 9.28 -2.80 -10.55
N ILE A 997 9.74 -1.55 -10.50
CA ILE A 997 11.16 -1.26 -10.71
C ILE A 997 12.00 -1.94 -9.65
N THR A 998 11.63 -1.79 -8.38
CA THR A 998 12.46 -2.37 -7.33
C THR A 998 12.46 -3.89 -7.40
N GLY A 999 11.32 -4.52 -7.72
CA GLY A 999 11.28 -5.96 -7.82
C GLY A 999 12.11 -6.50 -8.97
N ARG A 1000 11.97 -5.88 -10.16
CA ARG A 1000 12.77 -6.32 -11.30
C ARG A 1000 14.25 -6.09 -11.05
N LEU A 1001 14.60 -4.98 -10.40
CA LEU A 1001 15.98 -4.70 -10.06
C LEU A 1001 16.54 -5.76 -9.11
N GLN A 1002 15.75 -6.15 -8.10
CA GLN A 1002 16.21 -7.17 -7.16
C GLN A 1002 16.38 -8.51 -7.85
N SER A 1003 15.47 -8.86 -8.76
CA SER A 1003 15.62 -10.09 -9.53
C SER A 1003 16.90 -10.07 -10.36
N LEU A 1004 17.16 -8.94 -11.04
CA LEU A 1004 18.37 -8.84 -11.85
C LEU A 1004 19.62 -8.89 -10.98
N GLN A 1005 19.55 -8.31 -9.78
CA GLN A 1005 20.68 -8.39 -8.85
C GLN A 1005 20.96 -9.83 -8.44
N THR A 1006 19.90 -10.59 -8.15
CA THR A 1006 20.10 -12.00 -7.84
C THR A 1006 20.71 -12.73 -9.03
N TYR A 1007 20.25 -12.43 -10.25
CA TYR A 1007 20.78 -13.08 -11.44
C TYR A 1007 22.26 -12.79 -11.61
N VAL A 1008 22.66 -11.53 -11.45
CA VAL A 1008 24.07 -11.19 -11.66
C VAL A 1008 24.94 -11.79 -10.57
N THR A 1009 24.42 -11.85 -9.33
CA THR A 1009 25.18 -12.49 -8.26
C THR A 1009 25.40 -13.98 -8.56
N GLN A 1010 24.34 -14.67 -8.97
CA GLN A 1010 24.48 -16.08 -9.34
C GLN A 1010 25.45 -16.26 -10.50
N GLN A 1011 25.38 -15.36 -11.48
CA GLN A 1011 26.27 -15.45 -12.63
C GLN A 1011 27.73 -15.25 -12.22
N LEU A 1012 27.98 -14.32 -11.29
CA LEU A 1012 29.34 -14.13 -10.78
C LEU A 1012 29.82 -15.38 -10.06
N ILE A 1013 28.97 -16.00 -9.24
CA ILE A 1013 29.36 -17.21 -8.53
C ILE A 1013 29.75 -18.30 -9.52
N ARG A 1014 28.90 -18.52 -10.52
CA ARG A 1014 29.17 -19.56 -11.51
C ARG A 1014 30.42 -19.24 -12.32
N ALA A 1015 30.62 -17.96 -12.66
CA ALA A 1015 31.80 -17.59 -13.42
C ALA A 1015 33.07 -17.83 -12.61
N ALA A 1016 33.05 -17.53 -11.32
CA ALA A 1016 34.20 -17.81 -10.48
C ALA A 1016 34.49 -19.31 -10.42
N GLU A 1017 33.45 -20.12 -10.26
CA GLU A 1017 33.65 -21.57 -10.25
C GLU A 1017 34.25 -22.06 -11.56
N ILE A 1018 33.72 -21.59 -12.69
CA ILE A 1018 34.23 -22.02 -13.99
C ILE A 1018 35.65 -21.54 -14.19
N ARG A 1019 35.98 -20.33 -13.71
CA ARG A 1019 37.33 -19.83 -13.84
C ARG A 1019 38.32 -20.70 -13.07
N ALA A 1020 37.96 -21.10 -11.84
CA ALA A 1020 38.83 -21.99 -11.08
C ALA A 1020 39.01 -23.33 -11.80
N SER A 1021 37.90 -23.91 -12.27
CA SER A 1021 37.97 -25.18 -12.98
C SER A 1021 38.82 -25.06 -14.23
N ALA A 1022 38.72 -23.93 -14.94
CA ALA A 1022 39.45 -23.74 -16.18
C ALA A 1022 40.93 -23.46 -15.93
N ASN A 1023 41.27 -22.78 -14.84
CA ASN A 1023 42.67 -22.67 -14.48
C ASN A 1023 43.26 -24.05 -14.18
N LEU A 1024 42.49 -24.89 -13.48
CA LEU A 1024 42.92 -26.27 -13.29
C LEU A 1024 43.08 -26.97 -14.63
N ALA A 1025 42.16 -26.73 -15.56
CA ALA A 1025 42.25 -27.33 -16.89
C ALA A 1025 43.51 -26.88 -17.62
N ALA A 1026 43.84 -25.60 -17.52
CA ALA A 1026 45.05 -25.08 -18.18
C ALA A 1026 46.31 -25.69 -17.58
N THR A 1027 46.34 -25.81 -16.25
CA THR A 1027 47.49 -26.47 -15.61
C THR A 1027 47.58 -27.93 -16.05
N LYS A 1028 46.44 -28.60 -16.17
CA LYS A 1028 46.45 -29.98 -16.64
C LYS A 1028 46.95 -30.06 -18.09
N MET A 1029 46.55 -29.10 -18.91
CA MET A 1029 47.04 -29.05 -20.28
C MET A 1029 48.54 -28.87 -20.33
N SER A 1030 49.07 -27.99 -19.48
CA SER A 1030 50.50 -27.69 -19.49
C SER A 1030 51.34 -28.74 -18.76
N GLU A 1031 50.71 -29.67 -18.03
CA GLU A 1031 51.47 -30.68 -17.33
C GLU A 1031 51.24 -32.10 -17.83
N CYS A 1032 50.19 -32.37 -18.61
CA CYS A 1032 49.85 -33.73 -18.97
C CYS A 1032 49.93 -34.04 -20.46
N VAL A 1033 49.81 -33.05 -21.34
CA VAL A 1033 49.93 -33.26 -22.77
C VAL A 1033 51.33 -32.89 -23.25
N LEU A 1034 51.80 -31.70 -22.90
CA LEU A 1034 53.18 -31.35 -23.22
C LEU A 1034 54.15 -32.19 -22.39
N GLY A 1035 54.10 -32.05 -21.08
CA GLY A 1035 55.11 -32.60 -20.22
C GLY A 1035 54.93 -34.05 -19.85
N GLN A 1036 55.62 -34.45 -18.79
CA GLN A 1036 55.70 -35.83 -18.33
C GLN A 1036 55.45 -35.86 -16.82
N SER A 1037 54.31 -35.30 -16.41
CA SER A 1037 54.01 -35.11 -15.00
C SER A 1037 54.15 -36.41 -14.21
N LYS A 1038 54.95 -36.35 -13.15
CA LYS A 1038 55.15 -37.48 -12.26
C LYS A 1038 54.03 -37.64 -11.25
N ARG A 1039 53.14 -36.66 -11.13
CA ARG A 1039 52.05 -36.71 -10.17
C ARG A 1039 51.19 -37.95 -10.42
N VAL A 1040 51.15 -38.84 -9.43
CA VAL A 1040 50.57 -40.16 -9.62
C VAL A 1040 49.07 -40.15 -9.85
N ASP A 1041 48.40 -39.01 -9.64
CA ASP A 1041 46.96 -38.97 -9.90
C ASP A 1041 46.50 -37.65 -10.51
N PHE A 1042 47.36 -36.92 -11.22
CA PHE A 1042 46.95 -35.71 -11.90
C PHE A 1042 46.57 -35.95 -13.36
N CYS A 1043 46.53 -37.21 -13.79
CA CYS A 1043 46.19 -37.53 -15.16
C CYS A 1043 45.23 -38.70 -15.29
N GLY A 1044 44.83 -39.34 -14.21
CA GLY A 1044 43.97 -40.50 -14.24
C GLY A 1044 44.63 -41.71 -13.61
N LYS A 1045 43.86 -42.79 -13.54
CA LYS A 1045 44.36 -44.01 -12.92
C LYS A 1045 45.57 -44.56 -13.66
N GLY A 1046 46.58 -44.96 -12.91
CA GLY A 1046 47.80 -45.49 -13.48
C GLY A 1046 48.89 -44.45 -13.65
N TYR A 1047 50.11 -44.94 -13.86
CA TYR A 1047 51.26 -44.07 -14.09
C TYR A 1047 51.05 -43.25 -15.35
N HIS A 1048 51.30 -41.94 -15.25
CA HIS A 1048 51.17 -41.08 -16.42
C HIS A 1048 52.17 -41.48 -17.51
N LEU A 1049 51.68 -41.59 -18.74
CA LEU A 1049 52.52 -41.81 -19.91
C LEU A 1049 52.47 -40.63 -20.86
N MET A 1050 51.28 -40.27 -21.35
CA MET A 1050 51.08 -39.08 -22.18
C MET A 1050 49.57 -38.88 -22.30
N SER A 1051 49.19 -37.80 -22.97
CA SER A 1051 47.77 -37.53 -23.16
C SER A 1051 47.60 -36.55 -24.32
N PHE A 1052 46.42 -36.59 -24.93
CA PHE A 1052 46.08 -35.75 -26.06
C PHE A 1052 44.84 -34.91 -25.76
N PRO A 1053 44.78 -33.68 -26.28
CA PRO A 1053 43.57 -32.88 -26.12
C PRO A 1053 42.61 -33.04 -27.29
N GLN A 1054 41.32 -32.79 -27.06
CA GLN A 1054 40.34 -32.76 -28.14
C GLN A 1054 39.32 -31.67 -27.84
N SER A 1055 38.75 -31.10 -28.89
CA SER A 1055 37.87 -29.95 -28.76
C SER A 1055 36.47 -30.38 -28.35
N ALA A 1056 35.93 -29.70 -27.34
CA ALA A 1056 34.57 -29.84 -26.87
C ALA A 1056 33.82 -28.53 -27.07
N PRO A 1057 32.48 -28.55 -27.11
CA PRO A 1057 31.76 -27.30 -27.39
C PRO A 1057 32.06 -26.19 -26.40
N HIS A 1058 32.30 -26.54 -25.13
CA HIS A 1058 32.57 -25.53 -24.12
C HIS A 1058 33.66 -25.97 -23.14
N GLY A 1059 34.43 -27.01 -23.49
CA GLY A 1059 35.45 -27.50 -22.59
C GLY A 1059 36.57 -28.17 -23.34
N VAL A 1060 37.41 -28.87 -22.60
CA VAL A 1060 38.47 -29.69 -23.17
C VAL A 1060 38.19 -31.15 -22.81
N VAL A 1061 38.56 -32.04 -23.71
CA VAL A 1061 38.35 -33.47 -23.55
C VAL A 1061 39.70 -34.16 -23.70
N PHE A 1062 40.32 -34.50 -22.58
CA PHE A 1062 41.60 -35.19 -22.60
C PHE A 1062 41.42 -36.65 -22.98
N LEU A 1063 42.51 -37.25 -23.46
CA LEU A 1063 42.59 -38.69 -23.69
C LEU A 1063 43.95 -39.14 -23.15
N HIS A 1064 43.96 -39.70 -21.94
CA HIS A 1064 45.20 -40.09 -21.31
C HIS A 1064 45.51 -41.56 -21.60
N VAL A 1065 46.80 -41.89 -21.56
CA VAL A 1065 47.25 -43.27 -21.62
C VAL A 1065 48.14 -43.51 -20.41
N THR A 1066 47.93 -44.63 -19.73
CA THR A 1066 48.64 -44.94 -18.51
C THR A 1066 49.20 -46.36 -18.57
N TYR A 1067 50.13 -46.64 -17.67
CA TYR A 1067 50.82 -47.92 -17.61
C TYR A 1067 50.36 -48.62 -16.32
N VAL A 1068 49.25 -49.32 -16.41
CA VAL A 1068 48.72 -50.08 -15.28
C VAL A 1068 49.23 -51.52 -15.40
N PRO A 1069 49.99 -52.02 -14.43
CA PRO A 1069 50.52 -53.38 -14.53
C PRO A 1069 49.46 -54.42 -14.19
N ALA A 1070 49.75 -55.67 -14.54
CA ALA A 1070 48.83 -56.76 -14.28
C ALA A 1070 49.61 -58.06 -14.17
N GLN A 1071 48.90 -59.11 -13.72
CA GLN A 1071 49.43 -60.47 -13.64
C GLN A 1071 50.68 -60.53 -12.74
N GLU A 1072 50.45 -60.22 -11.46
CA GLU A 1072 51.52 -60.34 -10.48
C GLU A 1072 51.63 -61.78 -10.01
N LYS A 1073 52.75 -62.08 -9.34
CA LYS A 1073 52.96 -63.41 -8.78
C LYS A 1073 53.99 -63.32 -7.67
N ASN A 1074 53.95 -64.30 -6.77
CA ASN A 1074 54.74 -64.25 -5.55
C ASN A 1074 56.23 -64.30 -5.86
N PHE A 1075 57.00 -63.49 -5.12
CA PHE A 1075 58.46 -63.48 -5.22
C PHE A 1075 59.01 -63.19 -3.83
N THR A 1076 59.61 -64.19 -3.20
CA THR A 1076 60.29 -63.94 -1.94
C THR A 1076 61.56 -63.13 -2.16
N THR A 1077 61.84 -62.23 -1.22
CA THR A 1077 62.92 -61.27 -1.43
C THR A 1077 63.90 -61.22 -0.26
N ALA A 1078 64.83 -60.26 -0.32
CA ALA A 1078 65.78 -60.00 0.75
C ALA A 1078 66.30 -58.59 0.57
N PRO A 1079 66.47 -57.83 1.65
CA PRO A 1079 66.93 -56.43 1.51
C PRO A 1079 68.27 -56.30 0.83
N ALA A 1080 69.17 -57.25 1.00
CA ALA A 1080 70.50 -57.17 0.42
C ALA A 1080 71.12 -58.56 0.40
N ILE A 1081 72.24 -58.68 -0.33
CA ILE A 1081 72.92 -59.95 -0.52
C ILE A 1081 74.31 -59.88 0.10
N CYS A 1082 74.74 -61.00 0.67
CA CYS A 1082 76.06 -61.12 1.30
C CYS A 1082 76.97 -61.97 0.44
N HIS A 1083 78.22 -61.54 0.30
CA HIS A 1083 79.23 -62.31 -0.42
C HIS A 1083 80.58 -62.09 0.25
N ASP A 1084 81.26 -63.19 0.58
CA ASP A 1084 82.55 -63.20 1.27
C ASP A 1084 82.60 -62.21 2.43
N GLY A 1085 81.46 -62.01 3.10
CA GLY A 1085 81.34 -61.04 4.17
C GLY A 1085 81.04 -59.63 3.71
N LYS A 1086 81.46 -59.27 2.51
CA LYS A 1086 81.18 -57.94 1.98
C LYS A 1086 79.70 -57.80 1.64
N ALA A 1087 79.11 -56.68 2.04
CA ALA A 1087 77.70 -56.43 1.75
C ALA A 1087 77.51 -56.07 0.28
N HIS A 1088 76.27 -56.20 -0.19
CA HIS A 1088 75.91 -55.88 -1.56
C HIS A 1088 74.48 -55.37 -1.59
N PHE A 1089 74.30 -54.13 -2.07
CA PHE A 1089 73.00 -53.50 -2.26
C PHE A 1089 72.71 -53.33 -3.75
N PRO A 1090 71.44 -53.35 -4.14
CA PRO A 1090 71.12 -53.17 -5.57
C PRO A 1090 71.23 -51.70 -5.97
N ARG A 1091 72.00 -51.45 -7.02
CA ARG A 1091 72.14 -50.08 -7.51
C ARG A 1091 70.81 -49.55 -8.01
N GLU A 1092 70.06 -50.37 -8.74
CA GLU A 1092 68.75 -49.98 -9.23
C GLU A 1092 67.85 -51.22 -9.24
N GLY A 1093 66.60 -51.02 -8.86
CA GLY A 1093 65.65 -52.13 -8.81
C GLY A 1093 65.66 -52.85 -7.48
N VAL A 1094 65.51 -54.16 -7.51
CA VAL A 1094 65.46 -54.97 -6.28
C VAL A 1094 65.70 -56.44 -6.61
N PHE A 1095 66.40 -57.15 -5.74
CA PHE A 1095 66.59 -58.58 -5.93
C PHE A 1095 65.31 -59.34 -5.64
N VAL A 1096 65.14 -60.46 -6.35
CA VAL A 1096 64.10 -61.44 -6.07
C VAL A 1096 64.68 -62.83 -6.27
N SER A 1097 63.90 -63.83 -5.89
CA SER A 1097 64.31 -65.22 -6.06
C SER A 1097 63.07 -66.10 -6.06
N ASN A 1098 63.00 -67.02 -7.02
CA ASN A 1098 61.86 -67.92 -7.12
C ASN A 1098 62.02 -69.15 -6.22
N GLY A 1099 63.11 -69.25 -5.48
CA GLY A 1099 63.27 -70.33 -4.51
C GLY A 1099 64.66 -70.91 -4.42
N THR A 1100 65.44 -70.85 -5.49
CA THR A 1100 66.76 -71.49 -5.52
C THR A 1100 67.88 -70.62 -6.07
N HIS A 1101 67.57 -69.51 -6.75
CA HIS A 1101 68.60 -68.64 -7.30
C HIS A 1101 68.07 -67.23 -7.35
N TRP A 1102 68.86 -66.28 -6.84
CA TRP A 1102 68.42 -64.91 -6.69
C TRP A 1102 68.76 -64.10 -7.94
N PHE A 1103 67.75 -63.38 -8.45
CA PHE A 1103 67.89 -62.57 -9.64
C PHE A 1103 67.59 -61.12 -9.29
N VAL A 1104 67.91 -60.22 -10.22
CA VAL A 1104 67.65 -58.80 -10.08
C VAL A 1104 66.76 -58.34 -11.23
N THR A 1105 65.92 -57.35 -10.96
CA THR A 1105 64.97 -56.89 -11.95
C THR A 1105 64.53 -55.47 -11.60
N GLN A 1106 63.86 -54.84 -12.57
CA GLN A 1106 63.27 -53.53 -12.33
C GLN A 1106 61.94 -53.67 -11.61
N ARG A 1107 61.64 -52.71 -10.74
CA ARG A 1107 60.52 -52.84 -9.81
C ARG A 1107 59.17 -52.48 -10.42
N ASN A 1108 59.06 -52.38 -11.75
CA ASN A 1108 57.76 -52.20 -12.37
C ASN A 1108 57.55 -53.11 -13.57
N PHE A 1109 58.51 -53.98 -13.88
CA PHE A 1109 58.34 -54.93 -14.99
C PHE A 1109 59.34 -56.05 -14.78
N TYR A 1110 58.84 -57.28 -14.65
CA TYR A 1110 59.71 -58.42 -14.39
C TYR A 1110 60.61 -58.70 -15.58
N GLU A 1111 61.92 -58.75 -15.32
CA GLU A 1111 62.92 -59.08 -16.32
C GLU A 1111 64.18 -59.53 -15.60
N PRO A 1112 64.20 -60.75 -15.06
CA PRO A 1112 65.34 -61.18 -14.25
C PRO A 1112 66.64 -61.19 -15.02
N GLN A 1113 67.72 -60.81 -14.33
CA GLN A 1113 69.08 -60.91 -14.86
C GLN A 1113 70.00 -61.38 -13.75
N ILE A 1114 71.06 -62.08 -14.13
CA ILE A 1114 72.05 -62.55 -13.16
C ILE A 1114 72.77 -61.34 -12.59
N ILE A 1115 72.93 -61.31 -11.26
CA ILE A 1115 73.51 -60.15 -10.60
C ILE A 1115 74.96 -59.97 -11.03
N THR A 1116 75.36 -58.71 -11.21
CA THR A 1116 76.71 -58.37 -11.61
C THR A 1116 77.28 -57.34 -10.64
N THR A 1117 78.62 -57.27 -10.58
CA THR A 1117 79.25 -56.19 -9.83
C THR A 1117 78.87 -54.83 -10.41
N ASP A 1118 78.54 -54.78 -11.70
CA ASP A 1118 78.03 -53.53 -12.29
C ASP A 1118 76.57 -53.29 -11.95
N ASN A 1119 75.84 -54.32 -11.54
CA ASN A 1119 74.45 -54.19 -11.12
C ASN A 1119 74.32 -54.03 -9.61
N THR A 1120 75.35 -53.47 -8.97
CA THR A 1120 75.36 -53.27 -7.54
C THR A 1120 76.47 -52.29 -7.19
N PHE A 1121 76.52 -51.90 -5.92
CA PHE A 1121 77.63 -51.12 -5.40
C PHE A 1121 77.76 -51.44 -3.91
N VAL A 1122 78.99 -51.62 -3.46
CA VAL A 1122 79.27 -52.20 -2.15
C VAL A 1122 79.44 -51.10 -1.13
N SER A 1123 79.07 -51.42 0.12
CA SER A 1123 79.25 -50.54 1.27
C SER A 1123 78.98 -51.36 2.52
N GLY A 1124 79.84 -51.20 3.52
CA GLY A 1124 79.66 -51.94 4.75
C GLY A 1124 80.01 -53.42 4.60
N ASN A 1125 79.52 -54.21 5.56
CA ASN A 1125 79.79 -55.64 5.60
C ASN A 1125 78.50 -56.34 6.04
N CYS A 1126 78.63 -57.61 6.43
CA CYS A 1126 77.48 -58.48 6.68
C CYS A 1126 77.06 -58.52 8.14
N ASP A 1127 77.17 -57.40 8.87
CA ASP A 1127 76.85 -57.37 10.28
C ASP A 1127 75.93 -56.21 10.65
N VAL A 1128 75.80 -55.20 9.80
CA VAL A 1128 75.07 -53.98 10.15
C VAL A 1128 73.77 -53.91 9.37
N VAL A 1129 73.18 -55.07 9.10
CA VAL A 1129 71.96 -55.20 8.33
C VAL A 1129 70.96 -56.05 9.13
N ILE A 1130 69.80 -56.30 8.54
CA ILE A 1130 68.70 -56.95 9.23
C ILE A 1130 68.34 -58.28 8.59
N GLY A 1131 68.34 -58.37 7.26
CA GLY A 1131 67.80 -59.56 6.62
C GLY A 1131 68.53 -60.05 5.38
N ILE A 1132 69.85 -59.89 5.33
CA ILE A 1132 70.59 -60.33 4.15
C ILE A 1132 70.62 -61.87 4.06
N VAL A 1133 70.88 -62.36 2.86
CA VAL A 1133 70.97 -63.78 2.57
C VAL A 1133 72.22 -64.03 1.75
N ASN A 1134 72.91 -65.14 2.05
CA ASN A 1134 74.11 -65.50 1.31
C ASN A 1134 73.77 -65.89 -0.13
N ASN A 1135 74.65 -65.52 -1.05
CA ASN A 1135 74.54 -65.91 -2.45
C ASN A 1135 75.86 -65.60 -3.14
N THR A 1136 76.03 -66.19 -4.31
CA THR A 1136 77.21 -65.91 -5.13
C THR A 1136 77.06 -64.58 -5.85
N VAL A 1137 78.18 -64.07 -6.35
CA VAL A 1137 78.23 -62.85 -7.15
C VAL A 1137 79.08 -63.14 -8.38
N TYR A 1138 78.61 -62.66 -9.53
CA TYR A 1138 79.28 -62.89 -10.81
C TYR A 1138 80.02 -61.64 -11.25
N ASP A 1139 81.26 -61.82 -11.70
CA ASP A 1139 82.10 -60.74 -12.17
C ASP A 1139 82.53 -61.07 -13.58
N PRO A 1140 82.12 -60.30 -14.60
CA PRO A 1140 82.51 -60.63 -15.99
C PRO A 1140 84.00 -60.56 -16.24
N LEU A 1141 84.75 -59.84 -15.41
CA LEU A 1141 86.19 -59.71 -15.63
C LEU A 1141 86.91 -61.04 -15.44
N GLN A 1142 86.43 -61.87 -14.51
CA GLN A 1142 87.10 -63.14 -14.24
C GLN A 1142 87.12 -64.09 -15.42
N PRO A 1143 86.03 -64.28 -16.19
CA PRO A 1143 86.15 -65.06 -17.43
C PRO A 1143 87.19 -64.50 -18.40
N GLU A 1144 87.27 -63.16 -18.51
CA GLU A 1144 88.27 -62.55 -19.38
C GLU A 1144 89.68 -62.87 -18.90
N LEU A 1145 89.89 -62.85 -17.58
CA LEU A 1145 91.18 -63.25 -17.03
C LEU A 1145 91.47 -64.71 -17.34
N ASP A 1146 90.44 -65.56 -17.28
CA ASP A 1146 90.63 -66.97 -17.63
C ASP A 1146 91.04 -67.13 -19.09
N SER A 1147 90.43 -66.35 -19.98
CA SER A 1147 90.76 -66.45 -21.41
C SER A 1147 92.21 -66.08 -21.66
N PHE A 1148 92.68 -64.99 -21.04
CA PHE A 1148 94.07 -64.58 -21.23
C PHE A 1148 95.03 -65.31 -20.30
N LYS A 1149 94.51 -65.94 -19.24
CA LYS A 1149 95.29 -66.71 -18.26
C LYS A 1149 96.70 -66.20 -18.01
N GLN B 14 -1.37 14.60 66.14
CA GLN B 14 -1.05 14.15 64.79
C GLN B 14 0.46 14.03 64.61
N CYS B 15 1.21 14.85 65.34
CA CYS B 15 2.66 14.89 65.25
C CYS B 15 3.29 14.66 66.62
N VAL B 16 4.53 14.22 66.61
CA VAL B 16 5.30 13.94 67.82
C VAL B 16 6.47 14.91 67.86
N ASN B 17 6.87 15.30 69.07
CA ASN B 17 7.92 16.30 69.25
C ASN B 17 9.24 15.85 68.65
N LEU B 18 9.66 16.50 67.57
CA LEU B 18 10.92 16.21 66.91
C LEU B 18 11.59 17.52 66.53
N THR B 19 12.80 17.74 67.04
CA THR B 19 13.57 18.93 66.75
C THR B 19 14.90 18.55 66.10
N THR B 20 15.72 19.56 65.83
CA THR B 20 17.04 19.37 65.21
C THR B 20 16.92 18.59 63.91
N ARG B 21 15.90 18.92 63.10
CA ARG B 21 15.70 18.24 61.83
C ARG B 21 16.78 18.56 60.82
N THR B 22 17.51 19.66 61.00
CA THR B 22 18.61 19.99 60.11
C THR B 22 19.79 19.07 60.36
N GLN B 23 20.40 18.58 59.28
CA GLN B 23 21.52 17.66 59.37
C GLN B 23 22.58 18.05 58.34
N LEU B 24 23.81 17.61 58.60
CA LEU B 24 24.93 17.93 57.74
C LEU B 24 24.75 17.28 56.36
N PRO B 25 25.40 17.83 55.34
CA PRO B 25 25.30 17.24 54.00
C PRO B 25 25.81 15.82 54.01
N PRO B 26 25.21 14.95 53.20
CA PRO B 26 25.58 13.53 53.25
C PRO B 26 26.97 13.26 52.68
N ALA B 27 27.56 12.17 53.16
CA ALA B 27 28.83 11.67 52.64
C ALA B 27 28.56 10.47 51.72
N TYR B 28 29.49 10.26 50.79
CA TYR B 28 29.33 9.24 49.76
C TYR B 28 30.06 7.95 50.14
N THR B 29 29.79 6.90 49.37
CA THR B 29 30.43 5.60 49.53
C THR B 29 30.37 4.88 48.20
N ASN B 30 30.68 3.59 48.21
CA ASN B 30 30.82 2.81 46.98
C ASN B 30 29.85 1.63 46.97
N SER B 31 29.36 1.32 45.77
CA SER B 31 28.61 0.10 45.51
C SER B 31 29.40 -0.77 44.55
N PHE B 32 29.40 -2.08 44.79
CA PHE B 32 30.28 -2.98 44.03
C PHE B 32 29.56 -3.59 42.83
N THR B 33 28.54 -4.41 43.07
CA THR B 33 27.83 -5.07 41.99
C THR B 33 26.33 -5.19 42.20
N ARG B 34 25.77 -4.64 43.27
CA ARG B 34 24.36 -4.83 43.55
C ARG B 34 23.50 -4.14 42.49
N GLY B 35 22.20 -4.40 42.54
CA GLY B 35 21.27 -3.80 41.62
C GLY B 35 21.16 -4.55 40.30
N VAL B 36 20.97 -5.87 40.37
CA VAL B 36 20.76 -6.69 39.19
C VAL B 36 19.45 -7.43 39.36
N TYR B 37 18.51 -7.19 38.44
CA TYR B 37 17.18 -7.77 38.51
C TYR B 37 16.81 -8.35 37.15
N TYR B 38 16.10 -9.47 37.17
CA TYR B 38 15.69 -10.16 35.95
C TYR B 38 14.93 -9.19 35.07
N PRO B 39 15.43 -8.88 33.87
CA PRO B 39 14.73 -7.91 33.01
C PRO B 39 13.32 -8.34 32.66
N ASP B 40 13.08 -9.64 32.52
CA ASP B 40 11.75 -10.19 32.34
C ASP B 40 11.61 -11.39 33.26
N LYS B 41 10.40 -11.93 33.33
CA LYS B 41 10.14 -13.14 34.10
C LYS B 41 10.45 -14.41 33.32
N VAL B 42 10.93 -14.27 32.08
CA VAL B 42 11.21 -15.43 31.26
C VAL B 42 12.47 -16.14 31.75
N PHE B 43 12.63 -17.40 31.34
CA PHE B 43 13.74 -18.24 31.72
C PHE B 43 14.57 -18.62 30.49
N ARG B 44 15.89 -18.66 30.68
CA ARG B 44 16.81 -19.19 29.68
C ARG B 44 17.75 -20.16 30.37
N SER B 45 18.27 -21.12 29.61
CA SER B 45 19.02 -22.25 30.16
C SER B 45 20.47 -22.20 29.69
N SER B 46 21.38 -21.81 30.60
CA SER B 46 22.81 -21.89 30.38
C SER B 46 23.24 -21.17 29.10
N VAL B 47 22.65 -20.01 28.85
CA VAL B 47 22.94 -19.20 27.67
C VAL B 47 23.22 -17.77 28.12
N LEU B 48 24.21 -17.15 27.50
CA LEU B 48 24.52 -15.75 27.78
C LEU B 48 23.69 -14.86 26.86
N HIS B 49 23.06 -13.85 27.46
CA HIS B 49 22.02 -13.08 26.77
C HIS B 49 22.15 -11.61 27.13
N SER B 50 21.65 -10.74 26.24
CA SER B 50 21.71 -9.30 26.41
C SER B 50 20.31 -8.70 26.35
N THR B 51 20.03 -7.78 27.27
CA THR B 51 18.70 -7.16 27.37
C THR B 51 18.86 -5.66 27.58
N GLN B 52 17.76 -4.94 27.44
CA GLN B 52 17.70 -3.49 27.59
C GLN B 52 16.65 -3.10 28.60
N ASP B 53 17.07 -2.36 29.64
CA ASP B 53 16.15 -1.76 30.61
C ASP B 53 16.94 -0.86 31.55
N LEU B 54 16.27 -0.19 32.48
CA LEU B 54 16.93 0.74 33.39
C LEU B 54 17.58 -0.02 34.52
N PHE B 55 18.89 0.14 34.69
CA PHE B 55 19.67 -0.61 35.67
C PHE B 55 20.48 0.28 36.59
N LEU B 56 21.26 -0.35 37.47
CA LEU B 56 22.17 0.32 38.38
C LEU B 56 23.59 0.18 37.86
N PRO B 57 24.30 1.26 37.56
CA PRO B 57 25.69 1.12 37.12
C PRO B 57 26.56 0.49 38.20
N PHE B 58 27.53 -0.30 37.75
CA PHE B 58 28.28 -1.16 38.66
C PHE B 58 29.10 -0.33 39.65
N PHE B 59 29.73 0.75 39.19
CA PHE B 59 30.60 1.57 40.04
C PHE B 59 30.15 3.02 39.90
N SER B 60 29.19 3.41 40.72
CA SER B 60 28.71 4.79 40.79
C SER B 60 28.79 5.28 42.22
N ASN B 61 29.00 6.58 42.38
CA ASN B 61 29.11 7.19 43.70
C ASN B 61 27.73 7.17 44.36
N VAL B 62 27.45 6.11 45.10
CA VAL B 62 26.15 5.93 45.73
C VAL B 62 26.06 6.76 47.00
N THR B 63 24.85 6.88 47.54
CA THR B 63 24.58 7.77 48.66
C THR B 63 24.30 6.97 49.92
N TRP B 64 24.99 7.31 51.00
CA TRP B 64 24.81 6.68 52.30
C TRP B 64 24.18 7.70 53.24
N PHE B 65 23.07 7.32 53.87
CA PHE B 65 22.37 8.19 54.80
C PHE B 65 22.37 7.53 56.18
N HIS B 66 22.80 8.28 57.18
CA HIS B 66 22.98 7.77 58.54
C HIS B 66 21.74 8.07 59.37
N ALA B 67 20.89 7.06 59.55
CA ALA B 67 19.69 7.19 60.38
C ALA B 67 19.89 6.63 61.78
N ILE B 68 21.08 6.13 62.11
CA ILE B 68 21.35 5.63 63.45
C ILE B 68 21.33 6.78 64.45
N HIS B 69 20.72 6.53 65.61
CA HIS B 69 20.73 7.49 66.72
C HIS B 69 21.72 6.99 67.76
N VAL B 70 22.68 7.84 68.12
CA VAL B 70 23.71 7.47 69.10
C VAL B 70 23.16 7.66 70.51
N THR B 76 25.65 13.07 70.67
CA THR B 76 24.44 13.49 71.36
C THR B 76 23.20 12.84 70.74
N LYS B 77 22.76 13.37 69.59
CA LYS B 77 21.60 12.85 68.91
C LYS B 77 21.85 12.90 67.40
N ARG B 78 21.14 12.03 66.68
CA ARG B 78 21.25 11.95 65.21
C ARG B 78 19.85 11.65 64.67
N PHE B 79 19.14 12.71 64.28
CA PHE B 79 17.81 12.60 63.71
C PHE B 79 17.91 12.82 62.20
N ASP B 80 17.38 11.87 61.42
CA ASP B 80 17.60 11.89 59.98
C ASP B 80 16.36 11.39 59.27
N ASN B 81 15.85 12.18 58.32
CA ASN B 81 14.73 11.81 57.44
C ASN B 81 14.73 12.71 56.21
N PRO B 82 15.65 12.49 55.27
CA PRO B 82 15.92 13.49 54.23
C PRO B 82 14.90 13.53 53.11
N VAL B 83 15.12 14.43 52.16
CA VAL B 83 14.32 14.57 50.95
C VAL B 83 15.17 14.13 49.77
N LEU B 84 14.62 13.21 48.96
CA LEU B 84 15.33 12.65 47.82
C LEU B 84 14.46 12.68 46.58
N PRO B 85 15.06 12.89 45.41
CA PRO B 85 14.30 12.76 44.15
C PRO B 85 14.29 11.32 43.66
N PHE B 86 13.51 11.10 42.60
CA PHE B 86 13.37 9.77 42.00
C PHE B 86 14.33 9.59 40.83
N ASN B 87 14.24 10.47 39.84
CA ASN B 87 15.15 10.49 38.68
C ASN B 87 15.11 9.17 37.92
N ASP B 88 13.93 8.89 37.36
CA ASP B 88 13.75 7.84 36.36
C ASP B 88 14.19 6.47 36.88
N GLY B 89 13.85 6.17 38.13
CA GLY B 89 14.17 4.87 38.69
C GLY B 89 14.81 4.95 40.05
N VAL B 90 14.57 3.94 40.90
CA VAL B 90 15.04 3.94 42.27
C VAL B 90 15.63 2.56 42.60
N TYR B 91 16.82 2.56 43.18
CA TYR B 91 17.40 1.37 43.79
C TYR B 91 17.60 1.66 45.27
N PHE B 92 17.13 0.74 46.12
CA PHE B 92 17.17 0.95 47.56
C PHE B 92 17.66 -0.32 48.25
N ALA B 93 18.34 -0.13 49.38
CA ALA B 93 18.83 -1.22 50.19
C ALA B 93 19.03 -0.72 51.60
N SER B 94 19.23 -1.66 52.52
CA SER B 94 19.40 -1.33 53.94
C SER B 94 19.92 -2.58 54.64
N THR B 95 20.12 -2.48 55.96
CA THR B 95 20.52 -3.60 56.80
C THR B 95 19.91 -3.40 58.18
N GLU B 96 18.98 -4.29 58.54
CA GLU B 96 18.32 -4.20 59.84
C GLU B 96 17.57 -5.50 60.09
N LYS B 97 17.30 -5.76 61.38
CA LYS B 97 16.47 -6.88 61.78
C LYS B 97 15.41 -6.51 62.81
N SER B 98 15.51 -5.34 63.45
CA SER B 98 14.50 -4.87 64.37
C SER B 98 13.34 -4.16 63.68
N ASN B 99 13.41 -4.04 62.35
CA ASN B 99 12.31 -3.50 61.54
C ASN B 99 12.04 -2.02 61.88
N ILE B 100 13.12 -1.25 62.03
CA ILE B 100 12.96 0.19 62.25
C ILE B 100 12.33 0.85 61.03
N ILE B 101 12.75 0.44 59.83
CA ILE B 101 12.19 0.95 58.59
C ILE B 101 11.18 -0.07 58.07
N ARG B 102 9.92 0.33 57.99
CA ARG B 102 8.85 -0.55 57.51
C ARG B 102 8.61 -0.44 56.01
N GLY B 103 8.85 0.73 55.42
CA GLY B 103 8.61 0.90 54.01
C GLY B 103 9.01 2.25 53.47
N TRP B 104 8.28 2.73 52.45
CA TRP B 104 8.60 3.97 51.77
C TRP B 104 7.31 4.62 51.32
N ILE B 105 7.41 5.89 50.93
CA ILE B 105 6.28 6.64 50.40
C ILE B 105 6.67 7.22 49.05
N PHE B 106 5.67 7.49 48.22
CA PHE B 106 5.91 7.87 46.84
C PHE B 106 4.88 8.90 46.39
N GLY B 107 5.32 9.82 45.54
CA GLY B 107 4.44 10.84 45.03
C GLY B 107 5.22 11.88 44.28
N THR B 108 4.55 13.00 43.98
CA THR B 108 5.16 14.14 43.32
C THR B 108 5.28 15.34 44.25
N THR B 109 4.21 15.67 44.98
CA THR B 109 4.24 16.73 45.96
C THR B 109 4.00 16.24 47.38
N LEU B 110 3.55 15.00 47.56
CA LEU B 110 3.33 14.41 48.89
C LEU B 110 2.36 15.24 49.71
N ASP B 111 1.20 15.53 49.13
CA ASP B 111 0.15 16.28 49.81
C ASP B 111 -1.20 15.87 49.22
N SER B 112 -2.26 16.53 49.68
CA SER B 112 -3.60 16.23 49.16
C SER B 112 -3.79 16.74 47.73
N LYS B 113 -2.90 17.58 47.24
CA LYS B 113 -3.04 18.13 45.90
C LYS B 113 -2.92 17.04 44.83
N THR B 114 -2.00 16.11 45.02
CA THR B 114 -1.72 15.08 44.02
C THR B 114 -1.80 13.70 44.66
N GLN B 115 -2.03 12.69 43.81
CA GLN B 115 -2.12 11.33 44.28
C GLN B 115 -0.75 10.82 44.75
N SER B 116 -0.78 9.74 45.54
CA SER B 116 0.44 9.21 46.11
C SER B 116 0.25 7.72 46.40
N LEU B 117 1.34 6.98 46.32
CA LEU B 117 1.34 5.54 46.56
C LEU B 117 1.97 5.26 47.93
N LEU B 118 1.29 4.46 48.73
CA LEU B 118 1.75 4.08 50.06
C LEU B 118 1.88 2.58 50.18
N ILE B 119 3.02 2.12 50.66
CA ILE B 119 3.22 0.73 51.06
C ILE B 119 3.83 0.71 52.46
N VAL B 120 3.27 -0.11 53.33
CA VAL B 120 3.74 -0.20 54.71
C VAL B 120 3.49 -1.62 55.19
N ASN B 121 4.36 -2.10 56.07
CA ASN B 121 4.34 -3.49 56.50
C ASN B 121 4.20 -3.58 58.01
N ASN B 122 3.35 -4.50 58.46
CA ASN B 122 3.29 -4.92 59.85
C ASN B 122 3.43 -6.43 59.91
N ALA B 123 3.47 -6.96 61.13
CA ALA B 123 3.73 -8.39 61.31
C ALA B 123 2.62 -9.27 60.73
N THR B 124 1.45 -8.70 60.46
CA THR B 124 0.33 -9.49 59.95
C THR B 124 0.38 -9.60 58.43
N ASN B 125 0.36 -8.48 57.72
CA ASN B 125 0.32 -8.46 56.26
C ASN B 125 1.05 -7.22 55.76
N VAL B 126 0.82 -6.87 54.50
CA VAL B 126 1.34 -5.65 53.90
C VAL B 126 0.15 -4.81 53.45
N VAL B 127 0.18 -3.52 53.78
CA VAL B 127 -0.90 -2.60 53.44
C VAL B 127 -0.39 -1.67 52.35
N ILE B 128 -1.05 -1.69 51.19
CA ILE B 128 -0.71 -0.84 50.06
C ILE B 128 -1.96 -0.09 49.66
N LYS B 129 -1.89 1.25 49.70
CA LYS B 129 -3.02 2.10 49.34
C LYS B 129 -2.52 3.29 48.55
N VAL B 130 -3.41 3.85 47.73
CA VAL B 130 -3.10 5.01 46.89
C VAL B 130 -4.21 6.04 47.09
N CYS B 131 -3.87 7.16 47.71
CA CYS B 131 -4.81 8.25 47.92
C CYS B 131 -4.05 9.57 47.89
N GLU B 132 -4.81 10.67 47.94
CA GLU B 132 -4.23 12.01 48.05
C GLU B 132 -4.00 12.31 49.52
N PHE B 133 -3.04 11.60 50.10
CA PHE B 133 -2.79 11.68 51.53
C PHE B 133 -2.24 13.05 51.92
N GLN B 134 -2.72 13.57 53.05
CA GLN B 134 -2.17 14.78 53.64
C GLN B 134 -1.05 14.37 54.58
N PHE B 135 0.19 14.48 54.11
CA PHE B 135 1.34 13.97 54.84
C PHE B 135 1.96 15.05 55.72
N CYS B 136 2.60 14.61 56.79
CA CYS B 136 3.35 15.51 57.65
C CYS B 136 4.70 15.85 57.01
N ASN B 137 5.41 16.80 57.61
CA ASN B 137 6.74 17.12 57.14
C ASN B 137 7.75 16.04 57.55
N ASP B 138 7.51 15.36 58.67
CA ASP B 138 8.36 14.27 59.14
C ASP B 138 7.53 13.06 59.54
N PRO B 139 6.85 12.42 58.58
CA PRO B 139 6.03 11.26 58.92
C PRO B 139 6.89 10.07 59.35
N PHE B 140 6.33 9.25 60.24
CA PHE B 140 7.01 8.06 60.72
C PHE B 140 5.98 7.16 61.38
N LEU B 141 6.44 6.02 61.89
CA LEU B 141 5.61 5.08 62.61
C LEU B 141 5.90 5.18 64.11
N GLY B 142 4.85 5.23 64.92
CA GLY B 142 4.99 5.29 66.35
C GLY B 142 4.60 3.97 67.00
N VAL B 143 5.45 3.51 67.90
CA VAL B 143 5.23 2.27 68.64
C VAL B 143 5.24 2.59 70.13
N TYR B 144 4.36 1.91 70.87
CA TYR B 144 4.24 2.10 72.31
C TYR B 144 4.15 0.74 72.98
N TYR B 145 4.12 0.75 74.31
CA TYR B 145 4.12 -0.47 75.12
C TYR B 145 2.81 -0.58 75.88
N HIS B 146 2.20 -1.76 75.84
CA HIS B 146 0.96 -2.02 76.56
C HIS B 146 1.28 -2.75 77.85
N LYS B 147 0.89 -2.15 78.97
CA LYS B 147 1.17 -2.77 80.27
C LYS B 147 0.40 -4.08 80.44
N ASN B 148 -0.87 -4.10 80.02
CA ASN B 148 -1.67 -5.32 80.18
C ASN B 148 -1.19 -6.42 79.25
N ASN B 149 -0.89 -6.10 78.00
CA ASN B 149 -0.45 -7.09 77.02
C ASN B 149 1.02 -7.46 77.17
N LYS B 150 1.80 -6.68 77.91
CA LYS B 150 3.22 -6.95 78.14
C LYS B 150 3.99 -7.09 76.81
N SER B 151 3.66 -6.23 75.85
CA SER B 151 4.31 -6.24 74.55
C SER B 151 4.20 -4.86 73.93
N TRP B 152 5.00 -4.64 72.90
CA TRP B 152 5.03 -3.36 72.20
C TRP B 152 3.88 -3.30 71.20
N MET B 153 2.92 -2.41 71.42
CA MET B 153 1.77 -2.25 70.55
C MET B 153 1.95 -1.02 69.65
N GLU B 154 1.34 -1.09 68.47
CA GLU B 154 1.48 -0.04 67.46
C GLU B 154 0.08 0.26 66.91
N SER B 155 -0.53 1.36 67.36
CA SER B 155 -1.89 1.66 66.95
C SER B 155 -2.16 3.13 66.66
N GLU B 156 -1.15 4.00 66.71
CA GLU B 156 -1.39 5.42 66.48
C GLU B 156 -1.21 5.84 65.03
N PHE B 157 -0.17 5.32 64.35
CA PHE B 157 0.02 5.53 62.91
C PHE B 157 0.06 7.01 62.55
N ARG B 158 1.11 7.68 63.02
CA ARG B 158 1.29 9.12 62.83
C ARG B 158 1.77 9.50 61.43
N VAL B 159 1.69 8.60 60.44
CA VAL B 159 2.27 8.88 59.12
C VAL B 159 1.54 10.05 58.46
N TYR B 160 0.25 9.89 58.20
CA TYR B 160 -0.53 10.86 57.45
C TYR B 160 -1.74 11.33 58.26
N SER B 161 -2.30 12.45 57.83
CA SER B 161 -3.43 13.06 58.52
C SER B 161 -4.76 12.63 57.90
N SER B 162 -4.97 12.90 56.63
CA SER B 162 -6.23 12.62 55.96
C SER B 162 -5.98 12.05 54.58
N ALA B 163 -6.97 11.30 54.08
CA ALA B 163 -6.92 10.71 52.76
C ALA B 163 -8.21 11.01 52.02
N ASN B 164 -8.10 11.23 50.71
CA ASN B 164 -9.26 11.54 49.88
C ASN B 164 -9.03 11.00 48.49
N ASN B 165 -10.13 10.75 47.78
CA ASN B 165 -10.11 10.22 46.42
C ASN B 165 -9.30 8.94 46.33
N CYS B 166 -9.67 7.98 47.19
CA CYS B 166 -9.01 6.68 47.19
C CYS B 166 -9.19 5.98 45.85
N THR B 167 -8.10 5.44 45.32
CA THR B 167 -8.12 4.82 44.00
C THR B 167 -7.49 3.44 43.94
N PHE B 168 -6.94 2.93 45.05
CA PHE B 168 -6.25 1.65 45.00
C PHE B 168 -6.13 1.09 46.41
N GLU B 169 -6.02 -0.24 46.48
CA GLU B 169 -5.80 -0.95 47.73
C GLU B 169 -5.32 -2.36 47.40
N TYR B 170 -4.33 -2.84 48.14
CA TYR B 170 -3.76 -4.15 47.88
C TYR B 170 -3.02 -4.64 49.11
N VAL B 171 -3.06 -5.95 49.31
CA VAL B 171 -2.46 -6.60 50.49
C VAL B 171 -1.82 -7.90 50.06
N SER B 172 -0.65 -8.20 50.63
CA SER B 172 0.03 -9.47 50.41
C SER B 172 0.75 -9.89 51.70
N GLN B 173 1.44 -11.02 51.62
CA GLN B 173 2.09 -11.59 52.78
C GLN B 173 3.23 -10.68 53.25
N PRO B 174 3.41 -10.53 54.57
CA PRO B 174 4.51 -9.71 55.06
C PRO B 174 5.85 -10.37 54.79
N PHE B 175 6.87 -9.55 54.55
CA PHE B 175 8.23 -10.02 54.34
C PHE B 175 9.18 -9.28 55.27
N LEU B 176 10.27 -9.96 55.63
CA LEU B 176 11.39 -9.41 56.38
C LEU B 176 11.04 -9.06 57.82
N MET B 177 9.84 -9.38 58.28
CA MET B 177 9.38 -8.98 59.61
C MET B 177 9.03 -10.18 60.46
N ASP B 178 9.38 -10.10 61.75
CA ASP B 178 9.03 -11.10 62.74
C ASP B 178 8.54 -10.39 64.00
N LEU B 179 7.84 -11.14 64.84
CA LEU B 179 7.32 -10.62 66.11
C LEU B 179 8.47 -10.53 67.12
N GLU B 180 9.39 -9.61 66.86
CA GLU B 180 10.58 -9.45 67.68
C GLU B 180 10.96 -7.98 67.75
N GLY B 181 11.42 -7.57 68.94
CA GLY B 181 11.96 -6.24 69.14
C GLY B 181 13.27 -6.31 69.91
N LYS B 182 14.36 -5.85 69.29
CA LYS B 182 15.68 -6.00 69.88
C LYS B 182 16.54 -4.81 69.49
N GLN B 183 17.70 -4.70 70.17
CA GLN B 183 18.69 -3.66 69.91
C GLN B 183 20.05 -4.36 69.80
N GLY B 184 20.41 -4.74 68.57
CA GLY B 184 21.65 -5.45 68.34
C GLY B 184 22.11 -5.28 66.91
N ASN B 185 23.23 -5.93 66.59
CA ASN B 185 23.81 -5.84 65.27
C ASN B 185 22.97 -6.62 64.25
N PHE B 186 23.11 -6.26 62.99
CA PHE B 186 22.38 -6.88 61.89
C PHE B 186 23.36 -7.62 60.99
N LYS B 187 23.06 -8.89 60.72
CA LYS B 187 23.86 -9.72 59.81
C LYS B 187 23.05 -10.10 58.57
N ASN B 188 22.07 -9.29 58.21
CA ASN B 188 21.23 -9.54 57.05
C ASN B 188 21.24 -8.32 56.14
N LEU B 189 20.95 -8.56 54.87
CA LEU B 189 20.92 -7.51 53.85
C LEU B 189 19.57 -7.49 53.17
N ARG B 190 18.99 -6.30 53.08
CA ARG B 190 17.74 -6.08 52.34
C ARG B 190 18.05 -5.21 51.13
N GLU B 191 17.54 -5.62 49.96
CA GLU B 191 17.74 -4.85 48.74
C GLU B 191 16.45 -4.78 47.96
N PHE B 192 16.28 -3.67 47.24
CA PHE B 192 15.11 -3.43 46.41
C PHE B 192 15.52 -2.60 45.20
N VAL B 193 14.73 -2.69 44.14
CA VAL B 193 14.84 -1.76 43.02
C VAL B 193 13.44 -1.44 42.54
N PHE B 194 13.17 -0.14 42.37
CA PHE B 194 11.83 0.37 42.11
C PHE B 194 11.78 1.07 40.77
N LYS B 195 10.66 0.96 40.08
CA LYS B 195 10.50 1.51 38.74
C LYS B 195 9.04 1.45 38.35
N ASN B 196 8.55 2.52 37.72
CA ASN B 196 7.20 2.56 37.16
C ASN B 196 7.27 2.92 35.69
N ILE B 197 6.84 1.99 34.83
CA ILE B 197 6.88 2.17 33.39
C ILE B 197 5.52 1.77 32.82
N ASP B 198 5.01 2.60 31.91
CA ASP B 198 3.74 2.37 31.22
C ASP B 198 2.57 2.22 32.19
N GLY B 199 2.68 2.79 33.38
CA GLY B 199 1.65 2.65 34.38
C GLY B 199 1.74 1.40 35.22
N TYR B 200 2.79 0.60 35.05
CA TYR B 200 3.02 -0.59 35.86
C TYR B 200 4.18 -0.34 36.81
N PHE B 201 3.95 -0.63 38.09
CA PHE B 201 4.95 -0.45 39.14
C PHE B 201 5.31 -1.84 39.67
N LYS B 202 6.52 -2.30 39.36
CA LYS B 202 6.96 -3.65 39.69
C LYS B 202 8.04 -3.58 40.76
N ILE B 203 7.92 -4.43 41.78
CA ILE B 203 8.85 -4.47 42.89
C ILE B 203 9.78 -5.67 42.70
N TYR B 204 11.08 -5.40 42.69
CA TYR B 204 12.11 -6.44 42.61
C TYR B 204 12.99 -6.33 43.85
N SER B 205 13.28 -7.48 44.48
CA SER B 205 13.99 -7.47 45.74
C SER B 205 14.76 -8.78 45.90
N LYS B 206 15.47 -8.89 47.03
CA LYS B 206 16.25 -10.07 47.34
C LYS B 206 16.56 -10.07 48.83
N HIS B 207 16.57 -11.26 49.43
CA HIS B 207 16.85 -11.45 50.84
C HIS B 207 18.02 -12.40 50.99
N THR B 208 19.09 -11.93 51.64
CA THR B 208 20.31 -12.72 51.79
C THR B 208 21.14 -12.20 52.96
N PRO B 209 21.58 -13.09 53.86
CA PRO B 209 22.40 -12.64 54.99
C PRO B 209 23.87 -12.51 54.62
N ILE B 210 24.53 -11.54 55.26
CA ILE B 210 25.94 -11.28 55.05
C ILE B 210 26.57 -10.92 56.40
N ASN B 211 27.84 -11.29 56.56
CA ASN B 211 28.57 -11.04 57.79
C ASN B 211 29.87 -10.26 57.59
N LEU B 212 30.17 -9.83 56.38
CA LEU B 212 31.43 -9.18 56.10
C LEU B 212 31.49 -7.80 56.76
N VAL B 213 32.72 -7.31 56.97
CA VAL B 213 32.91 -5.99 57.56
C VAL B 213 32.33 -4.92 56.64
N ARG B 214 32.59 -5.03 55.34
CA ARG B 214 31.99 -4.11 54.38
C ARG B 214 30.47 -4.27 54.39
N ASP B 215 29.76 -3.14 54.44
CA ASP B 215 28.31 -3.18 54.54
C ASP B 215 27.68 -3.80 53.29
N LEU B 216 28.19 -3.44 52.12
CA LEU B 216 27.73 -4.03 50.87
C LEU B 216 28.81 -4.96 50.33
N PRO B 217 28.53 -6.25 50.20
CA PRO B 217 29.57 -7.20 49.81
C PRO B 217 29.78 -7.27 48.30
N GLN B 218 31.01 -7.62 47.93
CA GLN B 218 31.37 -7.81 46.52
C GLN B 218 31.09 -9.25 46.09
N GLY B 219 29.87 -9.69 46.37
CA GLY B 219 29.41 -11.00 45.96
C GLY B 219 28.18 -10.89 45.08
N PHE B 220 28.25 -11.46 43.87
CA PHE B 220 27.17 -11.30 42.91
C PHE B 220 25.89 -11.94 43.42
N SER B 221 24.77 -11.26 43.17
CA SER B 221 23.46 -11.77 43.53
C SER B 221 22.43 -11.17 42.60
N ALA B 222 21.27 -11.82 42.53
CA ALA B 222 20.18 -11.37 41.68
C ALA B 222 18.98 -10.96 42.54
N LEU B 223 18.00 -10.35 41.88
CA LEU B 223 16.77 -9.92 42.54
C LEU B 223 15.57 -10.50 41.81
N GLU B 224 14.65 -11.13 42.57
CA GLU B 224 13.44 -11.76 42.08
C GLU B 224 12.29 -10.76 42.02
N PRO B 225 11.29 -11.01 41.18
CA PRO B 225 10.10 -10.16 41.18
C PRO B 225 9.20 -10.47 42.37
N LEU B 226 8.82 -9.43 43.10
CA LEU B 226 7.93 -9.61 44.24
C LEU B 226 6.47 -9.55 43.83
N VAL B 227 6.03 -8.42 43.29
CA VAL B 227 4.65 -8.20 42.87
C VAL B 227 4.65 -7.24 41.68
N ASP B 228 3.50 -7.14 41.03
CA ASP B 228 3.25 -6.09 40.04
C ASP B 228 1.92 -5.41 40.35
N LEU B 229 1.92 -4.07 40.34
CA LEU B 229 0.76 -3.28 40.72
C LEU B 229 0.56 -2.20 39.66
N PRO B 230 -0.18 -2.50 38.59
CA PRO B 230 -0.34 -1.52 37.51
C PRO B 230 -1.20 -0.34 37.92
N ILE B 231 -0.56 0.79 38.20
CA ILE B 231 -1.22 2.04 38.55
C ILE B 231 -0.45 3.19 37.90
N GLY B 232 -1.16 4.07 37.22
CA GLY B 232 -0.51 5.13 36.47
C GLY B 232 -0.39 6.45 37.22
N ILE B 233 0.78 6.71 37.79
CA ILE B 233 1.05 7.94 38.53
C ILE B 233 2.42 8.44 38.14
N ASN B 234 2.53 9.74 37.86
CA ASN B 234 3.82 10.37 37.65
C ASN B 234 4.51 10.53 38.99
N ILE B 235 5.64 9.84 39.18
CA ILE B 235 6.36 9.81 40.44
C ILE B 235 7.72 10.46 40.24
N THR B 236 8.05 11.44 41.09
CA THR B 236 9.36 12.07 41.06
C THR B 236 9.90 12.33 42.46
N ARG B 237 9.28 11.76 43.50
CA ARG B 237 9.66 12.03 44.88
C ARG B 237 9.34 10.81 45.73
N PHE B 238 10.23 10.50 46.68
CA PHE B 238 10.02 9.34 47.53
C PHE B 238 10.72 9.57 48.87
N GLN B 239 10.05 9.15 49.95
CA GLN B 239 10.55 9.32 51.30
C GLN B 239 10.43 7.99 52.05
N THR B 240 11.43 7.70 52.88
CA THR B 240 11.45 6.47 53.66
C THR B 240 10.46 6.55 54.83
N LEU B 241 10.20 5.39 55.44
CA LEU B 241 9.34 5.28 56.60
C LEU B 241 10.16 4.81 57.79
N LEU B 242 10.02 5.50 58.92
CA LEU B 242 10.78 5.19 60.12
C LEU B 242 9.84 4.84 61.26
N ALA B 243 10.35 4.06 62.20
CA ALA B 243 9.63 3.71 63.42
C ALA B 243 10.33 4.34 64.62
N LEU B 244 9.59 5.12 65.40
CA LEU B 244 10.13 5.80 66.57
C LEU B 244 9.42 5.29 67.81
N HIS B 245 10.20 4.85 68.79
CA HIS B 245 9.64 4.32 70.03
C HIS B 245 9.19 5.47 70.92
N ARG B 246 7.95 5.37 71.42
CA ARG B 246 7.44 6.39 72.33
C ARG B 246 8.17 6.30 73.66
N SER B 247 8.65 7.43 74.15
CA SER B 247 9.43 7.49 75.38
C SER B 247 8.56 8.01 76.52
N TYR B 248 8.45 7.22 77.58
CA TYR B 248 7.70 7.61 78.77
C TYR B 248 8.71 7.89 79.88
N LEU B 249 8.75 9.13 80.33
CA LEU B 249 9.72 9.58 81.31
C LEU B 249 9.01 10.16 82.53
N THR B 250 9.51 9.81 83.71
CA THR B 250 9.01 10.40 84.94
C THR B 250 9.46 11.86 85.03
N PRO B 251 8.80 12.68 85.85
CA PRO B 251 9.21 14.08 85.96
C PRO B 251 10.65 14.27 86.38
N GLY B 252 11.22 13.33 87.13
CA GLY B 252 12.60 13.41 87.56
C GLY B 252 13.62 12.74 86.67
N ASP B 253 13.20 12.08 85.59
CA ASP B 253 14.15 11.42 84.71
C ASP B 253 15.05 12.42 83.99
N SER B 254 14.45 13.43 83.36
CA SER B 254 15.19 14.40 82.55
C SER B 254 16.05 13.71 81.50
N SER B 255 15.48 12.69 80.86
CA SER B 255 16.21 11.89 79.87
C SER B 255 16.19 12.59 78.51
N SER B 256 16.85 11.96 77.54
CA SER B 256 16.93 12.53 76.19
C SER B 256 15.56 12.60 75.54
N GLY B 257 14.75 11.54 75.69
CA GLY B 257 13.45 11.49 75.08
C GLY B 257 13.42 10.93 73.67
N TRP B 258 14.57 10.64 73.08
CA TRP B 258 14.67 10.05 71.75
C TRP B 258 15.02 8.57 71.89
N THR B 259 14.08 7.71 71.51
CA THR B 259 14.26 6.26 71.63
C THR B 259 14.09 5.63 70.26
N ALA B 260 15.19 5.09 69.73
CA ALA B 260 15.19 4.42 68.43
C ALA B 260 16.49 3.64 68.30
N GLY B 261 16.40 2.49 67.65
CA GLY B 261 17.56 1.65 67.42
C GLY B 261 18.39 2.10 66.25
N ALA B 262 19.47 1.36 66.01
CA ALA B 262 20.35 1.65 64.88
C ALA B 262 19.63 1.35 63.56
N ALA B 263 19.80 2.26 62.60
CA ALA B 263 19.14 2.10 61.31
C ALA B 263 19.97 2.81 60.25
N ALA B 264 20.24 2.11 59.15
CA ALA B 264 21.02 2.68 58.06
C ALA B 264 20.56 2.05 56.75
N TYR B 265 20.73 2.80 55.67
CA TYR B 265 20.29 2.35 54.35
C TYR B 265 21.15 3.01 53.29
N TYR B 266 21.15 2.40 52.10
CA TYR B 266 21.92 2.88 50.96
C TYR B 266 20.99 3.10 49.78
N VAL B 267 21.23 4.20 49.05
CA VAL B 267 20.35 4.64 47.98
C VAL B 267 21.18 4.82 46.72
N GLY B 268 20.70 4.24 45.61
CA GLY B 268 21.29 4.46 44.32
C GLY B 268 20.23 4.85 43.32
N TYR B 269 20.68 5.42 42.20
CA TYR B 269 19.79 5.92 41.17
C TYR B 269 20.04 5.16 39.87
N LEU B 270 18.95 4.78 39.20
CA LEU B 270 19.05 3.92 38.04
C LEU B 270 19.53 4.70 36.82
N GLN B 271 19.70 3.98 35.71
CA GLN B 271 20.30 4.53 34.49
C GLN B 271 20.01 3.60 33.33
N PRO B 272 19.56 4.12 32.18
CA PRO B 272 19.42 3.26 31.00
C PRO B 272 20.77 2.73 30.55
N ARG B 273 20.91 1.41 30.57
CA ARG B 273 22.16 0.75 30.24
C ARG B 273 21.87 -0.52 29.47
N THR B 274 22.93 -1.14 28.97
CA THR B 274 22.87 -2.43 28.31
C THR B 274 23.56 -3.45 29.19
N PHE B 275 22.96 -4.63 29.34
CA PHE B 275 23.56 -5.73 30.07
C PHE B 275 23.80 -6.93 29.15
N LEU B 276 24.62 -7.85 29.66
CA LEU B 276 24.90 -9.13 29.00
C LEU B 276 25.04 -10.15 30.12
N LEU B 277 23.95 -10.86 30.40
CA LEU B 277 23.89 -11.76 31.55
C LEU B 277 24.33 -13.17 31.17
N LYS B 278 24.75 -13.92 32.19
CA LYS B 278 25.13 -15.32 32.05
C LYS B 278 24.24 -16.16 32.96
N TYR B 279 23.46 -17.05 32.36
CA TYR B 279 22.48 -17.84 33.10
C TYR B 279 23.04 -19.22 33.41
N ASN B 280 22.54 -19.80 34.50
CA ASN B 280 22.97 -21.11 34.97
C ASN B 280 22.02 -22.18 34.46
N GLU B 281 22.47 -23.44 34.54
CA GLU B 281 21.66 -24.55 34.06
C GLU B 281 20.33 -24.64 34.81
N ASN B 282 20.36 -24.48 36.12
CA ASN B 282 19.12 -24.50 36.89
C ASN B 282 18.31 -23.23 36.69
N GLY B 283 18.97 -22.12 36.35
CA GLY B 283 18.27 -20.90 36.02
C GLY B 283 18.43 -19.77 37.02
N THR B 284 19.60 -19.68 37.64
CA THR B 284 19.92 -18.60 38.57
C THR B 284 21.03 -17.74 37.98
N ILE B 285 20.86 -16.43 38.03
CA ILE B 285 21.86 -15.51 37.48
C ILE B 285 23.11 -15.59 38.35
N THR B 286 24.17 -16.20 37.81
CA THR B 286 25.40 -16.37 38.58
C THR B 286 26.27 -15.12 38.50
N ASP B 287 26.42 -14.54 37.31
CA ASP B 287 27.23 -13.36 37.14
C ASP B 287 26.83 -12.68 35.84
N ALA B 288 27.16 -11.38 35.74
CA ALA B 288 26.89 -10.59 34.55
C ALA B 288 28.07 -9.63 34.34
N VAL B 289 27.91 -8.69 33.42
CA VAL B 289 28.97 -7.74 33.08
C VAL B 289 28.38 -6.35 32.92
N ASP B 290 29.19 -5.35 33.25
CA ASP B 290 28.87 -3.96 32.97
C ASP B 290 29.37 -3.63 31.57
N CYS B 291 28.48 -3.14 30.71
CA CYS B 291 28.84 -2.98 29.31
C CYS B 291 29.72 -1.75 29.07
N ALA B 292 29.38 -0.61 29.70
CA ALA B 292 30.00 0.65 29.35
C ALA B 292 30.80 1.26 30.50
N LEU B 293 31.53 0.45 31.26
CA LEU B 293 32.36 0.95 32.34
C LEU B 293 33.83 0.63 32.16
N ASP B 294 34.15 -0.64 31.89
CA ASP B 294 35.52 -1.06 31.66
C ASP B 294 35.74 -1.36 30.19
N PRO B 295 36.76 -0.78 29.56
CA PRO B 295 37.02 -1.08 28.14
C PRO B 295 37.27 -2.55 27.87
N LEU B 296 37.80 -3.28 28.85
CA LEU B 296 37.93 -4.73 28.71
C LEU B 296 36.57 -5.39 28.58
N SER B 297 35.58 -4.92 29.35
CA SER B 297 34.27 -5.55 29.33
C SER B 297 33.55 -5.33 28.00
N GLU B 298 33.92 -4.30 27.25
CA GLU B 298 33.27 -4.09 25.96
C GLU B 298 33.66 -5.17 24.96
N THR B 299 34.82 -5.82 25.16
CA THR B 299 35.12 -7.05 24.43
C THR B 299 34.05 -8.09 24.67
N LYS B 300 33.67 -8.30 25.93
CA LYS B 300 32.59 -9.21 26.25
C LYS B 300 31.28 -8.75 25.64
N CYS B 301 31.05 -7.43 25.59
CA CYS B 301 29.85 -6.93 24.95
C CYS B 301 29.81 -7.32 23.48
N THR B 302 30.94 -7.21 22.80
CA THR B 302 30.97 -7.55 21.37
C THR B 302 30.86 -9.06 21.17
N LEU B 303 31.56 -9.85 21.97
CA LEU B 303 31.59 -11.31 21.82
C LEU B 303 30.83 -11.93 22.99
N LYS B 304 29.78 -12.69 22.67
CA LYS B 304 28.82 -13.12 23.68
C LYS B 304 29.46 -13.95 24.80
N SER B 305 30.63 -14.54 24.56
CA SER B 305 31.29 -15.31 25.60
C SER B 305 31.69 -14.43 26.78
N PHE B 306 31.61 -14.98 27.99
CA PHE B 306 32.04 -14.25 29.17
C PHE B 306 33.57 -14.19 29.29
N THR B 307 34.29 -15.08 28.60
CA THR B 307 35.73 -15.08 28.60
C THR B 307 36.25 -14.78 27.20
N VAL B 308 37.44 -14.20 27.13
CA VAL B 308 37.98 -13.69 25.87
C VAL B 308 39.35 -14.31 25.63
N GLU B 309 39.62 -14.67 24.38
CA GLU B 309 40.93 -15.12 23.95
C GLU B 309 41.77 -13.92 23.50
N LYS B 310 43.08 -14.15 23.41
CA LYS B 310 43.99 -13.08 23.02
C LYS B 310 43.78 -12.67 21.57
N GLY B 311 44.02 -11.40 21.29
CA GLY B 311 43.88 -10.88 19.95
C GLY B 311 43.45 -9.43 20.00
N ILE B 312 43.38 -8.83 18.81
CA ILE B 312 42.94 -7.45 18.65
C ILE B 312 41.50 -7.45 18.19
N TYR B 313 40.64 -6.76 18.93
CA TYR B 313 39.21 -6.74 18.67
C TYR B 313 38.73 -5.30 18.54
N GLN B 314 37.73 -5.10 17.68
CA GLN B 314 37.02 -3.84 17.56
C GLN B 314 35.63 -4.01 18.15
N THR B 315 35.19 -3.00 18.89
CA THR B 315 33.96 -3.10 19.66
C THR B 315 32.90 -2.07 19.29
N SER B 316 33.29 -0.81 19.08
CA SER B 316 32.32 0.23 18.74
C SER B 316 33.03 1.27 17.88
N ASN B 317 32.35 2.38 17.63
CA ASN B 317 32.87 3.47 16.80
C ASN B 317 32.92 4.75 17.61
N PHE B 318 34.00 5.50 17.46
CA PHE B 318 34.22 6.74 18.17
C PHE B 318 34.11 7.91 17.21
N ARG B 319 33.43 8.97 17.65
CA ARG B 319 33.35 10.21 16.90
C ARG B 319 33.54 11.37 17.87
N VAL B 320 34.04 12.48 17.34
CA VAL B 320 34.25 13.68 18.14
C VAL B 320 32.90 14.38 18.33
N GLN B 321 32.50 14.57 19.57
CA GLN B 321 31.21 15.16 19.85
C GLN B 321 31.25 16.66 19.58
N PRO B 322 30.35 17.19 18.75
CA PRO B 322 30.28 18.65 18.58
C PRO B 322 29.97 19.33 19.90
N THR B 323 30.59 20.50 20.10
CA THR B 323 30.55 21.16 21.40
C THR B 323 29.75 22.47 21.42
N GLU B 324 29.58 23.15 20.28
CA GLU B 324 28.58 24.20 20.19
C GLU B 324 27.87 24.06 18.84
N SER B 325 27.06 25.07 18.50
CA SER B 325 26.41 25.16 17.21
C SER B 325 26.51 26.60 16.71
N ILE B 326 26.91 26.76 15.45
CA ILE B 326 27.13 28.07 14.85
C ILE B 326 26.16 28.25 13.70
N VAL B 327 25.42 29.35 13.72
CA VAL B 327 24.41 29.65 12.71
C VAL B 327 24.65 31.06 12.18
N ARG B 328 24.67 31.20 10.86
CA ARG B 328 25.00 32.45 10.20
C ARG B 328 23.94 32.77 9.17
N PHE B 329 23.71 34.05 8.94
CA PHE B 329 22.72 34.56 8.00
C PHE B 329 23.28 35.76 7.24
N PRO B 330 22.69 36.09 6.07
CA PRO B 330 23.22 37.19 5.26
C PRO B 330 22.77 38.58 5.70
N ASN B 331 22.24 38.72 6.92
CA ASN B 331 21.88 40.01 7.51
C ASN B 331 20.69 40.67 6.81
N ILE B 332 19.64 39.90 6.56
CA ILE B 332 18.39 40.46 6.05
C ILE B 332 17.43 40.64 7.23
N THR B 333 16.86 41.84 7.35
CA THR B 333 16.03 42.17 8.50
C THR B 333 14.66 42.76 8.14
N ASN B 334 14.44 43.21 6.91
CA ASN B 334 13.14 43.77 6.56
C ASN B 334 12.07 42.68 6.56
N LEU B 335 10.85 43.08 6.90
CA LEU B 335 9.76 42.14 7.09
C LEU B 335 9.09 41.81 5.75
N CYS B 336 8.38 40.67 5.74
CA CYS B 336 7.62 40.25 4.57
C CYS B 336 6.36 41.09 4.41
N PRO B 337 5.91 41.31 3.17
CA PRO B 337 4.60 41.93 2.92
C PRO B 337 3.47 40.91 2.90
N PHE B 338 3.41 40.05 3.91
CA PHE B 338 2.37 39.04 3.97
C PHE B 338 1.01 39.66 4.30
N GLY B 339 1.01 40.78 5.03
CA GLY B 339 -0.25 41.41 5.39
C GLY B 339 -1.00 41.95 4.19
N GLU B 340 -0.29 42.57 3.24
CA GLU B 340 -0.94 43.12 2.07
C GLU B 340 -1.57 42.04 1.19
N VAL B 341 -1.13 40.80 1.32
CA VAL B 341 -1.71 39.70 0.56
C VAL B 341 -2.83 39.02 1.33
N PHE B 342 -2.59 38.68 2.60
CA PHE B 342 -3.60 38.00 3.38
C PHE B 342 -4.76 38.93 3.73
N ASN B 343 -4.47 40.18 4.07
CA ASN B 343 -5.51 41.16 4.38
C ASN B 343 -5.93 41.97 3.16
N ALA B 344 -5.79 41.41 1.96
CA ALA B 344 -6.17 42.13 0.75
C ALA B 344 -7.66 42.42 0.74
N THR B 345 -8.01 43.60 0.23
CA THR B 345 -9.42 44.00 0.18
C THR B 345 -10.23 43.06 -0.71
N ARG B 346 -9.68 42.69 -1.86
CA ARG B 346 -10.35 41.79 -2.78
C ARG B 346 -9.38 40.72 -3.26
N PHE B 347 -9.93 39.59 -3.66
CA PHE B 347 -9.15 38.46 -4.15
C PHE B 347 -9.52 38.17 -5.60
N ALA B 348 -8.55 37.64 -6.34
CA ALA B 348 -8.75 37.31 -7.74
C ALA B 348 -9.61 36.06 -7.87
N SER B 349 -10.01 35.77 -9.11
CA SER B 349 -10.80 34.58 -9.39
C SER B 349 -9.91 33.34 -9.42
N VAL B 350 -10.55 32.17 -9.33
CA VAL B 350 -9.80 30.92 -9.34
C VAL B 350 -9.21 30.67 -10.72
N TYR B 351 -9.93 31.02 -11.78
CA TYR B 351 -9.38 30.89 -13.13
C TYR B 351 -8.37 31.98 -13.45
N ALA B 352 -8.40 33.08 -12.71
CA ALA B 352 -7.49 34.20 -12.90
C ALA B 352 -6.60 34.39 -11.67
N TRP B 353 -6.08 33.29 -11.15
CA TRP B 353 -5.24 33.33 -9.96
C TRP B 353 -4.03 34.23 -10.19
N ASN B 354 -3.75 35.09 -9.21
CA ASN B 354 -2.68 36.07 -9.32
C ASN B 354 -1.43 35.58 -8.58
N ARG B 355 -0.28 35.80 -9.19
CA ARG B 355 0.99 35.22 -8.76
C ARG B 355 1.89 36.34 -8.26
N LYS B 356 2.37 36.20 -7.03
CA LYS B 356 3.10 37.26 -6.34
C LYS B 356 4.60 37.03 -6.33
N ARG B 357 5.33 38.12 -6.10
CA ARG B 357 6.77 38.12 -5.99
C ARG B 357 7.14 38.51 -4.56
N ILE B 358 7.85 37.64 -3.87
CA ILE B 358 8.33 37.88 -2.51
C ILE B 358 9.81 37.56 -2.45
N SER B 359 10.62 38.55 -2.06
CA SER B 359 12.05 38.36 -1.96
C SER B 359 12.63 39.45 -1.05
N ASN B 360 13.85 39.18 -0.57
CA ASN B 360 14.62 40.14 0.22
C ASN B 360 13.84 40.63 1.43
N CYS B 361 13.36 39.67 2.22
CA CYS B 361 12.56 39.98 3.40
C CYS B 361 12.53 38.76 4.32
N VAL B 362 12.19 39.01 5.58
CA VAL B 362 12.19 37.99 6.62
C VAL B 362 10.76 37.49 6.83
N ALA B 363 10.59 36.17 6.80
CA ALA B 363 9.29 35.54 6.94
C ALA B 363 9.16 34.96 8.34
N ASP B 364 8.10 35.35 9.05
CA ASP B 364 7.77 34.82 10.37
C ASP B 364 6.39 34.16 10.27
N TYR B 365 6.39 32.89 9.86
CA TYR B 365 5.14 32.15 9.74
C TYR B 365 4.55 31.76 11.09
N SER B 366 5.30 31.94 12.19
CA SER B 366 4.80 31.54 13.49
C SER B 366 3.50 32.29 13.84
N VAL B 367 3.40 33.55 13.42
CA VAL B 367 2.17 34.31 13.67
C VAL B 367 1.00 33.70 12.91
N LEU B 368 1.25 33.18 11.70
CA LEU B 368 0.18 32.67 10.85
C LEU B 368 -0.56 31.50 11.48
N TYR B 369 0.12 30.37 11.67
CA TYR B 369 -0.58 29.17 12.12
C TYR B 369 -0.97 29.23 13.59
N ASN B 370 -0.43 30.17 14.36
CA ASN B 370 -0.83 30.32 15.75
C ASN B 370 -2.15 31.06 15.92
N SER B 371 -2.70 31.60 14.84
CA SER B 371 -3.99 32.28 14.87
C SER B 371 -5.03 31.37 14.23
N ALA B 372 -6.11 31.11 14.96
CA ALA B 372 -7.17 30.23 14.47
C ALA B 372 -8.15 31.01 13.61
N SER B 373 -7.64 31.74 12.61
CA SER B 373 -8.47 32.47 11.68
C SER B 373 -8.55 31.82 10.30
N PHE B 374 -7.92 30.67 10.12
CA PHE B 374 -7.91 29.96 8.85
C PHE B 374 -8.62 28.63 9.03
N SER B 375 -9.64 28.38 8.21
CA SER B 375 -10.40 27.13 8.33
C SER B 375 -9.53 25.92 7.99
N THR B 376 -8.73 26.02 6.94
CA THR B 376 -7.87 24.93 6.48
C THR B 376 -6.43 25.40 6.42
N PHE B 377 -5.53 24.63 7.03
CA PHE B 377 -4.09 24.92 7.00
C PHE B 377 -3.38 23.59 6.76
N LYS B 378 -3.12 23.28 5.49
CA LYS B 378 -2.50 22.04 5.09
C LYS B 378 -1.20 22.34 4.35
N CYS B 379 -0.15 21.56 4.68
CA CYS B 379 1.17 21.74 4.09
C CYS B 379 1.61 20.43 3.44
N TYR B 380 2.33 20.55 2.33
CA TYR B 380 2.78 19.41 1.55
C TYR B 380 4.30 19.40 1.49
N GLY B 381 4.92 18.42 2.15
CA GLY B 381 6.35 18.21 2.05
C GLY B 381 7.20 18.89 3.10
N VAL B 382 6.67 19.88 3.80
CA VAL B 382 7.41 20.58 4.85
C VAL B 382 6.51 20.78 6.05
N SER B 383 7.04 20.53 7.24
CA SER B 383 6.28 20.71 8.47
C SER B 383 6.08 22.19 8.76
N PRO B 384 4.85 22.67 8.95
CA PRO B 384 4.65 24.08 9.29
C PRO B 384 5.32 24.50 10.58
N THR B 385 5.41 23.60 11.55
CA THR B 385 6.02 23.94 12.84
C THR B 385 7.50 24.26 12.71
N LYS B 386 8.14 23.84 11.62
CA LYS B 386 9.57 24.05 11.44
C LYS B 386 9.88 25.05 10.32
N LEU B 387 8.91 25.88 9.94
CA LEU B 387 9.16 26.88 8.91
C LEU B 387 10.04 28.02 9.37
N ASN B 388 10.35 28.10 10.67
CA ASN B 388 11.06 29.25 11.20
C ASN B 388 12.57 29.18 11.03
N ASP B 389 13.12 28.05 10.59
CA ASP B 389 14.57 27.89 10.52
C ASP B 389 14.99 27.29 9.17
N LEU B 390 14.41 27.79 8.09
CA LEU B 390 14.83 27.44 6.74
C LEU B 390 15.02 28.70 5.92
N CYS B 391 15.63 28.50 4.75
CA CYS B 391 15.80 29.55 3.76
C CYS B 391 15.41 29.01 2.40
N PHE B 392 15.00 29.90 1.51
CA PHE B 392 14.60 29.51 0.17
C PHE B 392 15.10 30.55 -0.81
N THR B 393 15.27 30.13 -2.06
CA THR B 393 15.69 31.05 -3.10
C THR B 393 14.64 32.13 -3.32
N ASN B 394 13.38 31.73 -3.48
CA ASN B 394 12.32 32.66 -3.77
C ASN B 394 11.00 32.13 -3.21
N VAL B 395 10.10 33.06 -2.88
CA VAL B 395 8.79 32.73 -2.31
C VAL B 395 7.70 33.28 -3.22
N TYR B 396 6.73 32.44 -3.56
CA TYR B 396 5.59 32.81 -4.38
C TYR B 396 4.30 32.53 -3.64
N ALA B 397 3.29 33.36 -3.86
CA ALA B 397 1.98 33.20 -3.26
C ALA B 397 0.90 33.28 -4.33
N ASP B 398 -0.10 32.41 -4.22
CA ASP B 398 -1.25 32.42 -5.12
C ASP B 398 -2.51 32.65 -4.31
N SER B 399 -3.33 33.60 -4.74
CA SER B 399 -4.58 33.94 -4.08
C SER B 399 -5.72 33.89 -5.08
N PHE B 400 -6.84 33.33 -4.65
CA PHE B 400 -8.03 33.20 -5.51
C PHE B 400 -9.23 32.96 -4.61
N VAL B 401 -10.39 32.73 -5.24
CA VAL B 401 -11.64 32.50 -4.54
C VAL B 401 -12.25 31.20 -5.08
N ILE B 402 -12.61 30.29 -4.18
CA ILE B 402 -13.22 29.02 -4.53
C ILE B 402 -14.37 28.74 -3.57
N ARG B 403 -15.28 27.88 -4.00
CA ARG B 403 -16.35 27.43 -3.12
C ARG B 403 -15.79 26.57 -2.00
N GLY B 404 -16.50 26.56 -0.86
CA GLY B 404 -16.02 25.81 0.29
C GLY B 404 -15.95 24.31 0.07
N ASP B 405 -16.89 23.77 -0.71
CA ASP B 405 -16.92 22.32 -0.93
C ASP B 405 -15.77 21.85 -1.79
N GLU B 406 -15.17 22.75 -2.59
CA GLU B 406 -14.10 22.40 -3.52
C GLU B 406 -12.72 22.73 -2.97
N VAL B 407 -12.60 23.02 -1.67
CA VAL B 407 -11.29 23.33 -1.10
C VAL B 407 -10.38 22.11 -1.16
N ARG B 408 -10.94 20.91 -0.96
CA ARG B 408 -10.13 19.69 -0.98
C ARG B 408 -9.51 19.43 -2.34
N GLN B 409 -10.01 20.07 -3.40
CA GLN B 409 -9.45 19.89 -4.73
C GLN B 409 -8.04 20.45 -4.86
N ILE B 410 -7.58 21.28 -3.91
CA ILE B 410 -6.26 21.88 -3.99
C ILE B 410 -5.23 20.91 -3.42
N ALA B 411 -4.73 20.02 -4.28
CA ALA B 411 -3.72 19.03 -3.93
C ALA B 411 -3.20 18.39 -5.21
N PRO B 412 -1.90 18.05 -5.27
CA PRO B 412 -1.39 17.40 -6.48
C PRO B 412 -2.08 16.06 -6.73
N GLY B 413 -2.35 15.80 -8.01
CA GLY B 413 -2.93 14.54 -8.40
C GLY B 413 -4.43 14.41 -8.23
N GLN B 414 -5.12 15.49 -7.84
CA GLN B 414 -6.57 15.44 -7.69
C GLN B 414 -7.26 15.74 -9.00
N THR B 415 -8.39 15.07 -9.21
CA THR B 415 -9.18 15.22 -10.43
C THR B 415 -10.42 16.07 -10.15
N GLY B 416 -10.60 17.11 -10.95
CA GLY B 416 -11.75 17.98 -10.79
C GLY B 416 -11.68 19.12 -11.78
N LYS B 417 -12.84 19.76 -11.98
CA LYS B 417 -12.93 20.85 -12.94
C LYS B 417 -12.00 22.00 -12.55
N ILE B 418 -11.93 22.33 -11.26
CA ILE B 418 -10.98 23.34 -10.80
C ILE B 418 -9.56 22.87 -11.03
N ALA B 419 -9.30 21.58 -10.80
CA ALA B 419 -7.95 21.05 -10.92
C ALA B 419 -7.43 21.15 -12.35
N ASP B 420 -8.26 20.83 -13.34
CA ASP B 420 -7.77 20.74 -14.71
C ASP B 420 -8.11 21.95 -15.58
N TYR B 421 -9.08 22.78 -15.21
CA TYR B 421 -9.40 23.96 -16.00
C TYR B 421 -9.18 25.27 -15.28
N ASN B 422 -8.95 25.26 -13.96
CA ASN B 422 -8.78 26.49 -13.21
C ASN B 422 -7.39 26.63 -12.59
N TYR B 423 -6.93 25.62 -11.85
CA TYR B 423 -5.64 25.71 -11.18
C TYR B 423 -5.05 24.31 -11.07
N LYS B 424 -3.85 24.13 -11.62
CA LYS B 424 -3.19 22.82 -11.66
C LYS B 424 -1.91 22.89 -10.85
N LEU B 425 -1.67 21.85 -10.04
CA LEU B 425 -0.48 21.74 -9.22
C LEU B 425 0.40 20.60 -9.68
N PRO B 426 1.71 20.80 -9.76
CA PRO B 426 2.60 19.71 -10.21
C PRO B 426 2.68 18.60 -9.18
N ASP B 427 2.98 17.39 -9.67
CA ASP B 427 3.15 16.26 -8.78
C ASP B 427 4.34 16.47 -7.86
N ASP B 428 5.46 16.95 -8.40
CA ASP B 428 6.65 17.24 -7.61
C ASP B 428 6.57 18.67 -7.08
N PHE B 429 5.67 18.86 -6.12
CA PHE B 429 5.40 20.16 -5.53
C PHE B 429 5.57 20.11 -4.03
N THR B 430 5.95 21.26 -3.46
CA THR B 430 6.12 21.41 -2.02
C THR B 430 5.59 22.78 -1.63
N GLY B 431 4.56 22.81 -0.79
CA GLY B 431 3.97 24.07 -0.39
C GLY B 431 2.90 23.86 0.67
N CYS B 432 2.22 24.96 1.00
CA CYS B 432 1.19 24.96 2.02
C CYS B 432 -0.09 25.56 1.46
N VAL B 433 -1.23 25.11 2.00
CA VAL B 433 -2.54 25.56 1.57
C VAL B 433 -3.24 26.21 2.75
N ILE B 434 -3.68 27.46 2.58
CA ILE B 434 -4.39 28.21 3.61
C ILE B 434 -5.69 28.73 3.00
N ALA B 435 -6.81 28.53 3.70
CA ALA B 435 -8.10 28.95 3.21
C ALA B 435 -9.02 29.26 4.38
N TRP B 436 -10.02 30.11 4.12
CA TRP B 436 -11.01 30.45 5.12
C TRP B 436 -12.25 31.04 4.43
N ASN B 437 -13.35 31.04 5.16
CA ASN B 437 -14.62 31.52 4.61
C ASN B 437 -14.58 33.03 4.38
N SER B 438 -15.15 33.46 3.26
CA SER B 438 -15.22 34.87 2.92
C SER B 438 -16.62 35.29 2.47
N ASN B 439 -17.65 34.67 3.04
CA ASN B 439 -19.01 35.04 2.68
C ASN B 439 -19.35 36.46 3.12
N ASN B 440 -18.74 36.94 4.21
CA ASN B 440 -18.97 38.30 4.65
C ASN B 440 -18.43 39.33 3.68
N LEU B 441 -17.51 38.93 2.80
CA LEU B 441 -16.95 39.84 1.81
C LEU B 441 -17.26 39.37 0.40
N TYR B 451 -17.75 38.86 -9.34
CA TYR B 451 -17.12 37.72 -8.70
C TYR B 451 -17.29 36.45 -9.53
N LEU B 452 -16.19 35.98 -10.09
CA LEU B 452 -16.17 34.76 -10.90
C LEU B 452 -15.45 33.65 -10.14
N TYR B 453 -16.00 32.44 -10.22
CA TYR B 453 -15.45 31.32 -9.45
C TYR B 453 -15.40 30.02 -10.23
N ARG B 454 -15.64 30.03 -11.54
CA ARG B 454 -15.57 28.80 -12.32
C ARG B 454 -15.28 29.13 -13.78
N LEU B 455 -14.66 28.18 -14.46
CA LEU B 455 -14.33 28.33 -15.87
C LEU B 455 -14.39 26.95 -16.53
N PHE B 456 -14.93 26.90 -17.74
CA PHE B 456 -15.04 25.67 -18.50
C PHE B 456 -14.06 25.70 -19.66
N ARG B 457 -13.26 24.64 -19.79
CA ARG B 457 -12.25 24.53 -20.83
C ARG B 457 -12.34 23.16 -21.50
N LYS B 458 -11.98 23.12 -22.77
CA LYS B 458 -12.03 21.87 -23.53
C LYS B 458 -10.84 20.96 -23.20
N SER B 459 -9.74 21.51 -22.71
CA SER B 459 -8.53 20.74 -22.44
C SER B 459 -7.99 21.09 -21.06
N ASN B 460 -7.26 20.15 -20.47
CA ASN B 460 -6.70 20.35 -19.16
C ASN B 460 -5.55 21.35 -19.20
N LEU B 461 -5.23 21.90 -18.03
CA LEU B 461 -4.19 22.91 -17.89
C LEU B 461 -2.95 22.31 -17.24
N LYS B 462 -1.79 22.81 -17.66
CA LYS B 462 -0.53 22.42 -17.06
C LYS B 462 -0.38 23.05 -15.67
N PRO B 463 0.50 22.51 -14.84
CA PRO B 463 0.75 23.13 -13.54
C PRO B 463 1.25 24.57 -13.69
N PHE B 464 0.80 25.44 -12.79
CA PHE B 464 1.17 26.85 -12.77
C PHE B 464 0.83 27.55 -14.10
N GLU B 465 -0.30 27.19 -14.69
CA GLU B 465 -0.74 27.79 -15.95
C GLU B 465 -1.99 28.64 -15.72
N ARG B 466 -1.99 29.84 -16.28
CA ARG B 466 -3.09 30.77 -16.15
C ARG B 466 -3.68 31.07 -17.53
N ASP B 467 -5.00 31.02 -17.65
CA ASP B 467 -5.70 31.31 -18.88
C ASP B 467 -6.65 32.47 -18.65
N ILE B 468 -6.53 33.50 -19.48
CA ILE B 468 -7.42 34.66 -19.40
C ILE B 468 -8.22 34.89 -20.66
N SER B 469 -7.80 34.36 -21.81
CA SER B 469 -8.55 34.47 -23.06
C SER B 469 -9.35 33.19 -23.24
N THR B 470 -10.67 33.30 -23.29
CA THR B 470 -11.55 32.15 -23.35
C THR B 470 -12.49 32.29 -24.55
N GLU B 471 -12.65 31.21 -25.29
CA GLU B 471 -13.61 31.14 -26.38
C GLU B 471 -14.97 30.68 -25.86
N ILE B 472 -16.01 30.97 -26.63
CA ILE B 472 -17.36 30.60 -26.22
C ILE B 472 -17.47 29.08 -26.15
N TYR B 473 -17.92 28.57 -25.01
CA TYR B 473 -18.02 27.13 -24.81
C TYR B 473 -19.14 26.56 -25.66
N GLN B 474 -18.85 25.47 -26.37
CA GLN B 474 -19.82 24.79 -27.21
C GLN B 474 -20.33 23.55 -26.46
N ALA B 475 -21.59 23.58 -26.07
CA ALA B 475 -22.19 22.46 -25.34
C ALA B 475 -23.24 21.76 -26.20
N ASN B 487 -26.52 25.97 -27.89
CA ASN B 487 -25.33 25.15 -27.65
C ASN B 487 -24.09 26.02 -27.51
N CYS B 488 -24.27 27.21 -26.93
CA CYS B 488 -23.17 28.15 -26.74
C CYS B 488 -23.35 28.79 -25.37
N TYR B 489 -22.56 28.36 -24.39
CA TYR B 489 -22.62 28.87 -23.03
C TYR B 489 -21.38 29.71 -22.73
N PHE B 490 -21.55 30.68 -21.85
CA PHE B 490 -20.44 31.53 -21.44
C PHE B 490 -19.41 30.69 -20.69
N PRO B 491 -18.11 30.83 -21.00
CA PRO B 491 -17.11 30.00 -20.32
C PRO B 491 -16.99 30.27 -18.83
N LEU B 492 -17.42 31.42 -18.35
CA LEU B 492 -17.25 31.81 -16.95
C LEU B 492 -18.59 31.75 -16.22
N GLN B 493 -18.50 31.74 -14.89
CA GLN B 493 -19.66 31.73 -14.03
C GLN B 493 -19.49 32.77 -12.93
N SER B 494 -20.58 33.46 -12.59
CA SER B 494 -20.56 34.51 -11.60
C SER B 494 -21.40 34.12 -10.39
N TYR B 495 -20.95 34.54 -9.20
CA TYR B 495 -21.66 34.23 -7.98
C TYR B 495 -23.04 34.87 -7.96
N GLY B 496 -23.14 36.13 -8.41
CA GLY B 496 -24.41 36.84 -8.38
C GLY B 496 -24.94 37.09 -6.99
N PHE B 497 -24.07 37.57 -6.10
CA PHE B 497 -24.46 37.88 -4.72
C PHE B 497 -25.59 38.89 -4.67
N VAL B 503 -23.52 26.65 4.20
CA VAL B 503 -22.14 27.11 4.33
C VAL B 503 -21.28 26.47 3.25
N GLY B 504 -21.76 25.35 2.70
CA GLY B 504 -21.03 24.68 1.63
C GLY B 504 -20.94 25.47 0.35
N TYR B 505 -21.91 26.35 0.09
CA TYR B 505 -21.92 27.19 -1.09
C TYR B 505 -21.27 28.56 -0.84
N GLN B 506 -20.82 28.83 0.38
CA GLN B 506 -20.24 30.12 0.68
C GLN B 506 -18.84 30.23 0.05
N PRO B 507 -18.47 31.40 -0.46
CA PRO B 507 -17.14 31.56 -1.05
C PRO B 507 -16.04 31.43 -0.01
N TYR B 508 -14.90 30.91 -0.46
CA TYR B 508 -13.73 30.73 0.37
C TYR B 508 -12.51 31.31 -0.34
N ARG B 509 -11.80 32.21 0.34
CA ARG B 509 -10.56 32.76 -0.20
C ARG B 509 -9.38 31.88 0.20
N VAL B 510 -8.58 31.48 -0.79
CA VAL B 510 -7.49 30.54 -0.59
C VAL B 510 -6.18 31.22 -0.93
N VAL B 511 -5.21 31.11 -0.04
CA VAL B 511 -3.84 31.60 -0.26
C VAL B 511 -2.94 30.38 -0.30
N VAL B 512 -2.24 30.19 -1.41
CA VAL B 512 -1.37 29.03 -1.63
C VAL B 512 0.06 29.52 -1.76
N LEU B 513 0.96 28.95 -0.96
CA LEU B 513 2.37 29.31 -0.98
C LEU B 513 3.16 28.21 -1.67
N SER B 514 3.96 28.60 -2.67
CA SER B 514 4.85 27.68 -3.36
C SER B 514 6.29 28.01 -3.00
N PHE B 515 7.03 27.02 -2.53
CA PHE B 515 8.38 27.20 -2.02
C PHE B 515 9.38 26.56 -2.98
N GLU B 516 10.46 27.28 -3.26
CA GLU B 516 11.49 26.83 -4.18
C GLU B 516 12.77 26.49 -3.42
N LEU B 517 13.42 25.42 -3.84
CA LEU B 517 14.64 24.96 -3.19
C LEU B 517 15.82 25.87 -3.54
N LEU B 518 16.95 25.63 -2.87
CA LEU B 518 18.11 26.52 -2.95
C LEU B 518 18.93 26.22 -4.20
N HIS B 519 18.43 26.69 -5.33
CA HIS B 519 19.19 26.72 -6.58
C HIS B 519 19.88 28.06 -6.79
N ALA B 520 19.79 28.97 -5.82
CA ALA B 520 20.32 30.32 -5.93
C ALA B 520 20.50 30.87 -4.53
N PRO B 521 21.20 31.99 -4.37
CA PRO B 521 21.34 32.57 -3.03
C PRO B 521 19.99 32.88 -2.42
N ALA B 522 19.86 32.60 -1.12
CA ALA B 522 18.59 32.74 -0.44
C ALA B 522 18.22 34.22 -0.29
N THR B 523 16.94 34.52 -0.48
CA THR B 523 16.41 35.86 -0.29
C THR B 523 15.36 35.94 0.80
N VAL B 524 14.85 34.81 1.28
CA VAL B 524 13.86 34.77 2.35
C VAL B 524 14.46 33.98 3.50
N CYS B 525 14.16 34.42 4.73
CA CYS B 525 14.89 33.95 5.89
C CYS B 525 13.95 33.81 7.09
N GLY B 526 14.44 33.11 8.10
CA GLY B 526 13.76 33.01 9.37
C GLY B 526 14.10 34.19 10.27
N PRO B 527 13.37 34.27 11.39
CA PRO B 527 13.54 35.42 12.28
C PRO B 527 14.64 35.27 13.32
N LYS B 528 15.24 34.09 13.47
CA LYS B 528 16.25 33.88 14.50
C LYS B 528 17.51 34.67 14.20
N LYS B 529 18.17 35.12 15.27
CA LYS B 529 19.38 35.91 15.14
C LYS B 529 20.56 35.03 14.77
N SER B 530 21.66 35.67 14.38
CA SER B 530 22.85 34.97 13.96
C SER B 530 23.74 34.64 15.16
N THR B 531 24.89 34.02 14.89
CA THR B 531 25.84 33.64 15.92
C THR B 531 27.25 33.96 15.46
N ASN B 532 28.16 34.08 16.42
CA ASN B 532 29.55 34.33 16.12
C ASN B 532 30.21 33.09 15.53
N LEU B 533 31.35 33.30 14.89
CA LEU B 533 32.03 32.25 14.12
C LEU B 533 33.18 31.66 14.90
N VAL B 534 33.33 30.34 14.81
CA VAL B 534 34.44 29.62 15.40
C VAL B 534 35.21 28.91 14.29
N LYS B 535 36.49 28.66 14.53
CA LYS B 535 37.37 28.14 13.50
C LYS B 535 37.90 26.74 13.81
N ASN B 536 38.59 26.57 14.94
CA ASN B 536 39.40 25.37 15.17
C ASN B 536 38.69 24.28 15.95
N LYS B 537 37.44 24.48 16.36
CA LYS B 537 36.69 23.49 17.10
C LYS B 537 35.50 23.03 16.28
N CYS B 538 35.36 21.71 16.14
CA CYS B 538 34.24 21.16 15.39
C CYS B 538 32.92 21.44 16.11
N VAL B 539 31.94 21.96 15.37
CA VAL B 539 30.65 22.35 15.89
C VAL B 539 29.59 22.03 14.85
N ASN B 540 28.34 22.32 15.20
CA ASN B 540 27.23 22.22 14.25
C ASN B 540 27.17 23.53 13.46
N PHE B 541 27.28 23.43 12.14
CA PHE B 541 27.24 24.58 11.27
C PHE B 541 25.93 24.61 10.50
N ASN B 542 25.45 25.82 10.22
CA ASN B 542 24.22 26.02 9.46
C ASN B 542 24.36 27.31 8.68
N PHE B 543 24.65 27.20 7.38
CA PHE B 543 24.85 28.34 6.50
C PHE B 543 23.68 28.41 5.53
N ASN B 544 22.77 29.37 5.77
CA ASN B 544 21.62 29.61 4.90
C ASN B 544 20.81 28.32 4.69
N GLY B 545 20.50 27.67 5.79
CA GLY B 545 19.71 26.43 5.75
C GLY B 545 20.50 25.14 5.70
N LEU B 546 21.50 25.07 4.82
CA LEU B 546 22.36 23.90 4.75
C LEU B 546 23.08 23.72 6.09
N THR B 547 23.07 22.48 6.59
CA THR B 547 23.58 22.22 7.93
C THR B 547 24.24 20.85 7.97
N GLY B 548 25.05 20.64 9.02
CA GLY B 548 25.75 19.39 9.22
C GLY B 548 26.69 19.42 10.40
N THR B 549 27.71 18.56 10.37
CA THR B 549 28.71 18.50 11.43
C THR B 549 30.10 18.57 10.82
N GLY B 550 31.05 19.05 11.61
CA GLY B 550 32.43 19.12 11.20
C GLY B 550 33.09 20.38 11.71
N VAL B 551 34.23 20.71 11.13
CA VAL B 551 35.03 21.86 11.53
C VAL B 551 35.30 22.72 10.30
N LEU B 552 35.63 23.98 10.55
CA LEU B 552 35.81 24.96 9.49
C LEU B 552 37.24 25.48 9.50
N THR B 553 37.60 26.17 8.41
CA THR B 553 38.89 26.84 8.29
C THR B 553 38.85 27.70 7.04
N GLU B 554 39.80 28.64 6.96
CA GLU B 554 39.94 29.43 5.75
C GLU B 554 40.33 28.54 4.58
N SER B 555 39.67 28.74 3.44
CA SER B 555 39.86 27.87 2.30
C SER B 555 41.08 28.30 1.49
N ASN B 556 41.98 27.36 1.22
CA ASN B 556 43.07 27.62 0.29
C ASN B 556 42.54 27.84 -1.12
N LYS B 557 41.50 27.11 -1.49
CA LYS B 557 40.84 27.33 -2.77
C LYS B 557 40.09 28.65 -2.76
N LYS B 558 39.93 29.24 -3.95
CA LYS B 558 39.29 30.53 -4.12
C LYS B 558 38.04 30.39 -4.95
N PHE B 559 36.97 31.04 -4.51
CA PHE B 559 35.70 31.05 -5.22
C PHE B 559 35.68 32.16 -6.27
N LEU B 560 34.75 32.03 -7.21
CA LEU B 560 34.38 33.17 -8.02
C LEU B 560 33.29 33.96 -7.31
N PRO B 561 33.16 35.26 -7.61
CA PRO B 561 32.24 36.10 -6.81
C PRO B 561 30.79 35.60 -6.78
N PHE B 562 30.30 34.99 -7.86
CA PHE B 562 28.92 34.52 -7.88
C PHE B 562 28.73 33.24 -7.09
N GLN B 563 29.76 32.43 -6.97
CA GLN B 563 29.62 31.09 -6.40
C GLN B 563 29.19 31.15 -4.94
N GLN B 564 28.21 30.30 -4.59
CA GLN B 564 27.71 30.20 -3.22
C GLN B 564 28.54 29.23 -2.39
N PHE B 565 28.60 27.97 -2.83
CA PHE B 565 29.28 26.92 -2.08
C PHE B 565 29.76 25.86 -3.05
N GLY B 566 30.69 25.03 -2.59
CA GLY B 566 31.21 23.95 -3.40
C GLY B 566 30.90 22.60 -2.82
N ARG B 567 31.13 21.54 -3.59
CA ARG B 567 30.90 20.17 -3.14
C ARG B 567 32.04 19.30 -3.66
N ASP B 568 32.81 18.72 -2.76
CA ASP B 568 33.81 17.74 -3.15
C ASP B 568 33.14 16.44 -3.56
N ILE B 569 33.75 15.76 -4.54
CA ILE B 569 33.26 14.51 -5.12
C ILE B 569 31.73 14.51 -5.19
N ALA B 570 31.07 13.62 -4.44
CA ALA B 570 29.61 13.55 -4.42
C ALA B 570 29.12 13.72 -2.98
N ASP B 571 28.18 14.63 -2.78
CA ASP B 571 27.52 14.86 -1.49
C ASP B 571 28.55 15.07 -0.37
N THR B 572 29.58 15.86 -0.65
CA THR B 572 30.59 16.23 0.34
C THR B 572 30.75 17.75 0.29
N THR B 573 29.94 18.45 1.09
CA THR B 573 30.04 19.90 1.18
C THR B 573 31.38 20.28 1.79
N ASP B 574 32.28 20.82 0.98
CA ASP B 574 33.66 21.04 1.38
C ASP B 574 34.02 22.51 1.63
N ALA B 575 33.17 23.46 1.23
CA ALA B 575 33.51 24.86 1.41
C ALA B 575 32.25 25.71 1.22
N VAL B 576 32.09 26.71 2.09
CA VAL B 576 31.05 27.72 1.95
C VAL B 576 31.66 29.08 2.28
N ARG B 577 31.00 30.13 1.83
CA ARG B 577 31.39 31.49 2.15
C ARG B 577 30.39 32.07 3.14
N ASP B 578 30.90 32.73 4.17
CA ASP B 578 30.06 33.25 5.24
C ASP B 578 29.08 34.28 4.67
N PRO B 579 27.78 34.10 4.87
CA PRO B 579 26.81 35.06 4.31
C PRO B 579 26.90 36.45 4.92
N GLN B 580 27.44 36.58 6.13
CA GLN B 580 27.50 37.87 6.80
C GLN B 580 28.71 38.70 6.35
N THR B 581 29.91 38.16 6.56
CA THR B 581 31.14 38.87 6.24
C THR B 581 31.65 38.59 4.83
N LEU B 582 30.94 37.76 4.07
CA LEU B 582 31.29 37.45 2.67
C LEU B 582 32.70 36.90 2.55
N GLU B 583 33.14 36.10 3.53
CA GLU B 583 34.46 35.50 3.53
C GLU B 583 34.34 34.00 3.30
N ILE B 584 35.18 33.47 2.42
CA ILE B 584 35.13 32.07 2.04
C ILE B 584 35.74 31.22 3.15
N LEU B 585 35.13 30.06 3.40
CA LEU B 585 35.58 29.14 4.43
C LEU B 585 35.59 27.72 3.87
N ASP B 586 36.38 26.86 4.49
CA ASP B 586 36.53 25.47 4.07
C ASP B 586 35.85 24.55 5.05
N ILE B 587 35.37 23.42 4.55
CA ILE B 587 34.65 22.43 5.36
C ILE B 587 35.36 21.10 5.24
N THR B 588 35.46 20.39 6.37
CA THR B 588 35.97 19.03 6.39
C THR B 588 35.33 18.29 7.54
N PRO B 589 34.93 17.02 7.38
CA PRO B 589 34.36 16.27 8.49
C PRO B 589 35.39 16.06 9.59
N CYS B 590 34.91 16.03 10.83
CA CYS B 590 35.79 15.85 11.97
C CYS B 590 36.26 14.41 12.07
N SER B 591 37.31 14.21 12.88
CA SER B 591 37.90 12.88 13.02
C SER B 591 36.94 11.93 13.72
N PHE B 592 37.11 10.64 13.44
CA PHE B 592 36.26 9.59 13.97
C PHE B 592 36.88 8.25 13.58
N GLY B 593 36.27 7.17 14.05
CA GLY B 593 36.70 5.84 13.69
C GLY B 593 36.23 4.83 14.70
N GLY B 594 36.39 3.56 14.32
CA GLY B 594 36.06 2.47 15.22
C GLY B 594 37.11 2.31 16.30
N VAL B 595 36.66 1.91 17.48
CA VAL B 595 37.55 1.75 18.62
C VAL B 595 38.02 0.30 18.67
N SER B 596 39.26 0.10 19.12
CA SER B 596 39.87 -1.21 19.20
C SER B 596 40.56 -1.37 20.55
N VAL B 597 40.67 -2.61 21.00
CA VAL B 597 41.19 -2.92 22.32
C VAL B 597 42.20 -4.05 22.23
N ILE B 598 43.06 -4.13 23.23
CA ILE B 598 44.14 -5.10 23.28
C ILE B 598 44.17 -5.75 24.66
N THR B 599 44.23 -7.08 24.70
CA THR B 599 44.35 -7.82 25.94
C THR B 599 44.90 -9.20 25.64
N PRO B 600 45.70 -9.78 26.54
CA PRO B 600 46.22 -11.13 26.32
C PRO B 600 45.23 -12.24 26.63
N GLY B 601 44.05 -11.91 27.13
CA GLY B 601 43.09 -12.92 27.54
C GLY B 601 42.73 -12.84 29.00
N THR B 602 41.52 -13.28 29.35
CA THR B 602 41.05 -13.18 30.73
C THR B 602 41.90 -14.02 31.67
N ASN B 603 42.09 -15.30 31.33
CA ASN B 603 42.67 -16.24 32.29
C ASN B 603 44.13 -15.92 32.62
N THR B 604 44.82 -15.15 31.79
CA THR B 604 46.21 -14.82 32.04
C THR B 604 46.40 -13.49 32.74
N SER B 605 45.57 -12.49 32.45
CA SER B 605 45.69 -11.19 33.09
C SER B 605 44.37 -10.44 32.92
N ASN B 606 44.29 -9.27 33.55
CA ASN B 606 43.13 -8.39 33.43
C ASN B 606 43.47 -6.96 33.04
N GLN B 607 44.75 -6.58 33.04
CA GLN B 607 45.13 -5.29 32.51
C GLN B 607 44.82 -5.24 31.01
N VAL B 608 44.39 -4.07 30.53
CA VAL B 608 43.89 -3.96 29.17
C VAL B 608 44.47 -2.69 28.53
N ALA B 609 44.60 -2.73 27.21
CA ALA B 609 45.07 -1.60 26.43
C ALA B 609 44.09 -1.30 25.31
N VAL B 610 43.95 -0.03 24.96
CA VAL B 610 42.98 0.43 23.98
C VAL B 610 43.71 1.10 22.83
N LEU B 611 43.20 0.91 21.62
CA LEU B 611 43.81 1.46 20.41
C LEU B 611 42.76 2.15 19.55
N TYR B 612 43.13 3.30 18.99
CA TYR B 612 42.27 4.04 18.08
C TYR B 612 42.80 3.90 16.65
N GLN B 613 41.88 3.81 15.69
CA GLN B 613 42.21 3.33 14.36
C GLN B 613 43.06 4.30 13.55
N ASP B 614 42.50 5.48 13.25
CA ASP B 614 43.17 6.46 12.41
C ASP B 614 42.94 7.84 13.03
N VAL B 615 43.18 7.92 14.34
CA VAL B 615 42.91 9.13 15.10
C VAL B 615 44.21 9.61 15.72
N ASN B 616 44.48 10.90 15.56
CA ASN B 616 45.66 11.50 16.19
C ASN B 616 45.47 11.62 17.69
N CYS B 617 46.60 11.64 18.41
CA CYS B 617 46.57 11.72 19.87
C CYS B 617 46.10 13.06 20.39
N THR B 618 45.98 14.08 19.53
CA THR B 618 45.61 15.42 20.00
C THR B 618 44.10 15.58 20.20
N GLU B 619 43.29 14.65 19.67
CA GLU B 619 41.84 14.73 19.81
C GLU B 619 41.26 13.50 20.51
N VAL B 620 42.10 12.74 21.23
CA VAL B 620 41.59 11.61 22.01
C VAL B 620 40.66 12.04 23.14
N PRO B 621 40.94 13.09 23.96
CA PRO B 621 40.20 13.22 25.22
C PRO B 621 38.80 13.79 25.07
N VAL B 622 38.27 13.82 23.84
CA VAL B 622 36.90 14.27 23.63
C VAL B 622 35.93 13.32 24.32
N ALA B 623 36.16 12.02 24.21
CA ALA B 623 35.33 11.03 24.88
C ALA B 623 36.18 10.12 25.76
N THR B 630 30.80 5.25 32.15
CA THR B 630 31.30 6.20 31.15
C THR B 630 32.44 7.10 31.67
N PRO B 631 32.30 7.70 32.88
CA PRO B 631 33.42 8.51 33.39
C PRO B 631 34.71 7.73 33.55
N THR B 632 34.63 6.46 33.95
CA THR B 632 35.83 5.63 34.01
C THR B 632 36.42 5.41 32.63
N TRP B 633 35.56 5.24 31.63
CA TRP B 633 36.02 5.18 30.24
C TRP B 633 36.63 6.50 29.80
N ARG B 634 36.15 7.61 30.33
CA ARG B 634 36.69 8.93 30.01
C ARG B 634 38.00 9.20 30.74
N VAL B 635 38.23 8.54 31.87
CA VAL B 635 39.45 8.78 32.65
C VAL B 635 40.68 8.32 31.86
N TYR B 636 40.53 7.24 31.08
CA TYR B 636 41.66 6.73 30.31
C TYR B 636 42.14 7.70 29.25
N SER B 637 41.36 8.74 28.94
CA SER B 637 41.74 9.74 27.96
C SER B 637 42.70 10.79 28.52
N THR B 638 43.02 10.76 29.81
CA THR B 638 43.95 11.73 30.38
C THR B 638 45.35 11.60 29.78
N GLY B 639 45.69 10.44 29.22
CA GLY B 639 46.94 10.27 28.52
C GLY B 639 48.20 10.41 29.36
N SER B 640 48.24 9.75 30.52
CA SER B 640 49.46 9.71 31.31
C SER B 640 50.59 9.06 30.50
N ASN B 641 50.29 7.97 29.82
CA ASN B 641 51.16 7.38 28.82
C ASN B 641 50.45 7.34 27.48
N VAL B 642 51.16 7.70 26.40
CA VAL B 642 50.55 7.81 25.09
C VAL B 642 51.63 7.56 24.04
N PHE B 643 51.20 6.96 22.92
CA PHE B 643 52.10 6.67 21.81
C PHE B 643 51.28 6.65 20.53
N GLN B 644 51.76 7.32 19.50
CA GLN B 644 51.10 7.40 18.22
C GLN B 644 51.91 6.66 17.16
N THR B 645 51.22 6.16 16.14
CA THR B 645 51.85 5.42 15.07
C THR B 645 50.97 5.51 13.82
N ARG B 646 51.54 5.12 12.68
CA ARG B 646 50.78 5.11 11.44
C ARG B 646 49.51 4.28 11.56
N ALA B 647 49.55 3.22 12.37
CA ALA B 647 48.37 2.40 12.62
C ALA B 647 47.39 3.05 13.58
N GLY B 648 47.71 4.23 14.11
CA GLY B 648 46.79 4.95 14.98
C GLY B 648 47.42 5.35 16.30
N CYS B 649 46.59 5.68 17.28
CA CYS B 649 47.05 6.04 18.61
C CYS B 649 46.49 5.03 19.61
N LEU B 650 47.37 4.45 20.41
CA LEU B 650 47.00 3.47 21.42
C LEU B 650 47.45 3.96 22.78
N ILE B 651 46.60 3.76 23.78
CA ILE B 651 46.85 4.22 25.14
C ILE B 651 46.77 3.03 26.09
N GLY B 652 47.70 2.97 27.02
CA GLY B 652 47.79 1.85 27.95
C GLY B 652 48.98 0.94 27.75
N ALA B 653 49.89 1.27 26.83
CA ALA B 653 51.07 0.47 26.57
C ALA B 653 52.29 1.37 26.52
N GLU B 654 53.46 0.77 26.73
CA GLU B 654 54.73 1.48 26.74
C GLU B 654 55.57 1.00 25.57
N HIS B 655 56.11 1.95 24.80
CA HIS B 655 56.93 1.63 23.64
C HIS B 655 58.34 1.28 24.09
N VAL B 656 58.86 0.15 23.59
CA VAL B 656 60.15 -0.37 24.00
C VAL B 656 61.06 -0.45 22.78
N ASN B 657 62.34 -0.10 22.98
CA ASN B 657 63.31 -0.21 21.90
C ASN B 657 63.60 -1.66 21.53
N ASN B 658 63.24 -2.61 22.39
CA ASN B 658 63.50 -4.01 22.11
C ASN B 658 62.60 -4.51 20.98
N SER B 659 62.77 -5.77 20.61
CA SER B 659 62.03 -6.35 19.50
C SER B 659 61.83 -7.84 19.74
N TYR B 660 60.67 -8.34 19.31
CA TYR B 660 60.29 -9.73 19.55
C TYR B 660 59.49 -10.23 18.35
N GLU B 661 58.88 -11.40 18.49
CA GLU B 661 58.13 -12.04 17.43
C GLU B 661 56.65 -11.69 17.53
N CYS B 662 55.96 -11.83 16.40
CA CYS B 662 54.54 -11.48 16.34
C CYS B 662 53.71 -12.39 17.24
N ASP B 663 52.88 -11.80 18.07
CA ASP B 663 51.88 -12.53 18.82
C ASP B 663 50.49 -11.92 18.71
N ILE B 664 50.39 -10.59 18.75
CA ILE B 664 49.12 -9.90 18.55
C ILE B 664 49.34 -8.78 17.53
N PRO B 665 48.71 -8.84 16.37
CA PRO B 665 48.99 -7.85 15.33
C PRO B 665 48.36 -6.49 15.58
N ILE B 666 49.18 -5.49 15.92
CA ILE B 666 48.70 -4.12 15.98
C ILE B 666 48.53 -3.54 14.58
N GLY B 667 49.59 -3.63 13.77
CA GLY B 667 49.53 -3.16 12.39
C GLY B 667 50.68 -2.24 12.05
N ALA B 668 50.99 -2.17 10.75
CA ALA B 668 52.03 -1.28 10.23
C ALA B 668 53.37 -1.48 10.94
N GLY B 669 53.76 -2.75 11.07
CA GLY B 669 55.04 -3.06 11.68
C GLY B 669 55.06 -2.91 13.19
N ILE B 670 53.90 -2.91 13.83
CA ILE B 670 53.79 -2.78 15.28
C ILE B 670 53.00 -3.96 15.81
N CYS B 671 53.48 -4.53 16.92
CA CYS B 671 52.77 -5.61 17.59
C CYS B 671 52.95 -5.45 19.10
N ALA B 672 51.97 -5.95 19.85
CA ALA B 672 51.94 -5.81 21.29
C ALA B 672 51.70 -7.17 21.94
N SER B 673 52.25 -7.34 23.14
CA SER B 673 52.10 -8.56 23.90
C SER B 673 52.47 -8.27 25.36
N TYR B 674 52.25 -9.27 26.21
CA TYR B 674 52.61 -9.12 27.62
C TYR B 674 54.12 -9.21 27.80
N GLN B 675 54.62 -8.48 28.79
CA GLN B 675 56.04 -8.46 29.10
C GLN B 675 56.49 -9.82 29.65
N GLN B 690 55.28 -6.58 33.79
CA GLN B 690 53.92 -6.99 34.13
C GLN B 690 52.90 -6.02 33.59
N SER B 691 53.27 -5.29 32.54
CA SER B 691 52.39 -4.34 31.89
C SER B 691 52.44 -4.55 30.38
N ILE B 692 51.35 -4.19 29.71
CA ILE B 692 51.24 -4.38 28.28
C ILE B 692 52.18 -3.41 27.57
N ILE B 693 52.96 -3.93 26.61
CA ILE B 693 53.92 -3.13 25.88
C ILE B 693 53.76 -3.42 24.39
N ALA B 694 54.34 -2.53 23.57
CA ALA B 694 54.32 -2.66 22.13
C ALA B 694 55.73 -2.39 21.61
N TYR B 695 55.95 -2.76 20.35
CA TYR B 695 57.29 -2.70 19.79
C TYR B 695 57.21 -2.66 18.27
N THR B 696 58.31 -2.26 17.65
CA THR B 696 58.42 -2.30 16.20
C THR B 696 58.55 -3.74 15.73
N MET B 697 58.34 -3.93 14.43
CA MET B 697 58.39 -5.27 13.86
C MET B 697 59.79 -5.87 13.94
N SER B 698 59.85 -7.18 14.10
CA SER B 698 61.11 -7.91 14.05
C SER B 698 60.82 -9.33 13.62
N LEU B 699 61.48 -9.78 12.55
CA LEU B 699 61.17 -11.07 11.95
C LEU B 699 61.73 -12.23 12.75
N GLY B 700 62.88 -12.05 13.40
CA GLY B 700 63.49 -13.10 14.17
C GLY B 700 65.00 -12.91 14.22
N ALA B 701 65.72 -14.02 14.09
CA ALA B 701 67.17 -14.02 14.18
C ALA B 701 67.81 -14.06 12.79
N GLU B 702 69.07 -13.63 12.73
CA GLU B 702 69.81 -13.55 11.48
C GLU B 702 70.94 -14.58 11.49
N ASN B 703 71.00 -15.39 10.43
CA ASN B 703 72.02 -16.43 10.35
C ASN B 703 73.33 -15.90 9.78
N SER B 704 73.26 -15.20 8.65
CA SER B 704 74.44 -14.76 7.91
C SER B 704 75.37 -15.94 7.63
N VAL B 705 74.82 -16.92 6.90
CA VAL B 705 75.54 -18.15 6.63
C VAL B 705 76.81 -17.86 5.83
N ALA B 706 77.88 -18.56 6.17
CA ALA B 706 79.15 -18.36 5.48
C ALA B 706 79.07 -18.86 4.05
N TYR B 707 79.65 -18.09 3.14
CA TYR B 707 79.67 -18.41 1.73
C TYR B 707 81.09 -18.35 1.21
N SER B 708 81.40 -19.17 0.21
CA SER B 708 82.74 -19.17 -0.35
C SER B 708 82.70 -19.80 -1.74
N ASN B 709 83.70 -19.41 -2.55
CA ASN B 709 83.89 -20.04 -3.85
C ASN B 709 84.13 -21.54 -3.74
N ASN B 710 84.78 -21.98 -2.65
CA ASN B 710 85.23 -23.36 -2.56
C ASN B 710 84.86 -24.04 -1.24
N SER B 711 83.78 -23.61 -0.59
CA SER B 711 83.31 -24.23 0.65
C SER B 711 81.93 -24.82 0.41
N ILE B 712 81.74 -26.08 0.82
CA ILE B 712 80.48 -26.78 0.65
C ILE B 712 80.08 -27.34 2.01
N ALA B 713 78.78 -27.56 2.17
CA ALA B 713 78.24 -28.12 3.40
C ALA B 713 77.41 -29.37 3.09
N ILE B 714 77.58 -30.39 3.92
CA ILE B 714 76.89 -31.66 3.76
C ILE B 714 76.39 -32.12 5.12
N PRO B 715 75.13 -32.51 5.26
CA PRO B 715 74.66 -33.05 6.54
C PRO B 715 75.28 -34.39 6.84
N THR B 716 75.39 -34.70 8.13
CA THR B 716 75.93 -35.99 8.56
C THR B 716 75.00 -36.77 9.45
N ASN B 717 73.83 -36.24 9.79
CA ASN B 717 72.87 -36.96 10.62
C ASN B 717 71.47 -36.42 10.33
N PHE B 718 70.48 -37.30 10.39
CA PHE B 718 69.11 -36.96 10.01
C PHE B 718 68.13 -37.48 11.06
N THR B 719 67.14 -36.66 11.36
CA THR B 719 66.08 -37.01 12.31
C THR B 719 64.74 -36.96 11.58
N ILE B 720 64.08 -38.11 11.45
CA ILE B 720 62.76 -38.13 10.84
C ILE B 720 61.80 -37.31 11.68
N SER B 721 61.10 -36.38 11.04
CA SER B 721 60.16 -35.51 11.72
C SER B 721 58.82 -35.56 11.00
N VAL B 722 57.75 -35.39 11.77
CA VAL B 722 56.40 -35.40 11.24
C VAL B 722 55.63 -34.23 11.82
N THR B 723 54.88 -33.54 10.95
CA THR B 723 54.17 -32.33 11.33
C THR B 723 52.76 -32.40 10.75
N THR B 724 51.79 -31.89 11.50
CA THR B 724 50.40 -32.02 11.13
C THR B 724 49.99 -30.93 10.14
N GLU B 725 48.92 -31.23 9.40
CA GLU B 725 48.29 -30.25 8.51
C GLU B 725 46.79 -30.53 8.51
N ILE B 726 46.00 -29.46 8.52
CA ILE B 726 44.55 -29.55 8.66
C ILE B 726 43.89 -28.86 7.48
N LEU B 727 43.00 -29.58 6.79
CA LEU B 727 42.22 -29.03 5.70
C LEU B 727 40.75 -29.35 5.91
N PRO B 728 39.86 -28.37 5.80
CA PRO B 728 38.43 -28.65 5.90
C PRO B 728 37.86 -29.14 4.59
N VAL B 729 36.87 -30.02 4.68
CA VAL B 729 36.28 -30.61 3.48
C VAL B 729 34.77 -30.48 3.43
N SER B 730 34.06 -30.24 4.53
CA SER B 730 32.60 -30.29 4.47
C SER B 730 32.00 -29.44 5.58
N MET B 731 31.01 -28.62 5.22
CA MET B 731 30.13 -28.00 6.20
C MET B 731 28.83 -28.80 6.24
N THR B 732 28.10 -28.65 7.35
CA THR B 732 26.84 -29.35 7.50
C THR B 732 25.85 -28.91 6.42
N LYS B 733 25.24 -29.88 5.75
CA LYS B 733 24.28 -29.56 4.70
C LYS B 733 23.01 -28.98 5.32
N THR B 734 22.56 -27.87 4.78
CA THR B 734 21.37 -27.19 5.28
C THR B 734 20.40 -26.94 4.14
N SER B 735 19.12 -27.23 4.37
CA SER B 735 18.07 -26.96 3.41
C SER B 735 16.91 -26.29 4.13
N VAL B 736 16.23 -25.38 3.42
CA VAL B 736 15.17 -24.59 4.00
C VAL B 736 13.95 -24.64 3.09
N ASP B 737 12.79 -24.37 3.68
CA ASP B 737 11.54 -24.20 2.96
C ASP B 737 11.19 -22.72 3.00
N CYS B 738 11.29 -22.06 1.86
CA CYS B 738 11.13 -20.61 1.82
C CYS B 738 9.72 -20.19 2.24
N THR B 739 8.71 -20.92 1.78
CA THR B 739 7.33 -20.56 2.12
C THR B 739 7.09 -20.65 3.63
N MET B 740 7.60 -21.70 4.27
CA MET B 740 7.47 -21.80 5.73
C MET B 740 8.28 -20.72 6.42
N TYR B 741 9.48 -20.43 5.92
CA TYR B 741 10.33 -19.45 6.58
C TYR B 741 9.70 -18.06 6.55
N ILE B 742 9.06 -17.69 5.44
CA ILE B 742 8.50 -16.35 5.33
C ILE B 742 7.09 -16.31 5.91
N CYS B 743 6.18 -17.10 5.34
CA CYS B 743 4.76 -16.93 5.61
C CYS B 743 4.33 -17.48 6.96
N GLY B 744 5.06 -18.42 7.54
CA GLY B 744 4.69 -18.97 8.83
C GLY B 744 3.32 -19.62 8.84
N ASP B 745 3.12 -20.61 7.97
CA ASP B 745 1.87 -21.38 7.85
C ASP B 745 0.64 -20.49 7.75
N SER B 746 0.81 -19.28 7.23
CA SER B 746 -0.30 -18.37 6.98
C SER B 746 -0.71 -18.49 5.51
N THR B 747 -1.87 -19.11 5.27
CA THR B 747 -2.28 -19.39 3.89
C THR B 747 -2.53 -18.11 3.11
N GLU B 748 -3.12 -17.09 3.75
CA GLU B 748 -3.36 -15.82 3.06
C GLU B 748 -2.05 -15.14 2.70
N CYS B 749 -1.07 -15.18 3.61
CA CYS B 749 0.25 -14.63 3.30
C CYS B 749 0.93 -15.40 2.19
N SER B 750 0.77 -16.73 2.18
CA SER B 750 1.33 -17.53 1.10
C SER B 750 0.70 -17.17 -0.24
N ASN B 751 -0.62 -16.95 -0.25
CA ASN B 751 -1.28 -16.52 -1.48
C ASN B 751 -0.77 -15.15 -1.92
N LEU B 752 -0.58 -14.24 -0.97
CA LEU B 752 -0.03 -12.92 -1.31
C LEU B 752 1.40 -13.03 -1.82
N LEU B 753 2.21 -13.91 -1.22
CA LEU B 753 3.60 -14.06 -1.63
C LEU B 753 3.72 -14.61 -3.05
N LEU B 754 2.72 -15.36 -3.51
CA LEU B 754 2.79 -16.00 -4.82
C LEU B 754 2.98 -15.00 -5.96
N GLN B 755 2.61 -13.74 -5.75
CA GLN B 755 2.80 -12.70 -6.74
C GLN B 755 4.26 -12.28 -6.91
N TYR B 756 5.20 -12.96 -6.25
CA TYR B 756 6.60 -12.59 -6.30
C TYR B 756 7.42 -13.41 -7.29
N GLY B 757 6.79 -14.27 -8.07
CA GLY B 757 7.48 -15.01 -9.11
C GLY B 757 8.00 -16.35 -8.61
N SER B 758 9.32 -16.55 -8.71
CA SER B 758 9.91 -17.86 -8.44
C SER B 758 11.18 -17.71 -7.62
N PHE B 759 11.17 -16.82 -6.64
CA PHE B 759 12.30 -16.74 -5.71
C PHE B 759 12.46 -18.02 -4.92
N CYS B 760 11.35 -18.57 -4.42
CA CYS B 760 11.41 -19.77 -3.58
C CYS B 760 12.06 -20.92 -4.33
N THR B 761 11.62 -21.17 -5.57
CA THR B 761 12.12 -22.31 -6.33
C THR B 761 13.61 -22.16 -6.61
N GLN B 762 14.04 -20.97 -7.04
CA GLN B 762 15.44 -20.76 -7.38
C GLN B 762 16.33 -20.91 -6.14
N LEU B 763 15.91 -20.33 -5.02
CA LEU B 763 16.74 -20.40 -3.82
C LEU B 763 16.80 -21.82 -3.26
N ASN B 764 15.68 -22.54 -3.29
CA ASN B 764 15.69 -23.94 -2.89
C ASN B 764 16.61 -24.76 -3.80
N ARG B 765 16.57 -24.48 -5.11
CA ARG B 765 17.44 -25.17 -6.04
C ARG B 765 18.91 -24.90 -5.72
N ALA B 766 19.25 -23.65 -5.40
CA ALA B 766 20.62 -23.32 -5.07
C ALA B 766 21.08 -24.04 -3.80
N LEU B 767 20.22 -24.07 -2.78
CA LEU B 767 20.59 -24.77 -1.55
C LEU B 767 20.78 -26.26 -1.77
N THR B 768 19.87 -26.88 -2.54
CA THR B 768 20.03 -28.30 -2.84
C THR B 768 21.30 -28.54 -3.64
N GLY B 769 21.63 -27.63 -4.57
CA GLY B 769 22.84 -27.76 -5.33
C GLY B 769 24.09 -27.70 -4.47
N ILE B 770 24.15 -26.76 -3.52
CA ILE B 770 25.33 -26.70 -2.68
C ILE B 770 25.41 -27.93 -1.77
N ALA B 771 24.27 -28.46 -1.32
CA ALA B 771 24.30 -29.67 -0.51
C ALA B 771 24.85 -30.87 -1.31
N VAL B 772 24.32 -31.08 -2.51
CA VAL B 772 24.80 -32.21 -3.32
C VAL B 772 26.26 -31.99 -3.71
N GLU B 773 26.66 -30.74 -3.92
CA GLU B 773 28.06 -30.44 -4.20
C GLU B 773 28.94 -30.82 -3.01
N GLN B 774 28.46 -30.56 -1.80
CA GLN B 774 29.21 -30.94 -0.61
C GLN B 774 29.38 -32.46 -0.51
N ASP B 775 28.31 -33.19 -0.79
CA ASP B 775 28.42 -34.65 -0.82
C ASP B 775 29.41 -35.09 -1.88
N LYS B 776 29.42 -34.41 -3.03
CA LYS B 776 30.42 -34.70 -4.06
C LYS B 776 31.82 -34.45 -3.54
N ASN B 777 32.02 -33.37 -2.79
CA ASN B 777 33.33 -33.09 -2.21
C ASN B 777 33.79 -34.23 -1.32
N THR B 778 32.95 -34.65 -0.39
CA THR B 778 33.37 -35.70 0.54
C THR B 778 33.64 -37.01 -0.19
N GLN B 779 32.82 -37.34 -1.19
CA GLN B 779 33.07 -38.56 -1.95
C GLN B 779 34.37 -38.46 -2.74
N GLU B 780 34.64 -37.31 -3.36
CA GLU B 780 35.86 -37.14 -4.14
C GLU B 780 37.10 -37.16 -3.27
N VAL B 781 36.97 -36.79 -2.00
CA VAL B 781 38.14 -36.78 -1.13
C VAL B 781 38.39 -38.14 -0.48
N PHE B 782 37.33 -38.89 -0.14
CA PHE B 782 37.52 -40.11 0.62
C PHE B 782 37.18 -41.39 -0.14
N ALA B 783 37.10 -41.35 -1.46
CA ALA B 783 36.81 -42.55 -2.24
C ALA B 783 37.80 -42.71 -3.40
N GLN B 784 39.09 -42.53 -3.13
CA GLN B 784 40.09 -42.65 -4.18
C GLN B 784 40.24 -44.08 -4.67
N VAL B 785 40.40 -45.02 -3.74
CA VAL B 785 40.55 -46.42 -4.10
C VAL B 785 39.18 -47.09 -4.05
N LYS B 786 38.89 -47.88 -5.09
CA LYS B 786 37.61 -48.57 -5.18
C LYS B 786 37.62 -49.92 -4.48
N GLN B 787 38.72 -50.27 -3.82
CA GLN B 787 38.84 -51.53 -3.11
C GLN B 787 39.19 -51.25 -1.66
N ILE B 788 38.43 -51.84 -0.73
CA ILE B 788 38.73 -51.70 0.68
C ILE B 788 39.79 -52.74 1.06
N TYR B 789 40.85 -52.28 1.72
CA TYR B 789 41.97 -53.14 2.09
C TYR B 789 41.86 -53.50 3.57
N LYS B 790 42.86 -54.22 4.07
CA LYS B 790 42.90 -54.60 5.48
C LYS B 790 44.34 -54.84 5.88
N THR B 791 44.71 -54.31 7.04
CA THR B 791 46.07 -54.50 7.54
C THR B 791 46.31 -55.97 7.84
N PRO B 792 47.54 -56.45 7.66
CA PRO B 792 47.82 -57.87 7.92
C PRO B 792 47.61 -58.21 9.37
N PRO B 793 47.19 -59.44 9.68
CA PRO B 793 46.93 -59.80 11.08
C PRO B 793 48.15 -59.70 11.98
N ILE B 794 49.32 -60.11 11.48
CA ILE B 794 50.55 -60.03 12.27
C ILE B 794 51.03 -58.58 12.27
N LYS B 795 50.77 -57.88 13.39
CA LYS B 795 51.05 -56.45 13.49
C LYS B 795 52.53 -56.19 13.79
N ASP B 796 53.38 -56.67 12.88
CA ASP B 796 54.82 -56.46 12.98
C ASP B 796 55.36 -56.13 11.60
N PHE B 797 56.17 -55.08 11.53
CA PHE B 797 56.72 -54.61 10.26
C PHE B 797 58.21 -54.28 10.43
N GLY B 798 58.93 -55.19 11.10
CA GLY B 798 60.36 -55.05 11.24
C GLY B 798 60.83 -53.91 12.11
N GLY B 799 60.24 -53.76 13.29
CA GLY B 799 60.67 -52.78 14.26
C GLY B 799 59.86 -51.50 14.29
N PHE B 800 59.07 -51.23 13.25
CA PHE B 800 58.25 -50.04 13.21
C PHE B 800 57.06 -50.21 14.15
N ASN B 801 56.17 -49.21 14.17
CA ASN B 801 55.02 -49.25 15.06
C ASN B 801 53.92 -48.40 14.46
N PHE B 802 52.72 -48.96 14.36
CA PHE B 802 51.58 -48.30 13.76
C PHE B 802 50.33 -48.30 14.62
N SER B 803 50.35 -48.97 15.78
CA SER B 803 49.15 -49.11 16.60
C SER B 803 48.60 -47.76 17.06
N GLN B 804 49.35 -46.68 16.91
CA GLN B 804 48.86 -45.34 17.24
C GLN B 804 48.13 -44.68 16.09
N ILE B 805 48.16 -45.25 14.89
CA ILE B 805 47.63 -44.57 13.71
C ILE B 805 46.68 -45.49 12.97
N LEU B 806 46.61 -46.75 13.40
CA LEU B 806 45.80 -47.79 12.79
C LEU B 806 44.59 -48.10 13.68
N PRO B 807 43.46 -48.50 13.09
CA PRO B 807 42.25 -48.70 13.89
C PRO B 807 42.44 -49.70 15.01
N ASP B 808 41.85 -49.40 16.16
CA ASP B 808 41.94 -50.23 17.35
C ASP B 808 40.67 -51.07 17.47
N PRO B 809 40.77 -52.41 17.44
CA PRO B 809 39.56 -53.23 17.53
C PRO B 809 38.78 -53.03 18.82
N SER B 810 39.44 -52.59 19.90
CA SER B 810 38.75 -52.44 21.19
C SER B 810 37.66 -51.37 21.13
N LYS B 811 37.95 -50.25 20.48
CA LYS B 811 36.99 -49.15 20.46
C LYS B 811 35.77 -49.53 19.63
N PRO B 812 34.55 -49.34 20.15
CA PRO B 812 33.36 -49.66 19.35
C PRO B 812 33.24 -48.86 18.06
N SER B 813 33.73 -47.61 18.05
CA SER B 813 33.61 -46.77 16.86
C SER B 813 34.53 -47.19 15.74
N LYS B 814 35.43 -48.16 15.97
CA LYS B 814 36.39 -48.63 14.98
C LYS B 814 37.31 -47.52 14.49
N ARG B 815 37.47 -46.46 15.28
CA ARG B 815 38.31 -45.33 14.91
C ARG B 815 39.75 -45.61 15.32
N SER B 816 40.58 -44.58 15.27
CA SER B 816 42.00 -44.66 15.62
C SER B 816 42.29 -43.67 16.74
N PRO B 817 43.36 -43.89 17.50
CA PRO B 817 43.64 -42.99 18.64
C PRO B 817 43.71 -41.52 18.26
N ILE B 818 44.44 -41.18 17.20
CA ILE B 818 44.47 -39.80 16.74
C ILE B 818 43.07 -39.35 16.35
N GLU B 819 42.33 -40.23 15.65
CA GLU B 819 40.93 -39.94 15.34
C GLU B 819 40.11 -39.77 16.61
N ASP B 820 40.41 -40.57 17.64
CA ASP B 820 39.66 -40.47 18.88
C ASP B 820 39.85 -39.11 19.53
N LEU B 821 41.10 -38.68 19.70
CA LEU B 821 41.35 -37.37 20.28
C LEU B 821 40.78 -36.25 19.43
N LEU B 822 40.91 -36.35 18.10
CA LEU B 822 40.38 -35.30 17.23
C LEU B 822 38.86 -35.22 17.34
N PHE B 823 38.19 -36.38 17.37
CA PHE B 823 36.74 -36.40 17.48
C PHE B 823 36.27 -35.85 18.81
N ASN B 824 36.98 -36.19 19.90
CA ASN B 824 36.60 -35.67 21.20
C ASN B 824 36.93 -34.19 21.36
N LYS B 825 37.90 -33.68 20.60
CA LYS B 825 38.29 -32.28 20.74
C LYS B 825 37.26 -31.36 20.13
N VAL B 826 36.65 -31.76 19.01
CA VAL B 826 35.68 -30.91 18.34
C VAL B 826 34.38 -30.90 19.13
N THR B 827 33.79 -29.70 19.28
CA THR B 827 32.52 -29.53 19.94
C THR B 827 31.63 -28.62 19.10
N LEU B 828 30.34 -28.92 19.09
CA LEU B 828 29.37 -28.13 18.34
C LEU B 828 28.97 -26.89 19.13
N ALA B 852 20.89 -26.92 13.60
CA ALA B 852 21.55 -28.07 14.18
C ALA B 852 20.59 -28.85 15.09
N GLN B 853 19.58 -28.15 15.60
CA GLN B 853 18.58 -28.75 16.49
C GLN B 853 17.19 -28.39 16.01
N LYS B 854 16.94 -28.60 14.72
CA LYS B 854 15.66 -28.36 14.04
C LYS B 854 15.05 -27.01 14.45
N PHE B 855 15.76 -25.94 14.06
CA PHE B 855 15.31 -24.58 14.32
C PHE B 855 14.23 -24.18 13.31
N ASN B 856 13.00 -24.01 13.79
CA ASN B 856 11.88 -23.42 13.04
C ASN B 856 11.74 -24.17 11.71
N GLY B 857 11.73 -23.48 10.57
CA GLY B 857 11.54 -24.12 9.29
C GLY B 857 12.83 -24.51 8.59
N LEU B 858 13.91 -24.59 9.36
CA LEU B 858 15.21 -24.96 8.84
C LEU B 858 15.55 -26.38 9.29
N THR B 859 16.00 -27.20 8.35
CA THR B 859 16.34 -28.58 8.62
C THR B 859 17.77 -28.85 8.14
N VAL B 860 18.40 -29.84 8.76
CA VAL B 860 19.75 -30.27 8.40
C VAL B 860 19.69 -31.72 7.98
N LEU B 861 20.10 -32.00 6.76
CA LEU B 861 20.13 -33.36 6.26
C LEU B 861 21.35 -34.10 6.80
N PRO B 862 21.24 -35.41 7.02
CA PRO B 862 22.40 -36.19 7.43
C PRO B 862 23.43 -36.24 6.32
N PRO B 863 24.71 -36.35 6.65
CA PRO B 863 25.73 -36.51 5.61
C PRO B 863 25.53 -37.81 4.85
N LEU B 864 25.89 -37.78 3.57
CA LEU B 864 25.65 -38.94 2.70
C LEU B 864 26.48 -40.14 3.16
N LEU B 865 27.72 -39.90 3.57
CA LEU B 865 28.52 -40.89 4.28
C LEU B 865 28.60 -40.52 5.75
N THR B 866 28.43 -41.51 6.63
CA THR B 866 28.57 -41.28 8.05
C THR B 866 30.03 -41.40 8.46
N ASP B 867 30.31 -41.09 9.73
CA ASP B 867 31.69 -41.13 10.21
C ASP B 867 32.27 -42.54 10.17
N GLU B 868 31.42 -43.56 10.32
CA GLU B 868 31.91 -44.94 10.35
C GLU B 868 32.52 -45.34 9.00
N MET B 869 31.82 -45.06 7.91
CA MET B 869 32.35 -45.40 6.59
C MET B 869 33.55 -44.52 6.23
N ILE B 870 33.57 -43.27 6.69
CA ILE B 870 34.75 -42.43 6.53
C ILE B 870 35.95 -43.07 7.21
N ALA B 871 35.76 -43.54 8.45
CA ALA B 871 36.84 -44.21 9.15
C ALA B 871 37.27 -45.47 8.41
N GLN B 872 36.30 -46.21 7.86
CA GLN B 872 36.64 -47.44 7.15
C GLN B 872 37.47 -47.17 5.91
N TYR B 873 37.10 -46.14 5.13
CA TYR B 873 37.93 -45.77 3.99
C TYR B 873 39.32 -45.28 4.41
N THR B 874 39.41 -44.48 5.48
CA THR B 874 40.72 -44.06 5.93
C THR B 874 41.57 -45.26 6.35
N SER B 875 40.96 -46.21 7.05
CA SER B 875 41.66 -47.45 7.39
C SER B 875 42.12 -48.19 6.16
N ALA B 876 41.28 -48.24 5.13
CA ALA B 876 41.65 -48.94 3.89
C ALA B 876 42.86 -48.27 3.24
N LEU B 877 42.83 -46.94 3.15
CA LEU B 877 43.97 -46.22 2.58
C LEU B 877 45.24 -46.43 3.40
N LEU B 878 45.11 -46.40 4.72
CA LEU B 878 46.27 -46.62 5.57
C LEU B 878 46.85 -48.01 5.36
N ALA B 879 45.98 -49.03 5.33
CA ALA B 879 46.46 -50.39 5.12
C ALA B 879 47.12 -50.52 3.76
N GLY B 880 46.53 -49.92 2.73
CA GLY B 880 47.13 -49.99 1.40
C GLY B 880 48.51 -49.36 1.35
N THR B 881 48.65 -48.17 1.93
CA THR B 881 49.95 -47.51 1.88
C THR B 881 50.97 -48.21 2.78
N ILE B 882 50.52 -48.91 3.82
CA ILE B 882 51.45 -49.70 4.63
C ILE B 882 51.95 -50.91 3.86
N THR B 883 51.02 -51.65 3.24
CA THR B 883 51.37 -52.96 2.69
C THR B 883 52.00 -52.89 1.30
N SER B 884 51.74 -51.83 0.53
CA SER B 884 52.16 -51.82 -0.86
C SER B 884 52.80 -50.51 -1.33
N GLY B 885 52.54 -49.38 -0.69
CA GLY B 885 53.03 -48.13 -1.23
C GLY B 885 52.20 -47.68 -2.42
N TRP B 886 52.82 -46.84 -3.24
CA TRP B 886 52.14 -46.20 -4.37
C TRP B 886 51.50 -47.17 -5.34
N THR B 887 51.85 -48.46 -5.28
CA THR B 887 51.46 -49.41 -6.31
C THR B 887 49.94 -49.54 -6.42
N PHE B 888 49.24 -49.61 -5.29
CA PHE B 888 47.79 -49.84 -5.37
C PHE B 888 47.06 -48.62 -5.92
N GLY B 889 47.63 -47.43 -5.72
CA GLY B 889 46.98 -46.24 -6.23
C GLY B 889 46.89 -46.22 -7.75
N ALA B 890 47.98 -46.58 -8.41
CA ALA B 890 47.98 -46.60 -9.87
C ALA B 890 47.18 -47.79 -10.42
N GLY B 891 47.36 -48.97 -9.85
CA GLY B 891 46.72 -50.17 -10.34
C GLY B 891 46.50 -51.21 -9.27
N PRO B 892 46.55 -52.48 -9.65
CA PRO B 892 46.36 -53.55 -8.66
C PRO B 892 47.47 -53.57 -7.63
N ALA B 893 47.13 -54.01 -6.42
CA ALA B 893 48.06 -53.97 -5.31
C ALA B 893 49.26 -54.87 -5.56
N LEU B 894 50.38 -54.51 -4.92
CA LEU B 894 51.63 -55.24 -5.04
C LEU B 894 52.27 -55.32 -3.66
N GLN B 895 52.25 -56.50 -3.05
CA GLN B 895 52.82 -56.66 -1.72
C GLN B 895 54.33 -56.50 -1.75
N ILE B 896 54.85 -55.77 -0.76
CA ILE B 896 56.25 -55.38 -0.70
C ILE B 896 56.59 -55.05 0.76
N PRO B 897 57.74 -55.48 1.29
CA PRO B 897 58.02 -55.25 2.71
C PRO B 897 58.22 -53.78 3.03
N PHE B 898 57.72 -53.37 4.19
CA PHE B 898 57.79 -51.96 4.59
C PHE B 898 59.20 -51.42 4.73
N PRO B 899 60.16 -52.13 5.32
CA PRO B 899 61.52 -51.58 5.37
C PRO B 899 62.08 -51.26 3.99
N MET B 900 61.99 -52.20 3.05
CA MET B 900 62.43 -51.92 1.68
C MET B 900 61.51 -50.91 0.99
N GLN B 901 60.24 -50.86 1.41
CA GLN B 901 59.36 -49.81 0.92
C GLN B 901 59.93 -48.42 1.20
N MET B 902 60.16 -48.12 2.48
CA MET B 902 60.75 -46.83 2.82
C MET B 902 62.18 -46.72 2.29
N ALA B 903 62.85 -47.85 2.07
CA ALA B 903 64.18 -47.82 1.47
C ALA B 903 64.13 -47.20 0.08
N TYR B 904 63.37 -47.80 -0.83
CA TYR B 904 63.28 -47.21 -2.16
C TYR B 904 62.55 -45.87 -2.13
N ARG B 905 61.72 -45.62 -1.11
CA ARG B 905 61.18 -44.28 -0.95
C ARG B 905 62.28 -43.26 -0.69
N PHE B 906 63.30 -43.66 0.08
CA PHE B 906 64.46 -42.79 0.28
C PHE B 906 65.16 -42.51 -1.04
N ASN B 907 65.11 -43.46 -1.98
CA ASN B 907 65.72 -43.27 -3.29
C ASN B 907 65.05 -42.16 -4.09
N GLY B 908 63.87 -41.72 -3.69
CA GLY B 908 63.18 -40.64 -4.36
C GLY B 908 63.62 -39.25 -4.00
N ILE B 909 64.54 -39.11 -3.04
CA ILE B 909 65.01 -37.79 -2.61
C ILE B 909 66.53 -37.75 -2.65
N GLY B 910 67.16 -38.76 -3.23
CA GLY B 910 68.59 -38.70 -3.47
C GLY B 910 69.44 -39.72 -2.74
N VAL B 911 69.14 -40.00 -1.48
CA VAL B 911 69.94 -40.93 -0.70
C VAL B 911 69.69 -42.36 -1.18
N THR B 912 70.74 -43.17 -1.18
CA THR B 912 70.66 -44.54 -1.68
C THR B 912 70.31 -45.51 -0.56
N GLN B 913 70.01 -46.75 -0.95
CA GLN B 913 69.47 -47.74 -0.03
C GLN B 913 70.47 -48.13 1.05
N ASN B 914 71.76 -47.89 0.83
CA ASN B 914 72.79 -48.33 1.77
C ASN B 914 72.67 -47.65 3.13
N VAL B 915 71.75 -46.71 3.27
CA VAL B 915 71.61 -45.95 4.50
C VAL B 915 70.49 -46.49 5.38
N LEU B 916 69.30 -46.68 4.81
CA LEU B 916 68.13 -46.96 5.64
C LEU B 916 68.26 -48.28 6.38
N TYR B 917 68.76 -49.32 5.71
CA TYR B 917 68.97 -50.59 6.39
C TYR B 917 70.00 -50.45 7.50
N GLU B 918 70.96 -49.56 7.35
CA GLU B 918 72.05 -49.40 8.31
C GLU B 918 71.61 -48.70 9.59
N ASN B 919 70.41 -48.10 9.63
CA ASN B 919 69.95 -47.41 10.82
C ASN B 919 68.49 -47.74 11.12
N GLN B 920 68.05 -48.97 10.86
CA GLN B 920 66.64 -49.31 10.96
C GLN B 920 66.11 -49.11 12.38
N LYS B 921 66.87 -49.55 13.39
CA LYS B 921 66.42 -49.38 14.77
C LYS B 921 66.35 -47.90 15.14
N LEU B 922 67.33 -47.12 14.70
CA LEU B 922 67.29 -45.67 14.92
C LEU B 922 66.06 -45.06 14.24
N ILE B 923 65.75 -45.51 13.02
CA ILE B 923 64.58 -45.00 12.32
C ILE B 923 63.31 -45.31 13.11
N ALA B 924 63.20 -46.54 13.62
CA ALA B 924 62.02 -46.93 14.39
C ALA B 924 61.87 -46.07 15.63
N ASN B 925 62.97 -45.85 16.36
CA ASN B 925 62.91 -45.03 17.55
C ASN B 925 62.51 -43.60 17.23
N GLN B 926 63.09 -43.02 16.18
CA GLN B 926 62.77 -41.66 15.78
C GLN B 926 61.29 -41.54 15.42
N PHE B 927 60.79 -42.50 14.63
CA PHE B 927 59.41 -42.42 14.16
C PHE B 927 58.44 -42.60 15.31
N ASN B 928 58.77 -43.48 16.25
CA ASN B 928 57.91 -43.68 17.42
C ASN B 928 57.85 -42.43 18.27
N SER B 929 59.01 -41.82 18.54
CA SER B 929 59.02 -40.58 19.31
C SER B 929 58.25 -39.49 18.58
N ALA B 930 58.35 -39.46 17.24
CA ALA B 930 57.63 -38.46 16.46
C ALA B 930 56.13 -38.64 16.58
N ILE B 931 55.65 -39.88 16.51
CA ILE B 931 54.22 -40.13 16.64
C ILE B 931 53.72 -39.76 18.04
N GLY B 932 54.50 -40.11 19.06
CA GLY B 932 54.15 -39.69 20.41
C GLY B 932 54.08 -38.18 20.53
N LYS B 933 55.01 -37.48 19.90
CA LYS B 933 54.98 -36.02 19.90
C LYS B 933 53.76 -35.49 19.17
N ILE B 934 53.32 -36.16 18.10
CA ILE B 934 52.08 -35.76 17.42
C ILE B 934 50.90 -35.86 18.37
N GLN B 935 50.79 -36.98 19.08
CA GLN B 935 49.68 -37.12 20.01
C GLN B 935 49.73 -36.05 21.10
N ASP B 936 50.92 -35.80 21.65
CA ASP B 936 51.06 -34.80 22.69
C ASP B 936 50.72 -33.41 22.18
N SER B 937 51.17 -33.07 20.98
CA SER B 937 50.90 -31.75 20.41
C SER B 937 49.42 -31.56 20.12
N LEU B 938 48.76 -32.59 19.59
CA LEU B 938 47.32 -32.49 19.37
C LEU B 938 46.56 -32.32 20.68
N SER B 939 46.99 -33.02 21.73
CA SER B 939 46.35 -32.85 23.03
C SER B 939 46.78 -31.58 23.74
N SER B 940 47.80 -30.87 23.24
CA SER B 940 48.39 -29.76 23.98
C SER B 940 47.41 -28.59 24.09
N THR B 941 46.84 -28.15 22.98
CA THR B 941 46.07 -26.91 22.97
C THR B 941 45.00 -26.98 21.90
N PRO B 942 43.84 -26.35 22.12
CA PRO B 942 42.79 -26.32 21.08
C PRO B 942 43.12 -25.45 19.89
N SER B 943 44.20 -24.66 19.94
CA SER B 943 44.55 -23.77 18.84
C SER B 943 45.03 -24.53 17.61
N ALA B 944 45.30 -25.83 17.73
CA ALA B 944 45.75 -26.62 16.59
C ALA B 944 44.63 -26.99 15.64
N LEU B 945 43.36 -26.77 16.03
CA LEU B 945 42.22 -27.09 15.19
C LEU B 945 41.44 -25.84 14.78
N GLY B 946 42.12 -24.70 14.67
CA GLY B 946 41.42 -23.47 14.31
C GLY B 946 40.76 -23.55 12.95
N LYS B 947 41.48 -24.05 11.96
CA LYS B 947 40.93 -24.14 10.60
C LYS B 947 39.72 -25.06 10.53
N LEU B 948 39.58 -26.00 11.46
CA LEU B 948 38.45 -26.92 11.44
C LEU B 948 37.27 -26.38 12.25
N GLN B 949 37.51 -25.94 13.48
CA GLN B 949 36.44 -25.39 14.30
C GLN B 949 35.88 -24.09 13.74
N ASP B 950 36.69 -23.34 12.97
CA ASP B 950 36.25 -22.04 12.48
C ASP B 950 35.07 -22.18 11.53
N VAL B 951 35.09 -23.16 10.65
CA VAL B 951 34.02 -23.29 9.66
C VAL B 951 32.70 -23.64 10.34
N VAL B 952 32.73 -24.58 11.30
CA VAL B 952 31.49 -24.96 11.97
C VAL B 952 30.98 -23.82 12.86
N ASN B 953 31.89 -23.10 13.53
CA ASN B 953 31.46 -21.96 14.33
C ASN B 953 30.83 -20.88 13.46
N GLN B 954 31.44 -20.60 12.30
CA GLN B 954 30.90 -19.59 11.40
C GLN B 954 29.54 -20.01 10.85
N ASN B 955 29.40 -21.28 10.48
CA ASN B 955 28.11 -21.76 9.97
C ASN B 955 27.04 -21.65 11.05
N ALA B 956 27.36 -22.04 12.28
CA ALA B 956 26.40 -21.94 13.36
C ALA B 956 26.02 -20.49 13.63
N GLN B 957 27.00 -19.59 13.61
CA GLN B 957 26.70 -18.17 13.82
C GLN B 957 25.82 -17.63 12.70
N ALA B 958 26.08 -18.02 11.46
CA ALA B 958 25.26 -17.57 10.35
C ALA B 958 23.83 -18.07 10.49
N LEU B 959 23.66 -19.34 10.85
CA LEU B 959 22.31 -19.87 11.03
C LEU B 959 21.59 -19.17 12.17
N ASN B 960 22.31 -18.91 13.28
CA ASN B 960 21.71 -18.23 14.41
C ASN B 960 21.29 -16.81 14.04
N THR B 961 22.10 -16.12 13.23
CA THR B 961 21.70 -14.80 12.76
C THR B 961 20.48 -14.89 11.86
N LEU B 962 20.43 -15.89 10.98
CA LEU B 962 19.29 -16.04 10.08
C LEU B 962 18.00 -16.25 10.85
N VAL B 963 18.03 -17.13 11.85
CA VAL B 963 16.81 -17.38 12.62
C VAL B 963 16.47 -16.18 13.50
N LYS B 964 17.48 -15.41 13.92
CA LYS B 964 17.25 -14.26 14.79
C LYS B 964 16.54 -13.11 14.10
N GLN B 965 16.56 -13.06 12.77
CA GLN B 965 15.98 -11.94 12.05
C GLN B 965 14.47 -11.82 12.30
N LEU B 966 13.82 -12.92 12.67
CA LEU B 966 12.37 -12.90 12.87
C LEU B 966 11.95 -12.04 14.06
N SER B 967 12.87 -11.73 14.97
CA SER B 967 12.51 -10.90 16.12
C SER B 967 12.09 -9.50 15.67
N SER B 968 12.79 -8.95 14.69
CA SER B 968 12.45 -7.63 14.16
C SER B 968 11.26 -7.72 13.20
N ASN B 969 10.70 -6.56 12.87
CA ASN B 969 9.61 -6.47 11.91
C ASN B 969 9.93 -5.60 10.71
N PHE B 970 11.18 -5.15 10.58
CA PHE B 970 11.60 -4.28 9.48
C PHE B 970 10.73 -3.03 9.40
N GLY B 971 10.42 -2.46 10.56
CA GLY B 971 9.65 -1.23 10.64
C GLY B 971 8.16 -1.39 10.56
N ALA B 972 7.64 -2.62 10.56
CA ALA B 972 6.20 -2.82 10.53
C ALA B 972 5.61 -2.54 11.91
N ILE B 973 4.29 -2.70 12.03
CA ILE B 973 3.63 -2.47 13.31
C ILE B 973 4.11 -3.47 14.35
N SER B 974 4.21 -4.75 13.97
CA SER B 974 4.67 -5.79 14.86
C SER B 974 5.31 -6.90 14.06
N SER B 975 6.09 -7.74 14.74
CA SER B 975 6.84 -8.81 14.10
C SER B 975 6.06 -10.11 13.97
N VAL B 976 4.86 -10.19 14.55
CA VAL B 976 4.05 -11.41 14.53
C VAL B 976 2.89 -11.20 13.57
N LEU B 977 2.67 -12.18 12.69
CA LEU B 977 1.59 -12.07 11.71
C LEU B 977 0.24 -12.01 12.38
N ASN B 978 0.04 -12.81 13.44
CA ASN B 978 -1.24 -12.83 14.13
C ASN B 978 -1.57 -11.46 14.73
N ASP B 979 -0.56 -10.79 15.29
CA ASP B 979 -0.79 -9.45 15.83
C ASP B 979 -1.17 -8.48 14.73
N ILE B 980 -0.54 -8.60 13.56
CA ILE B 980 -0.88 -7.72 12.44
C ILE B 980 -2.32 -7.95 11.99
N LEU B 981 -2.72 -9.22 11.88
CA LEU B 981 -4.08 -9.53 11.47
C LEU B 981 -5.10 -9.04 12.50
N SER B 982 -4.78 -9.17 13.79
CA SER B 982 -5.69 -8.70 14.83
C SER B 982 -5.81 -7.18 14.81
N ARG B 983 -4.67 -6.49 14.67
CA ARG B 983 -4.69 -5.03 14.69
C ARG B 983 -5.44 -4.46 13.49
N LEU B 984 -5.18 -4.98 12.30
CA LEU B 984 -5.77 -4.47 11.08
C LEU B 984 -6.31 -5.61 10.22
N ASP B 985 -7.50 -5.40 9.66
CA ASP B 985 -8.08 -6.35 8.72
C ASP B 985 -7.33 -6.29 7.38
N PRO B 986 -7.52 -7.29 6.50
CA PRO B 986 -6.61 -7.50 5.35
C PRO B 986 -6.30 -6.24 4.55
N PRO B 987 -7.30 -5.53 4.02
CA PRO B 987 -7.00 -4.60 2.91
C PRO B 987 -6.18 -3.37 3.31
N GLU B 988 -5.93 -3.12 4.59
CA GLU B 988 -4.88 -2.17 4.95
C GLU B 988 -3.69 -2.81 5.66
N ALA B 989 -3.86 -3.96 6.30
CA ALA B 989 -2.75 -4.69 6.86
C ALA B 989 -1.86 -5.30 5.79
N GLU B 990 -2.29 -5.28 4.53
CA GLU B 990 -1.49 -5.83 3.44
C GLU B 990 -0.18 -5.08 3.28
N VAL B 991 -0.16 -3.77 3.55
CA VAL B 991 1.08 -3.01 3.46
C VAL B 991 2.10 -3.52 4.48
N GLN B 992 1.66 -3.69 5.73
CA GLN B 992 2.57 -4.15 6.77
C GLN B 992 3.05 -5.57 6.50
N ILE B 993 2.13 -6.45 6.11
CA ILE B 993 2.54 -7.83 5.84
C ILE B 993 3.49 -7.88 4.66
N ASP B 994 3.20 -7.10 3.61
CA ASP B 994 4.09 -7.04 2.45
C ASP B 994 5.49 -6.58 2.84
N ARG B 995 5.56 -5.56 3.70
CA ARG B 995 6.86 -5.12 4.21
C ARG B 995 7.56 -6.27 4.94
N LEU B 996 6.80 -7.07 5.69
CA LEU B 996 7.39 -8.20 6.39
C LEU B 996 7.98 -9.22 5.42
N ILE B 997 7.24 -9.59 4.37
CA ILE B 997 7.80 -10.52 3.39
C ILE B 997 9.03 -9.93 2.72
N THR B 998 8.99 -8.63 2.38
CA THR B 998 10.16 -8.03 1.73
C THR B 998 11.39 -8.15 2.62
N GLY B 999 11.26 -7.81 3.90
CA GLY B 999 12.40 -7.90 4.80
C GLY B 999 12.89 -9.33 4.96
N ARG B 1000 11.97 -10.26 5.19
CA ARG B 1000 12.36 -11.65 5.40
C ARG B 1000 13.01 -12.24 4.16
N LEU B 1001 12.47 -11.93 2.98
CA LEU B 1001 13.03 -12.42 1.73
C LEU B 1001 14.41 -11.85 1.48
N GLN B 1002 14.62 -10.57 1.79
CA GLN B 1002 15.95 -9.99 1.64
C GLN B 1002 16.94 -10.68 2.58
N SER B 1003 16.53 -10.94 3.82
CA SER B 1003 17.41 -11.64 4.76
C SER B 1003 17.75 -13.04 4.24
N LEU B 1004 16.74 -13.76 3.73
CA LEU B 1004 16.97 -15.10 3.22
C LEU B 1004 17.94 -15.08 2.04
N GLN B 1005 17.77 -14.11 1.14
CA GLN B 1005 18.66 -13.99 -0.01
C GLN B 1005 20.09 -13.69 0.45
N THR B 1006 20.24 -12.84 1.46
CA THR B 1006 21.57 -12.58 2.02
C THR B 1006 22.20 -13.86 2.55
N TYR B 1007 21.42 -14.65 3.29
CA TYR B 1007 21.94 -15.91 3.81
C TYR B 1007 22.34 -16.85 2.69
N VAL B 1008 21.53 -16.92 1.63
CA VAL B 1008 21.85 -17.79 0.50
C VAL B 1008 23.15 -17.36 -0.16
N THR B 1009 23.32 -16.06 -0.37
CA THR B 1009 24.56 -15.57 -0.99
C THR B 1009 25.77 -15.90 -0.12
N GLN B 1010 25.66 -15.68 1.19
CA GLN B 1010 26.76 -16.00 2.09
C GLN B 1010 27.10 -17.49 2.03
N GLN B 1011 26.07 -18.35 2.03
CA GLN B 1011 26.31 -19.78 1.97
C GLN B 1011 26.96 -20.18 0.65
N LEU B 1012 26.56 -19.54 -0.46
CA LEU B 1012 27.20 -19.83 -1.74
C LEU B 1012 28.68 -19.46 -1.73
N ILE B 1013 29.00 -18.28 -1.18
CA ILE B 1013 30.41 -17.88 -1.10
C ILE B 1013 31.20 -18.90 -0.29
N ARG B 1014 30.69 -19.25 0.89
CA ARG B 1014 31.43 -20.16 1.76
C ARG B 1014 31.55 -21.54 1.13
N ALA B 1015 30.49 -22.00 0.46
CA ALA B 1015 30.53 -23.30 -0.19
C ALA B 1015 31.55 -23.32 -1.31
N ALA B 1016 31.64 -22.24 -2.10
CA ALA B 1016 32.63 -22.20 -3.16
C ALA B 1016 34.05 -22.22 -2.60
N GLU B 1017 34.31 -21.44 -1.56
CA GLU B 1017 35.66 -21.43 -0.98
C GLU B 1017 36.02 -22.80 -0.39
N ILE B 1018 35.08 -23.41 0.33
CA ILE B 1018 35.35 -24.73 0.89
C ILE B 1018 35.49 -25.77 -0.21
N ARG B 1019 34.79 -25.61 -1.33
CA ARG B 1019 34.95 -26.56 -2.43
C ARG B 1019 36.35 -26.45 -3.04
N ALA B 1020 36.85 -25.22 -3.20
CA ALA B 1020 38.22 -25.07 -3.67
C ALA B 1020 39.21 -25.71 -2.69
N SER B 1021 39.00 -25.48 -1.39
CA SER B 1021 39.87 -26.11 -0.39
C SER B 1021 39.75 -27.63 -0.44
N ALA B 1022 38.56 -28.14 -0.71
CA ALA B 1022 38.36 -29.59 -0.78
C ALA B 1022 39.02 -30.18 -2.01
N ASN B 1023 39.00 -29.46 -3.13
CA ASN B 1023 39.76 -29.91 -4.29
C ASN B 1023 41.25 -29.95 -3.99
N LEU B 1024 41.74 -28.94 -3.27
CA LEU B 1024 43.13 -28.97 -2.83
C LEU B 1024 43.39 -30.19 -1.94
N ALA B 1025 42.46 -30.47 -1.03
CA ALA B 1025 42.62 -31.61 -0.12
C ALA B 1025 42.62 -32.92 -0.89
N ALA B 1026 41.75 -33.07 -1.88
CA ALA B 1026 41.72 -34.30 -2.67
C ALA B 1026 42.98 -34.45 -3.50
N THR B 1027 43.49 -33.34 -4.06
CA THR B 1027 44.74 -33.41 -4.80
C THR B 1027 45.90 -33.81 -3.88
N LYS B 1028 45.93 -33.25 -2.67
CA LYS B 1028 46.96 -33.64 -1.71
C LYS B 1028 46.81 -35.10 -1.29
N MET B 1029 45.58 -35.55 -1.12
CA MET B 1029 45.31 -36.97 -0.85
C MET B 1029 45.92 -37.85 -1.94
N SER B 1030 45.62 -37.53 -3.19
CA SER B 1030 46.08 -38.33 -4.32
C SER B 1030 47.54 -38.10 -4.66
N GLU B 1031 48.18 -37.10 -4.06
CA GLU B 1031 49.54 -36.73 -4.38
C GLU B 1031 50.51 -37.03 -3.25
N CYS B 1032 50.04 -37.35 -2.05
CA CYS B 1032 50.88 -37.35 -0.87
C CYS B 1032 50.86 -38.64 -0.07
N VAL B 1033 49.94 -39.56 -0.34
CA VAL B 1033 49.91 -40.84 0.37
C VAL B 1033 49.92 -41.97 -0.64
N LEU B 1034 49.46 -41.68 -1.85
CA LEU B 1034 49.48 -42.63 -2.96
C LEU B 1034 50.72 -42.50 -3.82
N GLY B 1035 51.70 -41.71 -3.41
CA GLY B 1035 52.93 -41.54 -4.16
C GLY B 1035 54.00 -40.83 -3.37
N GLN B 1036 54.91 -40.16 -4.09
CA GLN B 1036 56.00 -39.42 -3.46
C GLN B 1036 56.25 -38.18 -4.33
N SER B 1037 55.64 -37.07 -3.95
CA SER B 1037 55.73 -35.86 -4.74
C SER B 1037 57.08 -35.17 -4.52
N LYS B 1038 57.78 -34.90 -5.61
CA LYS B 1038 59.04 -34.16 -5.52
C LYS B 1038 58.83 -32.70 -5.20
N ARG B 1039 57.60 -32.20 -5.33
CA ARG B 1039 57.30 -30.79 -5.13
C ARG B 1039 57.67 -30.33 -3.72
N VAL B 1040 58.65 -29.44 -3.62
CA VAL B 1040 59.18 -29.05 -2.32
C VAL B 1040 58.16 -28.24 -1.55
N ASP B 1041 58.11 -28.47 -0.23
CA ASP B 1041 57.30 -27.70 0.71
C ASP B 1041 55.82 -27.84 0.41
N PHE B 1042 55.42 -28.96 -0.19
CA PHE B 1042 54.02 -29.29 -0.37
C PHE B 1042 53.49 -30.20 0.73
N CYS B 1043 54.37 -30.79 1.53
CA CYS B 1043 53.97 -31.75 2.54
C CYS B 1043 54.73 -31.51 3.84
N GLY B 1044 54.86 -30.25 4.24
CA GLY B 1044 55.64 -29.92 5.41
C GLY B 1044 57.06 -29.50 5.07
N LYS B 1045 57.85 -29.27 6.13
CA LYS B 1045 59.14 -28.62 5.97
C LYS B 1045 60.10 -29.45 5.14
N GLY B 1046 60.31 -30.71 5.52
CA GLY B 1046 61.32 -31.52 4.91
C GLY B 1046 60.92 -32.06 3.55
N TYR B 1047 61.86 -32.74 2.91
CA TYR B 1047 61.55 -33.47 1.68
C TYR B 1047 60.46 -34.49 1.98
N HIS B 1048 59.50 -34.57 1.08
CA HIS B 1048 58.43 -35.55 1.23
C HIS B 1048 58.99 -36.97 1.28
N LEU B 1049 58.46 -37.76 2.21
CA LEU B 1049 58.69 -39.19 2.24
C LEU B 1049 57.42 -39.95 1.89
N MET B 1050 56.34 -39.70 2.66
CA MET B 1050 55.05 -40.38 2.57
C MET B 1050 54.14 -39.82 3.66
N SER B 1051 52.91 -40.32 3.77
CA SER B 1051 51.95 -39.74 4.71
C SER B 1051 50.91 -40.77 5.14
N PHE B 1052 50.20 -40.42 6.21
CA PHE B 1052 49.02 -41.12 6.69
C PHE B 1052 47.84 -40.16 6.76
N PRO B 1053 46.69 -40.52 6.19
CA PRO B 1053 45.47 -39.76 6.45
C PRO B 1053 44.64 -40.35 7.59
N GLN B 1054 43.88 -39.51 8.28
CA GLN B 1054 42.97 -39.97 9.32
C GLN B 1054 41.68 -39.15 9.27
N SER B 1055 40.60 -39.73 9.79
CA SER B 1055 39.30 -39.10 9.72
C SER B 1055 39.24 -37.86 10.60
N ALA B 1056 38.30 -36.99 10.27
CA ALA B 1056 38.01 -35.77 11.02
C ALA B 1056 36.51 -35.55 10.98
N PRO B 1057 35.96 -34.82 11.96
CA PRO B 1057 34.50 -34.59 11.96
C PRO B 1057 34.00 -33.91 10.70
N HIS B 1058 34.78 -32.96 10.16
CA HIS B 1058 34.35 -32.23 8.98
C HIS B 1058 35.49 -31.98 8.00
N GLY B 1059 36.66 -32.57 8.20
CA GLY B 1059 37.78 -32.33 7.33
C GLY B 1059 38.70 -33.51 7.17
N VAL B 1060 39.98 -33.25 6.94
CA VAL B 1060 41.00 -34.29 6.88
C VAL B 1060 42.16 -33.88 7.78
N VAL B 1061 42.90 -34.89 8.25
CA VAL B 1061 44.14 -34.66 8.97
C VAL B 1061 45.23 -35.52 8.33
N PHE B 1062 46.33 -34.87 7.95
CA PHE B 1062 47.46 -35.56 7.34
C PHE B 1062 48.60 -35.63 8.32
N LEU B 1063 49.35 -36.72 8.25
CA LEU B 1063 50.59 -36.88 9.02
C LEU B 1063 51.74 -36.93 8.02
N HIS B 1064 52.49 -35.84 7.91
CA HIS B 1064 53.56 -35.73 6.93
C HIS B 1064 54.88 -36.09 7.59
N VAL B 1065 55.38 -37.29 7.30
CA VAL B 1065 56.70 -37.70 7.78
C VAL B 1065 57.74 -37.22 6.76
N THR B 1066 58.76 -36.53 7.26
CA THR B 1066 59.71 -35.84 6.41
C THR B 1066 61.13 -36.25 6.76
N TYR B 1067 62.03 -36.07 5.80
CA TYR B 1067 63.45 -36.31 5.96
C TYR B 1067 64.16 -34.96 5.96
N VAL B 1068 64.59 -34.52 7.13
CA VAL B 1068 65.21 -33.21 7.30
C VAL B 1068 66.68 -33.41 7.69
N PRO B 1069 67.62 -32.79 7.00
CA PRO B 1069 69.03 -32.94 7.37
C PRO B 1069 69.35 -32.20 8.66
N ALA B 1070 70.47 -32.57 9.25
CA ALA B 1070 70.92 -31.93 10.49
C ALA B 1070 72.42 -32.15 10.65
N GLN B 1071 73.02 -31.38 11.55
CA GLN B 1071 74.44 -31.47 11.90
C GLN B 1071 75.32 -31.27 10.65
N GLU B 1072 75.23 -30.07 10.10
CA GLU B 1072 76.07 -29.71 8.97
C GLU B 1072 77.53 -29.65 9.38
N LYS B 1073 78.41 -29.91 8.41
CA LYS B 1073 79.85 -29.95 8.66
C LYS B 1073 80.58 -29.22 7.54
N ASN B 1074 81.57 -28.43 7.93
CA ASN B 1074 82.37 -27.69 6.94
C ASN B 1074 83.17 -28.65 6.08
N PHE B 1075 83.27 -28.32 4.79
CA PHE B 1075 84.07 -29.09 3.84
C PHE B 1075 84.58 -28.16 2.75
N THR B 1076 85.89 -27.95 2.71
CA THR B 1076 86.49 -27.30 1.55
C THR B 1076 86.38 -28.23 0.34
N THR B 1077 86.05 -27.66 -0.81
CA THR B 1077 85.64 -28.48 -1.95
C THR B 1077 86.26 -27.96 -3.24
N ALA B 1078 86.01 -28.70 -4.32
CA ALA B 1078 86.38 -28.34 -5.67
C ALA B 1078 85.27 -28.79 -6.59
N PRO B 1079 85.12 -28.16 -7.75
CA PRO B 1079 84.02 -28.53 -8.65
C PRO B 1079 84.31 -29.72 -9.55
N ALA B 1080 85.52 -30.27 -9.51
CA ALA B 1080 85.89 -31.43 -10.32
C ALA B 1080 87.24 -31.94 -9.84
N ILE B 1081 87.71 -33.02 -10.46
CA ILE B 1081 88.98 -33.65 -10.15
C ILE B 1081 89.85 -33.67 -11.40
N CYS B 1082 91.15 -33.47 -11.22
CA CYS B 1082 92.12 -33.47 -12.30
C CYS B 1082 93.03 -34.69 -12.21
N HIS B 1083 93.28 -35.32 -13.35
CA HIS B 1083 94.26 -36.39 -13.43
C HIS B 1083 94.72 -36.56 -14.87
N ASP B 1084 96.03 -36.59 -15.07
CA ASP B 1084 96.64 -36.83 -16.38
C ASP B 1084 96.06 -35.85 -17.41
N GLY B 1085 96.00 -34.58 -17.01
CA GLY B 1085 95.51 -33.55 -17.90
C GLY B 1085 94.01 -33.58 -18.13
N LYS B 1086 93.38 -34.71 -17.83
CA LYS B 1086 91.96 -34.89 -18.09
C LYS B 1086 91.13 -34.12 -17.05
N ALA B 1087 89.82 -34.20 -17.22
CA ALA B 1087 88.86 -33.61 -16.29
C ALA B 1087 87.89 -34.68 -15.84
N HIS B 1088 87.76 -34.84 -14.52
CA HIS B 1088 86.86 -35.81 -13.94
C HIS B 1088 85.64 -35.11 -13.35
N PHE B 1089 84.52 -35.86 -13.26
CA PHE B 1089 83.29 -35.31 -12.74
C PHE B 1089 82.55 -36.39 -11.96
N PRO B 1090 81.80 -36.03 -10.92
CA PRO B 1090 81.13 -37.05 -10.10
C PRO B 1090 79.89 -37.58 -10.80
N ARG B 1091 79.78 -38.91 -10.84
CA ARG B 1091 78.66 -39.54 -11.55
C ARG B 1091 77.33 -39.23 -10.87
N GLU B 1092 77.28 -39.30 -9.54
CA GLU B 1092 76.01 -39.16 -8.85
C GLU B 1092 76.10 -38.18 -7.67
N GLY B 1093 77.29 -38.04 -7.09
CA GLY B 1093 77.49 -37.23 -5.92
C GLY B 1093 78.17 -35.91 -6.21
N VAL B 1094 78.84 -35.35 -5.19
CA VAL B 1094 79.66 -34.16 -5.33
C VAL B 1094 80.91 -34.35 -4.49
N PHE B 1095 82.05 -33.97 -5.04
CA PHE B 1095 83.32 -34.21 -4.36
C PHE B 1095 83.48 -33.31 -3.14
N VAL B 1096 84.17 -33.84 -2.12
CA VAL B 1096 84.46 -33.12 -0.89
C VAL B 1096 85.88 -33.43 -0.46
N SER B 1097 86.36 -32.68 0.53
CA SER B 1097 87.71 -32.89 1.05
C SER B 1097 87.75 -32.43 2.50
N ASN B 1098 88.74 -32.94 3.23
CA ASN B 1098 88.96 -32.56 4.62
C ASN B 1098 90.38 -32.03 4.83
N GLY B 1099 90.99 -31.49 3.78
CA GLY B 1099 92.27 -30.83 3.86
C GLY B 1099 93.47 -31.69 3.46
N THR B 1100 93.32 -33.01 3.46
CA THR B 1100 94.41 -33.90 3.10
C THR B 1100 94.10 -34.81 1.93
N HIS B 1101 92.89 -35.37 1.88
CA HIS B 1101 92.47 -36.23 0.77
C HIS B 1101 91.15 -35.71 0.22
N TRP B 1102 90.63 -36.41 -0.78
CA TRP B 1102 89.35 -36.06 -1.38
C TRP B 1102 88.47 -37.29 -1.42
N PHE B 1103 87.17 -37.08 -1.25
CA PHE B 1103 86.21 -38.17 -1.22
C PHE B 1103 84.94 -37.73 -1.94
N VAL B 1104 84.18 -38.70 -2.44
CA VAL B 1104 82.91 -38.47 -3.09
C VAL B 1104 81.81 -39.05 -2.21
N THR B 1105 80.71 -38.31 -2.10
CA THR B 1105 79.60 -38.73 -1.26
C THR B 1105 78.29 -38.33 -1.93
N GLN B 1106 77.22 -39.02 -1.54
CA GLN B 1106 75.89 -38.65 -1.99
C GLN B 1106 75.50 -37.30 -1.40
N ARG B 1107 74.69 -36.56 -2.12
CA ARG B 1107 74.50 -35.15 -1.81
C ARG B 1107 73.67 -34.89 -0.55
N ASN B 1108 73.25 -35.88 0.24
CA ASN B 1108 72.46 -35.57 1.43
C ASN B 1108 72.85 -36.40 2.64
N PHE B 1109 73.97 -37.12 2.60
CA PHE B 1109 74.43 -37.89 3.76
C PHE B 1109 75.89 -38.22 3.54
N TYR B 1110 76.71 -37.96 4.55
CA TYR B 1110 78.17 -38.09 4.42
C TYR B 1110 78.53 -39.56 4.26
N GLU B 1111 78.89 -39.95 3.04
CA GLU B 1111 79.29 -41.31 2.71
C GLU B 1111 80.60 -41.26 1.94
N PRO B 1112 81.69 -40.91 2.61
CA PRO B 1112 82.98 -40.77 1.91
C PRO B 1112 83.42 -42.08 1.28
N GLN B 1113 84.00 -41.95 0.09
CA GLN B 1113 84.51 -43.11 -0.65
C GLN B 1113 85.75 -42.70 -1.43
N ILE B 1114 86.57 -43.68 -1.76
CA ILE B 1114 87.74 -43.42 -2.61
C ILE B 1114 87.27 -43.09 -4.01
N ILE B 1115 87.91 -42.10 -4.64
CA ILE B 1115 87.51 -41.68 -5.97
C ILE B 1115 87.84 -42.78 -6.96
N THR B 1116 86.84 -43.21 -7.72
CA THR B 1116 86.97 -44.34 -8.63
C THR B 1116 86.53 -43.93 -10.03
N THR B 1117 87.09 -44.62 -11.03
CA THR B 1117 86.61 -44.48 -12.40
C THR B 1117 85.26 -45.14 -12.61
N ASP B 1118 84.80 -45.95 -11.65
CA ASP B 1118 83.50 -46.60 -11.76
C ASP B 1118 82.34 -45.65 -11.52
N ASN B 1119 82.57 -44.53 -10.86
CA ASN B 1119 81.55 -43.51 -10.60
C ASN B 1119 82.04 -42.14 -11.03
N THR B 1120 82.63 -42.08 -12.22
CA THR B 1120 83.18 -40.84 -12.76
C THR B 1120 83.49 -41.04 -14.23
N PHE B 1121 83.14 -40.06 -15.06
CA PHE B 1121 83.47 -40.06 -16.47
C PHE B 1121 84.43 -38.92 -16.77
N VAL B 1122 84.83 -38.80 -18.04
CA VAL B 1122 85.84 -37.84 -18.46
C VAL B 1122 85.32 -37.06 -19.66
N SER B 1123 85.61 -35.76 -19.66
CA SER B 1123 85.25 -34.89 -20.78
C SER B 1123 86.12 -33.64 -20.78
N GLY B 1124 86.88 -33.42 -21.85
CA GLY B 1124 87.73 -32.25 -21.96
C GLY B 1124 88.96 -32.31 -21.07
N ASN B 1125 90.00 -31.56 -21.43
CA ASN B 1125 91.19 -31.51 -20.60
C ASN B 1125 90.93 -30.67 -19.35
N CYS B 1126 91.97 -30.53 -18.51
CA CYS B 1126 91.83 -29.86 -17.23
C CYS B 1126 91.86 -28.35 -17.32
N ASP B 1127 92.11 -27.79 -18.51
CA ASP B 1127 92.26 -26.34 -18.63
C ASP B 1127 90.92 -25.62 -18.53
N VAL B 1128 89.89 -26.16 -19.18
CA VAL B 1128 88.66 -25.41 -19.40
C VAL B 1128 87.95 -25.14 -18.08
N VAL B 1129 87.77 -26.18 -17.26
CA VAL B 1129 87.01 -26.01 -16.02
C VAL B 1129 87.83 -25.20 -15.02
N ILE B 1130 87.16 -24.27 -14.34
CA ILE B 1130 87.80 -23.40 -13.37
C ILE B 1130 87.71 -24.04 -11.99
N GLY B 1131 88.66 -23.72 -11.13
CA GLY B 1131 88.70 -24.27 -9.79
C GLY B 1131 89.18 -25.69 -9.69
N ILE B 1132 89.64 -26.28 -10.79
CA ILE B 1132 90.09 -27.67 -10.83
C ILE B 1132 91.26 -27.85 -9.86
N VAL B 1133 91.38 -29.05 -9.29
CA VAL B 1133 92.44 -29.37 -8.34
C VAL B 1133 93.00 -30.75 -8.69
N ASN B 1134 94.32 -30.87 -8.63
CA ASN B 1134 94.97 -32.14 -8.91
C ASN B 1134 94.73 -33.14 -7.78
N ASN B 1135 94.55 -34.40 -8.15
CA ASN B 1135 94.46 -35.50 -7.19
C ASN B 1135 94.56 -36.81 -7.96
N THR B 1136 94.97 -37.86 -7.25
CA THR B 1136 95.00 -39.18 -7.85
C THR B 1136 93.59 -39.73 -8.02
N VAL B 1137 93.43 -40.61 -9.00
CA VAL B 1137 92.19 -41.34 -9.21
C VAL B 1137 92.54 -42.81 -9.34
N TYR B 1138 91.76 -43.66 -8.68
CA TYR B 1138 92.06 -45.08 -8.61
C TYR B 1138 91.25 -45.86 -9.64
N ASP B 1139 91.68 -47.09 -9.88
CA ASP B 1139 91.04 -47.99 -10.82
C ASP B 1139 91.08 -49.40 -10.24
N PRO B 1140 89.92 -50.03 -10.03
CA PRO B 1140 89.92 -51.41 -9.53
C PRO B 1140 90.61 -52.40 -10.45
N LEU B 1141 90.79 -52.04 -11.73
CA LEU B 1141 91.51 -52.91 -12.64
C LEU B 1141 92.97 -53.07 -12.24
N GLN B 1142 93.60 -51.97 -11.81
CA GLN B 1142 95.05 -51.95 -11.60
C GLN B 1142 95.56 -53.00 -10.62
N PRO B 1143 94.94 -53.19 -9.44
CA PRO B 1143 95.49 -54.22 -8.51
C PRO B 1143 95.52 -55.60 -9.12
N GLU B 1144 94.40 -56.09 -9.64
CA GLU B 1144 94.42 -57.39 -10.31
C GLU B 1144 95.26 -57.33 -11.59
N LEU B 1145 95.37 -56.15 -12.20
CA LEU B 1145 96.17 -56.00 -13.42
C LEU B 1145 97.63 -56.33 -13.16
N ASP B 1146 98.22 -55.75 -12.12
CA ASP B 1146 99.62 -56.05 -11.81
C ASP B 1146 99.77 -57.21 -10.84
N SER B 1147 98.67 -57.82 -10.41
CA SER B 1147 98.77 -59.05 -9.61
C SER B 1147 98.71 -60.30 -10.47
N PHE B 1148 97.96 -60.28 -11.57
CA PHE B 1148 97.79 -61.49 -12.37
C PHE B 1148 98.11 -61.26 -13.84
N LYS B 1149 97.92 -60.04 -14.32
CA LYS B 1149 98.17 -59.68 -15.72
C LYS B 1149 97.38 -60.57 -16.68
N GLN C 14 9.05 56.20 -33.77
CA GLN C 14 7.60 56.35 -33.78
C GLN C 14 6.99 55.86 -35.09
N CYS C 15 7.47 56.40 -36.20
CA CYS C 15 6.98 56.05 -37.52
C CYS C 15 8.14 55.63 -38.41
N VAL C 16 7.95 54.55 -39.16
CA VAL C 16 8.94 54.03 -40.09
C VAL C 16 8.27 53.83 -41.44
N ASN C 17 8.92 54.29 -42.50
CA ASN C 17 8.38 54.11 -43.84
C ASN C 17 8.24 52.63 -44.16
N LEU C 18 7.09 52.26 -44.71
CA LEU C 18 6.74 50.87 -44.98
C LEU C 18 6.94 50.61 -46.48
N THR C 19 8.13 50.13 -46.83
CA THR C 19 8.46 49.81 -48.22
C THR C 19 9.13 48.45 -48.24
N THR C 20 9.67 48.07 -49.40
CA THR C 20 10.33 46.79 -49.59
C THR C 20 11.82 47.04 -49.77
N ARG C 21 12.63 46.38 -48.93
CA ARG C 21 14.08 46.49 -48.98
C ARG C 21 14.68 45.22 -49.55
N THR C 22 16.01 45.25 -49.73
CA THR C 22 16.74 44.10 -50.25
C THR C 22 16.91 43.09 -49.12
N GLN C 23 16.29 41.92 -49.26
CA GLN C 23 16.32 40.89 -48.23
C GLN C 23 17.49 39.95 -48.51
N LEU C 24 18.53 40.04 -47.70
CA LEU C 24 19.70 39.19 -47.87
C LEU C 24 19.37 37.76 -47.45
N PRO C 25 19.96 36.76 -48.11
CA PRO C 25 19.76 35.38 -47.68
C PRO C 25 20.42 35.14 -46.34
N PRO C 26 19.89 34.22 -45.53
CA PRO C 26 20.52 33.93 -44.24
C PRO C 26 21.84 33.20 -44.39
N ALA C 27 22.95 33.91 -44.14
CA ALA C 27 24.26 33.31 -44.26
C ALA C 27 24.47 32.26 -43.18
N TYR C 28 25.12 31.16 -43.56
CA TYR C 28 25.36 30.04 -42.65
C TYR C 28 26.85 29.89 -42.40
N THR C 29 27.20 29.59 -41.14
CA THR C 29 28.59 29.44 -40.74
C THR C 29 28.63 28.37 -39.65
N ASN C 30 29.82 27.82 -39.42
CA ASN C 30 30.00 26.71 -38.49
C ASN C 30 30.44 27.20 -37.12
N SER C 31 29.75 26.74 -36.09
CA SER C 31 30.24 26.88 -34.72
C SER C 31 31.29 25.82 -34.43
N PHE C 32 32.29 26.19 -33.64
CA PHE C 32 33.43 25.32 -33.40
C PHE C 32 33.48 24.80 -31.96
N THR C 33 33.55 25.70 -30.98
CA THR C 33 33.65 25.30 -29.58
C THR C 33 32.84 26.16 -28.62
N ARG C 34 32.41 27.35 -29.03
CA ARG C 34 31.76 28.28 -28.11
C ARG C 34 30.41 27.72 -27.66
N GLY C 35 29.86 28.35 -26.62
CA GLY C 35 28.57 27.95 -26.11
C GLY C 35 28.65 27.02 -24.91
N VAL C 36 29.53 27.35 -23.96
CA VAL C 36 29.66 26.60 -22.73
C VAL C 36 29.59 27.58 -21.56
N TYR C 37 28.87 27.19 -20.51
CA TYR C 37 28.72 28.00 -19.33
C TYR C 37 28.68 27.10 -18.11
N TYR C 38 29.18 27.60 -16.99
CA TYR C 38 29.17 26.85 -15.74
C TYR C 38 27.74 26.46 -15.42
N PRO C 39 27.40 25.16 -15.50
CA PRO C 39 25.98 24.77 -15.43
C PRO C 39 25.29 25.19 -14.15
N ASP C 40 26.02 25.22 -13.04
CA ASP C 40 25.52 25.74 -11.78
C ASP C 40 26.49 26.82 -11.29
N LYS C 41 26.13 27.46 -10.19
CA LYS C 41 27.03 28.38 -9.51
C LYS C 41 27.87 27.68 -8.44
N VAL C 42 27.73 26.37 -8.32
CA VAL C 42 28.54 25.59 -7.40
C VAL C 42 29.97 25.50 -7.94
N PHE C 43 30.88 25.05 -7.08
CA PHE C 43 32.29 24.95 -7.43
C PHE C 43 32.73 23.49 -7.32
N ARG C 44 33.36 22.98 -8.37
CA ARG C 44 34.03 21.70 -8.34
C ARG C 44 35.48 21.88 -8.78
N SER C 45 36.38 21.12 -8.16
CA SER C 45 37.81 21.34 -8.32
C SER C 45 38.44 20.15 -9.05
N SER C 46 38.84 20.36 -10.30
CA SER C 46 39.62 19.40 -11.07
C SER C 46 38.97 18.01 -11.08
N VAL C 47 37.66 17.98 -11.22
CA VAL C 47 36.90 16.74 -11.28
C VAL C 47 36.09 16.73 -12.57
N LEU C 48 36.21 15.66 -13.34
CA LEU C 48 35.45 15.52 -14.57
C LEU C 48 33.99 15.27 -14.23
N HIS C 49 33.16 16.28 -14.38
CA HIS C 49 31.76 16.22 -14.00
C HIS C 49 30.87 16.32 -15.24
N SER C 50 29.71 15.67 -15.16
CA SER C 50 28.77 15.61 -16.26
C SER C 50 27.42 16.17 -15.84
N THR C 51 26.75 16.82 -16.79
CA THR C 51 25.43 17.41 -16.54
C THR C 51 24.70 17.54 -17.88
N GLN C 52 23.39 17.76 -17.79
CA GLN C 52 22.54 17.88 -18.96
C GLN C 52 21.58 19.04 -18.80
N ASP C 53 21.44 19.83 -19.87
CA ASP C 53 20.49 20.94 -19.95
C ASP C 53 20.60 21.50 -21.37
N LEU C 54 19.78 22.50 -21.68
CA LEU C 54 19.78 23.07 -23.02
C LEU C 54 21.09 23.81 -23.28
N PHE C 55 21.87 23.29 -24.22
CA PHE C 55 23.21 23.81 -24.52
C PHE C 55 23.31 24.08 -26.00
N LEU C 56 24.52 24.44 -26.45
CA LEU C 56 24.79 24.69 -27.85
C LEU C 56 25.62 23.53 -28.40
N PRO C 57 25.11 22.79 -29.38
CA PRO C 57 25.90 21.71 -29.98
C PRO C 57 27.21 22.23 -30.57
N PHE C 58 28.25 21.40 -30.47
CA PHE C 58 29.59 21.86 -30.82
C PHE C 58 29.69 22.22 -32.30
N PHE C 59 29.15 21.38 -33.18
CA PHE C 59 29.21 21.62 -34.62
C PHE C 59 27.79 21.89 -35.11
N SER C 60 27.45 23.18 -35.22
CA SER C 60 26.12 23.60 -35.62
C SER C 60 26.23 24.68 -36.68
N ASN C 61 25.31 24.65 -37.64
CA ASN C 61 25.29 25.64 -38.71
C ASN C 61 24.71 26.96 -38.19
N VAL C 62 25.57 27.80 -37.60
CA VAL C 62 25.11 29.06 -37.03
C VAL C 62 25.01 30.10 -38.14
N THR C 63 24.33 31.21 -37.83
CA THR C 63 24.04 32.25 -38.79
C THR C 63 24.93 33.45 -38.55
N TRP C 64 25.56 33.94 -39.60
CA TRP C 64 26.38 35.15 -39.55
C TRP C 64 25.56 36.27 -40.19
N PHE C 65 25.33 37.34 -39.43
CA PHE C 65 24.60 38.50 -39.90
C PHE C 65 25.58 39.67 -39.98
N HIS C 66 25.69 40.27 -41.15
CA HIS C 66 26.73 41.25 -41.46
C HIS C 66 26.08 42.55 -41.93
N ALA C 67 26.50 43.67 -41.33
CA ALA C 67 25.97 44.98 -41.64
C ALA C 67 27.02 45.83 -42.34
N ILE C 68 26.66 46.41 -43.48
CA ILE C 68 27.55 47.30 -44.22
C ILE C 68 26.80 48.60 -44.48
N HIS C 69 27.47 49.72 -44.23
CA HIS C 69 26.93 51.05 -44.55
C HIS C 69 27.98 51.81 -45.36
N VAL C 70 27.55 52.41 -46.47
CA VAL C 70 28.46 53.15 -47.33
C VAL C 70 28.86 54.46 -46.68
N THR C 76 29.19 47.69 -51.26
CA THR C 76 27.73 47.74 -51.25
C THR C 76 27.20 47.68 -49.82
N LYS C 77 26.23 48.53 -49.51
CA LYS C 77 25.68 48.60 -48.17
C LYS C 77 24.87 47.35 -47.84
N ARG C 78 24.76 47.07 -46.55
CA ARG C 78 23.98 45.92 -46.05
C ARG C 78 23.26 46.35 -44.79
N PHE C 79 21.96 46.61 -44.92
CA PHE C 79 21.12 47.01 -43.79
C PHE C 79 20.33 45.79 -43.33
N ASP C 80 20.71 45.23 -42.19
CA ASP C 80 20.08 44.02 -41.66
C ASP C 80 19.70 44.22 -40.20
N ASN C 81 18.44 43.95 -39.89
CA ASN C 81 17.93 43.98 -38.53
C ASN C 81 16.64 43.17 -38.42
N PRO C 82 16.69 41.86 -38.65
CA PRO C 82 15.45 41.07 -38.64
C PRO C 82 15.08 40.54 -37.26
N VAL C 83 13.99 39.79 -37.19
CA VAL C 83 13.51 39.16 -35.96
C VAL C 83 13.47 37.65 -36.19
N LEU C 84 14.01 36.90 -35.23
CA LEU C 84 14.12 35.46 -35.36
C LEU C 84 13.45 34.77 -34.18
N PRO C 85 13.00 33.52 -34.37
CA PRO C 85 12.41 32.78 -33.26
C PRO C 85 13.43 32.46 -32.17
N PHE C 86 12.90 32.26 -30.96
CA PHE C 86 13.74 31.96 -29.79
C PHE C 86 14.00 30.46 -29.66
N ASN C 87 12.92 29.67 -29.54
CA ASN C 87 13.00 28.21 -29.47
C ASN C 87 13.86 27.72 -28.31
N ASP C 88 13.39 28.05 -27.10
CA ASP C 88 13.86 27.50 -25.82
C ASP C 88 15.29 27.88 -25.47
N GLY C 89 15.98 28.66 -26.30
CA GLY C 89 17.36 29.03 -26.01
C GLY C 89 18.10 29.58 -27.20
N VAL C 90 18.97 30.55 -26.96
CA VAL C 90 19.69 31.24 -28.04
C VAL C 90 21.14 31.47 -27.63
N TYR C 91 22.06 31.18 -28.54
CA TYR C 91 23.45 31.61 -28.43
C TYR C 91 23.66 32.89 -29.22
N PHE C 92 24.53 33.75 -28.71
CA PHE C 92 24.82 35.02 -29.37
C PHE C 92 26.29 35.38 -29.18
N ALA C 93 26.82 36.13 -30.14
CA ALA C 93 28.20 36.63 -30.08
C ALA C 93 28.32 37.78 -31.07
N SER C 94 29.14 38.77 -30.71
CA SER C 94 29.28 39.94 -31.56
C SER C 94 30.55 40.69 -31.21
N THR C 95 30.96 41.57 -32.12
CA THR C 95 32.07 42.49 -31.89
C THR C 95 31.71 43.84 -32.50
N GLU C 96 32.26 44.90 -31.93
CA GLU C 96 31.94 46.26 -32.37
C GLU C 96 33.07 47.20 -31.97
N LYS C 97 33.07 48.39 -32.58
CA LYS C 97 34.10 49.37 -32.33
C LYS C 97 33.57 50.76 -31.99
N SER C 98 32.25 50.97 -32.03
CA SER C 98 31.71 52.30 -31.77
C SER C 98 30.47 52.25 -30.89
N ASN C 99 30.31 51.22 -30.05
CA ASN C 99 29.19 51.10 -29.12
C ASN C 99 27.85 51.16 -29.86
N ILE C 100 27.73 50.36 -30.91
CA ILE C 100 26.51 50.35 -31.70
C ILE C 100 25.44 49.49 -31.04
N ILE C 101 25.80 48.25 -30.69
CA ILE C 101 24.86 47.37 -30.00
C ILE C 101 24.74 47.84 -28.55
N ARG C 102 23.50 47.97 -28.09
CA ARG C 102 23.23 48.50 -26.74
C ARG C 102 22.29 47.62 -25.93
N GLY C 103 21.77 46.53 -26.48
CA GLY C 103 20.89 45.67 -25.73
C GLY C 103 20.15 44.71 -26.64
N TRP C 104 19.14 44.06 -26.05
CA TRP C 104 18.31 43.12 -26.77
C TRP C 104 16.89 43.22 -26.25
N ILE C 105 15.94 42.77 -27.07
CA ILE C 105 14.53 42.71 -26.71
C ILE C 105 14.02 41.31 -26.99
N PHE C 106 13.04 40.87 -26.20
CA PHE C 106 12.46 39.55 -26.32
C PHE C 106 10.97 39.63 -26.09
N GLY C 107 10.22 38.69 -26.67
CA GLY C 107 8.80 38.67 -26.49
C GLY C 107 8.14 37.71 -27.47
N THR C 108 6.81 37.83 -27.57
CA THR C 108 6.02 37.03 -28.48
C THR C 108 5.52 37.83 -29.68
N THR C 109 4.86 38.96 -29.43
CA THR C 109 4.38 39.83 -30.50
C THR C 109 5.15 41.14 -30.62
N LEU C 110 5.96 41.48 -29.62
CA LEU C 110 6.80 42.67 -29.65
C LEU C 110 5.98 43.94 -29.87
N ASP C 111 4.84 44.02 -29.21
CA ASP C 111 3.99 45.21 -29.28
C ASP C 111 3.32 45.39 -27.91
N SER C 112 2.40 46.35 -27.83
CA SER C 112 1.71 46.61 -26.59
C SER C 112 0.67 45.56 -26.25
N LYS C 113 0.37 44.65 -27.18
CA LYS C 113 -0.63 43.61 -26.91
C LYS C 113 -0.18 42.68 -25.79
N THR C 114 1.09 42.28 -25.79
CA THR C 114 1.60 41.33 -24.82
C THR C 114 2.84 41.89 -24.13
N GLN C 115 3.11 41.39 -22.93
CA GLN C 115 4.25 41.83 -22.16
C GLN C 115 5.56 41.35 -22.82
N SER C 116 6.63 42.08 -22.52
CA SER C 116 7.93 41.78 -23.11
C SER C 116 9.03 42.24 -22.16
N LEU C 117 10.24 41.75 -22.43
CA LEU C 117 11.42 42.10 -21.64
C LEU C 117 12.31 43.03 -22.45
N LEU C 118 12.69 44.15 -21.85
CA LEU C 118 13.57 45.12 -22.48
C LEU C 118 14.83 45.27 -21.63
N ILE C 119 15.99 45.10 -22.27
CA ILE C 119 17.28 45.26 -21.62
C ILE C 119 18.12 46.20 -22.49
N VAL C 120 18.53 47.32 -21.92
CA VAL C 120 19.34 48.30 -22.63
C VAL C 120 20.45 48.78 -21.70
N ASN C 121 21.63 49.00 -22.27
CA ASN C 121 22.80 49.44 -21.53
C ASN C 121 23.29 50.77 -22.06
N ASN C 122 23.74 51.63 -21.16
CA ASN C 122 24.31 52.92 -21.56
C ASN C 122 25.67 53.12 -20.88
N ALA C 123 26.21 54.34 -20.97
CA ALA C 123 27.50 54.62 -20.37
C ALA C 123 27.45 54.68 -18.85
N THR C 124 26.26 54.67 -18.24
CA THR C 124 26.13 54.82 -16.79
C THR C 124 25.80 53.51 -16.10
N ASN C 125 24.72 52.85 -16.49
CA ASN C 125 24.24 51.68 -15.77
C ASN C 125 23.58 50.72 -16.76
N VAL C 126 22.83 49.76 -16.23
CA VAL C 126 22.05 48.81 -17.03
C VAL C 126 20.59 49.00 -16.71
N VAL C 127 19.77 49.18 -17.74
CA VAL C 127 18.34 49.40 -17.57
C VAL C 127 17.61 48.17 -18.08
N ILE C 128 16.83 47.54 -17.22
CA ILE C 128 16.03 46.36 -17.55
C ILE C 128 14.61 46.61 -17.09
N LYS C 129 13.64 46.43 -17.98
CA LYS C 129 12.24 46.67 -17.67
C LYS C 129 11.40 45.52 -18.22
N VAL C 130 10.24 45.32 -17.60
CA VAL C 130 9.26 44.33 -18.04
C VAL C 130 7.93 45.07 -18.18
N CYS C 131 7.65 45.56 -19.38
CA CYS C 131 6.43 46.32 -19.64
C CYS C 131 5.88 45.93 -21.01
N GLU C 132 4.68 46.41 -21.31
CA GLU C 132 4.05 46.18 -22.60
C GLU C 132 4.50 47.28 -23.57
N PHE C 133 5.79 47.23 -23.90
CA PHE C 133 6.38 48.23 -24.78
C PHE C 133 5.82 48.09 -26.19
N GLN C 134 5.66 49.24 -26.86
CA GLN C 134 5.21 49.28 -28.25
C GLN C 134 6.40 49.66 -29.12
N PHE C 135 6.81 48.75 -29.99
CA PHE C 135 7.95 48.95 -30.87
C PHE C 135 7.49 49.15 -32.31
N CYS C 136 8.35 49.76 -33.11
CA CYS C 136 8.08 50.01 -34.51
C CYS C 136 8.78 48.96 -35.38
N ASN C 137 8.70 49.15 -36.70
CA ASN C 137 9.34 48.21 -37.62
C ASN C 137 10.85 48.25 -37.51
N ASP C 138 11.43 49.43 -37.27
CA ASP C 138 12.88 49.60 -37.16
C ASP C 138 13.19 50.32 -35.85
N PRO C 139 13.11 49.62 -34.72
CA PRO C 139 13.37 50.27 -33.43
C PRO C 139 14.86 50.35 -33.13
N PHE C 140 15.27 51.53 -32.67
CA PHE C 140 16.66 51.75 -32.27
C PHE C 140 16.71 52.95 -31.35
N LEU C 141 17.83 53.09 -30.65
CA LEU C 141 18.07 54.22 -29.76
C LEU C 141 18.86 55.28 -30.53
N GLY C 142 18.19 56.38 -30.88
CA GLY C 142 18.85 57.43 -31.63
C GLY C 142 19.82 58.21 -30.77
N VAL C 143 20.82 58.80 -31.43
CA VAL C 143 21.82 59.62 -30.78
C VAL C 143 21.82 60.98 -31.47
N TYR C 144 22.33 61.98 -30.76
CA TYR C 144 22.45 63.31 -31.34
C TYR C 144 23.62 64.04 -30.70
N TYR C 145 24.13 65.03 -31.42
CA TYR C 145 25.30 65.80 -31.01
C TYR C 145 24.88 67.21 -30.63
N HIS C 146 25.46 67.72 -29.56
CA HIS C 146 25.13 69.03 -29.02
C HIS C 146 26.26 70.01 -29.27
N LYS C 147 25.92 71.19 -29.78
CA LYS C 147 26.93 72.23 -29.99
C LYS C 147 27.40 72.83 -28.67
N ASN C 148 26.51 72.93 -27.69
CA ASN C 148 26.88 73.54 -26.41
C ASN C 148 27.86 72.67 -25.65
N ASN C 149 27.58 71.37 -25.52
CA ASN C 149 28.41 70.46 -24.76
C ASN C 149 29.53 69.84 -25.58
N LYS C 150 29.52 70.00 -26.90
CA LYS C 150 30.55 69.44 -27.77
C LYS C 150 30.69 67.92 -27.57
N SER C 151 29.55 67.24 -27.44
CA SER C 151 29.55 65.80 -27.19
C SER C 151 28.23 65.23 -27.67
N TRP C 152 28.17 63.90 -27.67
CA TRP C 152 26.98 63.16 -28.12
C TRP C 152 26.23 62.62 -26.92
N MET C 153 24.93 62.92 -26.84
CA MET C 153 24.05 62.37 -25.82
C MET C 153 22.88 61.66 -26.49
N GLU C 154 22.14 60.90 -25.68
CA GLU C 154 21.06 60.04 -26.15
C GLU C 154 19.82 60.32 -25.32
N SER C 155 19.03 61.31 -25.75
CA SER C 155 17.88 61.75 -24.97
C SER C 155 16.67 62.00 -25.85
N GLU C 156 16.39 61.08 -26.79
CA GLU C 156 15.17 61.13 -27.57
C GLU C 156 14.35 59.85 -27.53
N PHE C 157 14.97 58.71 -27.21
CA PHE C 157 14.27 57.45 -26.94
C PHE C 157 13.38 57.03 -28.12
N ARG C 158 14.04 56.75 -29.25
CA ARG C 158 13.35 56.27 -30.44
C ARG C 158 13.08 54.76 -30.39
N VAL C 159 13.45 54.09 -29.30
CA VAL C 159 13.34 52.63 -29.24
C VAL C 159 11.89 52.18 -29.31
N TYR C 160 11.04 52.79 -28.50
CA TYR C 160 9.66 52.34 -28.34
C TYR C 160 8.71 53.53 -28.43
N SER C 161 7.41 53.21 -28.46
CA SER C 161 6.37 54.22 -28.59
C SER C 161 5.65 54.47 -27.26
N SER C 162 5.16 53.41 -26.62
CA SER C 162 4.40 53.53 -25.38
C SER C 162 4.86 52.49 -24.38
N ALA C 163 4.68 52.81 -23.10
CA ALA C 163 5.03 51.90 -22.01
C ALA C 163 4.11 52.22 -20.83
N ASN C 164 3.06 51.42 -20.67
CA ASN C 164 2.07 51.66 -19.63
C ASN C 164 1.96 50.50 -18.64
N ASN C 165 1.86 49.27 -19.13
CA ASN C 165 1.69 48.10 -18.26
C ASN C 165 3.04 47.71 -17.68
N CYS C 166 3.50 48.53 -16.74
CA CYS C 166 4.79 48.31 -16.09
C CYS C 166 4.63 47.34 -14.93
N THR C 167 5.46 46.31 -14.90
CA THR C 167 5.39 45.30 -13.85
C THR C 167 6.70 45.11 -13.11
N PHE C 168 7.84 45.16 -13.81
CA PHE C 168 9.13 44.94 -13.18
C PHE C 168 10.18 45.84 -13.81
N GLU C 169 11.20 46.17 -13.01
CA GLU C 169 12.33 46.96 -13.47
C GLU C 169 13.58 46.49 -12.72
N TYR C 170 14.71 46.49 -13.44
CA TYR C 170 15.98 46.07 -12.84
C TYR C 170 17.09 46.99 -13.31
N VAL C 171 17.93 47.41 -12.36
CA VAL C 171 19.07 48.30 -12.63
C VAL C 171 20.28 47.77 -11.89
N SER C 172 21.43 47.78 -12.55
CA SER C 172 22.68 47.32 -11.94
C SER C 172 23.86 47.92 -12.71
N GLN C 173 25.06 47.46 -12.35
CA GLN C 173 26.29 48.00 -12.93
C GLN C 173 26.38 47.63 -14.41
N PRO C 174 26.91 48.53 -15.25
CA PRO C 174 27.11 48.18 -16.66
C PRO C 174 28.12 47.07 -16.83
N PHE C 175 27.70 45.97 -17.47
CA PHE C 175 28.55 44.81 -17.68
C PHE C 175 29.23 44.81 -19.04
N LEU C 176 29.06 45.87 -19.84
CA LEU C 176 29.66 45.93 -21.16
C LEU C 176 31.13 46.31 -21.13
N MET C 177 31.68 46.63 -19.97
CA MET C 177 33.10 46.94 -19.83
C MET C 177 33.69 46.18 -18.65
N ASP C 178 35.00 45.94 -18.71
CA ASP C 178 35.73 45.22 -17.67
C ASP C 178 36.55 46.16 -16.80
N LEU C 179 36.01 47.35 -16.50
CA LEU C 179 36.66 48.39 -15.70
C LEU C 179 37.92 48.93 -16.36
N GLU C 180 38.24 48.50 -17.58
CA GLU C 180 39.40 48.99 -18.32
C GLU C 180 39.01 49.13 -19.78
N GLY C 181 39.40 50.26 -20.39
CA GLY C 181 39.06 50.55 -21.76
C GLY C 181 40.18 50.18 -22.72
N LYS C 182 39.82 49.52 -23.82
CA LYS C 182 40.75 49.14 -24.86
C LYS C 182 40.21 49.57 -26.21
N GLN C 183 41.08 50.12 -27.05
CA GLN C 183 40.70 50.61 -28.37
C GLN C 183 40.94 49.50 -29.39
N GLY C 184 39.88 49.14 -30.11
CA GLY C 184 39.98 48.10 -31.12
C GLY C 184 38.77 48.10 -32.02
N ASN C 185 38.92 47.45 -33.18
CA ASN C 185 37.86 47.37 -34.17
C ASN C 185 37.19 46.00 -34.17
N PHE C 186 37.97 44.94 -34.33
CA PHE C 186 37.45 43.58 -34.32
C PHE C 186 38.15 42.71 -33.28
N LYS C 187 38.97 43.30 -32.42
CA LYS C 187 39.70 42.56 -31.39
C LYS C 187 38.91 42.40 -30.10
N ASN C 188 37.73 43.00 -30.00
CA ASN C 188 36.90 42.94 -28.81
C ASN C 188 35.69 42.04 -29.08
N LEU C 189 35.89 40.74 -28.90
CA LEU C 189 34.84 39.76 -29.14
C LEU C 189 33.96 39.64 -27.91
N ARG C 190 32.66 39.89 -28.08
CA ARG C 190 31.69 39.81 -27.00
C ARG C 190 30.73 38.66 -27.29
N GLU C 191 30.47 37.83 -26.28
CA GLU C 191 29.57 36.71 -26.42
C GLU C 191 28.57 36.69 -25.28
N PHE C 192 27.38 36.17 -25.56
CA PHE C 192 26.33 36.07 -24.56
C PHE C 192 25.61 34.74 -24.75
N VAL C 193 24.89 34.32 -23.70
CA VAL C 193 24.08 33.11 -23.74
C VAL C 193 22.69 33.46 -23.22
N PHE C 194 21.66 33.04 -23.96
CA PHE C 194 20.29 33.36 -23.65
C PHE C 194 19.51 32.08 -23.41
N LYS C 195 18.88 31.98 -22.24
CA LYS C 195 18.16 30.78 -21.85
C LYS C 195 17.01 31.18 -20.93
N ASN C 196 15.90 30.45 -21.05
CA ASN C 196 14.71 30.76 -20.26
C ASN C 196 13.93 29.47 -20.04
N ILE C 197 14.08 28.88 -18.86
CA ILE C 197 13.34 27.68 -18.47
C ILE C 197 12.79 27.88 -17.06
N ASP C 198 11.74 27.13 -16.74
CA ASP C 198 11.11 27.15 -15.42
C ASP C 198 10.66 28.55 -15.03
N GLY C 199 10.32 29.39 -16.01
CA GLY C 199 9.95 30.75 -15.73
C GLY C 199 11.09 31.63 -15.26
N TYR C 200 12.33 31.22 -15.51
CA TYR C 200 13.51 31.98 -15.10
C TYR C 200 14.27 32.41 -16.35
N PHE C 201 14.56 33.70 -16.45
CA PHE C 201 15.37 34.23 -17.55
C PHE C 201 16.81 34.33 -17.08
N LYS C 202 17.72 33.77 -17.87
CA LYS C 202 19.09 33.56 -17.44
C LYS C 202 20.05 34.16 -18.45
N ILE C 203 21.03 34.91 -17.95
CA ILE C 203 21.93 35.71 -18.79
C ILE C 203 23.37 35.40 -18.43
N TYR C 204 24.20 35.16 -19.45
CA TYR C 204 25.63 34.95 -19.31
C TYR C 204 26.39 35.80 -20.30
N SER C 205 27.63 36.15 -19.96
CA SER C 205 28.44 37.01 -20.82
C SER C 205 29.91 36.78 -20.53
N LYS C 206 30.75 37.21 -21.48
CA LYS C 206 32.19 37.24 -21.31
C LYS C 206 32.79 38.38 -22.12
N HIS C 207 34.07 38.64 -21.85
CA HIS C 207 34.87 39.59 -22.61
C HIS C 207 36.22 38.95 -22.89
N THR C 208 36.46 38.61 -24.16
CA THR C 208 37.69 37.91 -24.52
C THR C 208 38.38 38.59 -25.71
N PRO C 209 39.54 39.19 -25.50
CA PRO C 209 40.28 39.79 -26.63
C PRO C 209 40.72 38.73 -27.62
N ILE C 210 40.70 39.10 -28.90
CA ILE C 210 41.09 38.21 -29.98
C ILE C 210 42.01 38.97 -30.93
N ASN C 211 42.75 38.20 -31.73
CA ASN C 211 43.67 38.76 -32.71
C ASN C 211 43.56 38.13 -34.09
N LEU C 212 42.89 36.99 -34.22
CA LEU C 212 42.79 36.32 -35.51
C LEU C 212 41.84 37.06 -36.44
N VAL C 213 42.04 36.86 -37.74
CA VAL C 213 41.18 37.50 -38.74
C VAL C 213 39.76 36.99 -38.63
N ARG C 214 39.59 35.68 -38.46
CA ARG C 214 38.26 35.10 -38.33
C ARG C 214 37.59 35.56 -37.05
N ASP C 215 36.26 35.72 -37.10
CA ASP C 215 35.51 36.24 -35.97
C ASP C 215 35.48 35.25 -34.81
N LEU C 216 35.18 33.98 -35.12
CA LEU C 216 35.03 32.97 -34.07
C LEU C 216 36.32 32.18 -33.93
N PRO C 217 37.05 32.30 -32.82
CA PRO C 217 38.29 31.53 -32.67
C PRO C 217 38.06 30.18 -32.03
N GLN C 218 39.14 29.43 -31.78
CA GLN C 218 39.02 28.16 -31.07
C GLN C 218 38.49 28.37 -29.66
N GLY C 219 39.06 29.33 -28.93
CA GLY C 219 38.49 29.81 -27.68
C GLY C 219 38.34 28.78 -26.57
N PHE C 220 37.10 28.35 -26.35
CA PHE C 220 36.59 27.47 -25.30
C PHE C 220 36.38 28.22 -23.98
N SER C 221 36.75 29.50 -23.89
CA SER C 221 36.52 30.24 -22.65
C SER C 221 35.04 30.25 -22.29
N ALA C 222 34.73 29.94 -21.03
CA ALA C 222 33.38 29.64 -20.60
C ALA C 222 32.79 30.79 -19.79
N LEU C 223 31.48 30.99 -19.97
CA LEU C 223 30.79 32.17 -19.45
C LEU C 223 30.47 31.99 -17.96
N GLU C 224 30.06 33.10 -17.34
CA GLU C 224 29.77 33.15 -15.91
C GLU C 224 28.39 33.74 -15.68
N PRO C 225 27.74 33.39 -14.58
CA PRO C 225 26.44 33.99 -14.26
C PRO C 225 26.54 35.49 -13.99
N LEU C 226 25.49 36.20 -14.39
CA LEU C 226 25.35 37.63 -14.11
C LEU C 226 24.18 37.91 -13.19
N VAL C 227 22.97 37.52 -13.58
CA VAL C 227 21.74 37.77 -12.83
C VAL C 227 20.78 36.61 -13.08
N ASP C 228 19.78 36.49 -12.21
CA ASP C 228 18.73 35.49 -12.34
C ASP C 228 17.39 36.21 -12.27
N LEU C 229 16.62 36.15 -13.36
CA LEU C 229 15.36 36.88 -13.45
C LEU C 229 14.17 35.94 -13.43
N PRO C 230 13.43 35.86 -12.33
CA PRO C 230 12.18 35.07 -12.33
C PRO C 230 10.99 35.87 -12.85
N ILE C 231 10.47 35.48 -14.02
CA ILE C 231 9.26 36.07 -14.58
C ILE C 231 8.48 34.98 -15.30
N GLY C 232 7.19 34.87 -15.00
CA GLY C 232 6.35 33.87 -15.64
C GLY C 232 5.79 34.33 -16.98
N ILE C 233 6.65 34.42 -17.99
CA ILE C 233 6.27 34.91 -19.30
C ILE C 233 6.76 33.94 -20.36
N ASN C 234 6.04 33.89 -21.47
CA ASN C 234 6.42 33.08 -22.63
C ASN C 234 7.11 33.96 -23.65
N ILE C 235 8.26 33.52 -24.14
CA ILE C 235 9.05 34.25 -25.12
C ILE C 235 9.28 33.36 -26.33
N THR C 236 8.96 33.88 -27.52
CA THR C 236 9.22 33.16 -28.77
C THR C 236 9.95 33.98 -29.81
N ARG C 237 10.09 35.30 -29.63
CA ARG C 237 10.79 36.16 -30.58
C ARG C 237 11.81 37.00 -29.83
N PHE C 238 12.81 37.45 -30.57
CA PHE C 238 13.87 38.29 -29.98
C PHE C 238 14.46 39.18 -31.06
N GLN C 239 15.08 40.26 -30.63
CA GLN C 239 15.74 41.20 -31.54
C GLN C 239 16.78 41.98 -30.77
N THR C 240 17.78 42.47 -31.50
CA THR C 240 18.86 43.26 -30.91
C THR C 240 18.46 44.73 -30.82
N LEU C 241 19.34 45.51 -30.20
CA LEU C 241 19.14 46.95 -30.02
C LEU C 241 20.41 47.67 -30.46
N LEU C 242 20.33 48.39 -31.58
CA LEU C 242 21.47 49.05 -32.17
C LEU C 242 21.33 50.56 -32.03
N ALA C 243 22.45 51.26 -32.18
CA ALA C 243 22.49 52.71 -32.07
C ALA C 243 22.68 53.33 -33.45
N LEU C 244 21.83 54.30 -33.78
CA LEU C 244 21.87 54.98 -35.07
C LEU C 244 22.22 56.44 -34.86
N HIS C 245 23.07 56.98 -35.75
CA HIS C 245 23.53 58.35 -35.67
C HIS C 245 22.78 59.21 -36.66
N ARG C 246 22.18 60.30 -36.16
CA ARG C 246 21.45 61.21 -37.02
C ARG C 246 22.40 61.92 -37.97
N SER C 247 22.01 61.99 -39.24
CA SER C 247 22.83 62.65 -40.25
C SER C 247 22.58 64.15 -40.22
N TYR C 248 23.66 64.92 -40.22
CA TYR C 248 23.59 66.38 -40.21
C TYR C 248 23.85 66.90 -41.60
N LEU C 249 22.94 67.72 -42.11
CA LEU C 249 22.99 68.26 -43.46
C LEU C 249 23.20 69.77 -43.41
N THR C 250 23.28 70.37 -44.60
CA THR C 250 23.46 71.80 -44.71
C THR C 250 22.20 72.54 -44.25
N PRO C 251 22.34 73.80 -43.83
CA PRO C 251 21.14 74.57 -43.42
C PRO C 251 20.09 74.67 -44.51
N GLY C 252 20.50 74.72 -45.77
CA GLY C 252 19.58 74.77 -46.89
C GLY C 252 19.03 73.43 -47.33
N ASP C 253 19.43 72.34 -46.68
CA ASP C 253 18.96 71.01 -47.03
C ASP C 253 17.76 70.62 -46.17
N SER C 254 17.01 69.63 -46.65
CA SER C 254 15.84 69.13 -45.93
C SER C 254 15.66 67.66 -46.27
N SER C 255 16.16 66.79 -45.39
CA SER C 255 16.02 65.35 -45.58
C SER C 255 16.12 64.68 -44.22
N SER C 256 15.66 63.43 -44.16
CA SER C 256 15.67 62.64 -42.93
C SER C 256 16.42 61.35 -43.18
N GLY C 257 17.34 61.02 -42.27
CA GLY C 257 18.12 59.80 -42.40
C GLY C 257 18.83 59.40 -41.12
N TRP C 258 19.06 58.11 -40.93
CA TRP C 258 19.74 57.58 -39.77
C TRP C 258 20.98 56.82 -40.24
N THR C 259 22.11 57.04 -39.57
CA THR C 259 23.38 56.47 -39.98
C THR C 259 24.00 55.68 -38.84
N ALA C 260 24.84 54.72 -39.18
CA ALA C 260 25.56 53.93 -38.20
C ALA C 260 26.76 53.28 -38.87
N GLY C 261 27.74 52.89 -38.06
CA GLY C 261 28.90 52.20 -38.58
C GLY C 261 28.61 50.75 -38.89
N ALA C 262 29.52 50.14 -39.67
CA ALA C 262 29.39 48.74 -40.01
C ALA C 262 29.59 47.87 -38.77
N ALA C 263 28.78 46.83 -38.66
CA ALA C 263 28.84 45.94 -37.51
C ALA C 263 28.43 44.54 -37.93
N ALA C 264 28.53 43.60 -36.99
CA ALA C 264 28.15 42.22 -37.24
C ALA C 264 27.87 41.54 -35.91
N TYR C 265 27.17 40.41 -35.99
CA TYR C 265 26.84 39.64 -34.80
C TYR C 265 26.52 38.21 -35.20
N TYR C 266 26.77 37.29 -34.27
CA TYR C 266 26.54 35.88 -34.48
C TYR C 266 25.41 35.41 -33.57
N VAL C 267 24.53 34.57 -34.10
CA VAL C 267 23.38 34.07 -33.37
C VAL C 267 23.31 32.55 -33.55
N GLY C 268 23.08 31.84 -32.45
CA GLY C 268 22.95 30.40 -32.50
C GLY C 268 21.78 29.93 -31.66
N TYR C 269 21.31 28.73 -31.97
CA TYR C 269 20.18 28.11 -31.28
C TYR C 269 20.69 27.04 -30.33
N LEU C 270 19.93 26.81 -29.26
CA LEU C 270 20.32 25.86 -28.23
C LEU C 270 19.57 24.53 -28.40
N GLN C 271 20.03 23.53 -27.67
CA GLN C 271 19.55 22.16 -27.84
C GLN C 271 19.81 21.40 -26.55
N PRO C 272 18.93 20.47 -26.17
CA PRO C 272 19.19 19.63 -24.99
C PRO C 272 20.21 18.55 -25.30
N ARG C 273 21.34 18.61 -24.62
CA ARG C 273 22.40 17.61 -24.76
C ARG C 273 23.01 17.35 -23.39
N THR C 274 23.63 16.18 -23.26
CA THR C 274 24.38 15.85 -22.05
C THR C 274 25.83 16.25 -22.25
N PHE C 275 26.39 16.97 -21.29
CA PHE C 275 27.78 17.40 -21.34
C PHE C 275 28.61 16.68 -20.29
N LEU C 276 29.92 16.80 -20.45
CA LEU C 276 30.89 16.28 -19.50
C LEU C 276 32.07 17.24 -19.51
N LEU C 277 32.30 17.94 -18.39
CA LEU C 277 33.26 19.02 -18.32
C LEU C 277 34.40 18.65 -17.39
N LYS C 278 35.61 19.08 -17.75
CA LYS C 278 36.79 18.87 -16.93
C LYS C 278 37.22 20.21 -16.35
N TYR C 279 37.19 20.31 -15.02
CA TYR C 279 37.62 21.51 -14.34
C TYR C 279 39.11 21.44 -14.04
N ASN C 280 39.60 22.38 -13.25
CA ASN C 280 41.03 22.47 -12.94
C ASN C 280 41.18 22.78 -11.45
N GLU C 281 42.44 22.80 -10.99
CA GLU C 281 42.71 23.13 -9.59
C GLU C 281 42.23 24.53 -9.25
N ASN C 282 42.37 25.48 -10.19
CA ASN C 282 41.79 26.81 -9.99
C ASN C 282 40.29 26.83 -10.22
N GLY C 283 39.71 25.74 -10.75
CA GLY C 283 38.29 25.67 -11.02
C GLY C 283 37.90 26.16 -12.40
N THR C 284 38.82 26.76 -13.15
CA THR C 284 38.51 27.19 -14.50
C THR C 284 38.31 25.99 -15.41
N ILE C 285 37.27 26.05 -16.25
CA ILE C 285 36.95 24.95 -17.14
C ILE C 285 37.98 24.92 -18.27
N THR C 286 38.77 23.84 -18.32
CA THR C 286 39.84 23.73 -19.29
C THR C 286 39.50 22.91 -20.52
N ASP C 287 38.62 21.91 -20.41
CA ASP C 287 38.22 21.11 -21.55
C ASP C 287 36.87 20.46 -21.25
N ALA C 288 36.15 20.10 -22.32
CA ALA C 288 34.85 19.48 -22.21
C ALA C 288 34.55 18.77 -23.53
N VAL C 289 33.41 18.09 -23.58
CA VAL C 289 33.05 17.30 -24.76
C VAL C 289 31.56 16.99 -24.71
N ASP C 290 30.93 16.95 -25.88
CA ASP C 290 29.52 16.62 -26.03
C ASP C 290 29.36 15.14 -26.32
N CYS C 291 28.11 14.68 -26.26
CA CYS C 291 27.79 13.27 -26.43
C CYS C 291 27.17 12.94 -27.79
N ALA C 292 27.02 13.93 -28.66
CA ALA C 292 26.32 13.74 -29.94
C ALA C 292 27.18 14.07 -31.14
N LEU C 293 28.49 14.22 -30.98
CA LEU C 293 29.36 14.62 -32.08
C LEU C 293 29.94 13.40 -32.80
N ASP C 294 30.64 12.54 -32.07
CA ASP C 294 31.35 11.41 -32.64
C ASP C 294 31.29 10.28 -31.62
N PRO C 295 31.06 9.03 -32.05
CA PRO C 295 31.09 7.89 -31.11
C PRO C 295 32.25 7.92 -30.12
N LEU C 296 33.41 8.44 -30.54
CA LEU C 296 34.52 8.60 -29.63
C LEU C 296 34.13 9.49 -28.45
N SER C 297 33.42 10.60 -28.74
CA SER C 297 32.97 11.49 -27.67
C SER C 297 31.97 10.80 -26.76
N GLU C 298 31.07 9.98 -27.34
CA GLU C 298 30.11 9.24 -26.53
C GLU C 298 30.83 8.28 -25.59
N THR C 299 31.91 7.65 -26.07
CA THR C 299 32.70 6.79 -25.20
C THR C 299 33.40 7.59 -24.10
N LYS C 300 33.99 8.74 -24.48
CA LYS C 300 34.61 9.60 -23.46
C LYS C 300 33.61 10.04 -22.41
N CYS C 301 32.32 10.13 -22.75
CA CYS C 301 31.31 10.35 -21.71
C CYS C 301 31.00 9.07 -20.94
N THR C 302 31.01 7.93 -21.62
CA THR C 302 30.69 6.67 -20.93
C THR C 302 31.72 6.38 -19.84
N LEU C 303 33.00 6.58 -20.13
CA LEU C 303 34.01 6.61 -19.09
C LEU C 303 34.19 8.05 -18.60
N LYS C 304 35.17 8.26 -17.74
CA LYS C 304 35.48 9.59 -17.22
C LYS C 304 36.94 9.88 -17.51
N SER C 305 37.22 10.32 -18.74
CA SER C 305 38.56 10.67 -19.17
C SER C 305 38.46 11.26 -20.57
N PHE C 306 39.52 11.97 -20.98
CA PHE C 306 39.64 12.49 -22.32
C PHE C 306 40.71 11.76 -23.13
N THR C 307 41.31 10.72 -22.56
CA THR C 307 42.41 9.98 -23.16
C THR C 307 42.10 8.49 -23.17
N VAL C 308 40.93 8.13 -23.70
CA VAL C 308 40.48 6.74 -23.66
C VAL C 308 41.51 5.83 -24.33
N GLU C 309 41.66 4.63 -23.80
CA GLU C 309 42.68 3.70 -24.24
C GLU C 309 42.12 2.71 -25.26
N LYS C 310 43.04 2.02 -25.94
CA LYS C 310 42.66 1.05 -26.96
C LYS C 310 41.91 -0.12 -26.34
N GLY C 311 40.94 -0.64 -27.07
CA GLY C 311 40.18 -1.80 -26.64
C GLY C 311 38.80 -1.81 -27.28
N ILE C 312 37.85 -2.41 -26.56
CA ILE C 312 36.46 -2.51 -27.00
C ILE C 312 35.59 -1.93 -25.90
N TYR C 313 34.55 -1.18 -26.31
CA TYR C 313 33.70 -0.51 -25.34
C TYR C 313 32.25 -0.62 -25.78
N GLN C 314 31.36 -0.79 -24.81
CA GLN C 314 29.92 -0.84 -25.07
C GLN C 314 29.34 0.46 -24.50
N THR C 315 29.29 1.49 -25.36
CA THR C 315 28.97 2.83 -24.89
C THR C 315 27.48 3.02 -24.60
N SER C 316 26.61 2.43 -25.41
CA SER C 316 25.16 2.59 -25.27
C SER C 316 24.50 1.54 -26.16
N ASN C 317 23.20 1.68 -26.37
CA ASN C 317 22.44 0.65 -27.05
C ASN C 317 21.53 1.25 -28.12
N PHE C 318 21.22 0.42 -29.13
CA PHE C 318 20.41 0.82 -30.28
C PHE C 318 19.08 0.08 -30.24
N ARG C 319 17.99 0.82 -30.48
CA ARG C 319 16.67 0.23 -30.61
C ARG C 319 15.89 0.89 -31.75
N VAL C 320 15.52 0.09 -32.74
CA VAL C 320 14.72 0.59 -33.85
C VAL C 320 13.34 0.98 -33.37
N GLN C 321 12.75 1.98 -34.01
CA GLN C 321 11.45 2.48 -33.60
C GLN C 321 10.40 2.19 -34.66
N PRO C 322 9.20 1.79 -34.25
CA PRO C 322 8.18 1.43 -35.23
C PRO C 322 7.31 2.60 -35.67
N THR C 323 6.33 2.32 -36.53
CA THR C 323 5.30 3.28 -36.90
C THR C 323 3.99 2.82 -36.29
N GLU C 324 3.38 3.67 -35.48
CA GLU C 324 2.19 3.28 -34.72
C GLU C 324 1.05 2.90 -35.66
N SER C 325 0.42 1.76 -35.38
CA SER C 325 -0.70 1.29 -36.19
C SER C 325 -1.48 0.24 -35.40
N ILE C 326 -2.74 0.52 -35.10
CA ILE C 326 -3.63 -0.46 -34.50
C ILE C 326 -4.21 -1.27 -35.66
N VAL C 327 -3.70 -2.49 -35.83
CA VAL C 327 -3.86 -3.23 -37.07
C VAL C 327 -4.84 -4.38 -36.88
N ARG C 328 -5.76 -4.52 -37.83
CA ARG C 328 -6.59 -5.72 -37.99
C ARG C 328 -7.44 -6.03 -36.74
N PHE C 329 -8.39 -5.15 -36.50
CA PHE C 329 -9.47 -5.47 -35.57
C PHE C 329 -10.24 -6.69 -36.11
N PRO C 330 -10.76 -7.55 -35.24
CA PRO C 330 -11.35 -8.80 -35.72
C PRO C 330 -12.60 -8.57 -36.58
N ASN C 331 -13.05 -9.66 -37.19
CA ASN C 331 -14.08 -9.61 -38.21
C ASN C 331 -15.43 -9.19 -37.62
N ILE C 332 -16.34 -8.81 -38.51
CA ILE C 332 -17.69 -8.38 -38.15
C ILE C 332 -18.67 -9.39 -38.73
N THR C 333 -19.48 -10.00 -37.87
CA THR C 333 -20.44 -10.99 -38.33
C THR C 333 -21.65 -10.33 -38.97
N ASN C 334 -22.39 -9.52 -38.20
CA ASN C 334 -23.56 -8.83 -38.70
C ASN C 334 -23.78 -7.56 -37.89
N LEU C 335 -24.33 -6.55 -38.55
CA LEU C 335 -24.61 -5.28 -37.89
C LEU C 335 -25.90 -5.38 -37.08
N CYS C 336 -26.18 -4.31 -36.34
CA CYS C 336 -27.43 -4.24 -35.58
C CYS C 336 -28.61 -4.18 -36.54
N PRO C 337 -29.68 -4.93 -36.27
CA PRO C 337 -30.85 -4.87 -37.12
C PRO C 337 -31.66 -3.60 -36.94
N PHE C 338 -31.04 -2.45 -37.25
CA PHE C 338 -31.74 -1.17 -37.16
C PHE C 338 -32.71 -0.98 -38.32
N GLY C 339 -32.54 -1.76 -39.40
CA GLY C 339 -33.29 -1.51 -40.61
C GLY C 339 -34.78 -1.69 -40.45
N GLU C 340 -35.21 -2.83 -39.90
CA GLU C 340 -36.64 -3.06 -39.74
C GLU C 340 -37.22 -2.28 -38.56
N VAL C 341 -36.38 -1.61 -37.78
CA VAL C 341 -36.87 -0.74 -36.72
C VAL C 341 -37.14 0.67 -37.25
N PHE C 342 -36.18 1.24 -37.99
CA PHE C 342 -36.35 2.60 -38.49
C PHE C 342 -37.03 2.63 -39.85
N ASN C 343 -36.87 1.59 -40.67
CA ASN C 343 -37.56 1.49 -41.95
C ASN C 343 -38.71 0.48 -41.93
N ALA C 344 -39.36 0.32 -40.79
CA ALA C 344 -40.59 -0.46 -40.75
C ALA C 344 -41.73 0.34 -41.38
N THR C 345 -42.50 -0.33 -42.24
CA THR C 345 -43.54 0.37 -42.98
C THR C 345 -44.70 0.76 -42.06
N ARG C 346 -45.07 -0.10 -41.12
CA ARG C 346 -46.01 0.29 -40.08
C ARG C 346 -45.35 0.17 -38.72
N PHE C 347 -45.79 1.02 -37.80
CA PHE C 347 -45.48 0.90 -36.38
C PHE C 347 -46.72 0.47 -35.61
N ALA C 348 -46.57 0.39 -34.30
CA ALA C 348 -47.63 -0.01 -33.38
C ALA C 348 -48.09 1.18 -32.54
N SER C 349 -49.27 1.01 -31.94
CA SER C 349 -49.84 2.05 -31.10
C SER C 349 -49.07 2.17 -29.79
N VAL C 350 -49.29 3.29 -29.11
CA VAL C 350 -48.54 3.59 -27.89
C VAL C 350 -48.92 2.64 -26.76
N TYR C 351 -50.20 2.25 -26.68
CA TYR C 351 -50.60 1.32 -25.64
C TYR C 351 -50.03 -0.07 -25.90
N ALA C 352 -49.78 -0.40 -27.16
CA ALA C 352 -49.22 -1.69 -27.57
C ALA C 352 -47.80 -1.52 -28.11
N TRP C 353 -47.01 -0.70 -27.43
CA TRP C 353 -45.64 -0.45 -27.86
C TRP C 353 -44.86 -1.76 -27.90
N ASN C 354 -44.21 -2.02 -29.04
CA ASN C 354 -43.46 -3.25 -29.24
C ASN C 354 -42.19 -3.22 -28.38
N ARG C 355 -41.62 -4.41 -28.17
CA ARG C 355 -40.51 -4.57 -27.24
C ARG C 355 -39.39 -5.28 -28.00
N LYS C 356 -38.30 -4.57 -28.27
CA LYS C 356 -37.25 -5.05 -29.15
C LYS C 356 -35.97 -5.33 -28.37
N ARG C 357 -35.31 -6.43 -28.72
CA ARG C 357 -34.05 -6.85 -28.10
C ARG C 357 -32.94 -6.81 -29.14
N ILE C 358 -31.80 -6.23 -28.78
CA ILE C 358 -30.63 -6.14 -29.65
C ILE C 358 -29.45 -6.73 -28.91
N SER C 359 -28.87 -7.80 -29.47
CA SER C 359 -27.71 -8.44 -28.86
C SER C 359 -26.96 -9.23 -29.93
N ASN C 360 -25.71 -9.54 -29.62
CA ASN C 360 -24.85 -10.35 -30.49
C ASN C 360 -24.72 -9.73 -31.89
N CYS C 361 -24.65 -8.40 -31.92
CA CYS C 361 -24.54 -7.69 -33.19
C CYS C 361 -23.84 -6.35 -32.93
N VAL C 362 -23.40 -5.73 -34.02
CA VAL C 362 -22.66 -4.47 -33.97
C VAL C 362 -23.62 -3.33 -34.29
N ALA C 363 -23.68 -2.35 -33.39
CA ALA C 363 -24.59 -1.22 -33.53
C ALA C 363 -23.83 -0.02 -34.06
N ASP C 364 -24.27 0.50 -35.21
CA ASP C 364 -23.65 1.66 -35.85
C ASP C 364 -24.63 2.83 -35.71
N TYR C 365 -24.47 3.60 -34.63
CA TYR C 365 -25.31 4.77 -34.40
C TYR C 365 -24.96 5.94 -35.30
N SER C 366 -23.78 5.91 -35.93
CA SER C 366 -23.43 6.96 -36.89
C SER C 366 -24.41 7.01 -38.04
N VAL C 367 -24.96 5.86 -38.45
CA VAL C 367 -26.03 5.85 -39.44
C VAL C 367 -27.23 6.62 -38.93
N LEU C 368 -27.44 6.63 -37.61
CA LEU C 368 -28.62 7.29 -37.05
C LEU C 368 -28.41 8.79 -36.90
N TYR C 369 -27.41 9.21 -36.13
CA TYR C 369 -27.31 10.63 -35.80
C TYR C 369 -26.68 11.47 -36.91
N ASN C 370 -26.02 10.86 -37.89
CA ASN C 370 -25.51 11.65 -39.02
C ASN C 370 -26.62 12.03 -39.99
N SER C 371 -27.63 11.17 -40.15
CA SER C 371 -28.71 11.46 -41.09
C SER C 371 -29.57 12.60 -40.56
N ALA C 372 -29.80 13.60 -41.40
CA ALA C 372 -30.64 14.74 -41.05
C ALA C 372 -32.09 14.51 -41.45
N SER C 373 -32.65 13.39 -41.02
CA SER C 373 -34.03 13.02 -41.33
C SER C 373 -34.86 12.78 -40.08
N PHE C 374 -34.40 13.22 -38.92
CA PHE C 374 -35.09 13.00 -37.66
C PHE C 374 -35.35 14.34 -36.99
N SER C 375 -36.59 14.56 -36.55
CA SER C 375 -36.98 15.86 -36.01
C SER C 375 -36.23 16.17 -34.72
N THR C 376 -36.21 15.23 -33.78
CA THR C 376 -35.56 15.43 -32.50
C THR C 376 -34.57 14.31 -32.23
N PHE C 377 -33.54 14.63 -31.44
CA PHE C 377 -32.49 13.67 -31.12
C PHE C 377 -31.98 13.99 -29.72
N LYS C 378 -32.52 13.30 -28.71
CA LYS C 378 -32.20 13.57 -27.32
C LYS C 378 -31.62 12.32 -26.67
N CYS C 379 -30.47 12.47 -26.02
CA CYS C 379 -29.80 11.39 -25.31
C CYS C 379 -29.50 11.85 -23.90
N TYR C 380 -29.84 11.03 -22.92
CA TYR C 380 -29.75 11.39 -21.51
C TYR C 380 -28.69 10.53 -20.83
N GLY C 381 -27.72 11.20 -20.19
CA GLY C 381 -26.69 10.49 -19.47
C GLY C 381 -25.74 9.69 -20.32
N VAL C 382 -25.67 9.97 -21.62
CA VAL C 382 -24.80 9.23 -22.52
C VAL C 382 -24.51 10.10 -23.73
N SER C 383 -23.32 9.94 -24.31
CA SER C 383 -22.94 10.69 -25.50
C SER C 383 -23.19 9.85 -26.73
N PRO C 384 -24.13 10.25 -27.61
CA PRO C 384 -24.38 9.44 -28.81
C PRO C 384 -23.19 9.32 -29.73
N THR C 385 -22.35 10.35 -29.82
CA THR C 385 -21.18 10.31 -30.69
C THR C 385 -20.19 9.26 -30.20
N LYS C 386 -20.07 9.09 -28.89
CA LYS C 386 -19.15 8.12 -28.30
C LYS C 386 -19.76 6.73 -28.21
N LEU C 387 -20.99 6.54 -28.66
CA LEU C 387 -21.60 5.21 -28.61
C LEU C 387 -20.96 4.23 -29.59
N ASN C 388 -20.12 4.70 -30.50
CA ASN C 388 -19.53 3.83 -31.51
C ASN C 388 -18.43 2.92 -30.94
N ASP C 389 -17.86 3.26 -29.78
CA ASP C 389 -16.77 2.48 -29.20
C ASP C 389 -17.06 2.12 -27.75
N LEU C 390 -18.31 1.81 -27.45
CA LEU C 390 -18.71 1.32 -26.13
C LEU C 390 -19.53 0.05 -26.29
N CYS C 391 -19.52 -0.77 -25.24
CA CYS C 391 -20.22 -2.04 -25.21
C CYS C 391 -21.26 -2.05 -24.11
N PHE C 392 -22.36 -2.77 -24.37
CA PHE C 392 -23.44 -2.90 -23.40
C PHE C 392 -23.81 -4.37 -23.27
N THR C 393 -24.27 -4.74 -22.07
CA THR C 393 -24.72 -6.11 -21.85
C THR C 393 -25.88 -6.46 -22.77
N ASN C 394 -26.83 -5.54 -22.92
CA ASN C 394 -27.95 -5.74 -23.83
C ASN C 394 -28.55 -4.37 -24.15
N VAL C 395 -28.97 -4.20 -25.40
CA VAL C 395 -29.51 -2.94 -25.90
C VAL C 395 -30.93 -3.21 -26.38
N TYR C 396 -31.85 -2.32 -26.01
CA TYR C 396 -33.26 -2.51 -26.31
C TYR C 396 -33.82 -1.27 -26.98
N ALA C 397 -34.88 -1.47 -27.78
CA ALA C 397 -35.51 -0.39 -28.51
C ALA C 397 -37.03 -0.45 -28.35
N ASP C 398 -37.67 0.71 -28.39
CA ASP C 398 -39.12 0.82 -28.33
C ASP C 398 -39.58 1.78 -29.41
N SER C 399 -40.66 1.41 -30.12
CA SER C 399 -41.16 2.18 -31.24
C SER C 399 -42.66 2.38 -31.12
N PHE C 400 -43.12 3.58 -31.48
CA PHE C 400 -44.53 3.95 -31.43
C PHE C 400 -44.69 5.27 -32.19
N VAL C 401 -45.95 5.70 -32.32
CA VAL C 401 -46.27 6.95 -33.01
C VAL C 401 -47.23 7.76 -32.14
N ILE C 402 -46.82 8.97 -31.77
CA ILE C 402 -47.68 9.87 -31.01
C ILE C 402 -47.53 11.27 -31.59
N ARG C 403 -48.22 12.24 -30.97
CA ARG C 403 -48.13 13.62 -31.39
C ARG C 403 -46.77 14.20 -31.03
N GLY C 404 -46.23 15.04 -31.91
CA GLY C 404 -44.93 15.65 -31.65
C GLY C 404 -44.93 16.51 -30.40
N ASP C 405 -46.04 17.18 -30.13
CA ASP C 405 -46.13 18.00 -28.92
C ASP C 405 -46.03 17.15 -27.66
N GLU C 406 -46.46 15.89 -27.72
CA GLU C 406 -46.33 15.00 -26.57
C GLU C 406 -44.92 14.49 -26.37
N VAL C 407 -44.03 14.69 -27.35
CA VAL C 407 -42.69 14.11 -27.27
C VAL C 407 -41.91 14.69 -26.11
N ARG C 408 -42.02 16.01 -25.89
CA ARG C 408 -41.28 16.64 -24.80
C ARG C 408 -41.67 16.10 -23.43
N GLN C 409 -42.83 15.46 -23.33
CA GLN C 409 -43.25 14.87 -22.06
C GLN C 409 -42.34 13.70 -21.66
N ILE C 410 -41.85 12.94 -22.64
CA ILE C 410 -41.06 11.75 -22.33
C ILE C 410 -39.69 12.20 -21.81
N ALA C 411 -39.49 12.08 -20.50
CA ALA C 411 -38.25 12.43 -19.82
C ALA C 411 -38.30 11.95 -18.38
N PRO C 412 -37.18 11.50 -17.82
CA PRO C 412 -37.18 11.12 -16.39
C PRO C 412 -37.47 12.32 -15.52
N GLY C 413 -38.20 12.07 -14.43
CA GLY C 413 -38.63 13.16 -13.57
C GLY C 413 -39.77 13.98 -14.12
N GLN C 414 -40.38 13.55 -15.23
CA GLN C 414 -41.49 14.26 -15.84
C GLN C 414 -42.65 13.30 -16.06
N THR C 415 -43.85 13.87 -16.12
CA THR C 415 -45.08 13.10 -16.28
C THR C 415 -45.74 13.47 -17.60
N GLY C 416 -46.04 12.47 -18.42
CA GLY C 416 -46.71 12.69 -19.68
C GLY C 416 -48.09 12.06 -19.70
N LYS C 417 -49.09 12.81 -20.17
CA LYS C 417 -50.48 12.34 -20.13
C LYS C 417 -50.61 10.97 -20.77
N ILE C 418 -50.05 10.82 -21.98
CA ILE C 418 -49.93 9.49 -22.57
C ILE C 418 -48.94 8.65 -21.77
N ALA C 419 -47.78 9.23 -21.43
CA ALA C 419 -46.72 8.46 -20.79
C ALA C 419 -47.14 7.90 -19.45
N ASP C 420 -47.91 8.68 -18.67
CA ASP C 420 -48.33 8.21 -17.36
C ASP C 420 -49.20 6.95 -17.43
N TYR C 421 -49.86 6.71 -18.56
CA TYR C 421 -50.70 5.53 -18.71
C TYR C 421 -50.28 4.65 -19.89
N ASN C 422 -49.20 4.98 -20.59
CA ASN C 422 -48.80 4.16 -21.73
C ASN C 422 -47.34 3.74 -21.65
N TYR C 423 -46.48 4.61 -21.16
CA TYR C 423 -45.04 4.30 -21.13
C TYR C 423 -44.41 5.08 -19.97
N LYS C 424 -44.15 4.39 -18.86
CA LYS C 424 -43.49 4.99 -17.71
C LYS C 424 -41.98 4.77 -17.84
N LEU C 425 -41.22 5.75 -17.37
CA LEU C 425 -39.78 5.74 -17.53
C LEU C 425 -39.11 6.01 -16.18
N PRO C 426 -38.07 5.26 -15.82
CA PRO C 426 -37.41 5.48 -14.53
C PRO C 426 -36.64 6.79 -14.51
N ASP C 427 -36.45 7.32 -13.30
CA ASP C 427 -35.72 8.57 -13.13
C ASP C 427 -34.25 8.40 -13.50
N ASP C 428 -33.65 7.26 -13.15
CA ASP C 428 -32.25 7.00 -13.39
C ASP C 428 -31.99 6.35 -14.75
N PHE C 429 -32.89 6.55 -15.71
CA PHE C 429 -32.74 5.94 -17.03
C PHE C 429 -31.58 6.57 -17.80
N THR C 430 -30.89 5.73 -18.57
CA THR C 430 -29.85 6.17 -19.48
C THR C 430 -30.15 5.64 -20.87
N GLY C 431 -30.20 6.53 -21.85
CA GLY C 431 -30.51 6.11 -23.20
C GLY C 431 -30.65 7.30 -24.12
N CYS C 432 -31.21 7.03 -25.30
CA CYS C 432 -31.38 8.03 -26.34
C CYS C 432 -32.80 7.99 -26.87
N VAL C 433 -33.31 9.16 -27.26
CA VAL C 433 -34.65 9.31 -27.79
C VAL C 433 -34.57 10.03 -29.13
N ILE C 434 -35.16 9.43 -30.16
CA ILE C 434 -35.19 9.99 -31.51
C ILE C 434 -36.61 9.93 -32.03
N ALA C 435 -37.05 11.02 -32.67
CA ALA C 435 -38.38 11.04 -33.26
C ALA C 435 -38.36 11.91 -34.52
N TRP C 436 -39.29 11.61 -35.42
CA TRP C 436 -39.43 12.35 -36.67
C TRP C 436 -40.89 12.31 -37.09
N ASN C 437 -41.26 13.28 -37.92
CA ASN C 437 -42.63 13.39 -38.40
C ASN C 437 -42.96 12.26 -39.36
N SER C 438 -44.25 11.92 -39.43
CA SER C 438 -44.74 10.89 -40.34
C SER C 438 -46.05 11.33 -40.98
N ASN C 439 -46.14 12.60 -41.37
CA ASN C 439 -47.35 13.09 -42.02
C ASN C 439 -47.58 12.41 -43.36
N ASN C 440 -46.50 12.17 -44.11
CA ASN C 440 -46.62 11.56 -45.43
C ASN C 440 -47.18 10.14 -45.33
N LEU C 441 -46.72 9.37 -44.34
CA LEU C 441 -47.04 7.95 -44.28
C LEU C 441 -48.08 7.59 -43.21
N ASP C 442 -48.31 8.46 -42.24
CA ASP C 442 -49.27 8.18 -41.17
C ASP C 442 -50.35 9.26 -41.08
N SER C 443 -50.82 9.72 -42.23
CA SER C 443 -51.94 10.64 -42.29
C SER C 443 -52.73 10.38 -43.57
N LYS C 444 -54.06 10.35 -43.44
CA LYS C 444 -54.96 10.09 -44.55
C LYS C 444 -55.90 11.26 -44.72
N VAL C 445 -56.32 11.49 -45.97
CA VAL C 445 -57.30 12.55 -46.24
C VAL C 445 -58.59 12.27 -45.49
N GLY C 446 -59.06 11.04 -45.52
CA GLY C 446 -60.16 10.61 -44.70
C GLY C 446 -59.80 10.25 -43.28
N GLY C 447 -58.52 10.31 -42.94
CA GLY C 447 -58.05 9.99 -41.61
C GLY C 447 -57.66 8.52 -41.47
N ASN C 448 -56.76 8.26 -40.53
CA ASN C 448 -56.29 6.92 -40.22
C ASN C 448 -56.59 6.64 -38.75
N TYR C 449 -57.76 6.09 -38.49
CA TYR C 449 -58.23 5.86 -37.12
C TYR C 449 -57.77 4.53 -36.55
N ASN C 450 -57.02 3.73 -37.31
CA ASN C 450 -56.66 2.39 -36.87
C ASN C 450 -55.78 2.40 -35.62
N TYR C 451 -55.08 3.50 -35.34
CA TYR C 451 -54.19 3.57 -34.20
C TYR C 451 -54.96 4.01 -32.96
N LEU C 452 -54.87 3.21 -31.90
CA LEU C 452 -55.58 3.46 -30.65
C LEU C 452 -54.58 3.84 -29.57
N TYR C 453 -55.09 4.07 -28.36
CA TYR C 453 -54.25 4.49 -27.25
C TYR C 453 -54.97 4.26 -25.94
N ARG C 454 -54.20 3.94 -24.90
CA ARG C 454 -54.78 3.77 -23.57
C ARG C 454 -55.24 5.11 -23.01
N LEU C 455 -56.38 5.09 -22.31
CA LEU C 455 -57.05 6.31 -21.88
C LEU C 455 -57.39 6.36 -20.40
N PHE C 456 -57.58 5.23 -19.74
CA PHE C 456 -58.03 5.22 -18.36
C PHE C 456 -57.28 4.18 -17.55
N ARG C 457 -56.92 4.54 -16.33
CA ARG C 457 -56.41 3.64 -15.30
C ARG C 457 -56.40 4.39 -13.98
N LYS C 458 -56.34 3.63 -12.89
CA LYS C 458 -56.49 4.20 -11.56
C LYS C 458 -55.15 4.43 -10.87
N SER C 459 -54.04 4.09 -11.52
CA SER C 459 -52.71 4.41 -11.00
C SER C 459 -51.74 4.38 -12.17
N ASN C 460 -50.65 5.12 -12.02
CA ASN C 460 -49.60 5.10 -13.03
C ASN C 460 -48.88 3.75 -13.00
N LEU C 461 -48.54 3.25 -14.18
CA LEU C 461 -47.86 1.97 -14.27
C LEU C 461 -46.38 2.11 -13.94
N LYS C 462 -45.74 0.98 -13.70
CA LYS C 462 -44.32 0.96 -13.40
C LYS C 462 -43.51 1.25 -14.66
N PRO C 463 -42.25 1.65 -14.52
CA PRO C 463 -41.42 1.87 -15.70
C PRO C 463 -41.35 0.64 -16.59
N PHE C 464 -41.49 0.88 -17.90
CA PHE C 464 -41.46 -0.19 -18.91
C PHE C 464 -42.53 -1.25 -18.64
N GLU C 465 -43.69 -0.84 -18.14
CA GLU C 465 -44.81 -1.73 -17.88
C GLU C 465 -45.96 -1.37 -18.80
N ARG C 466 -46.52 -2.38 -19.47
CA ARG C 466 -47.54 -2.18 -20.48
C ARG C 466 -48.89 -2.69 -19.99
N ASP C 467 -49.96 -2.12 -20.53
CA ASP C 467 -51.32 -2.54 -20.24
C ASP C 467 -52.10 -2.59 -21.54
N ILE C 468 -52.54 -3.80 -21.92
CA ILE C 468 -53.31 -4.00 -23.14
C ILE C 468 -54.69 -4.56 -22.85
N SER C 469 -55.13 -4.52 -21.60
CA SER C 469 -56.44 -5.04 -21.25
C SER C 469 -57.54 -4.18 -21.88
N THR C 470 -58.54 -4.86 -22.45
CA THR C 470 -59.66 -4.19 -23.11
C THR C 470 -60.90 -4.12 -22.24
N GLU C 471 -60.78 -4.43 -20.95
CA GLU C 471 -61.93 -4.38 -20.06
C GLU C 471 -62.47 -2.96 -19.96
N ILE C 472 -63.80 -2.85 -19.94
CA ILE C 472 -64.44 -1.54 -19.93
C ILE C 472 -64.11 -0.82 -18.63
N TYR C 473 -63.64 0.42 -18.74
CA TYR C 473 -63.31 1.20 -17.57
C TYR C 473 -64.56 1.60 -16.80
N GLN C 474 -64.45 1.62 -15.48
CA GLN C 474 -65.55 1.99 -14.59
C GLN C 474 -65.27 3.38 -14.03
N ALA C 475 -66.18 4.31 -14.27
CA ALA C 475 -66.03 5.68 -13.82
C ALA C 475 -66.49 5.90 -12.39
N GLY C 476 -67.01 4.88 -11.71
CA GLY C 476 -67.49 5.06 -10.36
C GLY C 476 -67.80 3.77 -9.62
N SER C 477 -68.90 3.77 -8.86
CA SER C 477 -69.28 2.63 -8.04
C SER C 477 -70.15 1.64 -8.80
N THR C 478 -71.03 2.11 -9.68
CA THR C 478 -71.93 1.22 -10.39
C THR C 478 -71.17 0.38 -11.39
N PRO C 479 -71.28 -0.95 -11.35
CA PRO C 479 -70.57 -1.79 -12.32
C PRO C 479 -71.04 -1.52 -13.74
N CYS C 480 -70.08 -1.53 -14.67
CA CYS C 480 -70.41 -1.29 -16.07
C CYS C 480 -71.04 -2.52 -16.72
N ASN C 481 -70.59 -3.71 -16.31
CA ASN C 481 -71.13 -4.98 -16.81
C ASN C 481 -70.96 -5.13 -18.32
N GLY C 482 -69.90 -4.54 -18.87
CA GLY C 482 -69.57 -4.74 -20.26
C GLY C 482 -70.46 -4.04 -21.26
N VAL C 483 -71.20 -3.03 -20.84
CA VAL C 483 -72.05 -2.25 -21.73
C VAL C 483 -71.63 -0.79 -21.64
N GLU C 484 -71.30 -0.20 -22.78
CA GLU C 484 -70.85 1.18 -22.82
C GLU C 484 -72.02 2.14 -22.59
N GLY C 485 -71.69 3.35 -22.20
CA GLY C 485 -72.69 4.38 -21.99
C GLY C 485 -72.22 5.36 -20.91
N PHE C 486 -73.19 5.92 -20.21
CA PHE C 486 -72.92 6.87 -19.14
C PHE C 486 -72.07 6.22 -18.06
N ASN C 487 -70.92 6.84 -17.77
CA ASN C 487 -69.92 6.33 -16.84
C ASN C 487 -69.31 5.01 -17.29
N CYS C 488 -69.69 4.51 -18.46
CA CYS C 488 -69.20 3.25 -19.00
C CYS C 488 -68.41 3.58 -20.26
N TYR C 489 -67.10 3.67 -20.12
CA TYR C 489 -66.22 4.17 -21.18
C TYR C 489 -65.30 3.05 -21.65
N PHE C 490 -65.20 2.89 -22.96
CA PHE C 490 -64.25 1.93 -23.51
C PHE C 490 -62.84 2.36 -23.15
N PRO C 491 -61.98 1.44 -22.72
CA PRO C 491 -60.66 1.84 -22.21
C PRO C 491 -59.81 2.61 -23.21
N LEU C 492 -59.98 2.36 -24.50
CA LEU C 492 -59.17 2.99 -25.53
C LEU C 492 -59.99 4.01 -26.31
N GLN C 493 -59.30 4.77 -27.14
CA GLN C 493 -59.93 5.59 -28.18
C GLN C 493 -58.90 5.67 -29.31
N SER C 494 -59.25 6.36 -30.39
CA SER C 494 -58.40 6.40 -31.57
C SER C 494 -57.81 7.78 -31.81
N TYR C 495 -56.86 7.83 -32.74
CA TYR C 495 -56.30 9.06 -33.28
C TYR C 495 -56.63 9.16 -34.76
N GLY C 496 -56.98 10.36 -35.20
CA GLY C 496 -57.19 10.65 -36.60
C GLY C 496 -56.21 11.71 -37.07
N PHE C 497 -55.63 11.49 -38.24
CA PHE C 497 -54.64 12.41 -38.78
C PHE C 497 -54.90 12.66 -40.26
N GLN C 498 -54.72 13.91 -40.68
CA GLN C 498 -54.93 14.35 -42.04
C GLN C 498 -53.74 15.16 -42.52
N PRO C 499 -53.49 15.18 -43.84
CA PRO C 499 -52.43 16.06 -44.34
C PRO C 499 -52.65 17.53 -44.04
N THR C 500 -53.90 17.98 -43.98
CA THR C 500 -54.20 19.37 -43.67
C THR C 500 -53.86 19.75 -42.23
N ASN C 501 -53.62 18.77 -41.35
CA ASN C 501 -53.27 19.08 -39.98
C ASN C 501 -51.95 19.83 -39.91
N GLY C 502 -51.86 20.76 -38.95
CA GLY C 502 -50.70 21.61 -38.82
C GLY C 502 -49.52 20.94 -38.13
N VAL C 503 -48.46 21.73 -37.93
CA VAL C 503 -47.24 21.21 -37.35
C VAL C 503 -47.48 20.73 -35.91
N GLY C 504 -48.33 21.45 -35.17
CA GLY C 504 -48.71 21.01 -33.84
C GLY C 504 -49.69 19.88 -33.81
N TYR C 505 -50.11 19.37 -34.98
CA TYR C 505 -51.10 18.32 -35.08
C TYR C 505 -50.60 17.09 -35.82
N GLN C 506 -49.49 17.18 -36.55
CA GLN C 506 -49.00 16.08 -37.36
C GLN C 506 -48.43 14.97 -36.48
N PRO C 507 -48.62 13.71 -36.87
CA PRO C 507 -48.05 12.60 -36.10
C PRO C 507 -46.54 12.51 -36.27
N TYR C 508 -45.89 11.96 -35.25
CA TYR C 508 -44.45 11.78 -35.25
C TYR C 508 -44.10 10.34 -34.89
N ARG C 509 -43.14 9.78 -35.61
CA ARG C 509 -42.66 8.43 -35.36
C ARG C 509 -41.52 8.49 -34.36
N VAL C 510 -41.64 7.74 -33.26
CA VAL C 510 -40.75 7.87 -32.11
C VAL C 510 -39.99 6.56 -31.92
N VAL C 511 -38.68 6.67 -31.71
CA VAL C 511 -37.83 5.54 -31.37
C VAL C 511 -37.02 5.91 -30.15
N VAL C 512 -37.07 5.07 -29.12
CA VAL C 512 -36.33 5.29 -27.87
C VAL C 512 -35.45 4.08 -27.63
N LEU C 513 -34.18 4.33 -27.34
CA LEU C 513 -33.19 3.28 -27.13
C LEU C 513 -32.82 3.18 -25.66
N SER C 514 -32.86 1.98 -25.11
CA SER C 514 -32.49 1.70 -23.73
C SER C 514 -31.34 0.72 -23.71
N PHE C 515 -30.32 1.01 -22.89
CA PHE C 515 -29.12 0.20 -22.80
C PHE C 515 -29.05 -0.44 -21.42
N GLU C 516 -28.85 -1.75 -21.39
CA GLU C 516 -28.78 -2.53 -20.16
C GLU C 516 -27.35 -2.99 -19.92
N LEU C 517 -26.86 -2.75 -18.71
CA LEU C 517 -25.50 -3.15 -18.30
C LEU C 517 -25.60 -3.89 -16.97
N LEU C 518 -25.80 -5.21 -17.04
CA LEU C 518 -25.87 -6.04 -15.85
C LEU C 518 -24.46 -6.51 -15.47
N HIS C 519 -24.37 -7.42 -14.52
CA HIS C 519 -23.10 -8.04 -14.15
C HIS C 519 -22.84 -9.26 -15.03
N ALA C 520 -22.92 -9.06 -16.34
CA ALA C 520 -22.80 -10.10 -17.33
C ALA C 520 -21.98 -9.57 -18.50
N PRO C 521 -21.37 -10.46 -19.29
CA PRO C 521 -20.58 -10.00 -20.44
C PRO C 521 -21.44 -9.27 -21.46
N ALA C 522 -20.83 -8.30 -22.13
CA ALA C 522 -21.53 -7.50 -23.13
C ALA C 522 -21.78 -8.32 -24.39
N THR C 523 -22.79 -7.90 -25.15
CA THR C 523 -23.17 -8.56 -26.39
C THR C 523 -23.14 -7.64 -27.61
N VAL C 524 -22.90 -6.34 -27.43
CA VAL C 524 -22.89 -5.38 -28.52
C VAL C 524 -21.55 -4.65 -28.50
N CYS C 525 -20.93 -4.54 -29.67
CA CYS C 525 -19.61 -3.92 -29.80
C CYS C 525 -19.64 -2.92 -30.95
N GLY C 526 -18.49 -2.27 -31.19
CA GLY C 526 -18.37 -1.27 -32.23
C GLY C 526 -17.34 -1.63 -33.26
N PRO C 527 -17.56 -1.18 -34.51
CA PRO C 527 -16.65 -1.53 -35.62
C PRO C 527 -15.58 -0.49 -35.94
N LYS C 528 -15.43 0.54 -35.10
CA LYS C 528 -14.57 1.67 -35.46
C LYS C 528 -13.11 1.25 -35.60
N LYS C 529 -12.65 0.35 -34.75
CA LYS C 529 -11.21 0.03 -34.68
C LYS C 529 -10.72 -0.77 -35.88
N SER C 530 -11.55 -1.03 -36.88
CA SER C 530 -11.09 -1.72 -38.08
C SER C 530 -10.15 -0.82 -38.88
N THR C 531 -9.00 -1.38 -39.28
CA THR C 531 -7.97 -0.64 -40.00
C THR C 531 -7.41 -1.51 -41.10
N ASN C 532 -6.31 -1.05 -41.70
CA ASN C 532 -5.66 -1.73 -42.82
C ASN C 532 -4.57 -2.67 -42.30
N LEU C 533 -3.74 -3.18 -43.21
CA LEU C 533 -2.71 -4.15 -42.88
C LEU C 533 -1.32 -3.60 -43.20
N VAL C 534 -0.34 -4.02 -42.41
CA VAL C 534 1.06 -3.72 -42.64
C VAL C 534 1.87 -5.01 -42.51
N LYS C 535 2.76 -5.25 -43.46
CA LYS C 535 3.56 -6.46 -43.47
C LYS C 535 5.03 -6.13 -43.73
N ASN C 536 5.92 -6.94 -43.15
CA ASN C 536 7.36 -6.82 -43.35
C ASN C 536 7.86 -5.42 -42.99
N LYS C 537 7.42 -4.93 -41.83
CA LYS C 537 7.84 -3.62 -41.35
C LYS C 537 7.77 -3.59 -39.83
N CYS C 538 8.63 -2.77 -39.23
CA CYS C 538 8.63 -2.61 -37.78
C CYS C 538 7.43 -1.76 -37.38
N VAL C 539 6.41 -2.39 -36.80
CA VAL C 539 5.19 -1.73 -36.38
C VAL C 539 4.73 -2.34 -35.06
N ASN C 540 3.64 -1.79 -34.53
CA ASN C 540 2.97 -2.35 -33.37
C ASN C 540 1.72 -3.10 -33.80
N PHE C 541 1.40 -4.17 -33.07
CA PHE C 541 0.27 -5.01 -33.42
C PHE C 541 -0.62 -5.22 -32.20
N ASN C 542 -1.93 -5.24 -32.44
CA ASN C 542 -2.92 -5.44 -31.39
C ASN C 542 -3.72 -6.72 -31.62
N PHE C 543 -4.28 -6.89 -32.82
CA PHE C 543 -5.05 -8.08 -33.20
C PHE C 543 -6.25 -8.20 -32.27
N ASN C 544 -6.48 -9.34 -31.62
CA ASN C 544 -7.71 -9.57 -30.87
C ASN C 544 -7.77 -8.81 -29.55
N GLY C 545 -6.69 -8.16 -29.13
CA GLY C 545 -6.70 -7.45 -27.87
C GLY C 545 -5.38 -7.50 -27.13
N LEU C 546 -4.47 -8.35 -27.58
CA LEU C 546 -3.12 -8.39 -27.02
C LEU C 546 -2.30 -7.22 -27.56
N THR C 547 -1.06 -7.12 -27.12
CA THR C 547 -0.19 -6.00 -27.50
C THR C 547 1.19 -6.52 -27.87
N GLY C 548 1.91 -5.71 -28.63
CA GLY C 548 3.26 -6.03 -29.02
C GLY C 548 3.71 -5.19 -30.19
N THR C 549 5.04 -5.04 -30.29
CA THR C 549 5.66 -4.31 -31.38
C THR C 549 6.71 -5.20 -32.05
N GLY C 550 6.77 -5.13 -33.37
CA GLY C 550 7.72 -5.96 -34.10
C GLY C 550 7.48 -5.92 -35.60
N VAL C 551 7.91 -6.98 -36.27
CA VAL C 551 7.81 -7.12 -37.72
C VAL C 551 6.99 -8.36 -38.03
N LEU C 552 5.99 -8.21 -38.89
CA LEU C 552 5.16 -9.33 -39.32
C LEU C 552 5.70 -9.92 -40.61
N THR C 553 5.54 -11.23 -40.75
CA THR C 553 6.01 -11.94 -41.94
C THR C 553 5.19 -13.20 -42.13
N GLU C 554 5.26 -13.74 -43.34
CA GLU C 554 4.55 -14.99 -43.65
C GLU C 554 5.11 -16.13 -42.81
N SER C 555 4.23 -17.07 -42.47
CA SER C 555 4.56 -18.16 -41.55
C SER C 555 4.26 -19.50 -42.20
N ASN C 556 5.13 -20.47 -41.94
CA ASN C 556 4.93 -21.84 -42.38
C ASN C 556 4.07 -22.67 -41.43
N LYS C 557 3.82 -22.17 -40.22
CA LYS C 557 3.07 -22.94 -39.23
C LYS C 557 1.61 -23.09 -39.65
N LYS C 558 1.06 -24.27 -39.36
CA LYS C 558 -0.33 -24.58 -39.62
C LYS C 558 -1.06 -24.75 -38.29
N PHE C 559 -2.14 -24.02 -38.10
CA PHE C 559 -2.86 -24.01 -36.84
C PHE C 559 -4.23 -24.66 -36.99
N LEU C 560 -4.72 -25.22 -35.89
CA LEU C 560 -6.06 -25.79 -35.86
C LEU C 560 -7.09 -24.68 -35.85
N PRO C 561 -8.35 -24.98 -36.24
CA PRO C 561 -9.36 -23.92 -36.33
C PRO C 561 -9.57 -23.14 -35.04
N PHE C 562 -9.46 -23.79 -33.88
CA PHE C 562 -9.67 -23.07 -32.63
C PHE C 562 -8.51 -22.14 -32.29
N GLN C 563 -7.32 -22.41 -32.83
CA GLN C 563 -6.14 -21.64 -32.45
C GLN C 563 -6.27 -20.19 -32.90
N GLN C 564 -5.83 -19.27 -32.04
CA GLN C 564 -5.87 -17.84 -32.34
C GLN C 564 -4.48 -17.28 -32.63
N PHE C 565 -3.53 -17.47 -31.71
CA PHE C 565 -2.19 -16.96 -31.89
C PHE C 565 -1.19 -17.90 -31.24
N GLY C 566 0.03 -17.90 -31.78
CA GLY C 566 1.06 -18.82 -31.32
C GLY C 566 1.85 -18.25 -30.16
N ARG C 567 2.11 -19.09 -29.16
CA ARG C 567 2.87 -18.72 -27.98
C ARG C 567 4.10 -19.61 -27.87
N ASP C 568 5.25 -18.99 -27.61
CA ASP C 568 6.51 -19.71 -27.48
C ASP C 568 6.78 -20.03 -26.01
N ILE C 569 7.83 -20.83 -25.79
CA ILE C 569 8.24 -21.15 -24.43
C ILE C 569 8.62 -19.86 -23.69
N ALA C 570 8.56 -19.93 -22.35
CA ALA C 570 8.73 -18.78 -21.46
C ALA C 570 7.65 -17.73 -21.65
N ASP C 571 6.51 -18.13 -22.22
CA ASP C 571 5.33 -17.28 -22.35
C ASP C 571 5.63 -15.98 -23.10
N THR C 572 6.04 -16.13 -24.35
CA THR C 572 6.27 -15.01 -25.24
C THR C 572 5.62 -15.30 -26.59
N THR C 573 4.78 -14.39 -27.05
CA THR C 573 4.06 -14.59 -28.29
C THR C 573 5.00 -14.51 -29.49
N ASP C 574 4.80 -15.42 -30.45
CA ASP C 574 5.61 -15.45 -31.66
C ASP C 574 4.81 -15.57 -32.95
N ALA C 575 3.55 -15.98 -32.90
CA ALA C 575 2.72 -16.10 -34.09
C ALA C 575 1.30 -15.65 -33.76
N VAL C 576 0.63 -15.08 -34.75
CA VAL C 576 -0.73 -14.59 -34.57
C VAL C 576 -1.47 -14.72 -35.90
N ARG C 577 -2.73 -15.13 -35.84
CA ARG C 577 -3.58 -15.25 -37.02
C ARG C 577 -4.20 -13.91 -37.35
N ASP C 578 -4.38 -13.66 -38.65
CA ASP C 578 -5.07 -12.47 -39.08
C ASP C 578 -6.57 -12.70 -39.01
N PRO C 579 -7.31 -11.98 -38.16
CA PRO C 579 -8.75 -12.26 -38.03
C PRO C 579 -9.54 -11.99 -39.29
N GLN C 580 -9.08 -11.10 -40.17
CA GLN C 580 -9.85 -10.75 -41.35
C GLN C 580 -9.66 -11.77 -42.47
N THR C 581 -8.41 -12.00 -42.87
CA THR C 581 -8.12 -12.92 -43.97
C THR C 581 -7.85 -14.35 -43.49
N LEU C 582 -7.97 -14.60 -42.19
CA LEU C 582 -7.81 -15.95 -41.63
C LEU C 582 -6.46 -16.55 -41.98
N GLU C 583 -5.40 -15.76 -41.87
CA GLU C 583 -4.04 -16.19 -42.19
C GLU C 583 -3.15 -16.03 -40.98
N ILE C 584 -2.28 -17.01 -40.76
CA ILE C 584 -1.31 -17.01 -39.68
C ILE C 584 -0.06 -16.26 -40.13
N LEU C 585 0.54 -15.51 -39.21
CA LEU C 585 1.76 -14.77 -39.48
C LEU C 585 2.69 -14.86 -38.28
N ASP C 586 4.00 -14.79 -38.56
CA ASP C 586 5.00 -14.84 -37.51
C ASP C 586 5.22 -13.47 -36.90
N ILE C 587 5.85 -13.46 -35.72
CA ILE C 587 6.20 -12.24 -35.01
C ILE C 587 7.69 -12.27 -34.70
N THR C 588 8.40 -11.22 -35.11
CA THR C 588 9.80 -11.03 -34.76
C THR C 588 9.93 -9.69 -34.05
N PRO C 589 10.43 -9.66 -32.80
CA PRO C 589 10.55 -8.39 -32.09
C PRO C 589 11.54 -7.45 -32.76
N CYS C 590 11.54 -6.21 -32.27
CA CYS C 590 12.42 -5.19 -32.84
C CYS C 590 13.88 -5.61 -32.71
N SER C 591 14.66 -5.32 -33.76
CA SER C 591 16.06 -5.73 -33.82
C SER C 591 16.89 -4.84 -32.89
N PHE C 592 16.79 -5.13 -31.60
CA PHE C 592 17.56 -4.42 -30.59
C PHE C 592 18.99 -4.92 -30.56
N GLY C 593 19.88 -4.06 -30.06
CA GLY C 593 21.28 -4.42 -29.91
C GLY C 593 22.13 -3.27 -29.42
N GLY C 594 23.12 -3.56 -28.58
CA GLY C 594 24.01 -2.53 -28.10
C GLY C 594 24.96 -2.06 -29.18
N VAL C 595 25.44 -0.82 -29.04
CA VAL C 595 26.35 -0.22 -30.00
C VAL C 595 27.75 -0.19 -29.38
N SER C 596 28.75 -0.57 -30.17
CA SER C 596 30.12 -0.63 -29.72
C SER C 596 31.02 0.02 -30.76
N VAL C 597 32.20 0.44 -30.31
CA VAL C 597 33.16 1.11 -31.18
C VAL C 597 34.53 0.51 -30.94
N ILE C 598 35.43 0.75 -31.89
CA ILE C 598 36.83 0.36 -31.77
C ILE C 598 37.68 1.62 -31.87
N THR C 599 38.81 1.61 -31.15
CA THR C 599 39.66 2.78 -31.10
C THR C 599 41.09 2.33 -30.83
N PRO C 600 42.05 2.73 -31.65
CA PRO C 600 43.45 2.36 -31.42
C PRO C 600 44.11 3.13 -30.29
N GLY C 601 43.47 4.18 -29.77
CA GLY C 601 44.07 4.99 -28.73
C GLY C 601 43.90 6.47 -28.99
N THR C 602 43.52 7.22 -27.95
CA THR C 602 43.31 8.66 -28.09
C THR C 602 44.57 9.36 -28.56
N ASN C 603 45.70 9.13 -27.87
CA ASN C 603 46.93 9.78 -28.25
C ASN C 603 47.50 9.24 -29.57
N THR C 604 47.12 8.02 -29.95
CA THR C 604 47.60 7.46 -31.21
C THR C 604 47.02 8.20 -32.40
N SER C 605 45.70 8.41 -32.41
CA SER C 605 45.03 9.09 -33.50
C SER C 605 43.64 9.46 -33.04
N ASN C 606 42.94 10.22 -33.89
CA ASN C 606 41.56 10.62 -33.62
C ASN C 606 40.54 9.82 -34.42
N GLN C 607 41.00 9.01 -35.38
CA GLN C 607 40.09 8.20 -36.17
C GLN C 607 39.42 7.13 -35.30
N VAL C 608 38.32 6.59 -35.80
CA VAL C 608 37.50 5.66 -35.02
C VAL C 608 36.65 4.86 -35.99
N ALA C 609 36.21 3.68 -35.55
CA ALA C 609 35.28 2.86 -36.30
C ALA C 609 34.28 2.25 -35.32
N VAL C 610 33.08 1.94 -35.82
CA VAL C 610 31.95 1.55 -34.99
C VAL C 610 31.47 0.17 -35.39
N LEU C 611 31.13 -0.65 -34.40
CA LEU C 611 30.60 -1.98 -34.62
C LEU C 611 29.20 -2.09 -34.02
N TYR C 612 28.24 -2.47 -34.85
CA TYR C 612 26.89 -2.75 -34.38
C TYR C 612 26.78 -4.22 -34.02
N GLN C 613 26.24 -4.50 -32.84
CA GLN C 613 26.32 -5.83 -32.25
C GLN C 613 25.07 -6.62 -32.61
N ASP C 614 25.24 -7.62 -33.47
CA ASP C 614 24.20 -8.60 -33.80
C ASP C 614 22.98 -7.91 -34.43
N VAL C 615 23.23 -7.17 -35.50
CA VAL C 615 22.19 -6.53 -36.29
C VAL C 615 22.54 -6.69 -37.77
N ASN C 616 21.54 -7.06 -38.58
CA ASN C 616 21.75 -7.15 -40.02
C ASN C 616 22.04 -5.77 -40.60
N CYS C 617 22.92 -5.74 -41.60
CA CYS C 617 23.31 -4.48 -42.22
C CYS C 617 22.20 -3.84 -43.04
N THR C 618 21.10 -4.56 -43.30
CA THR C 618 20.05 -4.03 -44.16
C THR C 618 19.36 -2.82 -43.54
N GLU C 619 19.06 -2.87 -42.24
CA GLU C 619 18.28 -1.84 -41.58
C GLU C 619 19.08 -1.03 -40.57
N VAL C 620 20.40 -0.97 -40.73
CA VAL C 620 21.23 -0.13 -39.85
C VAL C 620 20.92 1.36 -39.96
N PRO C 621 20.69 1.97 -41.16
CA PRO C 621 20.70 3.43 -41.22
C PRO C 621 19.54 4.11 -40.51
N VAL C 622 18.72 3.34 -39.79
CA VAL C 622 17.55 3.86 -39.09
C VAL C 622 18.03 4.57 -37.82
N ALA C 623 19.34 4.54 -37.59
CA ALA C 623 19.92 5.08 -36.37
C ALA C 623 19.66 6.57 -36.18
N ILE C 624 19.56 7.34 -37.27
CA ILE C 624 19.39 8.78 -37.19
C ILE C 624 20.52 9.43 -36.41
N PRO C 631 23.05 13.87 -35.30
CA PRO C 631 23.16 14.71 -36.49
C PRO C 631 24.41 14.39 -37.32
N THR C 632 25.52 14.14 -36.63
CA THR C 632 26.77 13.76 -37.28
C THR C 632 26.91 12.24 -37.39
N TRP C 633 25.87 11.50 -37.00
CA TRP C 633 25.89 10.03 -37.10
C TRP C 633 26.15 9.58 -38.52
N ARG C 634 25.53 10.24 -39.50
CA ARG C 634 25.56 9.77 -40.89
C ARG C 634 26.94 9.88 -41.54
N VAL C 635 27.90 10.55 -40.91
CA VAL C 635 29.25 10.58 -41.45
C VAL C 635 29.82 9.18 -41.57
N TYR C 636 29.56 8.34 -40.57
CA TYR C 636 29.95 6.94 -40.61
C TYR C 636 28.77 5.99 -40.74
N SER C 637 27.57 6.41 -40.37
CA SER C 637 26.39 5.55 -40.43
C SER C 637 26.05 5.26 -41.89
N THR C 638 26.25 4.01 -42.30
CA THR C 638 25.95 3.55 -43.66
C THR C 638 26.69 4.41 -44.69
N GLY C 639 28.02 4.34 -44.64
CA GLY C 639 28.89 5.08 -45.52
C GLY C 639 29.21 4.32 -46.79
N SER C 640 30.37 4.62 -47.36
CA SER C 640 30.80 3.98 -48.60
C SER C 640 31.32 2.57 -48.39
N ASN C 641 31.59 2.16 -47.16
CA ASN C 641 32.16 0.84 -46.90
C ASN C 641 31.57 0.27 -45.62
N VAL C 642 30.82 -0.82 -45.74
CA VAL C 642 30.33 -1.58 -44.60
C VAL C 642 30.64 -3.05 -44.85
N PHE C 643 31.18 -3.72 -43.85
CA PHE C 643 31.64 -5.10 -43.98
C PHE C 643 30.82 -5.96 -43.02
N GLN C 644 29.77 -6.58 -43.55
CA GLN C 644 28.93 -7.47 -42.75
C GLN C 644 29.76 -8.62 -42.20
N THR C 645 29.59 -8.90 -40.91
CA THR C 645 30.38 -9.90 -40.22
C THR C 645 29.51 -10.61 -39.20
N ARG C 646 29.93 -11.82 -38.81
CA ARG C 646 29.16 -12.61 -37.86
C ARG C 646 28.94 -11.87 -36.54
N ALA C 647 29.90 -11.03 -36.15
CA ALA C 647 29.71 -10.22 -34.94
C ALA C 647 28.59 -9.21 -35.12
N GLY C 648 28.30 -8.82 -36.37
CA GLY C 648 27.27 -7.85 -36.65
C GLY C 648 27.66 -6.88 -37.73
N CYS C 649 27.11 -5.67 -37.68
CA CYS C 649 27.44 -4.63 -38.66
C CYS C 649 28.66 -3.86 -38.19
N LEU C 650 29.69 -3.82 -39.02
CA LEU C 650 30.90 -3.06 -38.75
C LEU C 650 31.06 -1.96 -39.80
N ILE C 651 31.32 -0.75 -39.34
CA ILE C 651 31.38 0.43 -40.20
C ILE C 651 32.70 1.16 -39.93
N GLY C 652 33.11 1.96 -40.90
CA GLY C 652 34.31 2.75 -40.76
C GLY C 652 35.57 2.06 -41.24
N ALA C 653 35.87 0.89 -40.67
CA ALA C 653 37.09 0.18 -40.99
C ALA C 653 36.98 -0.53 -42.35
N GLU C 654 38.06 -1.21 -42.73
CA GLU C 654 38.12 -1.95 -43.98
C GLU C 654 38.59 -3.37 -43.70
N HIS C 655 38.19 -4.29 -44.56
CA HIS C 655 38.66 -5.67 -44.47
C HIS C 655 39.91 -5.87 -45.30
N VAL C 656 40.81 -6.70 -44.79
CA VAL C 656 42.07 -7.01 -45.46
C VAL C 656 42.25 -8.52 -45.48
N ASN C 657 42.60 -9.05 -46.66
CA ASN C 657 42.89 -10.48 -46.77
C ASN C 657 44.18 -10.85 -46.05
N ASN C 658 45.14 -9.94 -46.00
CA ASN C 658 46.45 -10.21 -45.42
C ASN C 658 46.32 -10.37 -43.92
N SER C 659 46.33 -11.61 -43.44
CA SER C 659 46.11 -11.90 -42.04
C SER C 659 47.30 -11.44 -41.19
N TYR C 660 46.98 -10.86 -40.02
CA TYR C 660 47.96 -10.39 -39.06
C TYR C 660 47.62 -10.96 -37.68
N GLU C 661 48.43 -10.60 -36.69
CA GLU C 661 48.20 -11.06 -35.33
C GLU C 661 47.19 -10.15 -34.63
N CYS C 662 46.49 -10.72 -33.64
CA CYS C 662 45.36 -10.04 -33.02
C CYS C 662 45.82 -8.85 -32.18
N ASP C 663 45.06 -7.76 -32.25
CA ASP C 663 45.28 -6.61 -31.38
C ASP C 663 44.09 -6.32 -30.48
N ILE C 664 42.90 -6.17 -31.04
CA ILE C 664 41.69 -5.95 -30.24
C ILE C 664 40.61 -6.91 -30.71
N PRO C 665 39.84 -7.50 -29.79
CA PRO C 665 38.86 -8.52 -30.19
C PRO C 665 37.52 -7.94 -30.62
N ILE C 666 37.08 -8.29 -31.83
CA ILE C 666 35.73 -7.97 -32.28
C ILE C 666 34.75 -9.07 -31.91
N GLY C 667 35.11 -10.32 -32.23
CA GLY C 667 34.24 -11.46 -32.00
C GLY C 667 34.13 -12.31 -33.24
N ALA C 668 33.73 -13.57 -33.08
CA ALA C 668 33.61 -14.52 -34.18
C ALA C 668 34.90 -14.60 -35.00
N GLY C 669 36.03 -14.62 -34.30
CA GLY C 669 37.32 -14.74 -34.95
C GLY C 669 37.69 -13.56 -35.82
N ILE C 670 37.21 -12.36 -35.47
CA ILE C 670 37.50 -11.14 -36.21
C ILE C 670 38.15 -10.15 -35.26
N CYS C 671 39.16 -9.44 -35.73
CA CYS C 671 39.87 -8.46 -34.92
C CYS C 671 40.33 -7.29 -35.77
N ALA C 672 40.60 -6.17 -35.10
CA ALA C 672 41.00 -4.93 -35.73
C ALA C 672 42.28 -4.40 -35.10
N SER C 673 42.83 -3.36 -35.70
CA SER C 673 44.03 -2.69 -35.21
C SER C 673 44.25 -1.43 -36.05
N TYR C 674 45.30 -0.71 -35.72
CA TYR C 674 45.77 0.42 -36.52
C TYR C 674 46.93 -0.08 -37.39
N GLN C 675 46.75 0.02 -38.71
CA GLN C 675 47.74 -0.48 -39.65
C GLN C 675 49.06 0.27 -39.52
N GLN C 690 47.43 4.76 -40.75
CA GLN C 690 46.75 5.62 -41.72
C GLN C 690 45.24 5.45 -41.64
N SER C 691 44.80 4.22 -41.36
CA SER C 691 43.38 3.91 -41.25
C SER C 691 43.21 2.68 -40.37
N ILE C 692 41.97 2.34 -40.09
CA ILE C 692 41.62 1.21 -39.23
C ILE C 692 41.15 0.07 -40.12
N ILE C 693 41.66 -1.13 -39.86
CA ILE C 693 41.30 -2.31 -40.63
C ILE C 693 40.85 -3.41 -39.67
N ALA C 694 39.99 -4.30 -40.18
CA ALA C 694 39.52 -5.45 -39.43
C ALA C 694 39.70 -6.69 -40.30
N TYR C 695 39.95 -7.82 -39.65
CA TYR C 695 40.34 -9.02 -40.37
C TYR C 695 40.16 -10.23 -39.46
N THR C 696 40.24 -11.40 -40.09
CA THR C 696 40.09 -12.66 -39.35
C THR C 696 41.29 -12.93 -38.47
N MET C 697 41.04 -13.64 -37.38
CA MET C 697 42.11 -14.13 -36.53
C MET C 697 43.12 -14.94 -37.31
N SER C 698 44.40 -14.67 -37.07
CA SER C 698 45.48 -15.53 -37.55
C SER C 698 45.82 -16.53 -36.45
N LEU C 699 45.94 -17.81 -36.83
CA LEU C 699 46.35 -18.82 -35.86
C LEU C 699 47.70 -18.52 -35.25
N GLY C 700 48.57 -17.89 -36.02
CA GLY C 700 49.98 -17.73 -35.73
C GLY C 700 50.75 -17.90 -37.01
N ALA C 701 52.02 -18.27 -36.86
CA ALA C 701 52.86 -18.63 -37.99
C ALA C 701 52.95 -20.14 -38.07
N GLU C 702 52.47 -20.71 -39.17
CA GLU C 702 52.57 -22.16 -39.35
C GLU C 702 54.03 -22.54 -39.61
N ASN C 703 54.41 -23.71 -39.10
CA ASN C 703 55.80 -24.17 -39.21
C ASN C 703 55.75 -25.69 -39.27
N SER C 704 55.84 -26.22 -40.48
CA SER C 704 55.82 -27.66 -40.67
C SER C 704 57.07 -28.30 -40.07
N VAL C 705 56.91 -29.52 -39.58
CA VAL C 705 58.00 -30.27 -38.97
C VAL C 705 58.21 -31.53 -39.79
N ALA C 706 59.42 -31.69 -40.32
CA ALA C 706 59.74 -32.88 -41.10
C ALA C 706 59.78 -34.11 -40.20
N TYR C 707 59.16 -35.19 -40.65
CA TYR C 707 59.09 -36.42 -39.90
C TYR C 707 59.61 -37.58 -40.73
N SER C 708 60.32 -38.48 -40.06
CA SER C 708 60.82 -39.69 -40.69
C SER C 708 61.07 -40.70 -39.59
N ASN C 709 60.83 -41.98 -39.88
CA ASN C 709 60.90 -43.01 -38.85
C ASN C 709 62.32 -43.23 -38.35
N ASN C 710 63.29 -42.49 -38.91
CA ASN C 710 64.67 -42.57 -38.43
C ASN C 710 65.31 -41.19 -38.29
N SER C 711 64.55 -40.11 -38.39
CA SER C 711 65.08 -38.75 -38.30
C SER C 711 64.85 -38.21 -36.90
N ILE C 712 65.86 -37.53 -36.36
CA ILE C 712 65.84 -37.04 -34.99
C ILE C 712 66.27 -35.57 -34.99
N ALA C 713 66.14 -34.93 -33.83
CA ALA C 713 66.68 -33.60 -33.62
C ALA C 713 67.36 -33.53 -32.26
N ILE C 714 68.54 -32.92 -32.23
CA ILE C 714 69.24 -32.63 -30.97
C ILE C 714 69.77 -31.20 -31.05
N PRO C 715 69.61 -30.38 -30.02
CA PRO C 715 70.21 -29.06 -30.01
C PRO C 715 71.70 -29.12 -29.73
N THR C 716 72.41 -28.09 -30.17
CA THR C 716 73.84 -27.98 -29.93
C THR C 716 74.27 -26.69 -29.26
N ASN C 717 73.46 -25.63 -29.32
CA ASN C 717 73.74 -24.37 -28.63
C ASN C 717 72.58 -24.08 -27.72
N PHE C 718 72.87 -23.87 -26.43
CA PHE C 718 71.86 -23.61 -25.43
C PHE C 718 71.90 -22.13 -25.05
N THR C 719 70.73 -21.52 -24.94
CA THR C 719 70.61 -20.13 -24.55
C THR C 719 69.76 -20.03 -23.29
N ILE C 720 70.22 -19.24 -22.34
CA ILE C 720 69.50 -19.04 -21.09
C ILE C 720 68.75 -17.72 -21.19
N SER C 721 67.56 -17.67 -20.58
CA SER C 721 66.73 -16.49 -20.71
C SER C 721 65.82 -16.38 -19.50
N VAL C 722 65.41 -15.16 -19.20
CA VAL C 722 64.48 -14.90 -18.12
C VAL C 722 63.10 -14.65 -18.70
N THR C 723 62.08 -14.72 -17.85
CA THR C 723 60.71 -14.52 -18.28
C THR C 723 59.91 -13.96 -17.11
N THR C 724 59.38 -12.75 -17.27
CA THR C 724 58.64 -12.10 -16.21
C THR C 724 57.27 -12.75 -16.03
N GLU C 725 56.74 -12.63 -14.81
CA GLU C 725 55.41 -13.12 -14.49
C GLU C 725 54.95 -12.41 -13.22
N ILE C 726 53.70 -11.97 -13.21
CA ILE C 726 53.15 -11.15 -12.15
C ILE C 726 51.86 -11.76 -11.64
N LEU C 727 51.75 -11.90 -10.32
CA LEU C 727 50.54 -12.33 -9.66
C LEU C 727 50.23 -11.38 -8.51
N PRO C 728 48.95 -11.10 -8.24
CA PRO C 728 48.60 -10.20 -7.15
C PRO C 728 48.30 -10.95 -5.86
N VAL C 729 48.62 -10.29 -4.74
CA VAL C 729 48.38 -10.88 -3.43
C VAL C 729 47.62 -9.96 -2.49
N SER C 730 47.65 -8.63 -2.65
CA SER C 730 47.10 -7.75 -1.63
C SER C 730 46.26 -6.65 -2.24
N MET C 731 45.09 -6.43 -1.65
CA MET C 731 44.27 -5.25 -1.87
C MET C 731 44.17 -4.48 -0.56
N THR C 732 44.00 -3.17 -0.66
CA THR C 732 43.89 -2.35 0.54
C THR C 732 42.65 -2.75 1.33
N LYS C 733 42.84 -3.01 2.63
CA LYS C 733 41.74 -3.44 3.48
C LYS C 733 40.82 -2.26 3.74
N THR C 734 39.72 -2.20 3.00
CA THR C 734 38.71 -1.19 3.24
C THR C 734 37.92 -1.53 4.50
N SER C 735 37.24 -0.53 5.04
CA SER C 735 36.42 -0.73 6.23
C SER C 735 35.31 0.31 6.26
N VAL C 736 34.10 -0.15 6.54
CA VAL C 736 32.93 0.71 6.64
C VAL C 736 32.21 0.38 7.95
N ASP C 737 31.15 1.14 8.22
CA ASP C 737 30.28 0.83 9.35
C ASP C 737 28.88 1.35 9.02
N CYS C 738 27.88 0.51 9.27
CA CYS C 738 26.53 0.81 8.83
C CYS C 738 25.98 2.08 9.50
N THR C 739 26.25 2.23 10.80
CA THR C 739 25.64 3.33 11.55
C THR C 739 26.10 4.69 11.04
N MET C 740 27.18 4.76 10.28
CA MET C 740 27.55 6.02 9.63
C MET C 740 26.86 6.13 8.28
N TYR C 741 27.02 5.08 7.48
CA TYR C 741 26.50 5.00 6.10
C TYR C 741 25.08 5.49 5.82
N ILE C 742 24.10 4.64 6.12
CA ILE C 742 22.71 5.00 5.88
C ILE C 742 22.29 6.26 6.61
N CYS C 743 21.77 7.22 5.84
CA CYS C 743 21.31 8.54 6.32
C CYS C 743 22.12 9.16 7.46
N GLY C 744 23.43 9.27 7.26
CA GLY C 744 24.32 9.85 8.25
C GLY C 744 24.27 9.25 9.63
N ASP C 745 24.50 10.08 10.64
CA ASP C 745 24.50 9.64 12.03
C ASP C 745 23.41 10.35 12.83
N SER C 746 22.21 10.40 12.26
CA SER C 746 21.07 11.04 12.93
C SER C 746 20.55 10.17 14.05
N THR C 747 20.13 10.81 15.14
CA THR C 747 19.61 10.09 16.30
C THR C 747 18.33 9.33 15.95
N GLU C 748 17.45 9.96 15.19
CA GLU C 748 16.20 9.34 14.78
C GLU C 748 16.43 8.32 13.67
N CYS C 749 17.50 8.52 12.91
CA CYS C 749 17.85 7.62 11.81
C CYS C 749 18.38 6.30 12.35
N SER C 750 19.50 6.38 13.07
CA SER C 750 20.14 5.20 13.67
C SER C 750 19.14 4.39 14.47
N ASN C 751 18.26 5.07 15.21
CA ASN C 751 17.20 4.36 15.93
C ASN C 751 16.29 3.61 14.96
N LEU C 752 15.94 4.26 13.85
CA LEU C 752 15.15 3.57 12.82
C LEU C 752 15.93 2.43 12.20
N LEU C 753 17.23 2.62 11.96
CA LEU C 753 18.04 1.57 11.34
C LEU C 753 18.16 0.35 12.24
N LEU C 754 18.28 0.55 13.55
CA LEU C 754 18.47 -0.57 14.47
C LEU C 754 17.29 -1.55 14.40
N GLN C 755 16.12 -1.07 13.97
CA GLN C 755 14.98 -1.96 13.83
C GLN C 755 15.25 -3.07 12.81
N TYR C 756 16.09 -2.81 11.82
CA TYR C 756 16.38 -3.79 10.79
C TYR C 756 17.17 -4.99 11.30
N GLY C 757 17.73 -4.92 12.50
CA GLY C 757 18.27 -6.11 13.13
C GLY C 757 19.71 -6.38 12.73
N SER C 758 19.98 -7.61 12.28
CA SER C 758 21.34 -8.07 12.05
C SER C 758 22.03 -7.37 10.89
N PHE C 759 21.30 -6.63 10.05
CA PHE C 759 21.94 -5.84 9.01
C PHE C 759 22.92 -4.83 9.61
N CYS C 760 22.71 -4.46 10.87
CA CYS C 760 23.57 -3.53 11.58
C CYS C 760 24.92 -4.13 11.98
N THR C 761 25.03 -5.46 12.02
CA THR C 761 26.24 -6.09 12.54
C THR C 761 26.86 -7.11 11.60
N GLN C 762 26.06 -7.84 10.84
CA GLN C 762 26.62 -8.93 10.03
C GLN C 762 27.50 -8.41 8.90
N LEU C 763 27.13 -7.29 8.28
CA LEU C 763 27.95 -6.73 7.21
C LEU C 763 29.33 -6.34 7.74
N ASN C 764 29.38 -5.71 8.91
CA ASN C 764 30.66 -5.38 9.52
C ASN C 764 31.49 -6.62 9.79
N ARG C 765 30.85 -7.66 10.31
CA ARG C 765 31.56 -8.91 10.59
C ARG C 765 32.16 -9.49 9.32
N ALA C 766 31.36 -9.58 8.26
CA ALA C 766 31.87 -10.15 7.00
C ALA C 766 32.99 -9.31 6.42
N LEU C 767 32.87 -7.98 6.48
CA LEU C 767 33.87 -7.13 5.86
C LEU C 767 35.18 -7.15 6.65
N THR C 768 35.11 -7.09 7.98
CA THR C 768 36.34 -7.23 8.76
C THR C 768 36.91 -8.64 8.63
N GLY C 769 36.05 -9.64 8.39
CA GLY C 769 36.55 -10.98 8.16
C GLY C 769 37.34 -11.09 6.88
N ILE C 770 36.83 -10.50 5.79
CA ILE C 770 37.60 -10.53 4.55
C ILE C 770 38.85 -9.66 4.69
N ALA C 771 38.80 -8.62 5.52
CA ALA C 771 39.99 -7.84 5.80
C ALA C 771 41.06 -8.69 6.46
N VAL C 772 40.70 -9.39 7.55
CA VAL C 772 41.68 -10.17 8.29
C VAL C 772 42.16 -11.38 7.49
N GLU C 773 41.26 -12.03 6.74
CA GLU C 773 41.66 -13.13 5.88
C GLU C 773 42.58 -12.66 4.76
N GLN C 774 42.28 -11.49 4.20
CA GLN C 774 43.07 -10.98 3.08
C GLN C 774 44.49 -10.70 3.53
N ASP C 775 44.65 -10.11 4.72
CA ASP C 775 45.97 -9.89 5.28
C ASP C 775 46.73 -11.20 5.47
N LYS C 776 46.01 -12.28 5.79
CA LYS C 776 46.67 -13.57 6.04
C LYS C 776 47.40 -14.08 4.80
N ASN C 777 47.01 -13.66 3.59
CA ASN C 777 47.72 -14.07 2.40
C ASN C 777 49.15 -13.56 2.42
N THR C 778 49.36 -12.31 2.82
CA THR C 778 50.69 -11.87 3.14
C THR C 778 51.18 -12.63 4.38
N GLN C 779 52.50 -12.78 4.47
CA GLN C 779 53.19 -13.67 5.43
C GLN C 779 52.75 -15.14 5.26
N GLU C 780 52.09 -15.44 4.15
CA GLU C 780 51.79 -16.79 3.69
C GLU C 780 52.36 -17.07 2.31
N VAL C 781 52.28 -16.09 1.39
CA VAL C 781 53.05 -16.16 0.16
C VAL C 781 54.52 -15.84 0.43
N PHE C 782 54.81 -15.26 1.59
CA PHE C 782 56.15 -15.04 2.10
C PHE C 782 56.21 -15.67 3.50
N ALA C 783 57.29 -15.36 4.22
CA ALA C 783 57.53 -15.90 5.55
C ALA C 783 57.64 -17.42 5.53
N GLN C 784 58.14 -17.97 4.43
CA GLN C 784 58.37 -19.40 4.34
C GLN C 784 59.57 -19.84 5.17
N VAL C 785 60.39 -18.90 5.64
CA VAL C 785 61.53 -19.19 6.50
C VAL C 785 61.43 -18.32 7.74
N LYS C 786 61.59 -18.94 8.91
CA LYS C 786 61.57 -18.17 10.15
C LYS C 786 62.82 -17.31 10.29
N GLN C 787 63.98 -17.86 9.92
CA GLN C 787 65.21 -17.10 9.96
C GLN C 787 65.24 -16.06 8.85
N ILE C 788 66.17 -15.11 8.97
CA ILE C 788 66.27 -13.98 8.06
C ILE C 788 67.71 -13.96 7.55
N TYR C 789 67.94 -14.58 6.39
CA TYR C 789 69.30 -14.64 5.86
C TYR C 789 69.74 -13.28 5.35
N LYS C 790 71.04 -13.05 5.38
CA LYS C 790 71.65 -11.82 4.90
C LYS C 790 72.55 -12.15 3.73
N THR C 791 72.68 -11.19 2.82
CA THR C 791 73.54 -11.39 1.66
C THR C 791 74.98 -11.57 2.14
N PRO C 792 75.79 -12.34 1.42
CA PRO C 792 77.17 -12.54 1.83
C PRO C 792 77.92 -11.23 1.86
N PRO C 793 78.91 -11.09 2.75
CA PRO C 793 79.61 -9.80 2.86
C PRO C 793 80.26 -9.35 1.57
N ILE C 794 80.74 -10.27 0.76
CA ILE C 794 81.29 -9.98 -0.55
C ILE C 794 80.47 -10.73 -1.59
N LYS C 795 80.03 -10.03 -2.63
CA LYS C 795 79.23 -10.62 -3.70
C LYS C 795 80.06 -11.10 -4.87
N ASP C 796 81.32 -11.48 -4.63
CA ASP C 796 82.21 -11.96 -5.68
C ASP C 796 81.91 -13.43 -5.96
N PHE C 797 80.80 -13.65 -6.65
CA PHE C 797 80.35 -14.99 -7.01
C PHE C 797 81.12 -15.49 -8.23
N GLY C 798 80.64 -16.57 -8.83
CA GLY C 798 81.28 -17.11 -10.01
C GLY C 798 80.98 -16.34 -11.28
N GLY C 799 81.19 -15.03 -11.25
CA GLY C 799 81.01 -14.20 -12.43
C GLY C 799 79.58 -13.93 -12.83
N PHE C 800 78.63 -14.11 -11.92
CA PHE C 800 77.23 -13.79 -12.18
C PHE C 800 76.93 -12.45 -11.51
N ASN C 801 76.80 -11.41 -12.33
CA ASN C 801 76.61 -10.06 -11.79
C ASN C 801 75.19 -9.89 -11.27
N PHE C 802 74.97 -10.29 -10.02
CA PHE C 802 73.64 -10.27 -9.41
C PHE C 802 73.30 -8.91 -8.80
N SER C 803 74.00 -7.85 -9.20
CA SER C 803 73.80 -6.55 -8.58
C SER C 803 72.43 -5.96 -8.82
N GLN C 804 71.65 -6.51 -9.74
CA GLN C 804 70.39 -5.91 -10.15
C GLN C 804 69.20 -6.39 -9.33
N ILE C 805 69.38 -7.34 -8.41
CA ILE C 805 68.28 -7.83 -7.58
C ILE C 805 68.62 -7.86 -6.11
N LEU C 806 69.86 -7.63 -5.72
CA LEU C 806 70.17 -7.50 -4.31
C LEU C 806 69.80 -6.11 -3.81
N PRO C 807 69.43 -5.99 -2.54
CA PRO C 807 69.12 -4.66 -1.99
C PRO C 807 70.35 -3.77 -1.96
N ASP C 808 70.11 -2.47 -2.14
CA ASP C 808 71.19 -1.49 -2.12
C ASP C 808 71.25 -0.84 -0.74
N PRO C 809 72.34 -1.01 0.02
CA PRO C 809 72.42 -0.37 1.34
C PRO C 809 72.33 1.15 1.30
N SER C 810 72.83 1.77 0.24
CA SER C 810 72.84 3.24 0.19
C SER C 810 71.45 3.80 -0.05
N LYS C 811 70.59 3.07 -0.75
CA LYS C 811 69.25 3.56 -1.05
C LYS C 811 68.43 3.66 0.24
N PRO C 812 67.83 4.81 0.54
CA PRO C 812 67.06 4.93 1.78
C PRO C 812 65.88 3.96 1.87
N SER C 813 65.26 3.63 0.73
CA SER C 813 64.11 2.74 0.74
C SER C 813 64.46 1.30 1.06
N LYS C 814 65.75 0.96 1.11
CA LYS C 814 66.24 -0.39 1.36
C LYS C 814 65.71 -1.40 0.32
N ARG C 815 65.23 -0.90 -0.81
CA ARG C 815 64.74 -1.74 -1.89
C ARG C 815 65.88 -2.19 -2.79
N SER C 816 65.55 -2.75 -3.95
CA SER C 816 66.50 -3.12 -4.98
C SER C 816 66.20 -2.34 -6.23
N PRO C 817 67.16 -2.22 -7.16
CA PRO C 817 66.93 -1.47 -8.40
C PRO C 817 65.62 -1.84 -9.10
N ILE C 818 65.44 -3.14 -9.40
CA ILE C 818 64.21 -3.57 -10.04
C ILE C 818 63.01 -3.32 -9.14
N GLU C 819 63.20 -3.46 -7.82
CA GLU C 819 62.13 -3.16 -6.87
C GLU C 819 61.71 -1.70 -7.00
N ASP C 820 62.67 -0.79 -7.05
CA ASP C 820 62.36 0.63 -7.16
C ASP C 820 61.71 0.95 -8.50
N LEU C 821 62.18 0.33 -9.57
CA LEU C 821 61.57 0.56 -10.88
C LEU C 821 60.12 0.12 -10.89
N LEU C 822 59.83 -1.06 -10.33
CA LEU C 822 58.44 -1.51 -10.24
C LEU C 822 57.61 -0.59 -9.35
N PHE C 823 58.18 -0.14 -8.22
CA PHE C 823 57.43 0.69 -7.30
C PHE C 823 57.09 2.04 -7.92
N ASN C 824 58.03 2.64 -8.65
CA ASN C 824 57.79 3.96 -9.24
C ASN C 824 57.01 3.88 -10.54
N LYS C 825 57.05 2.74 -11.24
CA LYS C 825 56.28 2.60 -12.48
C LYS C 825 54.79 2.64 -12.20
N VAL C 826 54.35 1.98 -11.13
CA VAL C 826 52.93 1.92 -10.83
C VAL C 826 52.44 3.26 -10.29
N THR C 827 51.19 3.59 -10.60
CA THR C 827 50.56 4.81 -10.11
C THR C 827 49.14 4.48 -9.65
N LEU C 828 48.64 5.29 -8.73
CA LEU C 828 47.29 5.12 -8.20
C LEU C 828 46.68 6.47 -7.82
N ALA C 852 42.30 5.53 -0.57
CA ALA C 852 41.34 6.50 -1.07
C ALA C 852 41.42 7.80 -0.27
N GLN C 853 40.74 8.82 -0.77
CA GLN C 853 40.73 10.12 -0.10
C GLN C 853 39.89 10.06 1.17
N LYS C 854 40.10 11.04 2.04
CA LYS C 854 39.38 11.09 3.31
C LYS C 854 37.88 11.27 3.06
N PHE C 855 37.08 10.46 3.76
CA PHE C 855 35.64 10.49 3.58
C PHE C 855 34.98 9.89 4.82
N ASN C 856 33.72 10.22 5.01
CA ASN C 856 33.00 9.76 6.20
C ASN C 856 32.74 8.25 6.13
N GLY C 857 32.90 7.59 7.26
CA GLY C 857 32.72 6.16 7.36
C GLY C 857 33.81 5.36 6.69
N LEU C 858 34.02 5.59 5.40
CA LEU C 858 35.07 4.92 4.67
C LEU C 858 36.42 5.22 5.30
N THR C 859 37.20 4.17 5.53
CA THR C 859 38.54 4.31 6.09
C THR C 859 39.37 3.13 5.59
N VAL C 860 40.69 3.29 5.65
CA VAL C 860 41.62 2.31 5.11
C VAL C 860 42.46 1.76 6.26
N LEU C 861 42.46 0.44 6.40
CA LEU C 861 43.33 -0.21 7.37
C LEU C 861 44.75 -0.25 6.80
N PRO C 862 45.74 0.30 7.51
CA PRO C 862 47.13 0.13 7.08
C PRO C 862 47.49 -1.35 7.04
N PRO C 863 48.24 -1.78 6.03
CA PRO C 863 48.62 -3.20 5.95
C PRO C 863 49.54 -3.60 7.10
N LEU C 864 49.48 -4.87 7.46
CA LEU C 864 50.25 -5.36 8.59
C LEU C 864 51.74 -5.34 8.29
N LEU C 865 52.13 -5.81 7.10
CA LEU C 865 53.51 -5.72 6.63
C LEU C 865 53.65 -4.43 5.83
N THR C 866 54.62 -3.60 6.22
CA THR C 866 54.95 -2.43 5.43
C THR C 866 55.86 -2.83 4.28
N ASP C 867 56.16 -1.86 3.42
CA ASP C 867 57.00 -2.12 2.26
C ASP C 867 58.42 -2.51 2.67
N GLU C 868 58.96 -1.84 3.68
CA GLU C 868 60.35 -2.12 4.07
C GLU C 868 60.51 -3.54 4.60
N MET C 869 59.56 -4.02 5.41
CA MET C 869 59.70 -5.37 5.95
C MET C 869 59.40 -6.44 4.91
N ILE C 870 58.49 -6.19 3.97
CA ILE C 870 58.29 -7.15 2.88
C ILE C 870 59.53 -7.18 1.99
N ALA C 871 60.19 -6.04 1.80
CA ALA C 871 61.46 -6.03 1.09
C ALA C 871 62.52 -6.80 1.86
N GLN C 872 62.50 -6.70 3.19
CA GLN C 872 63.41 -7.49 4.02
C GLN C 872 63.17 -8.99 3.81
N TYR C 873 61.91 -9.39 3.77
CA TYR C 873 61.57 -10.79 3.50
C TYR C 873 62.13 -11.23 2.15
N THR C 874 61.92 -10.40 1.11
CA THR C 874 62.42 -10.73 -0.22
C THR C 874 63.94 -10.87 -0.22
N SER C 875 64.63 -9.93 0.43
CA SER C 875 66.08 -9.98 0.49
C SER C 875 66.55 -11.25 1.21
N ALA C 876 65.89 -11.59 2.31
CA ALA C 876 66.27 -12.80 3.05
C ALA C 876 66.11 -14.04 2.20
N LEU C 877 64.96 -14.16 1.53
CA LEU C 877 64.73 -15.33 0.70
C LEU C 877 65.70 -15.38 -0.47
N LEU C 878 66.01 -14.22 -1.06
CA LEU C 878 66.94 -14.18 -2.17
C LEU C 878 68.35 -14.60 -1.74
N ALA C 879 68.80 -14.09 -0.59
CA ALA C 879 70.10 -14.51 -0.09
C ALA C 879 70.12 -16.01 0.21
N GLY C 880 69.03 -16.51 0.80
CA GLY C 880 68.96 -17.93 1.08
C GLY C 880 69.05 -18.79 -0.17
N THR C 881 68.30 -18.41 -1.21
CA THR C 881 68.36 -19.18 -2.44
C THR C 881 69.67 -18.96 -3.19
N ILE C 882 70.39 -17.88 -2.89
CA ILE C 882 71.74 -17.73 -3.42
C ILE C 882 72.70 -18.71 -2.77
N THR C 883 72.67 -18.78 -1.44
CA THR C 883 73.70 -19.55 -0.74
C THR C 883 73.47 -21.06 -0.82
N SER C 884 72.33 -21.55 -0.34
CA SER C 884 72.05 -22.97 -0.36
C SER C 884 70.61 -23.22 -0.78
N GLY C 885 70.17 -22.57 -1.86
CA GLY C 885 68.77 -22.58 -2.22
C GLY C 885 68.19 -23.96 -2.46
N TRP C 886 69.04 -24.92 -2.82
CA TRP C 886 68.55 -26.27 -3.05
C TRP C 886 68.01 -26.92 -1.78
N THR C 887 68.37 -26.41 -0.61
CA THR C 887 68.11 -27.19 0.59
C THR C 887 67.42 -26.46 1.73
N PHE C 888 67.61 -25.13 1.86
CA PHE C 888 67.25 -24.48 3.12
C PHE C 888 65.75 -24.52 3.38
N GLY C 889 64.94 -24.63 2.32
CA GLY C 889 63.51 -24.75 2.50
C GLY C 889 63.08 -26.01 3.22
N ALA C 890 63.99 -26.97 3.37
CA ALA C 890 63.70 -28.19 4.09
C ALA C 890 64.05 -28.07 5.58
N GLY C 891 65.30 -27.75 5.87
CA GLY C 891 65.75 -27.63 7.24
C GLY C 891 66.82 -26.58 7.43
N PRO C 892 67.84 -26.90 8.23
CA PRO C 892 68.93 -25.94 8.46
C PRO C 892 69.65 -25.59 7.18
N ALA C 893 70.08 -24.34 7.09
CA ALA C 893 70.72 -23.84 5.89
C ALA C 893 72.10 -24.47 5.71
N LEU C 894 72.30 -25.13 4.57
CA LEU C 894 73.62 -25.60 4.20
C LEU C 894 74.38 -24.41 3.60
N GLN C 895 75.52 -24.69 2.97
CA GLN C 895 76.25 -23.68 2.22
C GLN C 895 77.00 -24.35 1.09
N ILE C 896 76.99 -23.70 -0.07
CA ILE C 896 77.53 -24.26 -1.31
C ILE C 896 77.72 -23.13 -2.31
N PRO C 897 78.82 -23.10 -3.07
CA PRO C 897 79.01 -22.00 -4.02
C PRO C 897 78.01 -22.07 -5.17
N PHE C 898 77.80 -20.90 -5.77
CA PHE C 898 76.80 -20.77 -6.84
C PHE C 898 77.05 -21.72 -8.00
N PRO C 899 78.30 -21.92 -8.50
CA PRO C 899 78.51 -22.84 -9.62
C PRO C 899 77.95 -24.24 -9.41
N MET C 900 78.37 -24.96 -8.36
CA MET C 900 77.91 -26.34 -8.21
C MET C 900 76.43 -26.42 -7.85
N GLN C 901 75.90 -25.47 -7.09
CA GLN C 901 74.48 -25.55 -6.77
C GLN C 901 73.61 -25.24 -7.98
N MET C 902 74.14 -24.49 -8.95
CA MET C 902 73.50 -24.46 -10.26
C MET C 902 73.72 -25.78 -11.00
N ALA C 903 74.94 -26.32 -10.90
CA ALA C 903 75.34 -27.44 -11.74
C ALA C 903 74.47 -28.67 -11.47
N TYR C 904 74.38 -29.10 -10.23
CA TYR C 904 73.52 -30.25 -9.99
C TYR C 904 72.05 -29.87 -9.87
N ARG C 905 71.74 -28.57 -9.85
CA ARG C 905 70.40 -28.15 -10.26
C ARG C 905 70.26 -28.22 -11.77
N PHE C 906 71.31 -27.82 -12.49
CA PHE C 906 71.38 -28.01 -13.94
C PHE C 906 71.39 -29.49 -14.30
N ASN C 907 71.95 -30.34 -13.43
CA ASN C 907 71.90 -31.78 -13.63
C ASN C 907 70.51 -32.35 -13.44
N GLY C 908 69.60 -31.61 -12.81
CA GLY C 908 68.23 -32.07 -12.71
C GLY C 908 67.47 -32.07 -14.01
N ILE C 909 68.05 -31.49 -15.07
CA ILE C 909 67.38 -31.37 -16.36
C ILE C 909 68.33 -31.94 -17.42
N GLY C 910 68.30 -33.24 -17.62
CA GLY C 910 68.76 -33.86 -18.84
C GLY C 910 70.24 -33.78 -19.17
N VAL C 911 70.99 -32.92 -18.48
CA VAL C 911 72.34 -32.57 -18.87
C VAL C 911 73.29 -32.89 -17.72
N THR C 912 74.39 -33.59 -18.04
CA THR C 912 75.42 -33.83 -17.06
C THR C 912 76.17 -32.54 -16.74
N GLN C 913 76.82 -32.53 -15.57
CA GLN C 913 77.40 -31.30 -15.05
C GLN C 913 78.48 -30.72 -15.96
N ASN C 914 79.10 -31.56 -16.80
CA ASN C 914 80.27 -31.11 -17.56
C ASN C 914 79.96 -29.94 -18.47
N VAL C 915 78.72 -29.85 -18.97
CA VAL C 915 78.38 -28.79 -19.91
C VAL C 915 78.42 -27.42 -19.23
N LEU C 916 77.87 -27.34 -18.01
CA LEU C 916 77.77 -26.05 -17.34
C LEU C 916 79.15 -25.48 -17.01
N TYR C 917 80.08 -26.34 -16.59
CA TYR C 917 81.44 -25.89 -16.32
C TYR C 917 82.13 -25.40 -17.59
N GLU C 918 81.96 -26.12 -18.68
CA GLU C 918 82.70 -25.85 -19.91
C GLU C 918 82.31 -24.52 -20.55
N ASN C 919 81.20 -23.92 -20.15
CA ASN C 919 80.76 -22.65 -20.72
C ASN C 919 80.29 -21.71 -19.62
N GLN C 920 80.99 -21.72 -18.48
CA GLN C 920 80.55 -20.94 -17.32
C GLN C 920 80.52 -19.44 -17.64
N LYS C 921 81.58 -18.95 -18.28
CA LYS C 921 81.63 -17.52 -18.59
C LYS C 921 80.50 -17.11 -19.52
N LEU C 922 80.21 -17.94 -20.53
CA LEU C 922 79.17 -17.60 -21.49
C LEU C 922 77.80 -17.56 -20.84
N ILE C 923 77.47 -18.58 -20.03
CA ILE C 923 76.15 -18.60 -19.41
C ILE C 923 76.03 -17.48 -18.39
N ALA C 924 77.12 -17.16 -17.67
CA ALA C 924 77.07 -16.03 -16.76
C ALA C 924 76.81 -14.72 -17.50
N ASN C 925 77.49 -14.53 -18.64
CA ASN C 925 77.29 -13.32 -19.43
C ASN C 925 75.85 -13.24 -19.94
N GLN C 926 75.30 -14.36 -20.41
CA GLN C 926 73.93 -14.36 -20.89
C GLN C 926 72.94 -14.12 -19.76
N PHE C 927 73.24 -14.62 -18.56
CA PHE C 927 72.38 -14.33 -17.42
C PHE C 927 72.36 -12.84 -17.10
N ASN C 928 73.54 -12.22 -17.09
CA ASN C 928 73.60 -10.78 -16.84
C ASN C 928 72.86 -10.01 -17.92
N SER C 929 73.03 -10.43 -19.19
CA SER C 929 72.33 -9.76 -20.28
C SER C 929 70.82 -9.91 -20.15
N ALA C 930 70.36 -11.09 -19.73
CA ALA C 930 68.92 -11.32 -19.56
C ALA C 930 68.37 -10.46 -18.43
N ILE C 931 69.10 -10.34 -17.33
CA ILE C 931 68.63 -9.50 -16.22
C ILE C 931 68.58 -8.04 -16.65
N GLY C 932 69.61 -7.57 -17.36
CA GLY C 932 69.56 -6.22 -17.91
C GLY C 932 68.39 -6.03 -18.86
N LYS C 933 68.11 -7.06 -19.68
CA LYS C 933 67.00 -6.98 -20.63
C LYS C 933 65.67 -6.90 -19.93
N ILE C 934 65.47 -7.67 -18.85
CA ILE C 934 64.20 -7.59 -18.14
C ILE C 934 64.05 -6.25 -17.44
N GLN C 935 65.17 -5.70 -16.92
CA GLN C 935 65.12 -4.35 -16.37
C GLN C 935 64.69 -3.34 -17.42
N ASP C 936 65.29 -3.43 -18.61
CA ASP C 936 64.93 -2.52 -19.70
C ASP C 936 63.47 -2.70 -20.10
N SER C 937 63.00 -3.94 -20.18
CA SER C 937 61.63 -4.20 -20.58
C SER C 937 60.64 -3.61 -19.58
N LEU C 938 60.89 -3.80 -18.29
CA LEU C 938 60.00 -3.20 -17.29
C LEU C 938 60.12 -1.69 -17.26
N SER C 939 61.27 -1.14 -17.66
CA SER C 939 61.41 0.31 -17.72
C SER C 939 60.72 0.91 -18.94
N SER C 940 60.56 0.13 -20.01
CA SER C 940 60.06 0.66 -21.28
C SER C 940 58.61 0.25 -21.58
N THR C 941 58.22 -0.96 -21.23
CA THR C 941 56.87 -1.43 -21.55
C THR C 941 55.84 -0.61 -20.78
N PRO C 942 54.80 -0.09 -21.43
CA PRO C 942 53.88 0.80 -20.70
C PRO C 942 52.98 0.07 -19.72
N SER C 943 52.44 -1.08 -20.09
CA SER C 943 51.47 -1.79 -19.24
C SER C 943 51.90 -3.23 -18.96
N ALA C 944 53.21 -3.44 -18.79
CA ALA C 944 53.69 -4.78 -18.46
C ALA C 944 53.19 -5.24 -17.09
N LEU C 945 52.90 -4.29 -16.20
CA LEU C 945 52.36 -4.65 -14.89
C LEU C 945 51.02 -5.35 -15.03
N GLY C 946 50.14 -4.83 -15.90
CA GLY C 946 48.90 -5.49 -16.21
C GLY C 946 47.95 -5.70 -15.04
N LYS C 947 47.87 -6.94 -14.57
CA LYS C 947 46.89 -7.32 -13.56
C LYS C 947 47.12 -6.57 -12.25
N LEU C 948 48.39 -6.34 -11.90
CA LEU C 948 48.70 -5.69 -10.62
C LEU C 948 48.14 -4.26 -10.58
N GLN C 949 48.31 -3.52 -11.67
CA GLN C 949 47.71 -2.18 -11.73
C GLN C 949 46.21 -2.26 -11.95
N ASP C 950 45.74 -3.32 -12.61
CA ASP C 950 44.31 -3.46 -12.90
C ASP C 950 43.50 -3.64 -11.62
N VAL C 951 44.00 -4.44 -10.68
CA VAL C 951 43.19 -4.82 -9.52
C VAL C 951 42.90 -3.60 -8.64
N VAL C 952 43.90 -2.76 -8.40
CA VAL C 952 43.70 -1.60 -7.52
C VAL C 952 42.69 -0.65 -8.13
N ASN C 953 42.83 -0.36 -9.42
CA ASN C 953 41.90 0.55 -10.08
C ASN C 953 40.48 -0.03 -10.11
N GLN C 954 40.36 -1.33 -10.34
CA GLN C 954 39.04 -1.95 -10.38
C GLN C 954 38.38 -1.92 -9.02
N ASN C 955 39.15 -2.11 -7.95
CA ASN C 955 38.60 -1.97 -6.61
C ASN C 955 38.18 -0.53 -6.33
N ALA C 956 39.02 0.43 -6.72
CA ALA C 956 38.73 1.82 -6.43
C ALA C 956 37.51 2.31 -7.20
N GLN C 957 37.28 1.80 -8.41
CA GLN C 957 36.09 2.17 -9.17
C GLN C 957 34.82 1.75 -8.43
N ALA C 958 34.80 0.51 -7.93
CA ALA C 958 33.65 0.05 -7.16
C ALA C 958 33.48 0.84 -5.87
N LEU C 959 34.60 1.20 -5.21
CA LEU C 959 34.49 2.03 -4.01
C LEU C 959 33.88 3.39 -4.33
N ASN C 960 34.30 3.99 -5.45
CA ASN C 960 33.74 5.27 -5.86
C ASN C 960 32.24 5.14 -6.16
N THR C 961 31.84 4.05 -6.82
CA THR C 961 30.42 3.82 -7.06
C THR C 961 29.66 3.70 -5.73
N LEU C 962 30.27 3.05 -4.74
CA LEU C 962 29.67 2.99 -3.41
C LEU C 962 29.48 4.39 -2.84
N VAL C 963 30.49 5.25 -2.98
CA VAL C 963 30.38 6.59 -2.45
C VAL C 963 29.37 7.41 -3.25
N LYS C 964 29.35 7.25 -4.57
CA LYS C 964 28.51 8.09 -5.41
C LYS C 964 27.03 7.78 -5.24
N GLN C 965 26.69 6.52 -4.97
CA GLN C 965 25.29 6.13 -4.91
C GLN C 965 24.52 6.86 -3.82
N LEU C 966 25.22 7.42 -2.83
CA LEU C 966 24.55 8.20 -1.79
C LEU C 966 23.92 9.46 -2.36
N SER C 967 24.38 9.92 -3.53
CA SER C 967 23.89 11.16 -4.10
C SER C 967 22.43 11.06 -4.52
N SER C 968 22.02 9.93 -5.09
CA SER C 968 20.66 9.80 -5.61
C SER C 968 19.66 9.72 -4.47
N ASN C 969 18.55 10.47 -4.62
CA ASN C 969 17.54 10.55 -3.57
C ASN C 969 16.74 9.27 -3.42
N PHE C 970 16.84 8.35 -4.37
CA PHE C 970 16.08 7.09 -4.35
C PHE C 970 14.58 7.37 -4.30
N GLY C 971 14.17 8.43 -5.01
CA GLY C 971 12.78 8.83 -5.05
C GLY C 971 12.32 9.67 -3.88
N ALA C 972 13.19 9.98 -2.94
CA ALA C 972 12.79 10.76 -1.77
C ALA C 972 12.70 12.24 -2.14
N ILE C 973 12.30 13.05 -1.15
CA ILE C 973 12.24 14.50 -1.36
C ILE C 973 13.64 15.04 -1.64
N SER C 974 14.62 14.57 -0.90
CA SER C 974 16.01 14.97 -1.10
C SER C 974 16.90 13.77 -0.80
N SER C 975 18.21 14.01 -0.73
CA SER C 975 19.18 12.96 -0.48
C SER C 975 19.84 13.09 0.88
N VAL C 976 20.26 14.29 1.26
CA VAL C 976 20.91 14.50 2.54
C VAL C 976 19.91 14.34 3.67
N LEU C 977 20.33 13.66 4.74
CA LEU C 977 19.43 13.42 5.87
C LEU C 977 19.03 14.72 6.55
N ASN C 978 19.95 15.69 6.61
CA ASN C 978 19.68 16.92 7.34
C ASN C 978 18.49 17.68 6.75
N ASP C 979 18.44 17.80 5.42
CA ASP C 979 17.33 18.51 4.80
C ASP C 979 16.01 17.82 5.08
N ILE C 980 15.99 16.48 5.01
CA ILE C 980 14.76 15.74 5.24
C ILE C 980 14.29 15.90 6.67
N LEU C 981 15.21 15.80 7.64
CA LEU C 981 14.82 15.92 9.04
C LEU C 981 14.43 17.35 9.38
N SER C 982 15.01 18.35 8.72
CA SER C 982 14.62 19.73 8.98
C SER C 982 13.26 20.06 8.38
N ARG C 983 13.02 19.64 7.13
CA ARG C 983 11.78 19.98 6.46
C ARG C 983 10.58 19.31 7.11
N LEU C 984 10.71 18.04 7.47
CA LEU C 984 9.62 17.24 8.00
C LEU C 984 9.78 17.03 9.50
N ASP C 985 8.75 16.45 10.09
CA ASP C 985 8.50 15.96 11.43
C ASP C 985 8.37 14.43 11.42
N PRO C 986 8.75 13.78 12.51
CA PRO C 986 8.96 12.32 12.49
C PRO C 986 7.76 11.54 11.97
N PRO C 987 6.52 11.84 12.40
CA PRO C 987 5.39 11.01 11.95
C PRO C 987 5.17 11.04 10.44
N GLU C 988 5.70 12.04 9.74
CA GLU C 988 5.70 12.02 8.28
C GLU C 988 7.09 11.90 7.67
N ALA C 989 8.13 12.13 8.45
CA ALA C 989 9.49 11.97 7.94
C ALA C 989 9.90 10.49 7.86
N GLU C 990 9.40 9.67 8.78
CA GLU C 990 9.89 8.31 8.91
C GLU C 990 9.80 7.54 7.60
N VAL C 991 8.78 7.85 6.78
CA VAL C 991 8.66 7.17 5.49
C VAL C 991 9.79 7.57 4.55
N GLN C 992 10.17 8.85 4.56
CA GLN C 992 11.24 9.30 3.67
C GLN C 992 12.59 8.75 4.10
N ILE C 993 12.87 8.80 5.40
CA ILE C 993 14.10 8.18 5.90
C ILE C 993 14.11 6.68 5.62
N ASP C 994 12.95 6.02 5.73
CA ASP C 994 12.85 4.60 5.43
C ASP C 994 13.16 4.32 3.96
N ARG C 995 12.63 5.15 3.07
CA ARG C 995 12.88 4.97 1.64
C ARG C 995 14.34 5.21 1.31
N LEU C 996 14.99 6.12 2.06
CA LEU C 996 16.44 6.24 1.94
C LEU C 996 17.14 4.97 2.41
N ILE C 997 16.69 4.42 3.55
CA ILE C 997 17.36 3.28 4.16
C ILE C 997 17.34 2.07 3.24
N THR C 998 16.19 1.79 2.64
CA THR C 998 16.09 0.58 1.82
C THR C 998 17.08 0.63 0.66
N GLY C 999 17.14 1.76 -0.05
CA GLY C 999 18.07 1.86 -1.17
C GLY C 999 19.52 1.86 -0.73
N ARG C 1000 19.84 2.58 0.34
CA ARG C 1000 21.22 2.64 0.80
C ARG C 1000 21.69 1.26 1.25
N LEU C 1001 20.83 0.52 1.95
CA LEU C 1001 21.17 -0.83 2.37
C LEU C 1001 21.35 -1.74 1.17
N GLN C 1002 20.51 -1.60 0.15
CA GLN C 1002 20.68 -2.38 -1.07
C GLN C 1002 22.04 -2.10 -1.71
N SER C 1003 22.42 -0.83 -1.80
CA SER C 1003 23.70 -0.47 -2.40
C SER C 1003 24.87 -1.03 -1.60
N LEU C 1004 24.81 -0.89 -0.27
CA LEU C 1004 25.90 -1.40 0.56
C LEU C 1004 26.00 -2.92 0.45
N GLN C 1005 24.86 -3.61 0.41
CA GLN C 1005 24.87 -5.06 0.26
C GLN C 1005 25.50 -5.46 -1.07
N THR C 1006 25.17 -4.73 -2.14
CA THR C 1006 25.78 -5.00 -3.43
C THR C 1006 27.30 -4.83 -3.37
N TYR C 1007 27.75 -3.74 -2.76
CA TYR C 1007 29.18 -3.49 -2.66
C TYR C 1007 29.88 -4.59 -1.88
N VAL C 1008 29.28 -5.00 -0.75
CA VAL C 1008 29.91 -6.01 0.09
C VAL C 1008 29.96 -7.36 -0.62
N THR C 1009 28.90 -7.71 -1.36
CA THR C 1009 28.90 -8.95 -2.10
C THR C 1009 29.99 -8.95 -3.18
N GLN C 1010 30.10 -7.84 -3.91
CA GLN C 1010 31.13 -7.73 -4.94
C GLN C 1010 32.52 -7.84 -4.32
N GLN C 1011 32.74 -7.15 -3.20
CA GLN C 1011 34.04 -7.20 -2.53
C GLN C 1011 34.34 -8.60 -2.03
N LEU C 1012 33.33 -9.31 -1.52
CA LEU C 1012 33.53 -10.65 -1.02
C LEU C 1012 33.94 -11.60 -2.14
N ILE C 1013 33.25 -11.56 -3.28
CA ILE C 1013 33.62 -12.46 -4.36
C ILE C 1013 34.99 -12.09 -4.93
N ARG C 1014 35.29 -10.79 -5.01
CA ARG C 1014 36.60 -10.35 -5.46
C ARG C 1014 37.69 -10.86 -4.52
N ALA C 1015 37.43 -10.79 -3.21
CA ALA C 1015 38.40 -11.28 -2.23
C ALA C 1015 38.59 -12.78 -2.36
N ALA C 1016 37.52 -13.53 -2.62
CA ALA C 1016 37.67 -14.97 -2.83
C ALA C 1016 38.55 -15.28 -4.03
N GLU C 1017 38.33 -14.57 -5.14
CA GLU C 1017 39.16 -14.79 -6.32
C GLU C 1017 40.61 -14.43 -6.04
N ILE C 1018 40.85 -13.29 -5.38
CA ILE C 1018 42.21 -12.87 -5.10
C ILE C 1018 42.88 -13.82 -4.12
N ARG C 1019 42.12 -14.37 -3.17
CA ARG C 1019 42.68 -15.35 -2.25
C ARG C 1019 43.10 -16.62 -2.98
N ALA C 1020 42.28 -17.09 -3.92
CA ALA C 1020 42.67 -18.26 -4.70
C ALA C 1020 43.95 -17.98 -5.49
N SER C 1021 44.01 -16.80 -6.12
CA SER C 1021 45.20 -16.45 -6.89
C SER C 1021 46.42 -16.35 -5.98
N ALA C 1022 46.25 -15.82 -4.77
CA ALA C 1022 47.37 -15.68 -3.84
C ALA C 1022 47.83 -17.04 -3.34
N ASN C 1023 46.91 -17.97 -3.13
CA ASN C 1023 47.31 -19.33 -2.76
C ASN C 1023 48.12 -19.96 -3.89
N LEU C 1024 47.69 -19.77 -5.13
CA LEU C 1024 48.48 -20.24 -6.27
C LEU C 1024 49.85 -19.57 -6.28
N ALA C 1025 49.91 -18.28 -5.93
CA ALA C 1025 51.18 -17.57 -5.88
C ALA C 1025 52.10 -18.15 -4.82
N ALA C 1026 51.55 -18.49 -3.65
CA ALA C 1026 52.36 -19.09 -2.59
C ALA C 1026 52.89 -20.45 -3.02
N THR C 1027 52.05 -21.26 -3.66
CA THR C 1027 52.52 -22.54 -4.19
C THR C 1027 53.60 -22.34 -5.23
N LYS C 1028 53.45 -21.31 -6.08
CA LYS C 1028 54.47 -20.97 -7.05
C LYS C 1028 55.78 -20.63 -6.37
N MET C 1029 55.71 -19.81 -5.32
CA MET C 1029 56.90 -19.47 -4.52
C MET C 1029 57.61 -20.72 -4.03
N SER C 1030 56.86 -21.60 -3.37
CA SER C 1030 57.46 -22.78 -2.76
C SER C 1030 58.04 -23.72 -3.80
N GLU C 1031 57.36 -23.87 -4.94
CA GLU C 1031 57.76 -24.84 -5.94
C GLU C 1031 58.70 -24.29 -6.99
N CYS C 1032 59.01 -22.99 -6.96
CA CYS C 1032 59.90 -22.42 -7.96
C CYS C 1032 61.06 -21.62 -7.39
N VAL C 1033 61.14 -21.40 -6.08
CA VAL C 1033 62.27 -20.71 -5.48
C VAL C 1033 63.02 -21.61 -4.50
N LEU C 1034 62.30 -22.33 -3.65
CA LEU C 1034 62.92 -23.15 -2.62
C LEU C 1034 63.21 -24.55 -3.14
N GLY C 1035 63.34 -24.68 -4.46
CA GLY C 1035 63.66 -25.96 -5.08
C GLY C 1035 63.56 -25.89 -6.59
N GLN C 1036 62.99 -26.93 -7.20
CA GLN C 1036 62.74 -26.94 -8.63
C GLN C 1036 61.64 -27.94 -8.93
N SER C 1037 61.06 -27.83 -10.12
CA SER C 1037 59.97 -28.69 -10.53
C SER C 1037 60.20 -29.22 -11.93
N LYS C 1038 59.78 -30.47 -12.16
CA LYS C 1038 59.78 -31.04 -13.49
C LYS C 1038 58.52 -30.70 -14.27
N ARG C 1039 57.53 -30.10 -13.62
CA ARG C 1039 56.27 -29.75 -14.26
C ARG C 1039 56.51 -28.57 -15.20
N VAL C 1040 56.56 -28.87 -16.51
CA VAL C 1040 56.84 -27.83 -17.49
C VAL C 1040 55.72 -26.79 -17.49
N ASP C 1041 56.07 -25.55 -17.86
CA ASP C 1041 55.18 -24.42 -18.04
C ASP C 1041 54.70 -23.85 -16.71
N PHE C 1042 54.97 -24.54 -15.59
CA PHE C 1042 54.69 -24.00 -14.28
C PHE C 1042 55.73 -22.99 -13.82
N CYS C 1043 56.70 -22.66 -14.69
CA CYS C 1043 57.68 -21.63 -14.37
C CYS C 1043 57.96 -20.72 -15.56
N GLY C 1044 57.28 -20.89 -16.67
CA GLY C 1044 57.53 -20.10 -17.86
C GLY C 1044 57.97 -20.96 -19.03
N LYS C 1045 58.36 -20.27 -20.10
CA LYS C 1045 58.81 -20.96 -21.30
C LYS C 1045 60.01 -21.85 -21.01
N GLY C 1046 59.97 -23.06 -21.53
CA GLY C 1046 61.11 -23.96 -21.46
C GLY C 1046 61.25 -24.66 -20.12
N TYR C 1047 62.21 -25.58 -20.09
CA TYR C 1047 62.59 -26.26 -18.85
C TYR C 1047 62.93 -25.25 -17.77
N HIS C 1048 62.43 -25.50 -16.56
CA HIS C 1048 62.66 -24.61 -15.44
C HIS C 1048 64.02 -24.87 -14.82
N LEU C 1049 64.71 -23.80 -14.42
CA LEU C 1049 65.97 -23.90 -13.71
C LEU C 1049 65.87 -23.40 -12.28
N MET C 1050 65.43 -22.16 -12.09
CA MET C 1050 65.17 -21.60 -10.76
C MET C 1050 64.53 -20.23 -10.96
N SER C 1051 64.18 -19.59 -9.86
CA SER C 1051 63.51 -18.29 -9.93
C SER C 1051 63.75 -17.53 -8.64
N PHE C 1052 63.55 -16.22 -8.72
CA PHE C 1052 63.80 -15.30 -7.62
C PHE C 1052 62.55 -14.47 -7.34
N PRO C 1053 62.32 -14.09 -6.09
CA PRO C 1053 61.17 -13.23 -5.78
C PRO C 1053 61.52 -11.75 -5.79
N GLN C 1054 60.52 -10.90 -6.00
CA GLN C 1054 60.72 -9.46 -5.94
C GLN C 1054 59.44 -8.82 -5.42
N SER C 1055 59.59 -7.90 -4.47
CA SER C 1055 58.43 -7.27 -3.85
C SER C 1055 57.75 -6.31 -4.80
N ALA C 1056 56.42 -6.29 -4.74
CA ALA C 1056 55.57 -5.44 -5.54
C ALA C 1056 54.65 -4.68 -4.61
N PRO C 1057 54.17 -3.49 -5.01
CA PRO C 1057 53.38 -2.68 -4.07
C PRO C 1057 52.08 -3.34 -3.66
N HIS C 1058 51.58 -4.31 -4.43
CA HIS C 1058 50.42 -5.07 -3.98
C HIS C 1058 50.52 -6.55 -4.32
N GLY C 1059 51.68 -7.03 -4.73
CA GLY C 1059 51.82 -8.43 -5.07
C GLY C 1059 53.25 -8.91 -4.96
N VAL C 1060 53.53 -10.00 -5.67
CA VAL C 1060 54.88 -10.53 -5.80
C VAL C 1060 55.16 -10.76 -7.28
N VAL C 1061 56.35 -10.35 -7.73
CA VAL C 1061 56.74 -10.47 -9.12
C VAL C 1061 57.92 -11.43 -9.20
N PHE C 1062 57.78 -12.48 -10.01
CA PHE C 1062 58.79 -13.52 -10.14
C PHE C 1062 59.73 -13.21 -11.30
N LEU C 1063 61.00 -13.59 -11.13
CA LEU C 1063 61.99 -13.54 -12.19
C LEU C 1063 62.48 -14.98 -12.40
N HIS C 1064 61.78 -15.71 -13.27
CA HIS C 1064 62.18 -17.06 -13.60
C HIS C 1064 63.37 -17.04 -14.55
N VAL C 1065 64.23 -18.06 -14.41
CA VAL C 1065 65.32 -18.28 -15.35
C VAL C 1065 65.24 -19.73 -15.81
N THR C 1066 65.35 -19.93 -17.13
CA THR C 1066 65.03 -21.21 -17.74
C THR C 1066 66.17 -21.65 -18.67
N TYR C 1067 66.13 -22.93 -19.03
CA TYR C 1067 67.06 -23.53 -19.97
C TYR C 1067 66.31 -23.85 -21.25
N VAL C 1068 66.73 -23.23 -22.35
CA VAL C 1068 66.01 -23.33 -23.62
C VAL C 1068 66.94 -23.82 -24.73
N PRO C 1069 66.75 -25.04 -25.24
CA PRO C 1069 67.53 -25.48 -26.41
C PRO C 1069 67.16 -24.65 -27.63
N ALA C 1070 68.18 -24.23 -28.38
CA ALA C 1070 67.99 -23.27 -29.47
C ALA C 1070 68.37 -23.80 -30.84
N GLN C 1071 69.59 -24.33 -31.01
CA GLN C 1071 70.18 -24.40 -32.35
C GLN C 1071 69.58 -25.48 -33.23
N GLU C 1072 68.94 -26.50 -32.64
CA GLU C 1072 68.14 -27.50 -33.36
C GLU C 1072 68.83 -28.07 -34.60
N LYS C 1073 70.05 -28.58 -34.40
CA LYS C 1073 70.65 -29.41 -35.44
C LYS C 1073 69.95 -30.76 -35.49
N ASN C 1074 70.24 -31.54 -36.54
CA ASN C 1074 69.54 -32.81 -36.71
C ASN C 1074 70.46 -33.88 -37.27
N PHE C 1075 70.29 -35.10 -36.77
CA PHE C 1075 71.00 -36.30 -37.19
C PHE C 1075 69.99 -37.36 -37.63
N THR C 1076 70.48 -38.57 -37.88
CA THR C 1076 69.64 -39.74 -38.11
C THR C 1076 70.06 -40.85 -37.17
N THR C 1077 69.07 -41.60 -36.67
CA THR C 1077 69.35 -42.63 -35.68
C THR C 1077 68.76 -43.99 -36.05
N ALA C 1078 68.82 -44.92 -35.10
CA ALA C 1078 68.23 -46.24 -35.21
C ALA C 1078 67.63 -46.60 -33.86
N PRO C 1079 66.62 -47.46 -33.84
CA PRO C 1079 66.05 -47.87 -32.54
C PRO C 1079 67.06 -48.51 -31.61
N ALA C 1080 68.00 -49.29 -32.13
CA ALA C 1080 68.97 -49.96 -31.27
C ALA C 1080 70.17 -50.38 -32.08
N ILE C 1081 71.32 -50.47 -31.41
CA ILE C 1081 72.55 -50.94 -32.01
C ILE C 1081 72.61 -52.46 -31.91
N CYS C 1082 72.88 -53.12 -33.04
CA CYS C 1082 73.06 -54.56 -33.09
C CYS C 1082 74.53 -54.88 -33.29
N HIS C 1083 75.04 -55.82 -32.48
CA HIS C 1083 76.44 -56.20 -32.57
C HIS C 1083 76.57 -57.66 -32.19
N ASP C 1084 77.15 -58.45 -33.09
CA ASP C 1084 77.39 -59.88 -32.86
C ASP C 1084 76.10 -60.63 -32.55
N GLY C 1085 74.97 -60.15 -33.09
CA GLY C 1085 73.69 -60.78 -32.86
C GLY C 1085 73.02 -60.45 -31.54
N LYS C 1086 73.65 -59.62 -30.71
CA LYS C 1086 73.07 -59.25 -29.43
C LYS C 1086 72.23 -57.98 -29.59
N ALA C 1087 71.78 -57.43 -28.47
CA ALA C 1087 71.00 -56.20 -28.48
C ALA C 1087 71.64 -55.18 -27.54
N HIS C 1088 71.70 -53.93 -27.99
CA HIS C 1088 72.25 -52.84 -27.20
C HIS C 1088 71.30 -51.66 -27.22
N PHE C 1089 71.21 -50.98 -26.08
CA PHE C 1089 70.34 -49.82 -25.94
C PHE C 1089 71.06 -48.81 -25.06
N PRO C 1090 70.87 -47.51 -25.29
CA PRO C 1090 71.61 -46.51 -24.51
C PRO C 1090 71.20 -46.52 -23.05
N ARG C 1091 72.20 -46.37 -22.17
CA ARG C 1091 71.90 -46.19 -20.76
C ARG C 1091 71.19 -44.86 -20.53
N GLU C 1092 71.64 -43.80 -21.19
CA GLU C 1092 70.97 -42.51 -21.20
C GLU C 1092 70.91 -41.99 -22.62
N GLY C 1093 69.87 -41.20 -22.91
CA GLY C 1093 69.78 -40.62 -24.24
C GLY C 1093 69.52 -41.66 -25.32
N VAL C 1094 69.92 -41.31 -26.53
CA VAL C 1094 69.72 -42.16 -27.70
C VAL C 1094 70.99 -42.19 -28.54
N PHE C 1095 71.04 -43.17 -29.45
CA PHE C 1095 72.10 -43.19 -30.45
C PHE C 1095 71.90 -42.09 -31.46
N VAL C 1096 72.99 -41.70 -32.13
CA VAL C 1096 72.97 -40.75 -33.24
C VAL C 1096 73.95 -41.24 -34.30
N SER C 1097 73.86 -40.62 -35.47
CA SER C 1097 74.76 -40.98 -36.59
C SER C 1097 74.76 -39.86 -37.60
N ASN C 1098 75.93 -39.31 -37.89
CA ASN C 1098 76.07 -38.35 -38.99
C ASN C 1098 76.48 -39.04 -40.29
N GLY C 1099 75.78 -40.13 -40.61
CA GLY C 1099 75.99 -40.83 -41.86
C GLY C 1099 76.85 -42.08 -41.81
N THR C 1100 78.01 -42.02 -41.15
CA THR C 1100 78.95 -43.13 -41.25
C THR C 1100 79.40 -43.67 -39.90
N HIS C 1101 79.47 -42.82 -38.88
CA HIS C 1101 80.00 -43.22 -37.58
C HIS C 1101 79.00 -42.83 -36.50
N TRP C 1102 78.66 -43.79 -35.64
CA TRP C 1102 77.61 -43.61 -34.64
C TRP C 1102 78.19 -43.07 -33.34
N PHE C 1103 77.30 -42.45 -32.54
CA PHE C 1103 77.67 -41.88 -31.25
C PHE C 1103 76.46 -41.93 -30.33
N VAL C 1104 76.71 -41.61 -29.06
CA VAL C 1104 75.66 -41.49 -28.04
C VAL C 1104 75.79 -40.15 -27.35
N THR C 1105 74.65 -39.51 -27.09
CA THR C 1105 74.63 -38.21 -26.43
C THR C 1105 73.46 -38.16 -25.46
N GLN C 1106 73.43 -37.10 -24.65
CA GLN C 1106 72.24 -36.78 -23.90
C GLN C 1106 71.17 -36.22 -24.85
N ARG C 1107 69.96 -36.07 -24.33
CA ARG C 1107 68.84 -35.66 -25.17
C ARG C 1107 68.63 -34.16 -25.23
N ASN C 1108 69.50 -33.36 -24.60
CA ASN C 1108 69.30 -31.91 -24.62
C ASN C 1108 70.59 -31.12 -24.84
N PHE C 1109 71.71 -31.77 -25.12
CA PHE C 1109 72.92 -31.08 -25.50
C PHE C 1109 73.85 -32.05 -26.23
N TYR C 1110 74.19 -31.76 -27.47
CA TYR C 1110 74.91 -32.70 -28.31
C TYR C 1110 76.40 -32.65 -27.99
N GLU C 1111 76.95 -33.81 -27.62
CA GLU C 1111 78.39 -34.01 -27.57
C GLU C 1111 78.69 -35.50 -27.77
N PRO C 1112 79.23 -35.87 -28.92
CA PRO C 1112 79.34 -37.29 -29.27
C PRO C 1112 80.28 -38.04 -28.33
N GLN C 1113 79.93 -39.30 -28.07
CA GLN C 1113 80.78 -40.22 -27.35
C GLN C 1113 80.77 -41.57 -28.06
N ILE C 1114 81.91 -42.25 -28.08
CA ILE C 1114 82.02 -43.52 -28.78
C ILE C 1114 81.26 -44.59 -28.00
N ILE C 1115 80.79 -45.60 -28.73
CA ILE C 1115 79.97 -46.65 -28.14
C ILE C 1115 80.83 -47.50 -27.21
N THR C 1116 80.53 -47.44 -25.91
CA THR C 1116 81.25 -48.21 -24.90
C THR C 1116 80.27 -49.10 -24.15
N THR C 1117 80.73 -50.30 -23.78
CA THR C 1117 79.93 -51.16 -22.92
C THR C 1117 79.69 -50.55 -21.55
N ASP C 1118 80.47 -49.54 -21.18
CA ASP C 1118 80.25 -48.76 -19.98
C ASP C 1118 79.21 -47.67 -20.17
N ASN C 1119 78.45 -47.72 -21.27
CA ASN C 1119 77.44 -46.73 -21.57
C ASN C 1119 76.13 -47.36 -22.03
N THR C 1120 76.05 -48.68 -22.08
CA THR C 1120 74.85 -49.38 -22.54
C THR C 1120 74.67 -50.62 -21.67
N PHE C 1121 73.75 -51.49 -22.08
CA PHE C 1121 73.61 -52.82 -21.49
C PHE C 1121 73.05 -53.75 -22.56
N VAL C 1122 72.70 -54.97 -22.15
CA VAL C 1122 72.27 -56.00 -23.09
C VAL C 1122 70.93 -56.56 -22.65
N SER C 1123 70.14 -57.00 -23.63
CA SER C 1123 68.83 -57.59 -23.35
C SER C 1123 68.44 -58.49 -24.52
N GLY C 1124 68.51 -59.80 -24.31
CA GLY C 1124 68.02 -60.76 -25.28
C GLY C 1124 68.77 -60.76 -26.60
N ASN C 1125 68.17 -61.41 -27.59
CA ASN C 1125 68.69 -61.49 -28.94
C ASN C 1125 68.24 -60.28 -29.76
N CYS C 1126 68.69 -60.25 -31.01
CA CYS C 1126 68.51 -59.08 -31.87
C CYS C 1126 67.36 -59.20 -32.86
N ASP C 1127 66.63 -60.33 -32.86
CA ASP C 1127 65.65 -60.55 -33.92
C ASP C 1127 64.42 -59.67 -33.77
N VAL C 1128 63.88 -59.57 -32.56
CA VAL C 1128 62.56 -58.98 -32.37
C VAL C 1128 62.61 -57.47 -32.61
N VAL C 1129 63.59 -56.79 -32.02
CA VAL C 1129 63.63 -55.33 -32.06
C VAL C 1129 63.89 -54.84 -33.47
N ILE C 1130 63.09 -53.87 -33.91
CA ILE C 1130 63.10 -53.42 -35.31
C ILE C 1130 64.16 -52.34 -35.49
N GLY C 1131 64.45 -52.04 -36.77
CA GLY C 1131 65.28 -50.92 -37.16
C GLY C 1131 66.72 -50.98 -36.75
N ILE C 1132 67.21 -52.13 -36.29
CA ILE C 1132 68.56 -52.21 -35.76
C ILE C 1132 69.59 -52.01 -36.87
N VAL C 1133 70.76 -51.51 -36.47
CA VAL C 1133 71.87 -51.24 -37.38
C VAL C 1133 73.15 -51.81 -36.77
N ASN C 1134 74.00 -52.36 -37.63
CA ASN C 1134 75.27 -52.93 -37.22
C ASN C 1134 76.32 -51.85 -37.04
N ASN C 1135 77.16 -52.03 -36.03
CA ASN C 1135 78.30 -51.15 -35.80
C ASN C 1135 79.19 -51.80 -34.75
N THR C 1136 80.47 -51.44 -34.80
CA THR C 1136 81.40 -51.89 -33.77
C THR C 1136 81.05 -51.26 -32.43
N VAL C 1137 81.30 -52.02 -31.36
CA VAL C 1137 81.16 -51.52 -29.99
C VAL C 1137 82.52 -51.63 -29.32
N TYR C 1138 82.99 -50.51 -28.76
CA TYR C 1138 84.34 -50.46 -28.21
C TYR C 1138 84.39 -51.21 -26.89
N ASP C 1139 85.49 -51.94 -26.68
CA ASP C 1139 85.73 -52.62 -25.41
C ASP C 1139 86.73 -51.81 -24.61
N PRO C 1140 86.37 -51.30 -23.43
CA PRO C 1140 87.27 -50.37 -22.71
C PRO C 1140 88.44 -51.06 -22.03
N LEU C 1141 88.64 -52.37 -22.22
CA LEU C 1141 89.72 -53.07 -21.55
C LEU C 1141 90.54 -53.98 -22.47
N GLN C 1142 90.14 -54.18 -23.72
CA GLN C 1142 90.88 -55.08 -24.59
C GLN C 1142 92.33 -54.64 -24.86
N PRO C 1143 92.66 -53.36 -25.08
CA PRO C 1143 94.07 -53.04 -25.32
C PRO C 1143 94.97 -53.39 -24.15
N GLU C 1144 94.49 -53.21 -22.91
CA GLU C 1144 95.27 -53.58 -21.74
C GLU C 1144 95.52 -55.08 -21.70
N LEU C 1145 94.50 -55.88 -22.00
CA LEU C 1145 94.68 -57.32 -22.04
C LEU C 1145 95.65 -57.73 -23.13
N ASP C 1146 95.59 -57.07 -24.29
CA ASP C 1146 96.51 -57.37 -25.38
C ASP C 1146 97.94 -57.03 -24.99
N SER C 1147 98.13 -55.91 -24.29
CA SER C 1147 99.47 -55.54 -23.85
C SER C 1147 99.96 -56.40 -22.69
N PHE C 1148 99.06 -57.02 -21.94
CA PHE C 1148 99.39 -57.82 -20.77
C PHE C 1148 98.78 -59.22 -20.89
N LYS C 1149 98.97 -59.85 -22.04
CA LYS C 1149 98.46 -61.21 -22.27
C LYS C 1149 99.02 -62.19 -21.26
N GLU D 1 -46.46 43.21 49.93
CA GLU D 1 -46.52 41.91 49.28
C GLU D 1 -46.09 42.00 47.82
N VAL D 2 -45.60 40.89 47.27
CA VAL D 2 -45.13 40.86 45.90
C VAL D 2 -46.32 40.93 44.95
N GLN D 3 -46.19 41.73 43.90
CA GLN D 3 -47.25 41.94 42.93
C GLN D 3 -46.68 41.79 41.53
N LEU D 4 -47.56 41.64 40.56
CA LEU D 4 -47.17 41.52 39.15
C LEU D 4 -48.08 42.38 38.29
N VAL D 5 -47.71 42.46 37.01
CA VAL D 5 -48.53 43.07 35.97
C VAL D 5 -48.59 42.11 34.79
N GLU D 6 -49.81 41.78 34.37
CA GLU D 6 -50.02 40.90 33.22
C GLU D 6 -50.47 41.73 32.03
N SER D 7 -50.74 41.03 30.92
CA SER D 7 -51.16 41.69 29.69
C SER D 7 -51.59 40.62 28.69
N GLY D 8 -52.41 41.04 27.73
CA GLY D 8 -52.70 40.19 26.59
C GLY D 8 -54.15 40.07 26.16
N GLY D 9 -54.38 40.19 24.86
CA GLY D 9 -55.67 39.87 24.26
C GLY D 9 -55.48 39.26 22.89
N GLY D 10 -56.04 38.07 22.68
CA GLY D 10 -55.85 37.36 21.43
C GLY D 10 -57.13 37.16 20.64
N LEU D 11 -57.16 37.67 19.41
CA LEU D 11 -58.34 37.56 18.54
C LEU D 11 -57.84 37.23 17.14
N ILE D 12 -57.72 35.92 16.85
CA ILE D 12 -57.17 35.46 15.60
C ILE D 12 -58.05 34.30 15.10
N GLN D 13 -57.97 34.04 13.79
CA GLN D 13 -58.54 32.85 13.18
C GLN D 13 -57.90 31.60 13.81
N PRO D 14 -58.43 30.41 13.57
CA PRO D 14 -57.79 29.20 14.11
C PRO D 14 -56.33 29.12 13.69
N GLY D 15 -55.47 28.79 14.65
CA GLY D 15 -54.04 28.85 14.45
C GLY D 15 -53.48 30.22 14.78
N GLY D 16 -53.89 30.77 15.93
CA GLY D 16 -53.54 32.12 16.29
C GLY D 16 -52.14 32.26 16.86
N SER D 17 -51.53 33.41 16.60
CA SER D 17 -50.18 33.73 17.05
C SER D 17 -50.16 35.08 17.75
N LEU D 18 -49.43 35.15 18.86
CA LEU D 18 -49.27 36.40 19.61
C LEU D 18 -48.18 36.19 20.66
N ARG D 19 -47.63 37.31 21.15
CA ARG D 19 -46.69 37.30 22.25
C ARG D 19 -47.26 38.11 23.41
N LEU D 20 -46.91 37.70 24.62
CA LEU D 20 -47.52 38.26 25.83
C LEU D 20 -46.45 38.90 26.72
N SER D 21 -46.87 39.32 27.91
CA SER D 21 -45.96 39.93 28.87
C SER D 21 -46.55 39.79 30.27
N CYS D 22 -45.68 39.53 31.23
CA CYS D 22 -46.08 39.38 32.64
C CYS D 22 -44.86 39.64 33.51
N ALA D 23 -44.84 40.76 34.23
CA ALA D 23 -43.69 41.15 35.02
C ALA D 23 -44.09 41.29 36.48
N ALA D 24 -43.35 40.62 37.36
CA ALA D 24 -43.56 40.79 38.79
C ALA D 24 -42.99 42.11 39.27
N SER D 25 -43.44 42.54 40.44
CA SER D 25 -43.02 43.82 41.00
C SER D 25 -42.71 43.64 42.49
N GLY D 26 -41.74 44.42 42.96
CA GLY D 26 -41.36 44.40 44.36
C GLY D 26 -40.23 43.46 44.71
N ILE D 27 -39.85 42.56 43.81
CA ILE D 27 -38.78 41.60 44.08
C ILE D 27 -38.25 41.10 42.75
N THR D 28 -36.96 40.77 42.73
CA THR D 28 -36.34 40.25 41.53
C THR D 28 -36.84 38.84 41.23
N VAL D 29 -37.18 38.59 39.96
CA VAL D 29 -37.68 37.28 39.57
C VAL D 29 -36.58 36.22 39.50
N SER D 30 -35.33 36.60 39.71
CA SER D 30 -34.26 35.60 39.71
C SER D 30 -34.46 34.58 40.82
N SER D 31 -34.86 35.03 42.01
CA SER D 31 -35.06 34.13 43.13
C SER D 31 -36.42 33.42 43.06
N ASN D 32 -37.46 34.12 42.61
CA ASN D 32 -38.83 33.62 42.67
C ASN D 32 -39.33 33.27 41.28
N TYR D 33 -40.11 32.20 41.19
CA TYR D 33 -40.55 31.66 39.92
C TYR D 33 -42.06 31.46 39.94
N MET D 34 -42.65 31.50 38.74
CA MET D 34 -44.08 31.72 38.60
C MET D 34 -44.54 31.37 37.19
N SER D 35 -45.63 30.62 37.07
CA SER D 35 -46.08 30.10 35.79
C SER D 35 -47.49 30.58 35.46
N TRP D 36 -47.75 30.69 34.16
CA TRP D 36 -49.05 31.15 33.67
C TRP D 36 -50.13 30.13 33.97
N VAL D 37 -51.38 30.58 33.98
CA VAL D 37 -52.50 29.70 34.29
C VAL D 37 -53.61 29.91 33.27
N ARG D 38 -54.41 28.88 33.06
CA ARG D 38 -55.62 28.95 32.25
C ARG D 38 -56.83 29.02 33.16
N GLN D 39 -57.68 30.01 32.94
CA GLN D 39 -58.86 30.27 33.76
C GLN D 39 -60.11 30.32 32.90
N ALA D 40 -60.28 29.31 32.06
CA ALA D 40 -61.33 29.31 31.05
C ALA D 40 -62.71 29.22 31.70
N PRO D 41 -63.58 30.21 31.52
CA PRO D 41 -64.98 30.05 31.95
C PRO D 41 -65.62 28.89 31.20
N GLY D 42 -66.42 28.12 31.91
CA GLY D 42 -67.05 26.95 31.31
C GLY D 42 -66.12 25.77 31.18
N LYS D 43 -65.04 25.94 30.41
CA LYS D 43 -64.09 24.84 30.21
C LYS D 43 -63.43 24.44 31.52
N GLY D 44 -62.99 25.41 32.32
CA GLY D 44 -62.45 25.11 33.63
C GLY D 44 -61.16 25.84 33.98
N LEU D 45 -60.15 25.10 34.43
CA LEU D 45 -58.92 25.68 34.95
C LEU D 45 -57.73 24.81 34.55
N GLU D 46 -56.74 25.43 33.92
CA GLU D 46 -55.50 24.75 33.60
C GLU D 46 -54.33 25.67 33.96
N TRP D 47 -53.12 25.14 33.86
CA TRP D 47 -51.96 25.81 34.44
C TRP D 47 -50.73 25.56 33.58
N VAL D 48 -49.59 26.06 34.07
CA VAL D 48 -48.29 25.91 33.42
C VAL D 48 -47.27 25.68 34.53
N SER D 49 -46.06 25.23 34.16
CA SER D 49 -44.96 25.09 35.09
C SER D 49 -43.73 25.80 34.51
N VAL D 50 -42.63 25.79 35.28
CA VAL D 50 -41.44 26.57 34.94
C VAL D 50 -40.21 25.68 35.03
N ILE D 51 -39.11 26.21 34.49
CA ILE D 51 -37.83 25.50 34.45
C ILE D 51 -36.97 26.00 35.60
N TYR D 52 -36.01 25.15 36.01
CA TYR D 52 -35.00 25.46 37.01
C TYR D 52 -35.62 25.56 38.40
N ALA D 53 -36.95 25.43 38.47
CA ALA D 53 -37.68 25.28 39.74
C ALA D 53 -38.90 24.43 39.39
N GLY D 54 -38.76 23.12 39.57
CA GLY D 54 -39.67 22.16 38.98
C GLY D 54 -39.23 21.65 37.63
N GLY D 55 -38.49 22.46 36.87
CA GLY D 55 -37.79 22.00 35.69
C GLY D 55 -38.59 21.94 34.41
N SER D 56 -37.89 22.06 33.29
CA SER D 56 -38.44 21.89 31.93
C SER D 56 -39.65 22.82 31.77
N THR D 57 -40.73 22.39 31.13
CA THR D 57 -41.90 23.23 30.92
C THR D 57 -43.13 22.38 30.74
N PHE D 58 -44.26 22.82 31.31
CA PHE D 58 -45.50 22.07 31.22
C PHE D 58 -46.39 22.65 30.12
N TYR D 59 -46.58 21.87 29.06
CA TYR D 59 -47.58 22.15 28.04
C TYR D 59 -48.40 20.89 27.84
N ALA D 60 -49.57 21.05 27.22
CA ALA D 60 -50.30 19.86 26.80
C ALA D 60 -49.58 19.21 25.61
N ASP D 61 -49.93 17.96 25.35
CA ASP D 61 -49.18 17.16 24.40
C ASP D 61 -49.17 17.79 23.01
N SER D 62 -50.34 18.13 22.47
CA SER D 62 -50.38 18.86 21.21
C SER D 62 -49.95 20.31 21.41
N VAL D 63 -50.25 20.88 22.57
CA VAL D 63 -49.83 22.23 22.91
C VAL D 63 -48.31 22.34 23.05
N LYS D 64 -47.62 21.22 23.24
CA LYS D 64 -46.19 21.23 23.55
C LYS D 64 -45.40 22.06 22.54
N GLY D 65 -45.60 21.80 21.25
CA GLY D 65 -44.96 22.60 20.23
C GLY D 65 -45.71 23.85 19.82
N ARG D 66 -46.92 24.04 20.34
CA ARG D 66 -47.78 25.13 19.94
C ARG D 66 -47.82 26.27 20.96
N PHE D 67 -46.97 26.18 21.99
CA PHE D 67 -46.84 27.21 23.02
C PHE D 67 -45.39 27.19 23.51
N THR D 68 -44.85 28.37 23.79
CA THR D 68 -43.43 28.48 24.10
C THR D 68 -43.24 29.50 25.23
N ILE D 69 -42.17 29.32 25.99
CA ILE D 69 -41.87 30.18 27.13
C ILE D 69 -40.41 30.61 27.06
N SER D 70 -40.13 31.74 27.70
CA SER D 70 -38.78 32.25 27.88
C SER D 70 -38.76 33.00 29.21
N ARG D 71 -37.69 33.75 29.46
CA ARG D 71 -37.62 34.54 30.68
C ARG D 71 -36.53 35.60 30.54
N ASP D 72 -36.78 36.77 31.14
CA ASP D 72 -35.84 37.89 31.15
C ASP D 72 -35.63 38.27 32.61
N ASN D 73 -34.62 37.66 33.24
CA ASN D 73 -34.41 37.84 34.68
C ASN D 73 -34.05 39.27 35.02
N SER D 74 -33.13 39.87 34.26
CA SER D 74 -32.69 41.23 34.56
C SER D 74 -33.84 42.22 34.42
N LYS D 75 -34.63 42.08 33.35
CA LYS D 75 -35.83 42.90 33.20
C LYS D 75 -36.90 42.51 34.21
N ASN D 76 -36.81 41.32 34.81
CA ASN D 76 -37.84 40.79 35.69
C ASN D 76 -39.18 40.71 34.97
N THR D 77 -39.13 40.36 33.69
CA THR D 77 -40.30 40.28 32.83
C THR D 77 -40.43 38.89 32.24
N LEU D 78 -41.66 38.37 32.24
CA LEU D 78 -41.97 37.05 31.72
C LEU D 78 -42.95 37.20 30.55
N TYR D 79 -42.66 36.54 29.44
CA TYR D 79 -43.46 36.64 28.24
C TYR D 79 -43.93 35.27 27.79
N LEU D 80 -45.10 35.25 27.14
CA LEU D 80 -45.68 34.03 26.60
C LEU D 80 -46.00 34.25 25.14
N GLN D 81 -45.58 33.30 24.29
CA GLN D 81 -45.76 33.38 22.85
C GLN D 81 -46.42 32.11 22.33
N MET D 82 -47.44 32.28 21.49
CA MET D 82 -48.02 31.17 20.76
C MET D 82 -47.97 31.46 19.27
N SER D 83 -48.05 30.39 18.49
CA SER D 83 -48.03 30.47 17.04
C SER D 83 -49.29 29.92 16.39
N SER D 84 -49.87 28.86 16.93
CA SER D 84 -51.07 28.26 16.36
C SER D 84 -52.00 27.83 17.50
N LEU D 85 -52.95 28.71 17.84
CA LEU D 85 -53.95 28.36 18.83
C LEU D 85 -54.95 27.36 18.28
N ARG D 86 -55.38 26.44 19.13
CA ARG D 86 -56.30 25.38 18.74
C ARG D 86 -57.71 25.96 18.59
N VAL D 87 -58.61 25.16 18.00
CA VAL D 87 -59.99 25.60 17.79
C VAL D 87 -60.65 25.97 19.11
N GLU D 88 -60.46 25.16 20.14
CA GLU D 88 -61.02 25.46 21.46
C GLU D 88 -60.07 26.29 22.32
N ASP D 89 -58.96 26.78 21.76
CA ASP D 89 -58.10 27.73 22.47
C ASP D 89 -58.80 29.09 22.46
N THR D 90 -59.79 29.22 23.34
CA THR D 90 -60.57 30.45 23.49
C THR D 90 -60.84 30.61 24.98
N ALA D 91 -59.97 31.34 25.67
CA ALA D 91 -60.07 31.41 27.12
C ALA D 91 -59.34 32.63 27.64
N VAL D 92 -59.66 32.99 28.88
CA VAL D 92 -58.91 34.01 29.61
C VAL D 92 -57.83 33.32 30.42
N TYR D 93 -56.70 34.02 30.58
CA TYR D 93 -55.52 33.44 31.21
C TYR D 93 -54.99 34.43 32.24
N TYR D 94 -54.62 33.92 33.40
CA TYR D 94 -53.95 34.71 34.43
C TYR D 94 -52.57 34.09 34.70
N CYS D 95 -51.90 34.58 35.74
CA CYS D 95 -50.66 33.99 36.22
C CYS D 95 -50.70 33.99 37.75
N ALA D 96 -50.04 33.01 38.35
CA ALA D 96 -50.27 32.68 39.76
C ALA D 96 -48.94 32.70 40.52
N ARG D 97 -48.85 33.61 41.49
CA ARG D 97 -47.61 33.79 42.24
C ARG D 97 -47.34 32.60 43.13
N ASP D 98 -46.09 32.16 43.17
CA ASP D 98 -45.69 30.94 43.87
C ASP D 98 -44.70 31.26 44.97
N LEU D 99 -44.97 30.73 46.16
CA LEU D 99 -44.06 30.85 47.30
C LEU D 99 -43.38 29.52 47.62
N ASP D 100 -44.14 28.44 47.74
CA ASP D 100 -43.57 27.11 47.82
C ASP D 100 -43.47 26.45 46.45
N TYR D 101 -43.96 27.12 45.41
CA TYR D 101 -43.72 26.84 44.00
C TYR D 101 -44.44 25.60 43.47
N TYR D 102 -45.35 25.03 44.25
CA TYR D 102 -46.40 24.15 43.72
C TYR D 102 -47.73 24.46 44.39
N GLY D 103 -48.02 25.75 44.51
CA GLY D 103 -49.29 26.24 45.04
C GLY D 103 -49.43 27.72 44.75
N MET D 104 -50.56 28.12 44.19
CA MET D 104 -50.71 29.49 43.70
C MET D 104 -51.08 30.44 44.83
N ASP D 105 -50.56 31.66 44.75
CA ASP D 105 -50.78 32.57 45.87
C ASP D 105 -51.37 33.93 45.48
N VAL D 106 -50.93 34.51 44.36
CA VAL D 106 -51.32 35.86 43.98
C VAL D 106 -51.42 35.93 42.46
N TRP D 107 -52.45 36.63 41.98
CA TRP D 107 -52.74 36.75 40.55
C TRP D 107 -52.49 38.17 40.04
N GLY D 108 -52.51 38.28 38.72
CA GLY D 108 -52.35 39.56 38.04
C GLY D 108 -53.65 40.06 37.43
N ARG D 109 -53.59 40.59 36.21
CA ARG D 109 -54.76 41.22 35.61
C ARG D 109 -55.47 40.34 34.59
N GLY D 110 -54.77 39.54 33.81
CA GLY D 110 -55.41 38.58 32.93
C GLY D 110 -54.90 38.66 31.50
N THR D 111 -55.37 37.68 30.71
CA THR D 111 -55.04 37.57 29.30
C THR D 111 -56.09 36.70 28.62
N THR D 112 -56.79 37.25 27.64
CA THR D 112 -57.90 36.54 27.01
C THR D 112 -57.52 36.10 25.61
N VAL D 113 -58.17 35.03 25.16
CA VAL D 113 -57.95 34.45 23.83
C VAL D 113 -59.31 34.31 23.16
N THR D 114 -59.38 34.71 21.88
CA THR D 114 -60.61 34.66 21.12
C THR D 114 -60.35 34.11 19.73
N VAL D 115 -61.05 33.04 19.38
CA VAL D 115 -61.04 32.49 18.02
C VAL D 115 -62.48 32.21 17.63
N SER D 116 -63.09 33.15 16.90
CA SER D 116 -64.51 33.07 16.56
C SER D 116 -64.71 33.29 15.07
N SER D 117 -65.70 32.58 14.51
CA SER D 117 -66.05 32.77 13.11
C SER D 117 -66.68 34.13 12.86
N ALA D 118 -67.28 34.74 13.86
CA ALA D 118 -67.89 36.06 13.69
C ALA D 118 -66.81 37.13 13.46
N SER D 119 -67.20 38.19 12.79
CA SER D 119 -66.31 39.31 12.50
C SER D 119 -66.70 40.52 13.33
N THR D 120 -65.83 41.53 13.31
CA THR D 120 -65.98 42.70 14.16
C THR D 120 -67.34 43.38 13.94
N LYS D 121 -68.00 43.72 15.04
CA LYS D 121 -69.32 44.35 14.99
C LYS D 121 -69.45 45.29 16.19
N GLY D 122 -70.33 46.28 16.03
CA GLY D 122 -70.57 47.25 17.07
C GLY D 122 -72.05 47.54 17.30
N PRO D 123 -72.43 47.69 18.56
CA PRO D 123 -73.83 47.99 18.90
C PRO D 123 -74.09 49.49 18.83
N SER D 124 -75.30 49.87 19.26
CA SER D 124 -75.77 51.24 19.24
C SER D 124 -75.90 51.78 20.67
N VAL D 125 -76.42 53.01 20.79
CA VAL D 125 -76.63 53.67 22.06
C VAL D 125 -78.13 53.85 22.27
N PHE D 126 -78.66 53.27 23.35
CA PHE D 126 -80.06 53.39 23.71
C PHE D 126 -80.19 53.61 25.20
N PRO D 127 -79.89 54.82 25.68
CA PRO D 127 -79.99 55.09 27.11
C PRO D 127 -81.44 55.16 27.56
N LEU D 128 -81.65 54.95 28.86
CA LEU D 128 -82.97 54.98 29.46
C LEU D 128 -82.94 55.83 30.73
N ALA D 129 -84.09 56.39 31.06
CA ALA D 129 -84.28 57.21 32.26
C ALA D 129 -85.68 57.00 32.79
N PRO D 130 -85.89 57.19 34.09
CA PRO D 130 -87.26 57.06 34.65
C PRO D 130 -88.15 58.23 34.22
N SER D 131 -89.38 58.25 34.73
CA SER D 131 -90.35 59.24 34.29
C SER D 131 -90.06 60.60 34.93
N SER D 132 -91.01 61.53 34.81
CA SER D 132 -90.78 62.93 35.18
C SER D 132 -90.73 63.16 36.69
N LYS D 133 -90.79 62.10 37.50
CA LYS D 133 -90.70 62.29 38.94
C LYS D 133 -89.31 62.71 39.40
N SER D 134 -88.31 62.67 38.51
CA SER D 134 -86.96 63.07 38.89
C SER D 134 -86.85 64.56 39.17
N THR D 135 -87.86 65.36 38.79
CA THR D 135 -87.81 66.79 39.05
C THR D 135 -87.80 67.08 40.55
N SER D 136 -88.45 66.23 41.35
CA SER D 136 -88.43 66.34 42.80
C SER D 136 -87.61 65.26 43.48
N GLY D 137 -87.60 64.05 42.94
CA GLY D 137 -86.78 62.99 43.50
C GLY D 137 -85.30 63.28 43.34
N GLY D 138 -84.56 63.20 44.44
CA GLY D 138 -83.14 63.51 44.38
C GLY D 138 -82.34 62.52 43.56
N THR D 139 -82.61 61.23 43.74
CA THR D 139 -81.84 60.19 43.06
C THR D 139 -82.77 59.13 42.49
N ALA D 140 -82.37 58.57 41.35
CA ALA D 140 -83.12 57.50 40.70
C ALA D 140 -82.18 56.77 39.75
N ALA D 141 -82.59 55.56 39.37
CA ALA D 141 -81.79 54.72 38.50
C ALA D 141 -82.11 55.00 37.03
N LEU D 142 -81.08 54.90 36.19
CA LEU D 142 -81.15 55.09 34.76
C LEU D 142 -80.99 53.74 34.06
N GLY D 143 -80.92 53.76 32.73
CA GLY D 143 -80.79 52.53 31.98
C GLY D 143 -80.12 52.73 30.64
N CYS D 144 -79.65 51.63 30.07
CA CYS D 144 -79.06 51.61 28.74
C CYS D 144 -79.30 50.25 28.11
N LEU D 145 -79.20 50.19 26.78
CA LEU D 145 -79.46 48.98 26.02
C LEU D 145 -78.30 48.72 25.06
N VAL D 146 -77.61 47.59 25.24
CA VAL D 146 -76.56 47.14 24.33
C VAL D 146 -76.71 45.64 24.13
N LYS D 147 -76.68 45.19 22.88
CA LYS D 147 -76.86 43.77 22.61
C LYS D 147 -76.34 43.44 21.21
N ASP D 148 -76.14 42.14 20.97
CA ASP D 148 -75.86 41.57 19.66
C ASP D 148 -74.63 42.21 19.03
N TYR D 149 -73.49 41.94 19.66
CA TYR D 149 -72.23 42.55 19.23
C TYR D 149 -71.09 41.53 19.31
N PHE D 150 -69.88 42.03 19.06
CA PHE D 150 -68.71 41.20 18.86
C PHE D 150 -67.77 41.34 20.06
N PRO D 151 -67.30 40.20 20.65
CA PRO D 151 -66.73 40.19 22.02
C PRO D 151 -67.19 41.19 23.06
N GLU D 152 -67.34 40.64 24.27
CA GLU D 152 -67.92 41.22 25.49
C GLU D 152 -67.63 42.70 25.72
N PRO D 153 -66.35 43.15 25.69
CA PRO D 153 -66.03 44.49 26.21
C PRO D 153 -66.94 45.61 25.72
N VAL D 154 -67.72 46.15 26.65
CA VAL D 154 -68.54 47.33 26.44
C VAL D 154 -68.38 48.23 27.64
N THR D 155 -68.12 49.52 27.40
CA THR D 155 -67.91 50.48 28.47
C THR D 155 -68.98 51.56 28.40
N VAL D 156 -69.63 51.83 29.52
CA VAL D 156 -70.68 52.83 29.62
C VAL D 156 -70.21 53.92 30.56
N SER D 157 -70.30 55.17 30.11
CA SER D 157 -69.86 56.32 30.88
C SER D 157 -70.99 57.32 31.03
N TRP D 158 -71.08 57.92 32.22
CA TRP D 158 -72.02 58.98 32.51
C TRP D 158 -71.27 60.13 33.17
N ASN D 159 -71.73 61.35 32.89
CA ASN D 159 -71.08 62.57 33.37
C ASN D 159 -71.76 63.14 34.60
N SER D 160 -72.28 62.26 35.47
CA SER D 160 -72.94 62.70 36.69
C SER D 160 -72.78 61.62 37.74
N GLY D 161 -73.01 61.99 39.00
CA GLY D 161 -72.92 61.04 40.09
C GLY D 161 -71.50 60.70 40.48
N ALA D 162 -71.25 59.41 40.71
CA ALA D 162 -69.94 58.95 41.13
C ALA D 162 -69.00 58.89 39.92
N LEU D 163 -67.82 58.32 40.12
CA LEU D 163 -66.83 58.24 39.05
C LEU D 163 -67.28 57.23 37.99
N THR D 164 -66.45 57.09 36.95
CA THR D 164 -66.77 56.18 35.86
C THR D 164 -66.80 54.72 36.30
N SER D 165 -66.14 54.39 37.41
CA SER D 165 -66.14 53.01 37.91
C SER D 165 -67.46 52.61 38.55
N GLY D 166 -68.37 53.56 38.78
CA GLY D 166 -69.63 53.23 39.43
C GLY D 166 -70.70 52.67 38.51
N VAL D 167 -70.49 52.75 37.20
CA VAL D 167 -71.47 52.24 36.25
C VAL D 167 -71.52 50.72 36.34
N HIS D 168 -72.73 50.17 36.48
CA HIS D 168 -72.90 48.73 36.59
C HIS D 168 -72.73 48.08 35.22
N THR D 169 -71.48 47.81 34.84
CA THR D 169 -71.17 47.25 33.53
C THR D 169 -70.06 46.22 33.67
N PHE D 170 -70.26 45.07 33.03
CA PHE D 170 -69.29 43.98 33.05
C PHE D 170 -69.23 43.36 31.66
N PRO D 171 -68.17 42.63 31.34
CA PRO D 171 -68.14 41.87 30.09
C PRO D 171 -69.28 40.86 30.05
N ALA D 172 -69.83 40.66 28.84
CA ALA D 172 -70.99 39.81 28.64
C ALA D 172 -70.58 38.34 28.61
N VAL D 173 -71.49 37.49 28.16
CA VAL D 173 -71.29 36.05 28.10
C VAL D 173 -71.60 35.56 26.69
N LEU D 174 -70.75 34.69 26.16
CA LEU D 174 -70.91 34.15 24.82
C LEU D 174 -71.77 32.89 24.83
N GLN D 175 -72.55 32.73 23.76
CA GLN D 175 -73.25 31.49 23.47
C GLN D 175 -72.89 31.01 22.07
N SER D 176 -73.59 29.99 21.57
CA SER D 176 -73.23 29.40 20.28
C SER D 176 -73.43 30.37 19.13
N SER D 177 -74.30 31.37 19.30
CA SER D 177 -74.59 32.30 18.21
C SER D 177 -73.36 33.09 17.79
N GLY D 178 -72.56 33.54 18.76
CA GLY D 178 -71.42 34.38 18.50
C GLY D 178 -71.62 35.83 18.90
N LEU D 179 -72.85 36.24 19.17
CA LEU D 179 -73.13 37.61 19.57
C LEU D 179 -73.04 37.76 21.08
N TYR D 180 -73.23 38.98 21.56
CA TYR D 180 -73.11 39.30 22.98
C TYR D 180 -74.16 40.34 23.35
N SER D 181 -74.52 40.36 24.64
CA SER D 181 -75.53 41.29 25.12
C SER D 181 -75.32 41.57 26.60
N LEU D 182 -75.62 42.81 27.01
CA LEU D 182 -75.54 43.20 28.40
C LEU D 182 -76.52 44.36 28.63
N SER D 183 -76.40 45.02 29.76
CA SER D 183 -77.22 46.18 30.07
C SER D 183 -76.46 47.09 31.02
N SER D 184 -76.88 48.35 31.09
CA SER D 184 -76.28 49.34 31.96
C SER D 184 -77.36 50.07 32.74
N VAL D 185 -77.21 50.10 34.06
CA VAL D 185 -78.12 50.80 34.95
C VAL D 185 -77.28 51.62 35.93
N VAL D 186 -77.54 52.92 35.99
CA VAL D 186 -76.77 53.83 36.83
C VAL D 186 -77.74 54.72 37.60
N THR D 187 -77.35 55.02 38.84
CA THR D 187 -78.14 55.88 39.73
C THR D 187 -77.29 57.10 40.09
N VAL D 188 -77.68 58.27 39.60
CA VAL D 188 -76.95 59.51 39.85
C VAL D 188 -77.94 60.55 40.33
N PRO D 189 -77.46 61.55 41.09
CA PRO D 189 -78.35 62.63 41.53
C PRO D 189 -78.95 63.37 40.34
N SER D 190 -80.22 63.75 40.48
CA SER D 190 -80.95 64.41 39.41
C SER D 190 -80.83 65.93 39.45
N SER D 191 -80.16 66.49 40.47
CA SER D 191 -80.01 67.94 40.57
C SER D 191 -78.97 68.49 39.60
N SER D 192 -78.21 67.63 38.92
CA SER D 192 -77.19 68.08 37.98
C SER D 192 -77.75 68.37 36.60
N LEU D 193 -79.05 68.18 36.37
CA LEU D 193 -79.63 68.46 35.07
C LEU D 193 -79.53 69.94 34.72
N GLY D 194 -79.76 70.81 35.70
CA GLY D 194 -79.69 72.25 35.49
C GLY D 194 -78.30 72.85 35.54
N THR D 195 -77.28 72.03 35.78
CA THR D 195 -75.91 72.52 35.87
C THR D 195 -74.94 71.84 34.90
N GLN D 196 -75.14 70.57 34.59
CA GLN D 196 -74.25 69.83 33.71
C GLN D 196 -75.07 69.14 32.62
N THR D 197 -74.64 69.32 31.37
CA THR D 197 -75.32 68.66 30.26
C THR D 197 -74.96 67.17 30.24
N TYR D 198 -75.98 66.32 30.12
CA TYR D 198 -75.79 64.89 30.21
C TYR D 198 -75.32 64.32 28.87
N ILE D 199 -74.35 63.39 28.95
CA ILE D 199 -73.81 62.73 27.77
C ILE D 199 -73.77 61.23 28.04
N CYS D 200 -74.31 60.44 27.12
CA CYS D 200 -74.29 58.99 27.22
C CYS D 200 -73.88 58.40 25.88
N ASN D 201 -73.19 57.25 25.95
CA ASN D 201 -72.66 56.60 24.76
C ASN D 201 -72.24 55.19 25.15
N VAL D 202 -71.90 54.39 24.14
CA VAL D 202 -71.32 53.07 24.32
C VAL D 202 -69.86 53.13 23.90
N ASN D 203 -68.96 52.75 24.80
CA ASN D 203 -67.53 52.67 24.48
C ASN D 203 -67.16 51.21 24.17
N HIS D 204 -67.78 50.69 23.11
CA HIS D 204 -67.52 49.33 22.68
C HIS D 204 -66.09 49.19 22.17
N LYS D 205 -65.41 48.14 22.63
CA LYS D 205 -63.97 48.02 22.35
C LYS D 205 -63.71 47.65 20.90
N PRO D 206 -64.17 46.50 20.37
CA PRO D 206 -64.00 46.30 18.91
C PRO D 206 -65.19 46.85 18.12
N SER D 207 -65.27 48.18 18.04
CA SER D 207 -66.35 48.87 17.36
C SER D 207 -65.89 49.65 16.14
N ASN D 208 -64.71 50.27 16.20
CA ASN D 208 -64.18 51.08 15.10
C ASN D 208 -65.14 52.21 14.73
N THR D 209 -65.80 52.78 15.74
CA THR D 209 -66.70 53.91 15.55
C THR D 209 -66.59 54.83 16.76
N LYS D 210 -66.57 56.14 16.52
CA LYS D 210 -66.41 57.14 17.58
C LYS D 210 -67.36 58.29 17.29
N VAL D 211 -68.55 58.23 17.88
CA VAL D 211 -69.55 59.28 17.77
C VAL D 211 -70.04 59.62 19.16
N ASP D 212 -70.04 60.92 19.50
CA ASP D 212 -70.44 61.40 20.81
C ASP D 212 -71.63 62.34 20.65
N LYS D 213 -72.65 62.16 21.48
CA LYS D 213 -73.85 62.98 21.44
C LYS D 213 -74.30 63.29 22.86
N ARG D 214 -75.12 64.34 22.99
CA ARG D 214 -75.62 64.77 24.28
C ARG D 214 -76.99 64.15 24.57
N VAL D 215 -77.44 64.31 25.81
CA VAL D 215 -78.70 63.75 26.29
C VAL D 215 -79.57 64.88 26.83
N GLU D 216 -80.85 64.83 26.49
CA GLU D 216 -81.84 65.81 26.93
C GLU D 216 -83.00 65.08 27.58
N PRO D 217 -83.73 65.76 28.47
CA PRO D 217 -84.87 65.10 29.15
C PRO D 217 -85.94 64.67 28.18
N LYS D 218 -86.93 63.95 28.72
CA LYS D 218 -88.00 63.40 27.89
C LYS D 218 -88.80 64.50 27.19
N SER D 219 -89.13 65.55 27.93
CA SER D 219 -89.87 66.70 27.40
C SER D 219 -91.18 66.25 26.75
N CYS D 220 -91.99 65.54 27.54
CA CYS D 220 -93.28 65.04 27.04
C CYS D 220 -94.26 66.16 26.75
N ASP D 221 -94.04 67.36 27.29
CA ASP D 221 -94.93 68.48 27.02
C ASP D 221 -94.86 68.92 25.57
N LYS D 222 -93.72 68.75 24.92
CA LYS D 222 -93.55 69.13 23.53
C LYS D 222 -94.33 68.21 22.60
N ALA E 1 -49.72 28.98 -30.96
CA ALA E 1 -51.00 29.03 -30.25
C ALA E 1 -52.14 29.30 -31.21
N ILE E 2 -53.33 28.84 -30.85
CA ILE E 2 -54.51 28.96 -31.69
C ILE E 2 -55.35 30.13 -31.20
N GLN E 3 -55.77 30.98 -32.13
CA GLN E 3 -56.60 32.14 -31.83
C GLN E 3 -57.96 31.95 -32.46
N LEU E 4 -59.00 32.38 -31.74
CA LEU E 4 -60.37 32.11 -32.12
C LEU E 4 -61.19 33.40 -32.14
N THR E 5 -62.18 33.43 -33.01
CA THR E 5 -63.14 34.52 -33.08
C THR E 5 -64.51 33.95 -33.36
N GLN E 6 -65.51 34.41 -32.63
CA GLN E 6 -66.88 33.94 -32.77
C GLN E 6 -67.71 34.96 -33.55
N SER E 7 -68.40 34.48 -34.58
CA SER E 7 -69.24 35.35 -35.39
C SER E 7 -70.69 34.90 -35.26
N PRO E 8 -71.62 35.85 -35.09
CA PRO E 8 -71.40 37.30 -34.93
C PRO E 8 -71.25 37.71 -33.47
N SER E 9 -71.31 39.01 -33.17
CA SER E 9 -71.25 39.52 -31.80
C SER E 9 -72.62 39.89 -31.26
N SER E 10 -73.68 39.60 -31.99
CA SER E 10 -75.08 39.76 -31.58
C SER E 10 -75.92 39.19 -32.71
N LEU E 11 -77.15 38.81 -32.38
CA LEU E 11 -78.00 38.18 -33.38
C LEU E 11 -79.46 38.44 -33.03
N SER E 12 -80.31 38.40 -34.06
CA SER E 12 -81.72 38.70 -33.95
C SER E 12 -82.52 37.60 -34.62
N ALA E 13 -83.32 36.86 -33.84
CA ALA E 13 -84.06 35.73 -34.35
C ALA E 13 -85.42 35.63 -33.69
N SER E 14 -86.34 34.92 -34.35
CA SER E 14 -87.69 34.71 -33.84
C SER E 14 -87.85 33.29 -33.31
N VAL E 15 -89.05 32.98 -32.82
CA VAL E 15 -89.33 31.64 -32.33
C VAL E 15 -89.27 30.65 -33.49
N GLY E 16 -88.42 29.63 -33.35
CA GLY E 16 -88.21 28.67 -34.40
C GLY E 16 -87.27 29.13 -35.50
N ASP E 17 -86.68 30.30 -35.38
CA ASP E 17 -85.82 30.84 -36.43
C ASP E 17 -84.48 30.11 -36.42
N ARG E 18 -83.95 29.85 -37.60
CA ARG E 18 -82.66 29.18 -37.76
C ARG E 18 -81.55 30.09 -37.25
N VAL E 19 -80.90 29.70 -36.16
CA VAL E 19 -79.79 30.45 -35.57
C VAL E 19 -78.51 29.66 -35.82
N THR E 20 -77.56 30.27 -36.52
CA THR E 20 -76.29 29.63 -36.84
C THR E 20 -75.17 30.52 -36.33
N ILE E 21 -74.36 29.98 -35.43
CA ILE E 21 -73.23 30.68 -34.84
C ILE E 21 -71.96 29.98 -35.27
N THR E 22 -70.94 30.77 -35.64
CA THR E 22 -69.73 30.23 -36.22
C THR E 22 -68.50 30.80 -35.52
N CYS E 23 -67.52 29.93 -35.30
CA CYS E 23 -66.20 30.31 -34.79
C CYS E 23 -65.14 29.91 -35.80
N ARG E 24 -64.06 30.68 -35.85
CA ARG E 24 -62.98 30.44 -36.79
C ARG E 24 -61.66 30.29 -36.04
N ALA E 25 -60.82 29.38 -36.53
CA ALA E 25 -59.51 29.11 -35.94
C ALA E 25 -58.41 29.59 -36.88
N SER E 26 -57.25 29.90 -36.30
CA SER E 26 -56.08 30.27 -37.08
C SER E 26 -55.17 29.10 -37.40
N GLN E 27 -55.35 27.97 -36.72
CA GLN E 27 -54.54 26.78 -36.92
C GLN E 27 -55.47 25.59 -37.08
N GLY E 28 -54.94 24.50 -37.65
CA GLY E 28 -55.78 23.40 -38.06
C GLY E 28 -56.01 22.32 -37.02
N ILE E 29 -57.14 22.40 -36.32
CA ILE E 29 -57.56 21.38 -35.37
C ILE E 29 -58.50 20.43 -36.09
N SER E 30 -58.51 19.16 -35.68
CA SER E 30 -59.40 18.18 -36.29
C SER E 30 -60.73 18.09 -35.56
N THR E 31 -60.72 17.61 -34.31
CA THR E 31 -61.97 17.36 -33.58
C THR E 31 -61.88 17.77 -32.12
N TYR E 32 -61.11 18.80 -31.79
CA TYR E 32 -60.78 19.04 -30.40
C TYR E 32 -61.28 20.39 -29.89
N LEU E 33 -62.55 20.72 -30.17
CA LEU E 33 -63.16 21.94 -29.68
C LEU E 33 -64.51 21.61 -29.06
N ALA E 34 -64.97 22.48 -28.16
CA ALA E 34 -66.23 22.27 -27.46
C ALA E 34 -67.11 23.51 -27.55
N TRP E 35 -68.35 23.31 -28.02
CA TRP E 35 -69.41 24.30 -27.97
C TRP E 35 -70.15 24.16 -26.63
N TYR E 36 -70.39 25.28 -25.96
CA TYR E 36 -70.99 25.28 -24.63
C TYR E 36 -72.08 26.33 -24.53
N GLN E 37 -73.08 26.01 -23.70
CA GLN E 37 -74.22 26.88 -23.43
C GLN E 37 -74.12 27.38 -22.00
N GLN E 38 -74.16 28.70 -21.81
CA GLN E 38 -74.01 29.32 -20.49
C GLN E 38 -74.94 30.52 -20.40
N LYS E 39 -76.09 30.34 -19.75
CA LYS E 39 -76.99 31.45 -19.49
C LYS E 39 -76.39 32.37 -18.43
N PRO E 40 -76.75 33.66 -18.44
CA PRO E 40 -76.23 34.56 -17.41
C PRO E 40 -76.70 34.14 -16.03
N GLY E 41 -75.79 34.21 -15.06
CA GLY E 41 -76.06 33.74 -13.72
C GLY E 41 -76.28 32.25 -13.66
N LYS E 42 -75.90 31.56 -14.73
CA LYS E 42 -76.09 30.12 -14.84
C LYS E 42 -74.80 29.49 -15.36
N ALA E 43 -74.61 28.22 -15.02
CA ALA E 43 -73.37 27.51 -15.35
C ALA E 43 -73.34 27.10 -16.82
N PRO E 44 -72.14 26.93 -17.37
CA PRO E 44 -72.03 26.37 -18.72
C PRO E 44 -72.54 24.93 -18.78
N LYS E 45 -72.79 24.45 -19.99
CA LYS E 45 -73.36 23.13 -20.19
C LYS E 45 -72.79 22.50 -21.46
N LEU E 46 -72.54 21.19 -21.39
CA LEU E 46 -72.08 20.43 -22.53
C LEU E 46 -73.12 20.45 -23.66
N LEU E 47 -72.64 20.65 -24.88
CA LEU E 47 -73.50 20.65 -26.06
C LEU E 47 -73.16 19.57 -27.07
N ILE E 48 -71.88 19.39 -27.39
CA ILE E 48 -71.49 18.53 -28.51
C ILE E 48 -70.23 17.75 -28.16
N TYR E 49 -70.05 16.64 -28.86
CA TYR E 49 -68.82 15.85 -28.87
C TYR E 49 -68.22 15.89 -30.25
N GLY E 50 -66.92 16.18 -30.33
CA GLY E 50 -66.30 16.36 -31.62
C GLY E 50 -66.89 17.58 -32.30
N ALA E 51 -67.71 17.35 -33.32
CA ALA E 51 -68.42 18.41 -34.02
C ALA E 51 -69.90 18.14 -34.20
N SER E 52 -70.31 16.88 -34.38
CA SER E 52 -71.70 16.56 -34.67
C SER E 52 -72.19 15.33 -33.93
N THR E 53 -71.66 15.08 -32.73
CA THR E 53 -72.08 13.95 -31.92
C THR E 53 -72.96 14.45 -30.77
N LEU E 54 -74.20 13.97 -30.73
CA LEU E 54 -75.15 14.44 -29.74
C LEU E 54 -74.81 13.92 -28.34
N GLN E 55 -75.13 14.74 -27.33
CA GLN E 55 -74.92 14.39 -25.95
C GLN E 55 -76.21 13.86 -25.33
N SER E 56 -76.17 13.64 -24.01
CA SER E 56 -77.29 13.04 -23.30
C SER E 56 -78.32 14.09 -22.92
N GLY E 57 -79.60 13.77 -23.15
CA GLY E 57 -80.69 14.61 -22.70
C GLY E 57 -80.87 15.92 -23.43
N VAL E 58 -80.24 16.09 -24.58
CA VAL E 58 -80.30 17.32 -25.34
C VAL E 58 -81.35 17.15 -26.44
N PRO E 59 -82.28 18.08 -26.61
CA PRO E 59 -83.22 17.99 -27.72
C PRO E 59 -82.51 18.04 -29.07
N SER E 60 -83.04 17.31 -30.04
CA SER E 60 -82.42 17.21 -31.35
C SER E 60 -82.40 18.55 -32.08
N ARG E 61 -83.18 19.53 -31.62
CA ARG E 61 -83.18 20.85 -32.25
C ARG E 61 -81.78 21.47 -32.23
N PHE E 62 -80.99 21.18 -31.20
CA PHE E 62 -79.61 21.65 -31.18
C PHE E 62 -78.78 20.92 -32.23
N SER E 63 -77.92 21.67 -32.91
CA SER E 63 -77.12 21.11 -34.00
C SER E 63 -75.79 21.84 -34.06
N GLY E 64 -74.82 21.23 -34.74
CA GLY E 64 -73.52 21.84 -34.90
C GLY E 64 -72.69 21.13 -35.93
N SER E 65 -71.68 21.82 -36.43
CA SER E 65 -70.78 21.29 -37.43
C SER E 65 -69.47 22.08 -37.36
N GLY E 66 -68.63 21.90 -38.35
CA GLY E 66 -67.38 22.63 -38.41
C GLY E 66 -66.18 21.72 -38.26
N SER E 67 -65.17 21.96 -39.09
CA SER E 67 -63.92 21.20 -39.06
C SER E 67 -62.84 22.11 -39.63
N GLY E 68 -61.62 21.59 -39.68
CA GLY E 68 -60.52 22.42 -40.09
C GLY E 68 -60.34 23.58 -39.14
N THR E 69 -60.71 24.78 -39.58
CA THR E 69 -60.66 25.96 -38.74
C THR E 69 -62.01 26.64 -38.53
N ASP E 70 -62.90 26.60 -39.52
CA ASP E 70 -64.20 27.24 -39.41
C ASP E 70 -65.17 26.30 -38.69
N PHE E 71 -65.76 26.80 -37.61
CA PHE E 71 -66.42 25.96 -36.62
C PHE E 71 -67.81 26.55 -36.36
N THR E 72 -68.86 25.77 -36.60
CA THR E 72 -70.21 26.29 -36.62
C THR E 72 -71.07 25.65 -35.54
N LEU E 73 -72.22 26.29 -35.28
CA LEU E 73 -73.28 25.75 -34.44
C LEU E 73 -74.62 26.09 -35.09
N THR E 74 -75.64 25.29 -34.78
CA THR E 74 -76.92 25.43 -35.46
C THR E 74 -78.06 25.09 -34.51
N ILE E 75 -79.16 25.82 -34.62
CA ILE E 75 -80.40 25.50 -33.91
C ILE E 75 -81.47 25.28 -34.98
N SER E 76 -81.93 24.02 -35.10
CA SER E 76 -82.90 23.69 -36.13
C SER E 76 -84.22 24.43 -35.93
N SER E 77 -84.68 24.50 -34.68
CA SER E 77 -85.89 25.24 -34.33
C SER E 77 -85.60 26.03 -33.05
N LEU E 78 -85.55 27.35 -33.17
CA LEU E 78 -85.28 28.18 -32.00
C LEU E 78 -86.39 28.03 -30.97
N GLN E 79 -86.01 28.07 -29.71
CA GLN E 79 -86.90 27.87 -28.58
C GLN E 79 -86.76 29.04 -27.61
N PRO E 80 -87.85 29.44 -26.93
CA PRO E 80 -87.77 30.67 -26.12
C PRO E 80 -86.68 30.66 -25.06
N GLU E 81 -86.39 29.52 -24.43
CA GLU E 81 -85.34 29.48 -23.42
C GLU E 81 -83.94 29.62 -24.01
N ASP E 82 -83.79 29.55 -25.34
CA ASP E 82 -82.46 29.61 -25.96
C ASP E 82 -81.80 30.98 -25.83
N PHE E 83 -82.42 31.96 -25.17
CA PHE E 83 -81.79 33.24 -24.92
C PHE E 83 -80.59 33.05 -23.99
N ALA E 84 -79.39 33.08 -24.56
CA ALA E 84 -78.16 32.85 -23.82
C ALA E 84 -76.99 33.30 -24.70
N ALA E 85 -75.78 32.99 -24.25
CA ALA E 85 -74.56 33.31 -24.99
C ALA E 85 -73.76 32.04 -25.22
N TYR E 86 -73.07 32.00 -26.36
CA TYR E 86 -72.38 30.80 -26.81
C TYR E 86 -70.89 31.09 -26.98
N TYR E 87 -70.05 30.16 -26.52
CA TYR E 87 -68.61 30.29 -26.69
C TYR E 87 -67.99 28.93 -26.94
N CYS E 88 -66.65 28.91 -27.01
CA CYS E 88 -65.90 27.73 -27.41
C CYS E 88 -64.85 27.37 -26.36
N GLN E 89 -64.38 26.14 -26.43
CA GLN E 89 -63.28 25.67 -25.60
C GLN E 89 -62.59 24.53 -26.30
N GLN E 90 -61.26 24.60 -26.36
CA GLN E 90 -60.46 23.59 -27.05
C GLN E 90 -60.26 22.40 -26.12
N VAL E 91 -59.38 21.49 -26.51
CA VAL E 91 -59.09 20.29 -25.74
C VAL E 91 -57.61 20.26 -25.42
N ASN E 92 -57.28 20.05 -24.14
CA ASN E 92 -55.90 19.88 -23.69
C ASN E 92 -55.05 21.08 -24.06
N SER E 93 -53.77 20.84 -24.35
CA SER E 93 -52.80 21.87 -24.78
C SER E 93 -52.77 22.97 -23.71
N TYR E 94 -52.79 24.25 -24.09
CA TYR E 94 -52.69 25.37 -23.16
C TYR E 94 -54.00 25.58 -22.41
N PRO E 95 -53.94 26.17 -21.23
CA PRO E 95 -55.16 26.47 -20.47
C PRO E 95 -56.02 27.54 -21.13
N PRO E 96 -55.47 28.71 -21.60
CA PRO E 96 -56.35 29.86 -21.87
C PRO E 96 -57.52 29.58 -22.81
N ILE E 97 -57.21 29.15 -24.03
CA ILE E 97 -58.22 28.95 -25.09
C ILE E 97 -59.03 30.23 -25.26
N THR E 98 -58.43 31.23 -25.90
CA THR E 98 -59.10 32.51 -26.09
C THR E 98 -60.15 32.39 -27.19
N PHE E 99 -61.22 33.19 -27.05
CA PHE E 99 -62.30 33.23 -28.02
C PHE E 99 -62.58 34.65 -28.51
N GLY E 100 -63.68 34.83 -29.21
CA GLY E 100 -63.98 36.09 -29.85
C GLY E 100 -64.87 37.01 -29.04
N PRO E 101 -65.68 37.81 -29.72
CA PRO E 101 -66.48 38.83 -29.04
C PRO E 101 -67.69 38.25 -28.33
N GLY E 102 -68.20 39.03 -27.38
CA GLY E 102 -69.44 38.67 -26.71
C GLY E 102 -70.63 38.83 -27.64
N THR E 103 -71.66 38.03 -27.38
CA THR E 103 -72.80 37.93 -28.28
C THR E 103 -74.10 37.95 -27.50
N LYS E 104 -75.11 38.59 -28.08
CA LYS E 104 -76.47 38.59 -27.54
C LYS E 104 -77.41 38.17 -28.66
N VAL E 105 -78.05 37.02 -28.50
CA VAL E 105 -79.05 36.52 -29.45
C VAL E 105 -80.43 36.87 -28.91
N ASP E 106 -81.19 37.63 -29.68
CA ASP E 106 -82.46 38.18 -29.24
C ASP E 106 -83.62 37.40 -29.83
N ILE E 107 -84.61 37.07 -29.01
CA ILE E 107 -85.77 36.31 -29.45
C ILE E 107 -86.87 37.29 -29.85
N LYS E 108 -87.59 36.97 -30.92
CA LYS E 108 -88.70 37.78 -31.42
C LYS E 108 -90.03 37.07 -31.21
N ARG E 109 -90.85 37.62 -30.30
CA ARG E 109 -92.23 37.19 -30.13
C ARG E 109 -93.21 38.30 -30.46
N THR E 110 -93.13 39.43 -29.76
CA THR E 110 -94.05 40.56 -29.95
C THR E 110 -93.28 41.85 -29.66
N VAL E 111 -94.02 42.95 -29.54
CA VAL E 111 -93.53 44.20 -28.98
C VAL E 111 -94.61 44.73 -28.05
N ALA E 112 -94.26 45.00 -26.80
CA ALA E 112 -95.22 45.40 -25.79
C ALA E 112 -94.80 46.72 -25.16
N ALA E 113 -95.80 47.51 -24.76
CA ALA E 113 -95.52 48.79 -24.13
C ALA E 113 -94.93 48.57 -22.74
N PRO E 114 -93.95 49.40 -22.34
CA PRO E 114 -93.40 49.26 -20.99
C PRO E 114 -94.41 49.66 -19.93
N SER E 115 -94.27 49.02 -18.76
CA SER E 115 -95.14 49.28 -17.62
C SER E 115 -94.37 50.10 -16.58
N VAL E 116 -94.98 51.17 -16.10
CA VAL E 116 -94.34 52.13 -15.21
C VAL E 116 -94.84 51.90 -13.79
N PHE E 117 -93.90 51.73 -12.85
CA PHE E 117 -94.21 51.61 -11.43
C PHE E 117 -93.31 52.56 -10.66
N ILE E 118 -93.83 53.08 -9.55
CA ILE E 118 -93.10 54.03 -8.73
C ILE E 118 -93.28 53.67 -7.26
N PHE E 119 -92.19 53.76 -6.50
CA PHE E 119 -92.18 53.53 -5.07
C PHE E 119 -91.76 54.79 -4.32
N PRO E 120 -92.29 55.02 -3.13
CA PRO E 120 -91.86 56.17 -2.34
C PRO E 120 -90.63 55.82 -1.51
N PRO E 121 -89.90 56.82 -1.03
CA PRO E 121 -88.78 56.52 -0.12
C PRO E 121 -89.29 56.04 1.23
N SER E 122 -88.46 55.25 1.90
CA SER E 122 -88.81 54.74 3.22
C SER E 122 -88.68 55.83 4.28
N ASP E 123 -89.35 55.61 5.42
CA ASP E 123 -89.20 56.53 6.54
C ASP E 123 -87.77 56.57 7.03
N GLU E 124 -87.11 55.41 7.09
CA GLU E 124 -85.70 55.37 7.44
C GLU E 124 -84.87 56.10 6.40
N GLN E 125 -85.22 55.95 5.12
CA GLN E 125 -84.50 56.66 4.06
C GLN E 125 -84.65 58.17 4.22
N LEU E 126 -85.85 58.63 4.58
CA LEU E 126 -86.02 60.04 4.91
C LEU E 126 -85.12 60.42 6.08
N LYS E 127 -85.09 59.57 7.11
CA LYS E 127 -84.15 59.77 8.21
C LYS E 127 -82.72 59.50 7.78
N SER E 128 -82.51 58.76 6.70
CA SER E 128 -81.20 58.63 6.10
C SER E 128 -80.87 59.79 5.17
N GLY E 129 -81.82 60.69 4.96
CA GLY E 129 -81.60 61.87 4.13
C GLY E 129 -81.32 61.54 2.67
N THR E 130 -81.73 60.36 2.23
CA THR E 130 -81.51 59.92 0.85
C THR E 130 -82.77 59.21 0.36
N ALA E 131 -83.65 59.95 -0.30
CA ALA E 131 -84.89 59.39 -0.83
C ALA E 131 -84.61 58.50 -2.03
N SER E 132 -85.37 57.42 -2.16
CA SER E 132 -85.23 56.49 -3.26
C SER E 132 -86.36 56.72 -4.26
N VAL E 133 -86.03 57.34 -5.38
CA VAL E 133 -86.99 57.52 -6.48
C VAL E 133 -86.87 56.26 -7.35
N VAL E 134 -87.56 55.22 -6.94
CA VAL E 134 -87.45 53.91 -7.59
C VAL E 134 -88.48 53.82 -8.70
N CYS E 135 -88.03 53.45 -9.89
CA CYS E 135 -88.90 53.24 -11.03
C CYS E 135 -88.55 51.90 -11.67
N LEU E 136 -89.58 51.19 -12.13
CA LEU E 136 -89.41 49.86 -12.70
C LEU E 136 -90.11 49.81 -14.05
N LEU E 137 -89.32 49.80 -15.13
CA LEU E 137 -89.84 49.53 -16.47
C LEU E 137 -89.83 48.01 -16.65
N ASN E 138 -90.96 47.38 -16.36
CA ASN E 138 -91.07 45.93 -16.39
C ASN E 138 -91.88 45.50 -17.61
N ASN E 139 -91.52 44.32 -18.14
CA ASN E 139 -92.20 43.70 -19.28
C ASN E 139 -92.16 44.61 -20.51
N PHE E 140 -90.94 44.88 -20.98
CA PHE E 140 -90.73 45.64 -22.20
C PHE E 140 -89.73 44.92 -23.09
N TYR E 141 -89.93 45.05 -24.40
CA TYR E 141 -89.09 44.44 -25.41
C TYR E 141 -89.40 45.11 -26.73
N PRO E 142 -88.41 45.60 -27.49
CA PRO E 142 -86.95 45.52 -27.31
C PRO E 142 -86.39 46.30 -26.11
N ARG E 143 -85.11 46.10 -25.84
CA ARG E 143 -84.42 46.72 -24.72
C ARG E 143 -84.27 48.22 -24.90
N GLU E 144 -84.78 48.76 -26.01
CA GLU E 144 -84.64 50.18 -26.29
C GLU E 144 -85.58 50.99 -25.41
N ALA E 145 -85.25 51.08 -24.12
CA ALA E 145 -86.05 51.81 -23.16
C ALA E 145 -85.37 53.13 -22.84
N LYS E 146 -86.00 54.23 -23.26
CA LYS E 146 -85.49 55.58 -23.01
C LYS E 146 -86.23 56.15 -21.80
N VAL E 147 -85.48 56.48 -20.75
CA VAL E 147 -86.03 56.92 -19.49
C VAL E 147 -85.55 58.34 -19.20
N GLN E 148 -86.49 59.23 -18.91
CA GLN E 148 -86.18 60.56 -18.43
C GLN E 148 -86.95 60.80 -17.13
N TRP E 149 -86.28 61.48 -16.19
CA TRP E 149 -86.87 61.79 -14.89
C TRP E 149 -86.75 63.28 -14.64
N LYS E 150 -87.88 63.97 -14.71
CA LYS E 150 -87.95 65.41 -14.48
C LYS E 150 -88.72 65.65 -13.20
N VAL E 151 -88.00 65.93 -12.10
CA VAL E 151 -88.65 66.17 -10.82
C VAL E 151 -89.43 67.48 -10.89
N ASP E 152 -90.72 67.42 -10.54
CA ASP E 152 -91.64 68.54 -10.75
C ASP E 152 -91.59 69.02 -12.20
N ASN E 153 -91.47 68.06 -13.12
CA ASN E 153 -91.28 68.33 -14.55
C ASN E 153 -90.03 69.17 -14.80
N ALA E 154 -89.00 68.98 -13.98
CA ALA E 154 -87.70 69.63 -14.15
C ALA E 154 -86.63 68.56 -14.06
N LEU E 155 -85.85 68.40 -15.12
CA LEU E 155 -84.96 67.27 -15.26
C LEU E 155 -83.78 67.35 -14.28
N GLN E 156 -83.51 66.21 -13.61
CA GLN E 156 -82.26 66.01 -12.86
C GLN E 156 -81.85 64.56 -13.14
N SER E 157 -81.05 64.37 -14.17
CA SER E 157 -80.72 63.03 -14.65
C SER E 157 -79.55 62.38 -13.92
N GLY E 158 -78.81 63.14 -13.11
CA GLY E 158 -77.59 62.63 -12.51
C GLY E 158 -77.79 61.97 -11.15
N ASN E 159 -76.70 61.37 -10.67
CA ASN E 159 -76.65 60.75 -9.34
C ASN E 159 -77.74 59.71 -9.14
N SER E 160 -77.97 58.91 -10.18
CA SER E 160 -78.88 57.78 -10.10
C SER E 160 -78.24 56.56 -10.72
N GLN E 161 -78.54 55.39 -10.18
CA GLN E 161 -78.00 54.13 -10.67
C GLN E 161 -79.12 53.33 -11.32
N GLU E 162 -78.88 52.90 -12.56
CA GLU E 162 -79.86 52.15 -13.33
C GLU E 162 -79.43 50.69 -13.41
N SER E 163 -80.32 49.79 -13.02
CA SER E 163 -80.08 48.35 -13.11
C SER E 163 -81.07 47.75 -14.11
N VAL E 164 -80.53 47.06 -15.11
CA VAL E 164 -81.33 46.48 -16.19
C VAL E 164 -81.18 44.97 -16.14
N THR E 165 -82.29 44.26 -16.33
CA THR E 165 -82.31 42.81 -16.32
C THR E 165 -82.50 42.28 -17.73
N GLU E 166 -82.04 41.05 -17.94
CA GLU E 166 -82.20 40.37 -19.22
C GLU E 166 -83.68 40.08 -19.48
N GLN E 167 -83.97 39.65 -20.71
CA GLN E 167 -85.32 39.23 -21.05
C GLN E 167 -85.68 37.97 -20.28
N ASP E 168 -86.95 37.85 -19.92
CA ASP E 168 -87.47 36.68 -19.22
C ASP E 168 -88.03 35.70 -20.25
N SER E 169 -87.65 34.44 -20.12
CA SER E 169 -88.13 33.42 -21.06
C SER E 169 -89.63 33.20 -20.92
N LYS E 170 -90.23 33.58 -19.80
CA LYS E 170 -91.66 33.40 -19.62
C LYS E 170 -92.46 34.38 -20.47
N ASP E 171 -92.05 35.65 -20.49
CA ASP E 171 -92.80 36.70 -21.17
C ASP E 171 -92.05 37.35 -22.32
N SER E 172 -90.81 36.95 -22.58
CA SER E 172 -90.04 37.43 -23.73
C SER E 172 -89.88 38.95 -23.71
N THR E 173 -89.66 39.51 -22.52
CA THR E 173 -89.50 40.95 -22.37
C THR E 173 -88.41 41.24 -21.35
N TYR E 174 -87.74 42.37 -21.54
CA TYR E 174 -86.72 42.86 -20.61
C TYR E 174 -87.38 43.69 -19.50
N SER E 175 -86.61 43.92 -18.44
CA SER E 175 -87.06 44.79 -17.36
C SER E 175 -85.92 45.75 -16.98
N LEU E 176 -86.31 46.97 -16.62
CA LEU E 176 -85.37 48.04 -16.30
C LEU E 176 -85.72 48.63 -14.94
N SER E 177 -84.71 49.21 -14.30
CA SER E 177 -84.90 49.85 -13.00
C SER E 177 -83.99 51.06 -12.87
N SER E 178 -84.37 51.96 -11.96
CA SER E 178 -83.56 53.12 -11.64
C SER E 178 -83.96 53.62 -10.26
N THR E 179 -83.03 54.31 -9.61
CA THR E 179 -83.29 54.86 -8.28
C THR E 179 -82.36 56.05 -8.07
N LEU E 180 -82.93 57.14 -7.56
CA LEU E 180 -82.22 58.41 -7.45
C LEU E 180 -81.59 58.55 -6.07
N THR E 181 -80.43 59.22 -6.02
CA THR E 181 -79.63 59.32 -4.80
C THR E 181 -79.28 60.78 -4.53
N LEU E 182 -80.18 61.49 -3.86
CA LEU E 182 -79.95 62.87 -3.44
C LEU E 182 -80.52 63.02 -2.03
N SER E 183 -80.67 64.27 -1.60
CA SER E 183 -81.19 64.59 -0.27
C SER E 183 -82.71 64.61 -0.29
N LYS E 184 -83.30 64.55 0.91
CA LYS E 184 -84.76 64.42 1.00
C LYS E 184 -85.46 65.77 0.97
N ALA E 185 -84.82 66.82 1.49
CA ALA E 185 -85.52 68.08 1.75
C ALA E 185 -86.28 68.57 0.52
N ASP E 186 -85.64 68.51 -0.65
CA ASP E 186 -86.33 68.93 -1.87
C ASP E 186 -87.52 68.03 -2.17
N TYR E 187 -87.42 66.73 -1.86
CA TYR E 187 -88.50 65.80 -2.17
C TYR E 187 -89.79 66.22 -1.49
N GLU E 188 -89.73 66.55 -0.20
CA GLU E 188 -90.91 67.09 0.46
C GLU E 188 -91.20 68.51 0.03
N LYS E 189 -90.16 69.26 -0.37
CA LYS E 189 -90.41 70.53 -1.05
C LYS E 189 -91.10 70.31 -2.39
N HIS E 190 -90.71 69.26 -3.11
CA HIS E 190 -91.35 68.93 -4.37
C HIS E 190 -92.79 68.46 -4.14
N LYS E 191 -93.57 68.47 -5.23
CA LYS E 191 -94.98 68.12 -5.17
C LYS E 191 -95.33 66.88 -6.00
N VAL E 192 -95.00 66.87 -7.29
CA VAL E 192 -95.37 65.80 -8.18
C VAL E 192 -94.14 65.34 -8.95
N TYR E 193 -93.96 64.02 -9.05
CA TYR E 193 -92.81 63.42 -9.71
C TYR E 193 -93.27 62.72 -10.98
N ALA E 194 -92.55 62.98 -12.08
CA ALA E 194 -92.95 62.50 -13.40
C ALA E 194 -91.81 61.73 -14.04
N CYS E 195 -92.17 60.66 -14.76
CA CYS E 195 -91.21 59.85 -15.48
C CYS E 195 -91.66 59.76 -16.94
N GLU E 196 -90.73 60.03 -17.85
CA GLU E 196 -90.99 59.98 -19.29
C GLU E 196 -90.29 58.75 -19.87
N VAL E 197 -91.06 57.92 -20.57
CA VAL E 197 -90.57 56.67 -21.12
C VAL E 197 -90.96 56.60 -22.60
N THR E 198 -89.99 56.28 -23.45
CA THR E 198 -90.22 56.13 -24.88
C THR E 198 -89.81 54.72 -25.29
N HIS E 199 -90.72 54.00 -25.96
CA HIS E 199 -90.45 52.65 -26.43
C HIS E 199 -91.33 52.37 -27.64
N GLN E 200 -90.94 51.36 -28.42
CA GLN E 200 -91.68 51.00 -29.62
C GLN E 200 -93.06 50.46 -29.32
N GLY E 201 -93.35 50.09 -28.07
CA GLY E 201 -94.70 49.72 -27.70
C GLY E 201 -95.62 50.87 -27.45
N LEU E 202 -95.11 52.10 -27.55
CA LEU E 202 -95.87 53.32 -27.34
C LEU E 202 -96.00 54.06 -28.66
N SER E 203 -97.23 54.38 -29.05
CA SER E 203 -97.44 55.16 -30.27
C SER E 203 -96.80 56.54 -30.14
N SER E 204 -96.94 57.16 -28.97
CA SER E 204 -96.27 58.41 -28.63
C SER E 204 -95.58 58.23 -27.28
N PRO E 205 -94.50 58.98 -27.02
CA PRO E 205 -93.82 58.84 -25.73
C PRO E 205 -94.74 59.13 -24.56
N VAL E 206 -95.02 58.11 -23.76
CA VAL E 206 -95.93 58.24 -22.63
C VAL E 206 -95.17 58.75 -21.43
N THR E 207 -95.84 59.58 -20.62
CA THR E 207 -95.27 60.14 -19.41
C THR E 207 -96.26 59.99 -18.28
N LYS E 208 -95.78 59.55 -17.13
CA LYS E 208 -96.59 59.39 -15.93
C LYS E 208 -96.28 60.48 -14.93
N SER E 209 -97.10 60.55 -13.89
CA SER E 209 -96.94 61.53 -12.84
C SER E 209 -97.24 60.88 -11.50
N PHE E 210 -96.70 61.45 -10.43
CA PHE E 210 -96.86 60.88 -9.09
C PHE E 210 -96.78 62.02 -8.08
N ASN E 211 -97.92 62.38 -7.51
CA ASN E 211 -97.97 63.45 -6.52
C ASN E 211 -97.40 62.96 -5.18
N ARG E 212 -96.93 63.91 -4.38
CA ARG E 212 -96.38 63.61 -3.06
C ARG E 212 -97.44 63.03 -2.12
N GLY E 213 -98.72 63.17 -2.45
CA GLY E 213 -99.77 62.71 -1.56
C GLY E 213 -99.73 61.21 -1.31
N GLU E 214 -99.31 60.44 -2.29
CA GLU E 214 -99.25 58.98 -2.17
C GLU E 214 -98.06 58.62 -1.28
N CYS E 215 -98.31 58.64 0.03
CA CYS E 215 -97.28 58.40 1.04
C CYS E 215 -96.12 59.37 0.90
N GLU F 1 -78.68 11.68 -7.84
CA GLU F 1 -78.34 12.94 -8.50
C GLU F 1 -76.84 13.14 -8.57
N VAL F 2 -76.41 14.20 -9.25
CA VAL F 2 -75.01 14.56 -9.34
C VAL F 2 -74.86 16.05 -9.03
N GLN F 3 -73.94 16.38 -8.13
CA GLN F 3 -73.81 17.75 -7.66
C GLN F 3 -72.46 17.89 -6.98
N LEU F 4 -71.97 19.13 -6.91
CA LEU F 4 -70.68 19.44 -6.29
C LEU F 4 -70.89 20.31 -5.06
N VAL F 5 -70.23 19.94 -3.96
CA VAL F 5 -70.31 20.68 -2.71
C VAL F 5 -69.02 21.45 -2.55
N GLU F 6 -69.13 22.79 -2.51
CA GLU F 6 -67.98 23.68 -2.59
C GLU F 6 -67.75 24.39 -1.26
N SER F 7 -66.48 24.61 -0.93
CA SER F 7 -66.08 25.13 0.38
C SER F 7 -66.58 26.54 0.68
N GLY F 8 -66.11 27.53 -0.07
CA GLY F 8 -66.42 28.92 0.21
C GLY F 8 -65.26 29.71 0.77
N GLY F 9 -65.01 30.89 0.23
CA GLY F 9 -63.85 31.68 0.63
C GLY F 9 -64.16 32.87 1.52
N GLY F 10 -63.74 34.06 1.09
CA GLY F 10 -63.95 35.26 1.88
C GLY F 10 -63.15 36.42 1.32
N LEU F 11 -63.14 37.51 2.08
CA LEU F 11 -62.42 38.72 1.70
C LEU F 11 -61.01 38.67 2.28
N ILE F 12 -60.00 38.68 1.42
CA ILE F 12 -58.60 38.60 1.83
C ILE F 12 -57.80 39.62 1.04
N GLN F 13 -56.88 40.29 1.73
CA GLN F 13 -55.97 41.23 1.10
C GLN F 13 -54.97 40.49 0.21
N PRO F 14 -54.29 41.20 -0.71
CA PRO F 14 -53.34 40.52 -1.60
C PRO F 14 -52.24 39.83 -0.82
N GLY F 15 -51.78 38.71 -1.36
CA GLY F 15 -50.75 37.91 -0.72
C GLY F 15 -51.24 36.96 0.34
N GLY F 16 -52.55 36.89 0.59
CA GLY F 16 -53.06 36.01 1.61
C GLY F 16 -52.97 34.55 1.22
N SER F 17 -52.97 33.69 2.24
CA SER F 17 -52.92 32.25 2.06
C SER F 17 -54.17 31.61 2.63
N LEU F 18 -54.83 30.78 1.82
CA LEU F 18 -56.07 30.14 2.22
C LEU F 18 -56.15 28.78 1.54
N ARG F 19 -56.91 27.88 2.14
CA ARG F 19 -57.18 26.57 1.56
C ARG F 19 -58.68 26.38 1.39
N LEU F 20 -59.08 25.86 0.24
CA LEU F 20 -60.46 25.55 -0.07
C LEU F 20 -60.61 24.06 -0.33
N SER F 21 -61.83 23.66 -0.70
CA SER F 21 -62.15 22.25 -0.90
C SER F 21 -63.39 22.16 -1.77
N CYS F 22 -63.65 20.95 -2.26
CA CYS F 22 -64.89 20.66 -2.96
C CYS F 22 -65.14 19.15 -3.00
N ALA F 23 -66.26 18.72 -2.43
CA ALA F 23 -66.60 17.30 -2.42
C ALA F 23 -67.57 16.98 -3.54
N ALA F 24 -67.38 15.82 -4.15
CA ALA F 24 -68.23 15.36 -5.24
C ALA F 24 -69.33 14.46 -4.67
N SER F 25 -70.57 14.93 -4.76
CA SER F 25 -71.72 14.18 -4.28
C SER F 25 -72.33 13.28 -5.34
N GLY F 26 -71.73 13.22 -6.53
CA GLY F 26 -72.25 12.38 -7.58
C GLY F 26 -71.59 11.01 -7.66
N ILE F 27 -70.26 11.00 -7.71
CA ILE F 27 -69.49 9.78 -7.89
C ILE F 27 -68.25 9.86 -7.02
N THR F 28 -67.73 8.70 -6.61
CA THR F 28 -66.49 8.64 -5.86
C THR F 28 -65.38 9.38 -6.59
N VAL F 29 -64.66 10.23 -5.84
CA VAL F 29 -63.68 11.13 -6.46
C VAL F 29 -62.51 10.37 -7.05
N SER F 30 -62.10 9.27 -6.41
CA SER F 30 -60.94 8.52 -6.88
C SER F 30 -61.18 7.91 -8.24
N SER F 31 -62.43 7.79 -8.67
CA SER F 31 -62.78 7.13 -9.92
C SER F 31 -63.02 8.12 -11.07
N ASN F 32 -62.57 9.37 -10.92
CA ASN F 32 -62.85 10.38 -11.93
C ASN F 32 -61.80 11.48 -11.83
N TYR F 33 -61.71 12.28 -12.89
CA TYR F 33 -60.81 13.43 -12.94
C TYR F 33 -61.60 14.72 -12.81
N MET F 34 -60.99 15.71 -12.15
CA MET F 34 -61.67 16.92 -11.76
C MET F 34 -60.68 18.08 -11.76
N SER F 35 -61.21 19.28 -11.54
CA SER F 35 -60.41 20.49 -11.59
C SER F 35 -61.19 21.63 -10.96
N TRP F 36 -60.64 22.84 -11.08
CA TRP F 36 -61.26 24.06 -10.62
C TRP F 36 -61.26 25.07 -11.76
N VAL F 37 -61.99 26.18 -11.58
CA VAL F 37 -62.18 27.15 -12.64
C VAL F 37 -61.87 28.55 -12.13
N ARG F 38 -61.26 29.37 -12.99
CA ARG F 38 -61.11 30.79 -12.76
C ARG F 38 -61.94 31.54 -13.79
N GLN F 39 -62.83 32.42 -13.32
CA GLN F 39 -63.70 33.21 -14.18
C GLN F 39 -63.59 34.68 -13.78
N ALA F 40 -62.80 35.43 -14.52
CA ALA F 40 -62.79 36.88 -14.35
C ALA F 40 -64.15 37.43 -14.79
N PRO F 41 -64.76 38.33 -14.02
CA PRO F 41 -66.13 38.75 -14.32
C PRO F 41 -66.25 39.33 -15.72
N GLY F 42 -67.23 38.83 -16.47
CA GLY F 42 -67.50 39.31 -17.81
C GLY F 42 -66.38 39.05 -18.81
N LYS F 43 -65.47 38.13 -18.51
CA LYS F 43 -64.33 37.88 -19.39
C LYS F 43 -64.34 36.47 -19.95
N GLY F 44 -64.43 35.44 -19.11
CA GLY F 44 -64.45 34.08 -19.59
C GLY F 44 -63.95 33.13 -18.51
N LEU F 45 -63.76 31.87 -18.91
CA LEU F 45 -63.37 30.80 -18.01
C LEU F 45 -62.03 30.22 -18.46
N GLU F 46 -61.13 30.00 -17.50
CA GLU F 46 -59.77 29.56 -17.78
C GLU F 46 -59.49 28.23 -17.10
N TRP F 47 -58.85 27.32 -17.84
CA TRP F 47 -58.28 26.12 -17.25
C TRP F 47 -57.19 26.49 -16.25
N VAL F 48 -57.11 25.74 -15.15
CA VAL F 48 -56.11 26.05 -14.14
C VAL F 48 -55.23 24.84 -13.82
N SER F 49 -55.84 23.70 -13.52
CA SER F 49 -55.08 22.57 -13.01
C SER F 49 -55.92 21.31 -13.11
N VAL F 50 -55.31 20.18 -12.77
CA VAL F 50 -55.97 18.88 -12.73
C VAL F 50 -55.09 17.86 -12.00
N ILE F 51 -55.72 16.98 -11.23
CA ILE F 51 -55.01 15.87 -10.59
C ILE F 51 -55.36 14.59 -11.33
N TYR F 52 -54.44 13.63 -11.31
CA TYR F 52 -54.56 12.38 -12.04
C TYR F 52 -54.72 11.24 -11.06
N ALA F 53 -55.27 10.13 -11.54
CA ALA F 53 -55.54 8.98 -10.68
C ALA F 53 -54.27 8.38 -10.11
N GLY F 54 -53.12 8.61 -10.75
CA GLY F 54 -51.85 8.26 -10.18
C GLY F 54 -51.30 9.28 -9.22
N GLY F 55 -52.09 10.31 -8.89
CA GLY F 55 -51.66 11.36 -8.00
C GLY F 55 -50.94 12.50 -8.67
N SER F 56 -50.75 12.45 -9.99
CA SER F 56 -49.98 13.47 -10.68
C SER F 56 -50.71 14.81 -10.64
N THR F 57 -49.92 15.88 -10.61
CA THR F 57 -50.42 17.24 -10.63
C THR F 57 -49.98 17.96 -11.90
N PHE F 58 -50.71 19.02 -12.23
CA PHE F 58 -50.43 19.81 -13.42
C PHE F 58 -51.09 21.18 -13.28
N TYR F 59 -50.29 22.24 -13.35
CA TYR F 59 -50.75 23.59 -13.05
C TYR F 59 -50.88 24.41 -14.33
N ALA F 60 -51.48 25.59 -14.18
CA ALA F 60 -51.41 26.63 -15.18
C ALA F 60 -50.25 27.56 -14.90
N ASP F 61 -49.98 28.47 -15.83
CA ASP F 61 -48.84 29.38 -15.68
C ASP F 61 -49.00 30.28 -14.46
N SER F 62 -50.20 30.80 -14.24
CA SER F 62 -50.42 31.78 -13.18
C SER F 62 -50.58 31.15 -11.79
N VAL F 63 -50.71 29.84 -11.69
CA VAL F 63 -50.96 29.18 -10.42
C VAL F 63 -49.83 28.27 -9.99
N LYS F 64 -48.70 28.29 -10.70
CA LYS F 64 -47.58 27.40 -10.35
C LYS F 64 -47.04 27.73 -8.96
N GLY F 65 -46.70 29.00 -8.73
CA GLY F 65 -46.17 29.41 -7.45
C GLY F 65 -47.22 30.06 -6.57
N ARG F 66 -48.48 29.82 -6.88
CA ARG F 66 -49.60 30.48 -6.21
C ARG F 66 -50.64 29.53 -5.63
N PHE F 67 -50.88 28.39 -6.25
CA PHE F 67 -51.99 27.53 -5.88
C PHE F 67 -51.50 26.08 -5.77
N THR F 68 -52.20 25.31 -4.94
CA THR F 68 -51.88 23.90 -4.72
C THR F 68 -53.17 23.15 -4.45
N ILE F 69 -53.28 21.94 -5.01
CA ILE F 69 -54.53 21.18 -5.02
C ILE F 69 -54.24 19.78 -4.49
N SER F 70 -55.12 19.30 -3.60
CA SER F 70 -54.95 17.99 -2.97
C SER F 70 -56.30 17.28 -2.91
N ARG F 71 -56.29 16.09 -2.32
CA ARG F 71 -57.45 15.21 -2.33
C ARG F 71 -57.48 14.33 -1.08
N ASP F 72 -58.69 14.05 -0.59
CA ASP F 72 -58.93 13.00 0.39
C ASP F 72 -60.02 12.08 -0.16
N ASN F 73 -59.62 10.86 -0.54
CA ASN F 73 -60.57 9.90 -1.09
C ASN F 73 -61.65 9.54 -0.06
N SER F 74 -61.25 9.35 1.20
CA SER F 74 -62.20 8.96 2.23
C SER F 74 -63.29 10.01 2.40
N LYS F 75 -62.91 11.29 2.37
CA LYS F 75 -63.88 12.37 2.43
C LYS F 75 -64.54 12.66 1.09
N ASN F 76 -64.10 12.00 0.02
CA ASN F 76 -64.58 12.29 -1.33
C ASN F 76 -64.42 13.78 -1.64
N THR F 77 -63.28 14.34 -1.24
CA THR F 77 -63.08 15.78 -1.23
C THR F 77 -61.79 16.15 -1.94
N LEU F 78 -61.88 17.15 -2.83
CA LEU F 78 -60.75 17.74 -3.53
C LEU F 78 -60.51 19.15 -3.00
N TYR F 79 -59.27 19.41 -2.59
CA TYR F 79 -58.91 20.63 -1.88
C TYR F 79 -58.18 21.59 -2.80
N LEU F 80 -57.90 22.78 -2.28
CA LEU F 80 -57.11 23.76 -3.00
C LEU F 80 -56.60 24.80 -2.01
N GLN F 81 -55.28 24.94 -1.92
CA GLN F 81 -54.63 25.90 -1.04
C GLN F 81 -53.99 26.99 -1.88
N MET F 82 -54.35 28.24 -1.62
CA MET F 82 -53.84 29.37 -2.38
C MET F 82 -52.78 30.13 -1.58
N SER F 83 -51.97 30.90 -2.30
CA SER F 83 -50.95 31.74 -1.70
C SER F 83 -50.57 32.83 -2.69
N SER F 84 -50.05 33.94 -2.16
CA SER F 84 -49.58 35.06 -2.96
C SER F 84 -50.70 35.62 -3.85
N LEU F 85 -51.78 36.03 -3.20
CA LEU F 85 -52.94 36.55 -3.90
C LEU F 85 -52.65 37.95 -4.46
N ARG F 86 -53.48 38.35 -5.42
CA ARG F 86 -53.41 39.68 -6.02
C ARG F 86 -54.80 40.31 -6.00
N VAL F 87 -54.83 41.62 -6.22
CA VAL F 87 -56.10 42.34 -6.24
C VAL F 87 -56.99 41.81 -7.37
N GLU F 88 -56.40 41.64 -8.56
CA GLU F 88 -57.17 41.20 -9.72
C GLU F 88 -57.68 39.77 -9.54
N ASP F 89 -57.15 39.03 -8.58
CA ASP F 89 -57.61 37.68 -8.33
C ASP F 89 -59.08 37.64 -7.91
N THR F 90 -59.64 38.77 -7.48
CA THR F 90 -61.05 38.83 -7.13
C THR F 90 -61.91 38.49 -8.34
N ALA F 91 -62.54 37.32 -8.31
CA ALA F 91 -63.37 36.83 -9.40
C ALA F 91 -64.05 35.55 -8.94
N VAL F 92 -65.25 35.30 -9.47
CA VAL F 92 -65.96 34.09 -9.09
C VAL F 92 -65.25 32.88 -9.69
N TYR F 93 -65.01 31.87 -8.85
CA TYR F 93 -64.24 30.70 -9.24
C TYR F 93 -65.11 29.46 -9.11
N TYR F 94 -65.12 28.63 -10.14
CA TYR F 94 -65.95 27.43 -10.18
C TYR F 94 -65.08 26.18 -10.07
N CYS F 95 -65.75 25.03 -10.10
CA CYS F 95 -65.10 23.74 -9.94
C CYS F 95 -65.40 22.86 -11.15
N ALA F 96 -64.40 22.10 -11.60
CA ALA F 96 -64.51 21.28 -12.79
C ALA F 96 -64.42 19.81 -12.45
N ARG F 97 -65.31 19.02 -13.03
CA ARG F 97 -65.23 17.56 -12.99
C ARG F 97 -65.22 17.02 -14.42
N ASP F 98 -64.32 16.07 -14.67
CA ASP F 98 -64.10 15.54 -16.01
C ASP F 98 -64.34 14.03 -16.00
N LEU F 99 -65.56 13.61 -16.35
CA LEU F 99 -65.78 12.21 -16.66
C LEU F 99 -65.00 11.78 -17.89
N ASP F 100 -64.61 12.74 -18.72
CA ASP F 100 -63.78 12.51 -19.90
C ASP F 100 -62.77 13.64 -20.00
N TYR F 101 -61.63 13.35 -20.61
CA TYR F 101 -60.60 14.39 -20.76
C TYR F 101 -61.10 15.51 -21.65
N TYR F 102 -61.89 15.18 -22.67
CA TYR F 102 -62.26 16.10 -23.74
C TYR F 102 -63.51 16.92 -23.44
N GLY F 103 -63.91 17.03 -22.19
CA GLY F 103 -65.13 17.76 -21.91
C GLY F 103 -65.40 17.92 -20.43
N MET F 104 -66.66 18.28 -20.14
CA MET F 104 -67.10 18.71 -18.82
C MET F 104 -68.47 18.14 -18.52
N ASP F 105 -68.73 17.85 -17.24
CA ASP F 105 -70.01 17.26 -16.87
C ASP F 105 -70.85 18.13 -15.94
N VAL F 106 -70.34 18.44 -14.75
CA VAL F 106 -71.15 19.01 -13.68
C VAL F 106 -70.41 20.20 -13.08
N TRP F 107 -71.03 21.37 -13.14
CA TRP F 107 -70.41 22.60 -12.63
C TRP F 107 -70.77 22.80 -11.17
N GLY F 108 -69.80 23.25 -10.38
CA GLY F 108 -70.10 23.72 -9.04
C GLY F 108 -70.68 25.13 -9.06
N ARG F 109 -71.39 25.47 -7.99
CA ARG F 109 -72.00 26.79 -7.92
C ARG F 109 -70.94 27.88 -7.78
N GLY F 110 -69.78 27.55 -7.26
CA GLY F 110 -68.68 28.48 -7.23
C GLY F 110 -68.51 29.17 -5.89
N THR F 111 -67.27 29.49 -5.55
CA THR F 111 -66.91 30.17 -4.32
C THR F 111 -66.17 31.46 -4.67
N THR F 112 -66.46 32.52 -3.93
CA THR F 112 -65.97 33.86 -4.26
C THR F 112 -65.00 34.35 -3.20
N VAL F 113 -63.94 35.00 -3.65
CA VAL F 113 -62.97 35.65 -2.77
C VAL F 113 -62.72 37.07 -3.29
N THR F 114 -62.75 38.03 -2.39
CA THR F 114 -62.56 39.43 -2.72
C THR F 114 -61.19 39.91 -2.23
N VAL F 115 -60.49 40.64 -3.10
CA VAL F 115 -59.17 41.18 -2.78
C VAL F 115 -59.21 42.65 -3.18
N SER F 116 -59.50 43.53 -2.21
CA SER F 116 -59.60 44.95 -2.47
C SER F 116 -59.31 45.72 -1.19
N SER F 117 -59.33 47.04 -1.31
CA SER F 117 -59.05 47.91 -0.18
C SER F 117 -60.26 48.16 0.72
N ALA F 118 -61.46 47.79 0.28
CA ALA F 118 -62.66 48.00 1.08
C ALA F 118 -62.84 46.88 2.08
N SER F 119 -63.28 47.24 3.29
CA SER F 119 -63.47 46.27 4.35
C SER F 119 -64.94 45.84 4.45
N THR F 120 -65.14 44.66 5.01
CA THR F 120 -66.49 44.15 5.24
C THR F 120 -67.25 45.08 6.18
N LYS F 121 -68.47 45.44 5.81
CA LYS F 121 -69.30 46.33 6.60
C LYS F 121 -70.71 45.77 6.70
N GLY F 122 -71.31 45.90 7.89
CA GLY F 122 -72.67 45.49 8.11
C GLY F 122 -73.65 46.27 7.27
N PRO F 123 -74.69 45.60 6.75
CA PRO F 123 -75.65 46.27 5.87
C PRO F 123 -76.57 47.23 6.58
N SER F 124 -77.47 47.84 5.83
CA SER F 124 -78.53 48.69 6.36
C SER F 124 -79.78 48.42 5.53
N VAL F 125 -80.88 48.11 6.19
CA VAL F 125 -82.09 47.62 5.53
C VAL F 125 -83.23 48.59 5.81
N PHE F 126 -83.80 49.15 4.75
CA PHE F 126 -84.92 50.08 4.84
C PHE F 126 -86.12 49.52 4.08
N PRO F 127 -87.21 49.17 4.74
CA PRO F 127 -88.32 48.51 4.05
C PRO F 127 -89.13 49.48 3.20
N LEU F 128 -89.83 48.90 2.21
CA LEU F 128 -90.70 49.65 1.32
C LEU F 128 -91.98 48.87 1.09
N ALA F 129 -93.05 49.59 0.74
CA ALA F 129 -94.34 48.95 0.50
C ALA F 129 -95.27 49.89 -0.27
N PRO F 130 -95.94 49.39 -1.32
CA PRO F 130 -96.94 50.20 -2.01
C PRO F 130 -98.32 50.06 -1.37
N SER F 131 -99.33 50.69 -1.97
CA SER F 131 -100.70 50.63 -1.47
C SER F 131 -101.42 49.44 -2.09
N SER F 132 -102.10 48.65 -1.25
CA SER F 132 -102.83 47.49 -1.75
C SER F 132 -103.95 47.89 -2.70
N LYS F 133 -104.55 49.06 -2.50
CA LYS F 133 -105.52 49.57 -3.47
C LYS F 133 -104.85 49.84 -4.81
N SER F 134 -103.66 50.41 -4.78
CA SER F 134 -102.89 50.79 -5.97
C SER F 134 -102.28 49.60 -6.68
N THR F 135 -102.66 48.37 -6.35
CA THR F 135 -102.10 47.17 -6.97
C THR F 135 -102.69 47.03 -8.38
N SER F 136 -102.11 47.79 -9.31
CA SER F 136 -102.59 47.80 -10.68
C SER F 136 -102.39 46.47 -11.41
N GLY F 137 -101.60 45.57 -10.84
CA GLY F 137 -101.39 44.24 -11.40
C GLY F 137 -101.95 43.19 -10.45
N GLY F 138 -102.41 42.08 -11.01
CA GLY F 138 -102.90 40.99 -10.18
C GLY F 138 -101.86 40.50 -9.20
N THR F 139 -100.58 40.63 -9.54
CA THR F 139 -99.48 40.47 -8.61
C THR F 139 -98.65 41.74 -8.66
N ALA F 140 -98.48 42.38 -7.51
CA ALA F 140 -97.88 43.70 -7.44
C ALA F 140 -96.39 43.63 -7.11
N ALA F 141 -95.75 44.79 -7.17
CA ALA F 141 -94.31 44.92 -6.94
C ALA F 141 -94.06 45.45 -5.54
N LEU F 142 -93.12 44.84 -4.84
CA LEU F 142 -92.76 45.21 -3.48
C LEU F 142 -91.35 45.79 -3.45
N GLY F 143 -90.90 46.17 -2.26
CA GLY F 143 -89.58 46.75 -2.12
C GLY F 143 -88.92 46.48 -0.78
N CYS F 144 -87.65 46.09 -0.82
CA CYS F 144 -86.87 45.84 0.39
C CYS F 144 -85.40 45.90 0.03
N LEU F 145 -84.68 46.89 0.57
CA LEU F 145 -83.31 47.18 0.17
C LEU F 145 -82.34 46.67 1.23
N VAL F 146 -81.27 46.03 0.77
CA VAL F 146 -80.12 45.70 1.61
C VAL F 146 -78.95 46.54 1.09
N LYS F 147 -78.68 47.65 1.75
CA LYS F 147 -77.72 48.64 1.26
C LYS F 147 -76.56 48.79 2.23
N ASP F 148 -75.47 49.34 1.71
CA ASP F 148 -74.24 49.56 2.48
C ASP F 148 -73.74 48.26 3.10
N TYR F 149 -73.73 47.21 2.30
CA TYR F 149 -73.19 45.91 2.70
C TYR F 149 -72.00 45.57 1.82
N PHE F 150 -71.06 44.83 2.39
CA PHE F 150 -69.84 44.48 1.67
C PHE F 150 -69.29 43.16 2.19
N PRO F 151 -68.83 42.28 1.29
CA PRO F 151 -69.05 42.35 -0.15
C PRO F 151 -70.22 41.49 -0.63
N GLU F 152 -70.43 41.47 -1.94
CA GLU F 152 -71.43 40.62 -2.58
C GLU F 152 -70.93 39.18 -2.61
N PRO F 153 -71.80 38.19 -2.95
CA PRO F 153 -73.23 38.25 -3.29
C PRO F 153 -74.18 38.06 -2.12
N VAL F 154 -75.44 37.76 -2.41
CA VAL F 154 -76.48 37.59 -1.39
C VAL F 154 -77.29 36.34 -1.71
N THR F 155 -77.42 35.46 -0.72
CA THR F 155 -78.32 34.31 -0.87
C THR F 155 -79.77 34.79 -0.85
N VAL F 156 -80.62 34.11 -1.63
CA VAL F 156 -81.98 34.57 -1.87
C VAL F 156 -82.96 33.52 -1.34
N SER F 157 -83.94 33.99 -0.57
CA SER F 157 -85.06 33.19 -0.08
C SER F 157 -86.04 34.15 0.57
N TRP F 158 -87.33 33.93 0.34
CA TRP F 158 -88.30 34.87 0.89
C TRP F 158 -88.88 34.39 2.21
N ASN F 159 -89.62 33.28 2.21
CA ASN F 159 -90.16 32.76 3.45
C ASN F 159 -89.29 31.62 3.96
N SER F 160 -89.14 30.59 3.12
CA SER F 160 -88.17 29.53 3.35
C SER F 160 -87.63 29.01 2.03
N GLY F 161 -87.66 29.86 1.00
CA GLY F 161 -87.45 29.40 -0.36
C GLY F 161 -88.65 28.76 -1.00
N ALA F 162 -89.82 28.85 -0.36
CA ALA F 162 -91.03 28.25 -0.91
C ALA F 162 -91.56 29.08 -2.08
N LEU F 163 -91.92 30.34 -1.82
CA LEU F 163 -92.38 31.25 -2.88
C LEU F 163 -91.16 31.73 -3.65
N THR F 164 -90.86 31.07 -4.76
CA THR F 164 -89.70 31.41 -5.57
C THR F 164 -89.98 31.50 -7.06
N SER F 165 -91.02 30.84 -7.57
CA SER F 165 -91.28 30.83 -9.01
C SER F 165 -91.57 32.23 -9.52
N GLY F 166 -92.51 32.93 -8.88
CA GLY F 166 -92.86 34.28 -9.30
C GLY F 166 -91.89 35.35 -8.86
N VAL F 167 -90.90 35.00 -8.02
CA VAL F 167 -89.99 36.00 -7.50
C VAL F 167 -89.13 36.56 -8.62
N HIS F 168 -89.01 37.88 -8.67
CA HIS F 168 -88.14 38.57 -9.60
C HIS F 168 -87.22 39.48 -8.81
N THR F 169 -85.98 39.65 -9.30
CA THR F 169 -84.96 40.33 -8.53
C THR F 169 -84.03 41.07 -9.49
N PHE F 170 -83.38 42.11 -8.96
CA PHE F 170 -82.43 42.96 -9.67
C PHE F 170 -81.01 42.62 -9.28
N PRO F 171 -80.05 42.74 -10.21
CA PRO F 171 -78.66 42.43 -9.86
C PRO F 171 -78.05 43.53 -8.99
N ALA F 172 -77.30 43.10 -7.98
CA ALA F 172 -76.60 44.03 -7.13
C ALA F 172 -75.46 44.71 -7.90
N VAL F 173 -75.23 45.97 -7.59
CA VAL F 173 -74.19 46.77 -8.23
C VAL F 173 -73.35 47.42 -7.14
N LEU F 174 -72.07 47.63 -7.44
CA LEU F 174 -71.21 48.41 -6.55
C LEU F 174 -71.69 49.85 -6.60
N GLN F 175 -72.39 50.28 -5.56
CA GLN F 175 -73.06 51.58 -5.57
C GLN F 175 -72.04 52.71 -5.55
N SER F 176 -72.55 53.93 -5.59
CA SER F 176 -71.69 55.12 -5.55
C SER F 176 -70.91 55.19 -4.24
N SER F 177 -71.43 54.59 -3.17
CA SER F 177 -70.76 54.59 -1.88
C SER F 177 -69.59 53.63 -1.82
N GLY F 178 -69.23 53.00 -2.94
CA GLY F 178 -68.15 52.03 -2.97
C GLY F 178 -68.53 50.65 -2.51
N LEU F 179 -69.78 50.43 -2.13
CA LEU F 179 -70.27 49.15 -1.66
C LEU F 179 -71.41 48.67 -2.57
N TYR F 180 -71.98 47.53 -2.22
CA TYR F 180 -73.06 46.95 -3.01
C TYR F 180 -74.41 47.14 -2.33
N SER F 181 -75.47 47.03 -3.12
CA SER F 181 -76.84 47.08 -2.64
C SER F 181 -77.73 46.37 -3.64
N LEU F 182 -78.90 45.94 -3.17
CA LEU F 182 -79.80 45.15 -3.98
C LEU F 182 -81.19 45.16 -3.36
N SER F 183 -82.14 44.58 -4.08
CA SER F 183 -83.51 44.46 -3.60
C SER F 183 -84.18 43.29 -4.31
N SER F 184 -85.20 42.73 -3.67
CA SER F 184 -85.94 41.60 -4.21
C SER F 184 -87.44 41.87 -4.14
N VAL F 185 -88.17 41.26 -5.06
CA VAL F 185 -89.62 41.41 -5.16
C VAL F 185 -90.25 40.02 -5.21
N VAL F 186 -91.38 39.87 -4.51
CA VAL F 186 -92.08 38.60 -4.41
C VAL F 186 -93.42 38.72 -5.13
N THR F 187 -93.92 37.59 -5.61
CA THR F 187 -95.13 37.54 -6.42
C THR F 187 -96.25 36.86 -5.62
N VAL F 188 -97.26 37.64 -5.25
CA VAL F 188 -98.46 37.15 -4.58
C VAL F 188 -99.67 37.83 -5.18
N PRO F 189 -100.85 37.22 -5.04
CA PRO F 189 -102.06 37.86 -5.57
C PRO F 189 -102.30 39.22 -4.93
N SER F 190 -102.73 40.18 -5.75
CA SER F 190 -102.94 41.54 -5.28
C SER F 190 -104.01 41.63 -4.20
N SER F 191 -104.97 40.70 -4.19
CA SER F 191 -105.94 40.66 -3.11
C SER F 191 -105.27 40.30 -1.78
N SER F 192 -104.27 39.42 -1.82
CA SER F 192 -103.56 39.05 -0.61
C SER F 192 -102.83 40.25 0.01
N LEU F 193 -102.23 41.09 -0.84
CA LEU F 193 -101.55 42.29 -0.32
C LEU F 193 -102.51 43.20 0.43
N GLY F 194 -103.81 43.08 0.18
CA GLY F 194 -104.77 43.80 0.98
C GLY F 194 -104.71 43.44 2.45
N THR F 195 -104.42 42.18 2.77
CA THR F 195 -104.35 41.75 4.15
C THR F 195 -103.05 41.02 4.50
N GLN F 196 -102.51 40.23 3.58
CA GLN F 196 -101.43 39.31 3.91
C GLN F 196 -100.10 40.05 4.05
N THR F 197 -99.11 39.32 4.57
CA THR F 197 -97.76 39.82 4.81
C THR F 197 -96.77 38.68 4.64
N TYR F 198 -95.63 38.98 4.03
CA TYR F 198 -94.61 37.98 3.74
C TYR F 198 -93.25 38.51 4.17
N ILE F 199 -92.30 37.57 4.28
CA ILE F 199 -90.95 37.86 4.77
C ILE F 199 -89.98 37.66 3.61
N CYS F 200 -88.79 38.24 3.73
CA CYS F 200 -87.72 38.10 2.75
C CYS F 200 -86.42 37.73 3.47
N ASN F 201 -86.08 36.45 3.46
CA ASN F 201 -84.86 36.00 4.12
C ASN F 201 -83.62 36.45 3.35
N VAL F 202 -82.56 36.71 4.09
CA VAL F 202 -81.26 37.07 3.52
C VAL F 202 -80.18 36.30 4.27
N ASN F 203 -79.19 35.80 3.53
CA ASN F 203 -78.09 35.04 4.13
C ASN F 203 -76.78 35.58 3.55
N HIS F 204 -76.19 36.55 4.25
CA HIS F 204 -74.90 37.11 3.87
C HIS F 204 -73.78 36.23 4.41
N LYS F 205 -73.03 35.60 3.53
CA LYS F 205 -71.78 34.97 3.91
C LYS F 205 -70.70 36.03 4.09
N PRO F 206 -70.45 36.92 3.11
CA PRO F 206 -69.30 37.82 3.24
C PRO F 206 -69.41 38.81 4.40
N SER F 207 -70.60 39.04 4.94
CA SER F 207 -70.76 39.97 6.06
C SER F 207 -71.40 39.32 7.28
N ASN F 208 -71.63 38.00 7.25
CA ASN F 208 -72.14 37.26 8.40
C ASN F 208 -73.48 37.83 8.89
N THR F 209 -74.35 38.21 7.96
CA THR F 209 -75.58 38.89 8.29
C THR F 209 -76.78 38.11 7.76
N LYS F 210 -77.84 38.05 8.56
CA LYS F 210 -79.12 37.50 8.14
C LYS F 210 -80.22 38.48 8.55
N VAL F 211 -80.83 39.12 7.56
CA VAL F 211 -81.88 40.10 7.78
C VAL F 211 -83.15 39.63 7.09
N ASP F 212 -84.23 39.49 7.85
CA ASP F 212 -85.54 39.13 7.31
C ASP F 212 -86.51 40.25 7.64
N LYS F 213 -87.23 40.72 6.64
CA LYS F 213 -88.10 41.88 6.78
C LYS F 213 -89.54 41.53 6.46
N ARG F 214 -90.45 42.02 7.32
CA ARG F 214 -91.87 41.87 7.09
C ARG F 214 -92.37 42.91 6.10
N VAL F 215 -93.57 42.68 5.59
CA VAL F 215 -94.22 43.61 4.65
C VAL F 215 -95.56 43.98 5.26
N GLU F 216 -95.58 45.07 6.03
CA GLU F 216 -96.80 45.51 6.68
C GLU F 216 -97.57 46.44 5.76
N PRO F 217 -98.83 46.15 5.43
CA PRO F 217 -99.66 47.13 4.74
C PRO F 217 -99.86 48.36 5.61
N LYS F 218 -99.93 49.53 4.97
CA LYS F 218 -100.08 50.79 5.70
C LYS F 218 -101.52 51.05 6.13
N SER F 219 -102.39 50.05 6.07
CA SER F 219 -103.81 50.19 6.39
C SER F 219 -104.44 51.26 5.50
N CYS F 220 -104.47 50.96 4.20
CA CYS F 220 -104.97 51.92 3.22
C CYS F 220 -106.45 52.26 3.42
N ASP F 221 -107.18 51.42 4.16
CA ASP F 221 -108.58 51.74 4.45
C ASP F 221 -108.72 53.00 5.30
N LYS F 222 -107.76 53.24 6.18
CA LYS F 222 -107.78 54.43 7.03
C LYS F 222 -107.57 55.70 6.20
N ALA G 1 -52.60 7.84 34.03
CA ALA G 1 -52.76 8.62 35.25
C ALA G 1 -53.56 7.83 36.30
N ILE G 2 -54.48 8.50 36.96
CA ILE G 2 -55.31 7.89 38.00
C ILE G 2 -56.64 8.62 38.05
N GLN G 3 -57.68 7.90 38.49
CA GLN G 3 -59.00 8.48 38.66
C GLN G 3 -59.17 8.96 40.10
N LEU G 4 -60.14 9.84 40.29
CA LEU G 4 -60.31 10.50 41.57
C LEU G 4 -61.76 10.97 41.71
N THR G 5 -62.24 11.00 42.94
CA THR G 5 -63.62 11.39 43.21
C THR G 5 -63.71 12.01 44.60
N GLN G 6 -64.81 12.74 44.81
CA GLN G 6 -65.12 13.35 46.10
C GLN G 6 -66.51 12.94 46.54
N SER G 7 -66.71 12.89 47.86
CA SER G 7 -68.01 12.59 48.44
C SER G 7 -68.43 13.73 49.35
N PRO G 8 -69.49 14.48 49.04
CA PRO G 8 -70.34 14.39 47.85
C PRO G 8 -69.89 15.32 46.73
N SER G 9 -70.73 15.54 45.72
CA SER G 9 -70.48 16.53 44.69
C SER G 9 -71.10 17.89 44.99
N SER G 10 -71.94 17.98 46.03
CA SER G 10 -72.51 19.24 46.48
C SER G 10 -73.17 19.01 47.82
N LEU G 11 -72.97 19.95 48.75
CA LEU G 11 -73.55 19.85 50.08
C LEU G 11 -74.05 21.21 50.51
N SER G 12 -75.14 21.22 51.28
CA SER G 12 -75.73 22.44 51.81
C SER G 12 -75.37 22.58 53.29
N ALA G 13 -75.04 23.80 53.69
CA ALA G 13 -74.56 24.05 55.05
C ALA G 13 -75.18 25.36 55.54
N SER G 14 -74.63 25.88 56.64
CA SER G 14 -75.13 27.11 57.24
C SER G 14 -74.00 27.73 58.05
N VAL G 15 -74.23 28.96 58.51
CA VAL G 15 -73.25 29.71 59.30
C VAL G 15 -72.82 28.86 60.48
N GLY G 16 -71.52 28.56 60.56
CA GLY G 16 -70.98 27.72 61.61
C GLY G 16 -71.10 26.24 61.37
N ASP G 17 -71.68 25.81 60.25
CA ASP G 17 -71.80 24.39 59.95
C ASP G 17 -70.42 23.78 59.72
N ARG G 18 -70.02 22.88 60.61
CA ARG G 18 -68.72 22.23 60.48
C ARG G 18 -68.77 21.19 59.38
N VAL G 19 -68.48 21.63 58.15
CA VAL G 19 -68.68 20.79 56.98
C VAL G 19 -67.66 19.66 56.98
N THR G 20 -68.11 18.47 56.60
CA THR G 20 -67.27 17.28 56.53
C THR G 20 -67.40 16.67 55.15
N ILE G 21 -66.35 16.79 54.34
CA ILE G 21 -66.33 16.31 52.97
C ILE G 21 -65.13 15.38 52.80
N THR G 22 -65.23 14.49 51.83
CA THR G 22 -64.28 13.40 51.65
C THR G 22 -63.77 13.38 50.20
N CYS G 23 -62.51 12.98 50.04
CA CYS G 23 -61.93 12.72 48.73
C CYS G 23 -61.24 11.36 48.75
N ARG G 24 -61.58 10.50 47.79
CA ARG G 24 -61.10 9.13 47.75
C ARG G 24 -60.37 8.89 46.44
N ALA G 25 -59.22 8.23 46.53
CA ALA G 25 -58.48 7.76 45.37
C ALA G 25 -58.17 6.28 45.55
N SER G 26 -57.89 5.60 44.45
CA SER G 26 -57.68 4.15 44.53
C SER G 26 -56.35 3.81 45.16
N GLN G 27 -55.31 4.58 44.85
CA GLN G 27 -53.97 4.35 45.39
C GLN G 27 -53.50 5.61 46.09
N GLY G 28 -53.05 5.46 47.35
CA GLY G 28 -52.64 6.58 48.17
C GLY G 28 -51.50 7.39 47.59
N ILE G 29 -51.59 8.71 47.72
CA ILE G 29 -50.65 9.62 47.05
C ILE G 29 -49.65 10.07 48.12
N SER G 30 -49.53 9.27 49.18
CA SER G 30 -48.60 9.52 50.28
C SER G 30 -48.97 10.86 50.92
N THR G 31 -48.03 11.79 51.08
CA THR G 31 -48.28 13.03 51.79
C THR G 31 -48.65 14.20 50.89
N TYR G 32 -48.47 14.08 49.58
CA TYR G 32 -48.68 15.22 48.68
C TYR G 32 -50.06 15.19 48.02
N LEU G 33 -51.09 15.38 48.85
CA LEU G 33 -52.44 15.65 48.37
C LEU G 33 -52.86 17.01 48.90
N ALA G 34 -53.34 17.87 48.01
CA ALA G 34 -53.75 19.22 48.37
C ALA G 34 -55.19 19.44 47.93
N TRP G 35 -56.05 19.76 48.88
CA TRP G 35 -57.40 20.19 48.53
C TRP G 35 -57.37 21.69 48.20
N TYR G 36 -58.36 22.12 47.43
CA TYR G 36 -58.43 23.50 46.98
C TYR G 36 -59.87 24.00 47.04
N GLN G 37 -60.01 25.31 47.22
CA GLN G 37 -61.30 25.98 47.24
C GLN G 37 -61.41 26.92 46.05
N GLN G 38 -62.64 27.21 45.66
CA GLN G 38 -62.91 28.05 44.50
C GLN G 38 -64.05 29.00 44.81
N LYS G 39 -63.79 30.30 44.73
CA LYS G 39 -64.82 31.32 44.82
C LYS G 39 -65.06 31.90 43.45
N PRO G 40 -66.30 31.97 42.98
CA PRO G 40 -66.56 32.48 41.63
C PRO G 40 -66.08 33.92 41.48
N GLY G 41 -65.54 34.23 40.30
CA GLY G 41 -64.98 35.54 40.05
C GLY G 41 -63.77 35.86 40.90
N LYS G 42 -63.18 34.87 41.55
CA LYS G 42 -62.06 35.05 42.45
C LYS G 42 -61.01 33.98 42.18
N ALA G 43 -59.79 34.26 42.56
CA ALA G 43 -58.72 33.27 42.46
C ALA G 43 -58.99 32.13 43.43
N PRO G 44 -58.69 30.88 43.05
CA PRO G 44 -58.74 29.78 44.02
C PRO G 44 -57.72 29.98 45.12
N LYS G 45 -57.69 29.02 46.05
CA LYS G 45 -56.79 29.07 47.19
C LYS G 45 -56.26 27.69 47.49
N LEU G 46 -54.94 27.53 47.48
CA LEU G 46 -54.34 26.34 48.08
C LEU G 46 -54.70 26.32 49.55
N LEU G 47 -55.08 25.15 50.04
CA LEU G 47 -55.64 25.09 51.39
C LEU G 47 -54.72 24.40 52.38
N ILE G 48 -54.29 23.18 52.11
CA ILE G 48 -53.60 22.37 53.11
C ILE G 48 -52.30 21.83 52.52
N TYR G 49 -51.26 21.80 53.36
CA TYR G 49 -50.04 21.07 53.09
C TYR G 49 -50.07 19.74 53.84
N GLY G 50 -49.47 18.72 53.24
CA GLY G 50 -49.49 17.40 53.85
C GLY G 50 -50.92 16.94 54.11
N ALA G 51 -51.19 16.59 55.36
CA ALA G 51 -52.55 16.27 55.78
C ALA G 51 -53.22 17.42 56.51
N SER G 52 -52.51 18.04 57.47
CA SER G 52 -53.09 19.12 58.26
C SER G 52 -52.08 20.23 58.54
N THR G 53 -51.15 20.47 57.63
CA THR G 53 -50.11 21.48 57.85
C THR G 53 -50.68 22.85 57.51
N LEU G 54 -50.76 23.71 58.51
CA LEU G 54 -51.39 25.03 58.39
C LEU G 54 -50.36 26.08 57.98
N GLN G 55 -50.75 26.92 57.03
CA GLN G 55 -49.86 27.93 56.45
C GLN G 55 -50.36 29.34 56.76
N SER G 56 -49.60 30.32 56.31
CA SER G 56 -49.87 31.71 56.66
C SER G 56 -51.12 32.24 55.95
N GLY G 57 -51.82 33.14 56.62
CA GLY G 57 -52.91 33.89 56.01
C GLY G 57 -54.28 33.26 56.12
N VAL G 58 -54.40 32.08 56.72
CA VAL G 58 -55.68 31.38 56.81
C VAL G 58 -56.04 31.22 58.28
N PRO G 59 -57.30 31.42 58.66
CA PRO G 59 -57.72 31.13 60.04
C PRO G 59 -57.64 29.64 60.33
N SER G 60 -57.47 29.31 61.61
CA SER G 60 -57.24 27.94 62.04
C SER G 60 -58.52 27.11 62.10
N ARG G 61 -59.60 27.54 61.45
CA ARG G 61 -60.86 26.79 61.47
C ARG G 61 -60.77 25.47 60.73
N PHE G 62 -59.72 25.24 59.94
CA PHE G 62 -59.64 24.05 59.11
C PHE G 62 -59.14 22.85 59.91
N SER G 63 -59.44 21.65 59.38
CA SER G 63 -58.89 20.42 59.91
C SER G 63 -59.00 19.37 58.80
N GLY G 64 -57.86 18.98 58.23
CA GLY G 64 -57.82 18.00 57.16
C GLY G 64 -57.26 16.68 57.67
N SER G 65 -57.78 15.59 57.12
CA SER G 65 -57.37 14.26 57.56
C SER G 65 -57.68 13.26 56.46
N GLY G 66 -57.54 11.98 56.78
CA GLY G 66 -57.69 10.91 55.80
C GLY G 66 -56.39 10.18 55.60
N SER G 67 -56.44 8.96 55.07
CA SER G 67 -55.24 8.17 54.90
C SER G 67 -55.48 7.08 53.87
N GLY G 68 -54.40 6.62 53.26
CA GLY G 68 -54.49 5.54 52.30
C GLY G 68 -55.34 5.94 51.10
N THR G 69 -56.41 5.18 50.88
CA THR G 69 -57.29 5.42 49.74
C THR G 69 -58.27 6.56 49.97
N ASP G 70 -58.41 7.05 51.20
CA ASP G 70 -59.42 8.05 51.52
C ASP G 70 -58.78 9.23 52.22
N PHE G 71 -59.24 10.43 51.87
CA PHE G 71 -58.86 11.65 52.58
C PHE G 71 -60.10 12.51 52.79
N THR G 72 -60.09 13.26 53.88
CA THR G 72 -61.25 14.03 54.31
C THR G 72 -60.86 15.49 54.52
N LEU G 73 -61.86 16.29 54.83
CA LEU G 73 -61.67 17.68 55.24
C LEU G 73 -62.87 18.11 56.07
N THR G 74 -62.60 18.60 57.27
CA THR G 74 -63.64 19.06 58.19
C THR G 74 -63.23 20.41 58.76
N ILE G 75 -64.07 21.42 58.57
CA ILE G 75 -63.73 22.80 58.90
C ILE G 75 -64.54 23.19 60.13
N SER G 76 -63.83 23.51 61.21
CA SER G 76 -64.49 23.71 62.50
C SER G 76 -65.50 24.84 62.47
N SER G 77 -65.14 25.96 61.87
CA SER G 77 -66.00 27.14 61.82
C SER G 77 -66.43 27.42 60.38
N LEU G 78 -67.68 27.83 60.20
CA LEU G 78 -68.18 28.24 58.88
C LEU G 78 -68.69 29.67 59.01
N GLN G 79 -67.86 30.62 58.60
CA GLN G 79 -68.37 31.95 58.33
C GLN G 79 -69.19 31.91 57.04
N PRO G 80 -70.26 32.72 56.95
CA PRO G 80 -71.26 32.49 55.89
C PRO G 80 -70.70 32.54 54.48
N GLU G 81 -69.62 33.29 54.25
CA GLU G 81 -69.05 33.39 52.91
C GLU G 81 -68.39 32.09 52.46
N ASP G 82 -68.22 31.11 53.34
CA ASP G 82 -67.58 29.85 52.98
C ASP G 82 -68.34 29.06 51.92
N PHE G 83 -69.46 29.57 51.42
CA PHE G 83 -70.05 29.06 50.19
C PHE G 83 -69.00 29.06 49.08
N ALA G 84 -68.77 27.89 48.50
CA ALA G 84 -67.75 27.74 47.46
C ALA G 84 -67.85 26.35 46.86
N ALA G 85 -67.07 26.12 45.82
CA ALA G 85 -66.80 24.79 45.28
C ALA G 85 -65.34 24.45 45.57
N TYR G 86 -65.07 23.15 45.74
CA TYR G 86 -63.78 22.72 46.25
C TYR G 86 -63.20 21.61 45.40
N TYR G 87 -61.92 21.72 45.06
CA TYR G 87 -61.22 20.78 44.21
C TYR G 87 -60.14 20.05 45.00
N CYS G 88 -59.83 18.84 44.58
CA CYS G 88 -58.76 18.02 45.13
C CYS G 88 -57.74 17.73 44.04
N GLN G 89 -56.46 17.76 44.42
CA GLN G 89 -55.42 17.65 43.41
C GLN G 89 -54.10 17.28 44.08
N GLN G 90 -53.37 16.37 43.45
CA GLN G 90 -52.11 15.87 44.00
C GLN G 90 -50.93 16.64 43.41
N VAL G 91 -49.74 16.32 43.92
CA VAL G 91 -48.49 16.94 43.47
C VAL G 91 -47.49 15.83 43.18
N ASN G 92 -46.85 15.90 42.01
CA ASN G 92 -45.83 14.95 41.61
C ASN G 92 -44.98 15.55 40.49
N SER G 93 -43.79 14.98 40.30
CA SER G 93 -42.90 15.45 39.24
C SER G 93 -43.52 15.29 37.86
N TYR G 94 -44.47 14.36 37.70
CA TYR G 94 -45.22 14.16 36.48
C TYR G 94 -45.90 15.46 36.08
N PRO G 95 -45.50 16.06 34.96
CA PRO G 95 -46.00 17.41 34.60
C PRO G 95 -47.51 17.48 34.50
N PRO G 96 -48.20 16.47 33.95
CA PRO G 96 -49.66 16.49 34.03
C PRO G 96 -50.13 16.43 35.47
N ILE G 97 -51.16 17.22 35.79
CA ILE G 97 -51.69 17.32 37.14
C ILE G 97 -53.20 17.18 37.05
N THR G 98 -53.75 16.19 37.77
CA THR G 98 -55.16 15.84 37.69
C THR G 98 -55.93 16.45 38.85
N PHE G 99 -57.13 16.96 38.54
CA PHE G 99 -58.01 17.54 39.55
C PHE G 99 -59.30 16.74 39.59
N GLY G 100 -59.71 16.35 40.80
CA GLY G 100 -60.94 15.61 40.97
C GLY G 100 -62.16 16.50 40.82
N PRO G 101 -63.33 15.88 40.62
CA PRO G 101 -64.56 16.66 40.51
C PRO G 101 -64.84 17.45 41.78
N GLY G 102 -65.40 18.64 41.60
CA GLY G 102 -65.63 19.52 42.72
C GLY G 102 -66.87 19.16 43.52
N THR G 103 -66.96 19.75 44.71
CA THR G 103 -68.12 19.63 45.60
C THR G 103 -68.71 21.01 45.78
N LYS G 104 -69.87 21.25 45.17
CA LYS G 104 -70.51 22.56 45.24
C LYS G 104 -71.11 22.74 46.62
N VAL G 105 -70.29 23.20 47.57
CA VAL G 105 -70.75 23.38 48.93
C VAL G 105 -71.69 24.57 49.00
N ASP G 106 -72.86 24.37 49.62
CA ASP G 106 -73.90 25.38 49.67
C ASP G 106 -74.15 25.82 51.11
N ILE G 107 -74.62 27.05 51.26
CA ILE G 107 -75.09 27.58 52.54
C ILE G 107 -76.59 27.78 52.40
N LYS G 108 -77.36 27.02 53.18
CA LYS G 108 -78.81 26.97 53.05
C LYS G 108 -79.45 27.75 54.19
N ARG G 109 -80.31 28.71 53.85
CA ARG G 109 -81.09 29.46 54.84
C ARG G 109 -82.51 28.92 54.98
N THR G 110 -83.25 28.89 53.89
CA THR G 110 -84.65 28.45 53.90
C THR G 110 -85.07 28.23 52.44
N VAL G 111 -86.37 28.08 52.22
CA VAL G 111 -86.95 27.88 50.90
C VAL G 111 -87.75 29.14 50.57
N ALA G 112 -87.19 30.00 49.72
CA ALA G 112 -87.72 31.34 49.50
C ALA G 112 -88.10 31.54 48.04
N ALA G 113 -89.24 32.21 47.82
CA ALA G 113 -89.77 32.54 46.52
C ALA G 113 -89.06 33.77 45.93
N PRO G 114 -89.03 33.89 44.61
CA PRO G 114 -88.34 35.02 43.98
C PRO G 114 -89.15 36.32 44.05
N SER G 115 -88.46 37.42 43.78
CA SER G 115 -89.07 38.74 43.71
C SER G 115 -89.47 39.07 42.28
N VAL G 116 -89.93 40.30 42.06
CA VAL G 116 -90.39 40.75 40.76
C VAL G 116 -89.78 42.10 40.44
N PHE G 117 -89.20 42.22 39.24
CA PHE G 117 -88.75 43.50 38.69
C PHE G 117 -88.91 43.46 37.18
N ILE G 118 -88.85 44.63 36.56
CA ILE G 118 -89.07 44.76 35.13
C ILE G 118 -88.38 46.01 34.62
N PHE G 119 -87.73 45.89 33.46
CA PHE G 119 -87.16 46.94 32.64
C PHE G 119 -87.73 46.84 31.22
N PRO G 120 -87.87 47.97 30.53
CA PRO G 120 -88.36 47.91 29.15
C PRO G 120 -87.39 47.16 28.27
N PRO G 121 -87.88 46.41 27.28
CA PRO G 121 -86.99 45.66 26.40
C PRO G 121 -86.24 46.57 25.43
N SER G 122 -85.17 46.02 24.86
CA SER G 122 -84.37 46.75 23.90
C SER G 122 -85.12 46.92 22.59
N ASP G 123 -84.61 47.83 21.74
CA ASP G 123 -85.28 48.16 20.49
C ASP G 123 -85.12 47.07 19.42
N GLU G 124 -84.09 46.23 19.53
CA GLU G 124 -83.89 45.19 18.53
C GLU G 124 -84.95 44.11 18.61
N GLN G 125 -85.53 43.89 19.80
CA GLN G 125 -86.51 42.83 19.97
C GLN G 125 -87.83 43.16 19.28
N LEU G 126 -88.17 44.44 19.21
CA LEU G 126 -89.38 44.84 18.49
C LEU G 126 -89.15 44.80 16.97
N LYS G 127 -87.95 45.18 16.52
CA LYS G 127 -87.70 45.30 15.08
C LYS G 127 -87.63 43.95 14.40
N SER G 128 -87.22 42.90 15.11
CA SER G 128 -86.97 41.60 14.51
C SER G 128 -88.24 40.76 14.34
N GLY G 129 -89.39 41.26 14.76
CA GLY G 129 -90.60 40.47 14.69
C GLY G 129 -90.72 39.40 15.77
N THR G 130 -89.80 39.37 16.72
CA THR G 130 -89.82 38.43 17.83
C THR G 130 -90.14 39.24 19.09
N ALA G 131 -91.44 39.40 19.36
CA ALA G 131 -91.86 40.15 20.52
C ALA G 131 -91.41 39.47 21.81
N SER G 132 -90.98 40.25 22.78
CA SER G 132 -90.43 39.74 24.02
C SER G 132 -91.05 40.48 25.20
N VAL G 133 -91.14 39.79 26.34
CA VAL G 133 -91.63 40.37 27.58
C VAL G 133 -90.54 40.19 28.63
N VAL G 134 -90.17 41.28 29.28
CA VAL G 134 -89.08 41.28 30.25
C VAL G 134 -89.67 41.26 31.65
N CYS G 135 -89.08 40.45 32.53
CA CYS G 135 -89.47 40.42 33.94
C CYS G 135 -88.25 39.95 34.73
N LEU G 136 -87.60 40.89 35.41
CA LEU G 136 -86.38 40.57 36.14
C LEU G 136 -86.70 39.72 37.36
N LEU G 137 -86.12 38.51 37.40
CA LEU G 137 -86.36 37.56 38.48
C LEU G 137 -85.15 37.57 39.41
N ASN G 138 -85.39 37.81 40.70
CA ASN G 138 -84.33 37.94 41.68
C ASN G 138 -84.78 37.41 43.03
N ASN G 139 -83.81 37.17 43.90
CA ASN G 139 -84.03 36.90 45.32
C ASN G 139 -84.88 35.64 45.54
N PHE G 140 -84.31 34.50 45.14
CA PHE G 140 -84.91 33.21 45.43
C PHE G 140 -83.82 32.22 45.84
N TYR G 141 -84.22 31.24 46.65
CA TYR G 141 -83.39 30.09 46.99
C TYR G 141 -84.25 29.05 47.70
N PRO G 142 -84.08 27.75 47.42
CA PRO G 142 -83.04 27.13 46.58
C PRO G 142 -83.20 27.37 45.09
N ARG G 143 -82.29 26.79 44.30
CA ARG G 143 -82.18 27.13 42.88
C ARG G 143 -83.44 26.75 42.11
N GLU G 144 -84.04 25.60 42.43
CA GLU G 144 -85.08 25.03 41.58
C GLU G 144 -86.39 25.80 41.80
N ALA G 145 -86.41 27.02 41.29
CA ALA G 145 -87.61 27.84 41.20
C ALA G 145 -88.07 27.75 39.75
N LYS G 146 -88.87 26.74 39.45
CA LYS G 146 -89.26 26.47 38.06
C LYS G 146 -90.04 27.66 37.50
N VAL G 147 -89.63 28.11 36.31
CA VAL G 147 -90.12 29.36 35.72
C VAL G 147 -90.93 29.02 34.48
N GLN G 148 -92.16 29.54 34.44
CA GLN G 148 -93.05 29.36 33.30
C GLN G 148 -93.60 30.71 32.87
N TRP G 149 -93.99 30.80 31.60
CA TRP G 149 -94.53 32.04 31.04
C TRP G 149 -95.99 31.81 30.69
N LYS G 150 -96.88 32.43 31.47
CA LYS G 150 -98.32 32.32 31.27
C LYS G 150 -98.82 33.59 30.60
N VAL G 151 -98.91 33.57 29.27
CA VAL G 151 -99.44 34.70 28.53
C VAL G 151 -100.94 34.78 28.79
N ASP G 152 -101.40 35.96 29.24
CA ASP G 152 -102.76 36.12 29.75
C ASP G 152 -103.08 35.08 30.82
N ASN G 153 -102.08 34.76 31.63
CA ASN G 153 -102.20 33.76 32.69
C ASN G 153 -102.68 32.42 32.15
N ALA G 154 -102.15 32.02 30.98
CA ALA G 154 -102.50 30.75 30.36
C ALA G 154 -101.27 29.85 30.37
N LEU G 155 -101.43 28.66 30.95
CA LEU G 155 -100.32 27.72 31.04
C LEU G 155 -100.05 27.07 29.68
N GLN G 156 -98.77 26.98 29.33
CA GLN G 156 -98.34 26.36 28.08
C GLN G 156 -97.26 25.33 28.36
N SER G 157 -97.00 24.50 27.34
CA SER G 157 -96.02 23.43 27.49
C SER G 157 -94.63 23.97 27.77
N GLY G 158 -94.19 24.96 27.00
CA GLY G 158 -92.83 25.46 27.12
C GLY G 158 -92.71 26.97 27.14
N ASN G 159 -91.91 27.51 26.23
CA ASN G 159 -91.63 28.94 26.14
C ASN G 159 -90.99 29.47 27.42
N SER G 160 -89.84 28.88 27.76
CA SER G 160 -89.08 29.28 28.94
C SER G 160 -87.65 28.78 28.88
N GLN G 161 -86.68 29.68 29.08
CA GLN G 161 -85.27 29.34 29.13
C GLN G 161 -84.70 29.86 30.43
N GLU G 162 -83.65 29.21 30.92
CA GLU G 162 -83.07 29.56 32.22
C GLU G 162 -81.55 29.52 32.17
N SER G 163 -80.93 30.46 32.88
CA SER G 163 -79.48 30.45 33.13
C SER G 163 -79.29 31.10 34.51
N VAL G 164 -79.24 30.26 35.54
CA VAL G 164 -79.26 30.76 36.92
C VAL G 164 -77.90 31.33 37.30
N THR G 165 -77.92 32.39 38.10
CA THR G 165 -76.73 33.06 38.58
C THR G 165 -76.31 32.45 39.92
N GLU G 166 -75.40 33.14 40.62
CA GLU G 166 -74.73 32.62 41.79
C GLU G 166 -75.22 33.32 43.06
N GLN G 167 -74.75 32.82 44.22
CA GLN G 167 -75.01 33.47 45.49
C GLN G 167 -74.43 34.88 45.51
N ASP G 168 -75.20 35.82 46.04
CA ASP G 168 -74.72 37.15 46.38
C ASP G 168 -75.05 37.34 47.86
N SER G 169 -74.03 37.24 48.71
CA SER G 169 -74.24 37.26 50.15
C SER G 169 -74.85 38.58 50.62
N LYS G 170 -74.79 39.63 49.81
CA LYS G 170 -75.52 40.85 50.10
C LYS G 170 -77.01 40.58 50.31
N ASP G 171 -77.55 39.55 49.68
CA ASP G 171 -78.93 39.13 49.90
C ASP G 171 -79.06 37.67 50.27
N SER G 172 -77.98 36.89 50.22
CA SER G 172 -78.00 35.46 50.57
C SER G 172 -79.06 34.71 49.76
N THR G 173 -79.01 34.88 48.45
CA THR G 173 -80.05 34.36 47.58
C THR G 173 -79.46 34.16 46.18
N TYR G 174 -80.18 33.42 45.36
CA TYR G 174 -79.82 33.21 43.97
C TYR G 174 -80.47 34.29 43.10
N SER G 175 -80.28 34.20 41.79
CA SER G 175 -81.02 34.98 40.82
C SER G 175 -80.95 34.25 39.48
N LEU G 176 -81.85 34.60 38.58
CA LEU G 176 -82.05 33.84 37.35
C LEU G 176 -82.06 34.77 36.14
N SER G 177 -81.53 34.26 35.04
CA SER G 177 -81.58 34.92 33.74
C SER G 177 -82.30 34.00 32.75
N SER G 178 -83.21 34.59 31.97
CA SER G 178 -84.11 33.82 31.12
C SER G 178 -84.04 34.31 29.68
N THR G 179 -84.70 33.57 28.80
CA THR G 179 -84.79 33.90 27.39
C THR G 179 -86.12 33.43 26.85
N LEU G 180 -86.84 34.31 26.13
CA LEU G 180 -88.13 33.98 25.56
C LEU G 180 -88.14 34.37 24.09
N THR G 181 -88.58 33.45 23.24
CA THR G 181 -88.71 33.70 21.81
C THR G 181 -90.12 33.33 21.37
N LEU G 182 -90.80 34.28 20.72
CA LEU G 182 -92.16 34.06 20.26
C LEU G 182 -92.37 34.80 18.95
N SER G 183 -93.37 34.35 18.18
CA SER G 183 -93.69 34.97 16.92
C SER G 183 -94.46 36.27 17.14
N LYS G 184 -94.45 37.12 16.10
CA LYS G 184 -95.14 38.40 16.17
C LYS G 184 -96.65 38.23 16.27
N ALA G 185 -97.19 37.11 15.78
CA ALA G 185 -98.64 36.92 15.77
C ALA G 185 -99.21 36.85 17.18
N ASP G 186 -98.51 36.19 18.11
CA ASP G 186 -99.02 36.00 19.45
C ASP G 186 -99.10 37.31 20.25
N TYR G 187 -98.40 38.35 19.81
CA TYR G 187 -98.41 39.60 20.56
C TYR G 187 -99.75 40.32 20.43
N GLU G 188 -100.36 40.27 19.25
CA GLU G 188 -101.57 41.06 18.99
C GLU G 188 -102.79 40.49 19.70
N LYS G 189 -102.94 39.17 19.73
CA LYS G 189 -104.15 38.57 20.29
C LYS G 189 -104.22 38.73 21.80
N HIS G 190 -103.08 38.79 22.48
CA HIS G 190 -103.03 38.93 23.92
C HIS G 190 -102.75 40.39 24.31
N LYS G 191 -103.09 40.72 25.56
CA LYS G 191 -103.05 42.11 26.02
C LYS G 191 -101.98 42.35 27.07
N VAL G 192 -102.01 41.62 28.18
CA VAL G 192 -101.09 41.84 29.29
C VAL G 192 -100.27 40.58 29.50
N TYR G 193 -98.97 40.75 29.67
CA TYR G 193 -98.01 39.65 29.68
C TYR G 193 -97.25 39.63 30.98
N ALA G 194 -97.01 38.43 31.52
CA ALA G 194 -96.31 38.28 32.79
C ALA G 194 -95.71 36.89 32.86
N CYS G 195 -94.78 36.73 33.79
CA CYS G 195 -94.07 35.47 33.98
C CYS G 195 -94.43 34.85 35.31
N GLU G 196 -94.35 33.52 35.38
CA GLU G 196 -94.73 32.76 36.56
C GLU G 196 -93.56 31.91 37.03
N VAL G 197 -93.48 31.69 38.35
CA VAL G 197 -92.44 30.88 38.96
C VAL G 197 -93.11 29.80 39.80
N THR G 198 -92.63 28.56 39.65
CA THR G 198 -93.10 27.43 40.44
C THR G 198 -91.96 27.02 41.38
N HIS G 199 -92.05 27.48 42.63
CA HIS G 199 -91.03 27.21 43.64
C HIS G 199 -91.64 26.44 44.79
N GLN G 200 -90.81 25.64 45.47
CA GLN G 200 -91.26 24.83 46.59
C GLN G 200 -91.59 25.67 47.82
N GLY G 201 -91.25 26.96 47.82
CA GLY G 201 -91.55 27.85 48.92
C GLY G 201 -92.81 28.67 48.76
N LEU G 202 -93.70 28.27 47.86
CA LEU G 202 -94.94 28.99 47.60
C LEU G 202 -96.10 28.32 48.31
N SER G 203 -96.92 29.11 49.00
CA SER G 203 -98.09 28.61 49.69
C SER G 203 -99.38 28.80 48.90
N SER G 204 -99.34 29.52 47.80
CA SER G 204 -100.53 29.79 47.00
C SER G 204 -100.08 30.18 45.60
N PRO G 205 -100.95 30.03 44.60
CA PRO G 205 -100.59 30.48 43.25
C PRO G 205 -100.29 31.97 43.21
N VAL G 206 -99.33 32.34 42.37
CA VAL G 206 -98.83 33.71 42.33
C VAL G 206 -98.83 34.20 40.88
N THR G 207 -99.28 35.44 40.68
CA THR G 207 -99.22 36.10 39.39
C THR G 207 -99.01 37.58 39.65
N LYS G 208 -98.27 38.24 38.76
CA LYS G 208 -97.86 39.62 38.97
C LYS G 208 -98.22 40.47 37.76
N SER G 209 -98.58 41.73 38.02
CA SER G 209 -98.80 42.70 36.96
C SER G 209 -98.18 44.03 37.39
N PHE G 210 -98.01 44.91 36.41
CA PHE G 210 -97.34 46.19 36.66
C PHE G 210 -97.75 47.14 35.56
N ASN G 211 -97.33 48.40 35.67
CA ASN G 211 -97.67 49.42 34.71
C ASN G 211 -96.48 49.76 33.83
N ARG G 212 -96.72 49.80 32.52
CA ARG G 212 -95.67 50.24 31.59
C ARG G 212 -95.32 51.70 31.82
N GLY G 213 -96.31 52.52 32.15
CA GLY G 213 -96.07 53.93 32.45
C GLY G 213 -95.25 54.18 33.69
N GLU G 214 -95.15 53.19 34.59
CA GLU G 214 -94.33 53.33 35.79
C GLU G 214 -92.87 53.42 35.38
N CYS G 215 -92.28 54.61 35.53
CA CYS G 215 -90.90 54.88 35.12
C CYS G 215 -90.68 54.61 33.64
C1 NAG H . -6.51 -23.50 39.92
C2 NAG H . -5.72 -23.91 41.16
C3 NAG H . -5.33 -25.38 41.09
C4 NAG H . -6.57 -26.24 40.85
C5 NAG H . -7.31 -25.75 39.62
C6 NAG H . -8.61 -26.48 39.38
C7 NAG H . -4.44 -22.14 42.28
C8 NAG H . -3.16 -21.36 42.31
N2 NAG H . -4.54 -23.07 41.33
O3 NAG H . -4.68 -25.74 42.30
O4 NAG H . -6.20 -27.60 40.66
O5 NAG H . -7.64 -24.36 39.76
O6 NAG H . -9.73 -25.72 39.82
O7 NAG H . -5.35 -21.91 43.07
C1 NAG H . -6.22 -28.33 41.90
C2 NAG H . -7.12 -29.56 41.77
C3 NAG H . -7.05 -30.42 43.04
C4 NAG H . -5.62 -30.74 43.39
C5 NAG H . -4.80 -29.45 43.48
C6 NAG H . -3.34 -29.69 43.74
C7 NAG H . -9.29 -28.47 42.28
C8 NAG H . -10.67 -28.21 41.78
N2 NAG H . -8.50 -29.20 41.47
O3 NAG H . -7.78 -31.63 42.84
O4 NAG H . -5.55 -31.41 44.65
O5 NAG H . -4.89 -28.74 42.25
O6 NAG H . -2.62 -28.48 43.89
O7 NAG H . -8.89 -28.04 43.36
C1 NAG I . 76.66 -67.02 5.26
C2 NAG I . 76.08 -67.93 6.33
C3 NAG I . 76.73 -67.64 7.68
C4 NAG I . 78.25 -67.72 7.57
C5 NAG I . 78.74 -66.82 6.42
C6 NAG I . 80.23 -66.97 6.17
C7 NAG I . 73.98 -66.69 6.73
C8 NAG I . 72.49 -66.78 6.76
N2 NAG I . 74.64 -67.81 6.42
O3 NAG I . 76.27 -68.58 8.64
O4 NAG I . 78.86 -67.29 8.78
O5 NAG I . 78.08 -67.17 5.21
O6 NAG I . 80.50 -68.00 5.23
O7 NAG I . 74.56 -65.63 6.97
C1 NAG I . 79.35 -68.45 9.49
C2 NAG I . 80.60 -68.06 10.29
C3 NAG I . 81.11 -69.24 11.09
C4 NAG I . 80.00 -69.83 11.94
C5 NAG I . 78.78 -70.15 11.09
C6 NAG I . 77.59 -70.62 11.89
C7 NAG I . 82.10 -66.28 9.48
C8 NAG I . 83.17 -65.91 8.51
N2 NAG I . 81.63 -67.53 9.41
O3 NAG I . 82.19 -68.82 11.91
O4 NAG I . 80.46 -71.03 12.57
O5 NAG I . 78.36 -68.98 10.37
O6 NAG I . 76.96 -69.53 12.56
O7 NAG I . 81.66 -65.47 10.30
C1 NAG J . 63.89 -70.13 -11.02
C2 NAG J . 63.71 -71.63 -11.18
C3 NAG J . 65.00 -72.26 -11.69
C4 NAG J . 65.47 -71.55 -12.97
C5 NAG J . 65.48 -70.03 -12.79
C6 NAG J . 65.70 -69.30 -14.10
C7 NAG J . 62.03 -72.54 -9.64
C8 NAG J . 61.78 -73.17 -8.31
N2 NAG J . 63.31 -72.25 -9.93
O3 NAG J . 64.79 -73.63 -11.95
O4 NAG J . 66.79 -71.97 -13.27
O5 NAG J . 64.22 -69.56 -12.27
O6 NAG J . 67.07 -69.35 -14.50
O7 NAG J . 61.11 -72.31 -10.43
C1 NAG J . 66.82 -72.71 -14.51
C2 NAG J . 68.03 -73.64 -14.46
C3 NAG J . 68.10 -74.48 -15.74
C4 NAG J . 66.78 -75.20 -15.97
C5 NAG J . 65.62 -74.21 -15.94
C6 NAG J . 64.27 -74.88 -16.05
C7 NAG J . 70.05 -73.04 -13.21
C8 NAG J . 71.28 -72.18 -13.18
N2 NAG J . 69.27 -72.89 -14.27
O3 NAG J . 69.17 -75.42 -15.63
O4 NAG J . 66.80 -75.86 -17.23
O5 NAG J . 65.63 -73.48 -14.71
O6 NAG J . 64.34 -76.06 -16.84
O7 NAG J . 69.78 -73.82 -12.30
C1 NAG K . 50.19 -59.71 -21.60
C2 NAG K . 50.77 -60.82 -22.47
C3 NAG K . 50.18 -60.74 -23.88
C4 NAG K . 48.66 -60.74 -23.82
C5 NAG K . 48.16 -59.64 -22.90
C6 NAG K . 46.67 -59.65 -22.70
C7 NAG K . 53.02 -61.78 -22.30
C8 NAG K . 54.49 -61.52 -22.38
N2 NAG K . 52.22 -60.74 -22.52
O3 NAG K . 50.64 -61.85 -24.64
O4 NAG K . 48.11 -60.55 -25.12
O5 NAG K . 48.76 -59.80 -21.60
O6 NAG K . 46.31 -59.05 -21.46
O7 NAG K . 52.57 -62.90 -22.02
C1 NAG K . 47.62 -61.80 -25.64
C2 NAG K . 46.36 -61.54 -26.47
C3 NAG K . 45.86 -62.84 -27.08
C4 NAG K . 46.97 -63.54 -27.85
C5 NAG K . 48.19 -63.71 -26.97
C6 NAG K . 49.38 -64.29 -27.71
C7 NAG K . 44.95 -59.63 -25.84
C8 NAG K . 43.85 -59.15 -24.94
N2 NAG K . 45.33 -60.90 -25.68
O3 NAG K . 44.76 -62.57 -27.94
O4 NAG K . 46.52 -64.81 -28.31
O5 NAG K . 48.61 -62.45 -26.44
O6 NAG K . 49.75 -63.46 -28.81
O7 NAG K . 45.46 -58.91 -26.69
C1 NAG L . 60.60 -62.05 9.50
C2 NAG L . 62.08 -62.37 9.64
C3 NAG L . 62.25 -63.85 10.00
C4 NAG L . 61.41 -64.20 11.22
C5 NAG L . 59.98 -63.69 11.09
C6 NAG L . 59.18 -63.83 12.37
C7 NAG L . 63.38 -60.89 8.18
C8 NAG L . 64.07 -60.74 6.85
N2 NAG L . 62.79 -62.07 8.40
O3 NAG L . 63.62 -64.11 10.25
O4 NAG L . 61.35 -65.62 11.35
O5 NAG L . 59.96 -62.31 10.74
O6 NAG L . 57.89 -64.36 12.13
O7 NAG L . 63.34 -59.98 9.01
C1 NAG L . 62.28 -66.10 12.36
C2 NAG L . 61.89 -67.54 12.69
C3 NAG L . 62.85 -68.13 13.70
C4 NAG L . 64.29 -68.00 13.20
C5 NAG L . 64.59 -66.54 12.84
C6 NAG L . 65.95 -66.35 12.22
C7 NAG L . 59.46 -67.82 12.41
C8 NAG L . 58.13 -67.85 13.09
N2 NAG L . 60.51 -67.60 13.19
O3 NAG L . 62.54 -69.51 13.91
O4 NAG L . 65.20 -68.44 14.20
O5 NAG L . 63.62 -66.07 11.89
O6 NAG L . 66.14 -67.21 11.11
O7 NAG L . 59.56 -67.96 11.19
C1 NAG M . 98.44 -29.76 -11.45
C2 NAG M . 99.50 -28.76 -11.04
C3 NAG M . 99.93 -27.91 -12.24
C4 NAG M . 100.34 -28.81 -13.40
C5 NAG M . 99.24 -29.83 -13.70
C6 NAG M . 99.64 -30.84 -14.76
C7 NAG M . 98.00 -27.09 -9.99
C8 NAG M . 97.72 -26.31 -8.74
N2 NAG M . 99.07 -27.92 -9.94
O3 NAG M . 101.01 -27.07 -11.86
O4 NAG M . 100.59 -28.03 -14.55
O5 NAG M . 98.91 -30.57 -12.52
O6 NAG M . 100.23 -32.00 -14.17
O7 NAG M . 97.31 -26.98 -10.99
C1 NAG M . 102.01 -28.01 -14.80
C2 NAG M . 102.26 -27.29 -16.13
C3 NAG M . 103.76 -27.17 -16.41
C4 NAG M . 104.47 -26.54 -15.22
C5 NAG M . 104.13 -27.30 -13.94
C6 NAG M . 104.73 -26.66 -12.71
C7 NAG M . 101.81 -29.21 -17.63
C8 NAG M . 100.99 -29.69 -18.80
N2 NAG M . 101.58 -27.94 -17.24
O3 NAG M . 103.97 -26.38 -17.57
O4 NAG M . 105.88 -26.57 -15.43
O5 NAG M . 102.71 -27.34 -13.75
O6 NAG M . 104.21 -27.25 -11.52
O7 NAG M . 102.63 -29.93 -17.07
C1 NAG N . 90.41 -36.99 6.42
C2 NAG N . 91.25 -36.98 7.71
C3 NAG N . 91.98 -38.31 7.89
C4 NAG N . 90.99 -39.46 7.83
C5 NAG N . 90.23 -39.41 6.50
C6 NAG N . 89.18 -40.49 6.39
C7 NAG N . 92.38 -35.06 8.76
C8 NAG N . 93.39 -33.98 8.58
N2 NAG N . 92.18 -35.87 7.70
O3 NAG N . 92.65 -38.30 9.15
O4 NAG N . 91.60 -40.74 8.01
O5 NAG N . 89.55 -38.15 6.41
O6 NAG N . 89.76 -41.78 6.36
O7 NAG N . 91.75 -35.21 9.80
C1 NAG N . 92.92 -40.89 7.43
C2 NAG N . 93.69 -41.82 8.37
C3 NAG N . 95.09 -42.08 7.82
C4 NAG N . 95.01 -42.60 6.39
C5 NAG N . 94.18 -41.64 5.53
C6 NAG N . 93.95 -42.16 4.13
C7 NAG N . 93.79 -42.03 10.82
C8 NAG N . 93.87 -41.30 12.13
N2 NAG N . 93.77 -41.26 9.72
O3 NAG N . 95.75 -43.03 8.65
O4 NAG N . 96.31 -42.72 5.84
O5 NAG N . 92.88 -41.45 6.13
O6 NAG N . 94.54 -43.45 3.96
O7 NAG N . 93.75 -43.26 10.76
C1 NAG O . 72.04 -38.72 15.15
C2 NAG O . 73.10 -39.74 15.56
C3 NAG O . 72.51 -40.74 16.56
C4 NAG O . 71.86 -40.01 17.73
C5 NAG O . 70.86 -38.98 17.21
C6 NAG O . 70.26 -38.13 18.30
C7 NAG O . 74.84 -41.01 14.38
C8 NAG O . 75.22 -41.69 13.10
N2 NAG O . 73.63 -40.44 14.40
O3 NAG O . 73.54 -41.60 17.04
O4 NAG O . 71.21 -40.94 18.58
O5 NAG O . 71.51 -38.08 16.31
O6 NAG O . 69.00 -37.58 17.92
O7 NAG O . 75.59 -40.97 15.34
C1 NAG O . 71.75 -40.85 19.92
C2 NAG O . 70.66 -41.26 20.89
C3 NAG O . 71.19 -41.21 22.33
C4 NAG O . 72.46 -42.05 22.45
C5 NAG O . 73.48 -41.63 21.39
C6 NAG O . 74.71 -42.51 21.37
C7 NAG O . 68.48 -40.70 19.93
C8 NAG O . 67.34 -39.72 19.92
N2 NAG O . 69.49 -40.42 20.76
O3 NAG O . 70.20 -41.70 23.22
O4 NAG O . 73.03 -41.87 23.74
O5 NAG O . 72.90 -41.70 20.08
O6 NAG O . 74.51 -43.69 22.12
O7 NAG O . 68.48 -41.70 19.22
C1 NAG P . 53.78 -49.16 19.84
C2 NAG P . 54.29 -50.33 20.67
C3 NAG P . 53.28 -50.69 21.75
C4 NAG P . 52.88 -49.48 22.57
C5 NAG P . 52.49 -48.31 21.65
C6 NAG P . 52.26 -47.02 22.41
C7 NAG P . 53.76 -52.14 19.07
C8 NAG P . 54.31 -53.29 18.29
N2 NAG P . 54.63 -51.48 19.84
O3 NAG P . 53.84 -51.71 22.58
O4 NAG P . 51.76 -49.77 23.38
O5 NAG P . 53.52 -48.05 20.69
O6 NAG P . 52.20 -45.90 21.53
O7 NAG P . 52.57 -51.82 18.99
C1 NAG P . 52.14 -50.29 24.67
C2 NAG P . 51.58 -49.39 25.78
C3 NAG P . 51.86 -49.99 27.16
C4 NAG P . 51.37 -51.42 27.23
C5 NAG P . 51.96 -52.24 26.08
C6 NAG P . 51.42 -53.66 26.02
C7 NAG P . 53.40 -47.73 25.80
C8 NAG P . 53.74 -46.27 25.67
N2 NAG P . 52.10 -48.04 25.69
O3 NAG P . 51.21 -49.21 28.16
O4 NAG P . 51.75 -52.01 28.46
O5 NAG P . 51.62 -51.62 24.83
O6 NAG P . 50.44 -53.80 25.01
O7 NAG P . 54.27 -48.58 26.00
C1 NAG Q . 74.30 -57.23 -39.40
C2 NAG Q . 73.22 -57.19 -40.49
C3 NAG Q . 72.48 -58.53 -40.53
C4 NAG Q . 73.47 -59.68 -40.67
C5 NAG Q . 74.54 -59.60 -39.59
C6 NAG Q . 75.63 -60.64 -39.75
C7 NAG Q . 71.57 -55.54 -41.25
C8 NAG Q . 70.66 -54.42 -40.85
N2 NAG Q . 72.29 -56.10 -40.27
O3 NAG Q . 71.57 -58.52 -41.63
O4 NAG Q . 72.78 -60.93 -40.56
O5 NAG Q . 75.18 -58.32 -39.63
O6 NAG Q . 76.00 -60.79 -41.11
O7 NAG Q . 71.64 -55.92 -42.41
C1 NAG Q . 72.77 -61.55 -41.85
C2 NAG Q . 72.75 -63.07 -41.66
C3 NAG Q . 72.68 -63.77 -43.01
C4 NAG Q . 71.50 -63.25 -43.83
C5 NAG Q . 71.57 -61.73 -43.93
C6 NAG Q . 70.37 -61.12 -44.61
C7 NAG Q . 73.83 -64.22 -39.78
C8 NAG Q . 75.14 -64.59 -39.15
N2 NAG Q . 73.92 -63.51 -40.91
O3 NAG Q . 72.53 -65.18 -42.80
O4 NAG Q . 71.53 -63.80 -45.13
O5 NAG Q . 71.62 -61.15 -42.61
O6 NAG Q . 70.07 -61.79 -45.83
O7 NAG Q . 72.75 -64.54 -39.29
C1 NAG R . 80.82 -37.57 -38.87
C2 NAG R . 81.71 -37.06 -40.00
C3 NAG R . 83.09 -37.70 -39.91
C4 NAG R . 83.68 -37.52 -38.52
C5 NAG R . 82.69 -37.93 -37.43
C6 NAG R . 83.15 -37.56 -36.05
C7 NAG R . 80.47 -36.36 -41.99
C8 NAG R . 79.90 -36.78 -43.32
N2 NAG R . 81.10 -37.30 -41.30
O3 NAG R . 83.94 -37.13 -40.90
O4 NAG R . 84.84 -38.33 -38.38
O5 NAG R . 81.42 -37.27 -37.63
O6 NAG R . 82.80 -36.24 -35.71
O7 NAG R . 80.35 -35.22 -41.58
C1 NAG R . 86.03 -37.53 -38.49
C2 NAG R . 87.15 -38.24 -37.73
C3 NAG R . 88.46 -37.47 -37.88
C4 NAG R . 88.78 -37.23 -39.35
C5 NAG R . 87.60 -36.56 -40.03
C6 NAG R . 87.79 -36.40 -41.52
C7 NAG R . 86.57 -37.46 -35.46
C8 NAG R . 86.25 -37.88 -34.06
N2 NAG R . 86.81 -38.44 -36.33
O3 NAG R . 89.51 -38.22 -37.27
O4 NAG R . 89.93 -36.40 -39.46
O5 NAG R . 86.41 -37.35 -39.86
O6 NAG R . 88.17 -37.62 -42.12
O7 NAG R . 86.61 -36.26 -35.78
C1 NAG S . -14.29 -11.33 -42.67
C2 NAG S . -13.66 -10.14 -43.41
C3 NAG S . -14.02 -10.19 -44.90
C4 NAG S . -13.68 -11.56 -45.49
C5 NAG S . -14.32 -12.67 -44.65
C6 NAG S . -13.91 -14.06 -45.10
C7 NAG S . -15.30 -8.41 -42.76
C8 NAG S . -15.47 -7.07 -42.11
N2 NAG S . -14.04 -8.87 -42.82
O3 NAG S . -13.32 -9.18 -45.59
O4 NAG S . -14.20 -11.62 -46.82
O5 NAG S . -13.89 -12.55 -43.28
O6 NAG S . -12.52 -14.15 -45.32
O7 NAG S . -16.25 -9.05 -43.20
C1 NAG S . -13.15 -11.94 -47.77
C2 NAG S . -13.70 -11.70 -49.17
C3 NAG S . -12.62 -12.00 -50.21
C4 NAG S . -11.36 -11.21 -49.91
C5 NAG S . -10.90 -11.45 -48.47
C6 NAG S . -9.73 -10.60 -48.08
C7 NAG S . -16.12 -12.06 -49.19
C8 NAG S . -17.24 -13.02 -49.49
N2 NAG S . -14.89 -12.50 -49.41
O3 NAG S . -13.12 -11.67 -51.51
O4 NAG S . -10.32 -11.60 -50.80
O5 NAG S . -11.97 -11.14 -47.56
O6 NAG S . -9.30 -9.75 -49.15
O7 NAG S . -16.35 -10.92 -48.76
C1 NAG T . 1.27 -33.66 -38.99
C2 NAG T . 0.40 -34.85 -39.37
C3 NAG T . 0.96 -35.54 -40.61
C4 NAG T . 1.15 -34.53 -41.74
C5 NAG T . 2.00 -33.36 -41.25
C6 NAG T . 2.16 -32.27 -42.29
C7 NAG T . -0.69 -35.73 -37.35
C8 NAG T . -0.65 -36.79 -36.28
N2 NAG T . 0.29 -35.79 -38.26
O3 NAG T . 0.07 -36.57 -41.02
O4 NAG T . 1.80 -35.16 -42.83
O5 NAG T . 1.40 -32.76 -40.10
O6 NAG T . 3.08 -32.64 -43.30
O7 NAG T . -1.55 -34.86 -37.38
C1 NAG U . 18.16 -59.51 8.59
C2 NAG U . 17.42 -60.86 8.63
C3 NAG U . 16.35 -60.83 9.73
C4 NAG U . 16.97 -60.43 11.06
C5 NAG U . 17.74 -59.12 10.91
C6 NAG U . 18.49 -58.73 12.17
C7 NAG U . 15.91 -60.44 6.71
C8 NAG U . 15.44 -60.97 5.39
N2 NAG U . 16.82 -61.19 7.34
O3 NAG U . 15.76 -62.12 9.84
O4 NAG U . 15.96 -60.27 12.05
O5 NAG U . 18.72 -59.24 9.87
O6 NAG U . 19.29 -59.80 12.66
O7 NAG U . 15.48 -59.39 7.19
C1 NAG V . 9.20 -42.91 16.68
C2 NAG V . 10.57 -42.67 17.31
C3 NAG V . 10.99 -43.89 18.14
C4 NAG V . 9.91 -44.23 19.16
C5 NAG V . 8.56 -44.40 18.46
C6 NAG V . 7.42 -44.62 19.43
C7 NAG V . 12.53 -41.48 16.46
C8 NAG V . 13.48 -41.31 15.31
N2 NAG V . 11.57 -42.39 16.29
O3 NAG V . 12.21 -43.60 18.81
O4 NAG V . 10.24 -45.43 19.84
O5 NAG V . 8.24 -43.23 17.71
O6 NAG V . 7.80 -45.52 20.47
O7 NAG V . 12.66 -40.84 17.50
C1 NAG W . 43.86 -46.76 -38.53
C2 NAG W . 44.28 -47.34 -39.87
C3 NAG W . 43.21 -47.06 -40.93
C4 NAG W . 41.85 -47.54 -40.46
C5 NAG W . 41.53 -46.96 -39.08
C6 NAG W . 40.24 -47.50 -38.49
C7 NAG W . 46.72 -47.45 -40.01
C8 NAG W . 47.96 -46.78 -40.52
N2 NAG W . 45.57 -46.83 -40.29
O3 NAG W . 43.57 -47.70 -42.15
O4 NAG W . 40.85 -47.14 -41.39
O5 NAG W . 42.58 -47.28 -38.15
O6 NAG W . 39.11 -47.02 -39.20
O7 NAG W . 46.76 -48.50 -39.37
C1 NAG X . 51.17 -66.60 -3.00
C2 NAG X . 50.96 -65.81 -1.70
C3 NAG X . 49.57 -66.07 -1.12
C4 NAG X . 48.50 -65.82 -2.19
C5 NAG X . 48.82 -66.61 -3.47
C6 NAG X . 47.87 -66.31 -4.60
C7 NAG X . 52.38 -67.13 -0.06
C8 NAG X . 51.64 -68.41 -0.38
N2 NAG X . 52.01 -66.01 -0.70
O3 NAG X . 49.34 -65.23 0.00
O4 NAG X . 47.22 -66.20 -1.71
O5 NAG X . 50.14 -66.28 -3.93
O6 NAG X . 46.96 -65.27 -4.26
O7 NAG X . 53.29 -67.13 0.76
C1 NAG Y . -14.34 -47.06 -7.21
C2 NAG Y . -14.00 -47.19 -5.73
C3 NAG Y . -13.29 -48.51 -5.44
C4 NAG Y . -14.11 -49.67 -5.98
C5 NAG Y . -14.44 -49.45 -7.46
C6 NAG Y . -15.34 -50.52 -8.03
C7 NAG Y . -11.99 -45.74 -5.74
C8 NAG Y . -11.33 -44.54 -5.12
N2 NAG Y . -13.20 -46.05 -5.26
O3 NAG Y . -13.10 -48.66 -4.05
O4 NAG Y . -13.37 -50.89 -5.85
O5 NAG Y . -15.11 -48.20 -7.62
O6 NAG Y . -16.25 -51.01 -7.05
O7 NAG Y . -11.44 -46.40 -6.61
C1 NAG Z . 15.48 -48.22 -23.02
C2 NAG Z . 16.07 -47.36 -24.13
C3 NAG Z . 16.24 -48.18 -25.41
C4 NAG Z . 17.04 -49.44 -25.12
C5 NAG Z . 16.43 -50.22 -23.95
C6 NAG Z . 17.26 -51.40 -23.53
C7 NAG Z . 15.51 -44.97 -23.92
C8 NAG Z . 14.53 -43.90 -24.28
N2 NAG Z . 15.22 -46.20 -24.38
O3 NAG Z . 16.88 -47.40 -26.39
O4 NAG Z . 17.07 -50.27 -26.28
O5 NAG Z . 16.32 -49.36 -22.81
O6 NAG Z . 17.28 -51.55 -22.12
O7 NAG Z . 16.50 -44.75 -23.25
C1 NAG AA . -27.89 -12.67 46.73
C2 NAG AA . -27.85 -12.71 45.21
C3 NAG AA . -27.31 -14.04 44.70
C4 NAG AA . -28.03 -15.22 45.34
C5 NAG AA . -28.19 -15.02 46.84
C6 NAG AA . -27.72 -16.20 47.65
C7 NAG AA . -29.36 -12.02 43.40
C8 NAG AA . -30.79 -11.80 42.98
N2 NAG AA . -29.18 -12.45 44.64
O3 NAG AA . -25.91 -14.13 44.97
O4 NAG AA . -29.32 -15.38 44.76
O5 NAG AA . -27.40 -13.89 47.25
O6 NAG AA . -26.70 -15.83 48.57
O7 NAG AA . -28.43 -11.81 42.63
C1 NAG BA . 20.68 -27.77 40.20
C2 NAG BA . 21.92 -27.83 41.10
C3 NAG BA . 22.24 -29.29 41.45
C4 NAG BA . 21.01 -29.97 42.03
C5 NAG BA . 19.82 -29.82 41.09
C6 NAG BA . 18.54 -30.37 41.67
C7 NAG BA . 23.29 -25.88 40.57
C8 NAG BA . 24.53 -25.39 39.86
N2 NAG BA . 23.07 -27.19 40.48
O3 NAG BA . 23.31 -29.32 42.38
O4 NAG BA . 21.28 -31.37 42.21
O5 NAG BA . 19.58 -28.43 40.83
O6 NAG BA . 18.77 -31.55 42.42
O7 NAG BA . 22.55 -25.12 41.17
C1 NAG CA . 64.91 4.25 22.14
C2 NAG CA . 66.17 4.80 22.82
C3 NAG CA . 66.04 6.31 23.06
C4 NAG CA . 65.68 7.02 21.76
C5 NAG CA . 64.44 6.38 21.13
C6 NAG CA . 64.10 6.97 19.78
C7 NAG CA . 65.65 4.08 25.12
C8 NAG CA . 66.15 3.30 26.31
N2 NAG CA . 66.46 4.11 24.06
O3 NAG CA . 67.26 6.82 23.57
O4 NAG CA . 65.42 8.40 22.02
O5 NAG CA . 64.66 4.98 20.93
O6 NAG CA . 64.60 8.29 19.65
O7 NAG CA . 64.56 4.66 25.15
C1 NAG DA . 49.11 14.83 14.86
C2 NAG DA . 49.53 14.94 13.40
C3 NAG DA . 50.96 15.43 13.30
C4 NAG DA . 51.13 16.73 14.08
C5 NAG DA . 50.66 16.54 15.51
C6 NAG DA . 50.69 17.82 16.32
C7 NAG DA . 48.78 13.57 11.51
C8 NAG DA . 48.70 12.18 10.94
N2 NAG DA . 49.36 13.67 12.71
O3 NAG DA . 51.30 15.64 11.93
O4 NAG DA . 52.50 17.12 14.07
O5 NAG DA . 49.30 16.08 15.52
O6 NAG DA . 49.46 18.53 16.20
O7 NAG DA . 48.33 14.55 10.92
C1 NAG EA . 82.73 -23.52 9.61
C2 NAG EA . 83.02 -22.33 8.71
C3 NAG EA . 82.56 -21.04 9.38
C4 NAG EA . 81.10 -21.15 9.78
C5 NAG EA . 80.87 -22.40 10.64
C6 NAG EA . 79.41 -22.64 10.97
C7 NAG EA . 84.96 -22.81 7.27
C8 NAG EA . 86.43 -22.63 7.09
N2 NAG EA . 84.44 -22.25 8.37
O3 NAG EA . 82.73 -19.95 8.48
O4 NAG EA . 80.71 -20.00 10.53
O5 NAG EA . 81.34 -23.56 9.93
O6 NAG EA . 79.22 -23.91 11.55
O7 NAG EA . 84.27 -23.42 6.47
C1 NAG FA . 44.78 -19.61 29.42
C2 NAG FA . 45.58 -20.87 29.77
C3 NAG FA . 46.52 -21.23 28.63
C4 NAG FA . 45.75 -21.32 27.31
C5 NAG FA . 44.95 -20.05 27.07
C6 NAG FA . 44.07 -20.13 25.85
C7 NAG FA . 45.87 -21.17 32.19
C8 NAG FA . 46.76 -20.92 33.37
N2 NAG FA . 46.31 -20.70 31.01
O3 NAG FA . 47.15 -22.47 28.91
O4 NAG FA . 46.67 -21.50 26.24
O5 NAG FA . 44.09 -19.80 28.19
O6 NAG FA . 44.76 -19.69 24.68
O7 NAG FA . 44.81 -21.78 32.29
C1 NAG GA . -3.27 41.63 8.84
C2 NAG GA . -4.27 40.99 9.80
C3 NAG GA . -3.59 40.64 11.12
C4 NAG GA . -2.35 39.78 10.85
C5 NAG GA . -1.44 40.45 9.84
C6 NAG GA . -0.26 39.60 9.43
C7 NAG GA . -6.66 41.42 10.18
C8 NAG GA . -7.70 42.47 10.42
N2 NAG GA . -5.41 41.87 10.04
O3 NAG GA . -4.49 39.93 11.96
O4 NAG GA . -1.63 39.58 12.06
O5 NAG GA . -2.18 40.73 8.63
O6 NAG GA . 0.52 40.23 8.42
O7 NAG GA . -6.94 40.23 10.13
C1 NAG HA . 87.50 -18.11 -5.40
C2 NAG HA . 88.51 -16.97 -5.37
C3 NAG HA . 88.79 -16.47 -6.78
C4 NAG HA . 89.20 -17.62 -7.68
C5 NAG HA . 88.16 -18.72 -7.63
C6 NAG HA . 88.55 -19.95 -8.41
C7 NAG HA . 88.32 -15.81 -3.22
C8 NAG HA . 87.76 -14.62 -2.49
N2 NAG HA . 88.05 -15.88 -4.53
O3 NAG HA . 89.82 -15.49 -6.74
O4 NAG HA . 89.35 -17.17 -9.02
O5 NAG HA . 87.97 -19.14 -6.28
O6 NAG HA . 88.72 -21.08 -7.56
O7 NAG HA . 88.98 -16.67 -2.64
C1 NAG IA . 45.94 29.28 -10.92
C2 NAG IA . 46.95 29.08 -12.04
C3 NAG IA . 48.32 29.59 -11.62
C4 NAG IA . 48.23 31.03 -11.12
C5 NAG IA . 47.17 31.15 -10.03
C6 NAG IA . 46.95 32.57 -9.59
C7 NAG IA . 47.31 27.31 -13.69
C8 NAG IA . 47.34 25.82 -13.93
N2 NAG IA . 47.03 27.69 -12.45
O3 NAG IA . 49.22 29.52 -12.72
O4 NAG IA . 49.50 31.44 -10.60
O5 NAG IA . 45.91 30.66 -10.52
O6 NAG IA . 48.12 33.35 -9.71
O7 NAG IA . 47.53 28.11 -14.59
C1 NAG JA . 39.93 -11.42 -50.39
C2 NAG JA . 40.22 -11.67 -51.88
C3 NAG JA . 38.96 -11.47 -52.71
C4 NAG JA . 37.83 -12.32 -52.16
C5 NAG JA . 37.63 -12.06 -50.67
C6 NAG JA . 36.60 -12.96 -50.04
C7 NAG JA . 41.28 -9.48 -52.36
C8 NAG JA . 42.49 -8.80 -52.90
N2 NAG JA . 41.30 -10.82 -52.37
O3 NAG JA . 39.22 -11.81 -54.06
O4 NAG JA . 36.62 -12.02 -52.86
O5 NAG JA . 38.87 -12.28 -49.97
O6 NAG JA . 35.52 -13.22 -50.93
O7 NAG JA . 40.31 -8.84 -51.95
C1 NAG KA . 20.13 -9.67 -43.94
C2 NAG KA . 20.22 -11.20 -43.84
C3 NAG KA . 20.50 -11.80 -45.23
C4 NAG KA . 19.46 -11.31 -46.23
C5 NAG KA . 19.38 -9.78 -46.22
C6 NAG KA . 18.28 -9.25 -47.10
C7 NAG KA . 21.00 -11.92 -41.64
C8 NAG KA . 22.17 -12.32 -40.80
N2 NAG KA . 21.26 -11.61 -42.90
O3 NAG KA . 20.48 -13.21 -45.15
O4 NAG KA . 19.80 -11.75 -47.54
O5 NAG KA . 19.12 -9.32 -44.89
O6 NAG KA . 17.07 -9.08 -46.38
O7 NAG KA . 19.85 -11.91 -41.18
C1 NAG LA . 61.02 -46.44 -42.40
C2 NAG LA . 61.28 -47.92 -42.12
C3 NAG LA . 61.94 -48.58 -43.31
C4 NAG LA . 61.12 -48.34 -44.57
C5 NAG LA . 60.87 -46.85 -44.76
C6 NAG LA . 59.95 -46.54 -45.93
C7 NAG LA . 61.59 -48.11 -39.68
C8 NAG LA . 62.57 -48.27 -38.57
N2 NAG LA . 62.09 -48.09 -40.92
O3 NAG LA . 62.07 -49.99 -43.07
O4 NAG LA . 61.81 -48.84 -45.71
O5 NAG LA . 60.24 -46.32 -43.59
O6 NAG LA . 60.35 -47.26 -47.09
O7 NAG LA . 60.39 -47.97 -39.48
C1 NAG MA . 67.85 -33.25 -41.34
C2 NAG MA . 67.98 -31.91 -42.05
C3 NAG MA . 68.02 -32.10 -43.57
C4 NAG MA . 69.08 -33.12 -43.95
C5 NAG MA . 68.90 -34.41 -43.16
C6 NAG MA . 70.00 -35.42 -43.41
C7 NAG MA . 65.63 -31.20 -41.87
C8 NAG MA . 64.70 -30.12 -41.39
N2 NAG MA . 66.93 -30.99 -41.67
O3 NAG MA . 68.28 -30.85 -44.20
O4 NAG MA . 69.01 -33.40 -45.34
O5 NAG MA . 68.91 -34.12 -41.75
O6 NAG MA . 69.50 -36.75 -43.36
O7 NAG MA . 65.20 -32.22 -42.42
C1 NAG NA . 50.87 7.19 -26.74
C2 NAG NA . 51.93 7.32 -25.65
C3 NAG NA . 52.91 6.15 -25.72
C4 NAG NA . 52.16 4.84 -25.68
C5 NAG NA . 51.07 4.80 -26.74
C6 NAG NA . 50.20 3.56 -26.67
C7 NAG NA . 52.39 9.63 -24.96
C8 NAG NA . 53.21 10.87 -25.22
N2 NAG NA . 52.64 8.59 -25.76
O3 NAG NA . 53.83 6.23 -24.65
O4 NAG NA . 53.07 3.76 -25.91
O5 NAG NA . 50.20 5.93 -26.59
O6 NAG NA . 50.90 2.41 -27.11
O7 NAG NA . 51.55 9.59 -24.07
C1 NAG OA . 76.17 -20.12 -29.68
C2 NAG OA . 75.72 -18.96 -28.81
C3 NAG OA . 76.81 -17.89 -28.76
C4 NAG OA . 78.14 -18.51 -28.32
C5 NAG OA . 78.49 -19.70 -29.21
C6 NAG OA . 79.72 -20.44 -28.75
C7 NAG OA . 73.66 -17.65 -28.54
C8 NAG OA . 72.42 -17.15 -29.21
N2 NAG OA . 74.47 -18.40 -29.29
O3 NAG OA . 76.44 -16.87 -27.85
O4 NAG OA . 79.18 -17.54 -28.41
O5 NAG OA . 77.41 -20.66 -29.19
O6 NAG OA . 79.42 -21.78 -28.39
O7 NAG OA . 73.93 -17.37 -27.38
C1 NAG PA . -34.31 3.53 -44.90
C2 NAG PA . -32.79 3.70 -44.75
C3 NAG PA . -32.31 4.91 -45.56
C4 NAG PA . -32.77 4.80 -47.00
C5 NAG PA . -34.28 4.58 -47.07
C6 NAG PA . -34.79 4.35 -48.47
C7 NAG PA . -31.26 3.46 -42.85
C8 NAG PA . -31.05 3.69 -41.39
N2 NAG PA . -32.43 3.85 -43.35
O3 NAG PA . -30.90 4.98 -45.50
O4 NAG PA . -32.44 5.98 -47.71
O5 NAG PA . -34.64 3.43 -46.30
O6 NAG PA . -35.78 3.34 -48.50
O7 NAG PA . -30.40 2.95 -43.56
#